data_7ZLK
#
_entry.id   7ZLK
#
_cell.length_a   1.00
_cell.length_b   1.00
_cell.length_c   1.00
_cell.angle_alpha   90.00
_cell.angle_beta   90.00
_cell.angle_gamma   90.00
#
_symmetry.space_group_name_H-M   'P 1'
#
loop_
_entity.id
_entity.type
_entity.pdbx_description
1 polymer 'AMC009 SOSIPv5.2 envelope glycoprotein gp120'
2 polymer 'AMC009 SOSIPv5.2 envelope glycoprotein gp41'
3 polymer 'ACS114 heavy chain'
4 polymer 'ACS114 light chain'
5 polymer 'ACS122 heavy chain'
6 polymer 'ACS122 light chain'
7 branched 2-acetamido-2-deoxy-beta-D-glucopyranose-(1-4)-2-acetamido-2-deoxy-beta-D-glucopyranose
8 branched alpha-D-mannopyranose-(1-3)-[alpha-D-mannopyranose-(1-6)]beta-D-mannopyranose-(1-4)-2-acetamido-2-deoxy-beta-D-glucopyranose-(1-4)-2-acetamido-2-deoxy-beta-D-glucopyranose
9 branched alpha-D-mannopyranose-(1-3)-[alpha-D-mannopyranose-(1-6)]alpha-D-mannopyranose-(1-6)-[alpha-D-mannopyranose-(1-3)]beta-D-mannopyranose-(1-4)-2-acetamido-2-deoxy-beta-D-glucopyranose-(1-4)-2-acetamido-2-deoxy-beta-D-glucopyranose
10 branched alpha-D-mannopyranose-(1-6)-beta-D-mannopyranose-(1-4)-2-acetamido-2-deoxy-beta-D-glucopyranose-(1-4)-2-acetamido-2-deoxy-beta-D-glucopyranose
11 branched beta-D-mannopyranose-(1-4)-2-acetamido-2-deoxy-beta-D-glucopyranose-(1-4)-2-acetamido-2-deoxy-beta-D-glucopyranose
12 branched alpha-D-mannopyranose-(1-2)-alpha-D-mannopyranose-(1-3)-[alpha-D-mannopyranose-(1-3)-[alpha-D-mannopyranose-(1-6)]alpha-D-mannopyranose-(1-6)]beta-D-mannopyranose-(1-4)-2-acetamido-2-deoxy-beta-D-glucopyranose-(1-4)-2-acetamido-2-deoxy-beta-D-glucopyranose
13 non-polymer 2-acetamido-2-deoxy-beta-D-glucopyranose
#
loop_
_entity_poly.entity_id
_entity_poly.type
_entity_poly.pdbx_seq_one_letter_code
_entity_poly.pdbx_strand_id
1 'polypeptide(L)'
;ARADKLWVTVYYGVPVWKEATTTLFCASDAKAYDTEVRNVWATHCCVPTDPNPQEVVLENVTENFNMWKNDMVEQMHEDI
ISLWDQSLKPCVKLTPLCVTLNCTDYVGNATNASTTNATGGIGGTVERGEIKNCSFNITTSIRDKVQKEYALFYKLDIVP
IDNDNTNNSYRLINCNTSVIKQACPKVSFEPIPIHYCAPAGFAILKCNDKKFNGTGPCTNVSTVQCTHGIRPVVSTQLLL
NGSLAEKEVVIRSQNFTNNAKVIIVQLNESVVINCTRPNNNTRKSIHIAPGRWFYTTGAIIGDIRQAHCNISRVKWNNTL
KQIATKLREQFKNKTIAFNQSSGGDPEIVMHSFNCGGEFFYCNTTQLFNSTWNDTEVSNYNDITHITLPCRIKQIINMWQ
KVGKAMYAPPIRGQIRCSSNITGLLLTRDGGSNENKTSETETFRPAGGDMRDNWRSELYKYKVVKIEPLGVAPTKCKRRV
VQ
;
A,C,D
2 'polypeptide(L)'
;AVGAIGAVFLGFLGAAGSTMGAASMTLTVQARQLLSGIVQQQNNLLRAPECQQHMLKLTVWGIKQLQARVLAVERYLRDQ
QLLGIWGCSGKLICCTAVPWNNSWSNRSLDMIWNNMTWIEWEREIDNYTGLIYNLLEESQNQQEKNEQELLELD
;
B,E,F
3 'polypeptide(L)'
;QVQLQQWGGGLLKPSQTLSLTCAVYRWTFNDHYWSWVRQSPGKGLEWIGEISWGGATNYNPSLKSRVTMSVDTSMSHVSL
KMTSVTAADTGVYYCVRVGPGPHMAALDYWGHGSRVLVSS
;
H,O,Q
4 'polypeptide(L)'
;DIVMTQTPLSSPVTLGQPASISCGSSQSLVHSDGNTYLSWLQQRPGQPPRLLIYKISNRISGLPDRFSGSGAETNFTLKI
SRVEAEDVGLYYCVQGTQFPWTSGQGTKVEIK
;
L,P,R
5 'polypeptide(L)'
;QVQLQESGPGLVKPSEALSLTCSVSGVAISRHYWNWIRQPPGKGLEWIGYIFFNGNTNYSPSLKSRVTISVDTSKNEFSL
TLRSVTAADTAVYYCAREKSVVEPDNMVRWFDPWGQGTLVTVSS
;
M,S
6 'polypeptide(L)'
;SYELTQPPSVSVAPGKTARITCGGNNIGSKSVHWYQQKPGQAPVLVIYYDSDRPSGIPERFSGSKSGNTATLTISRVEAG
DEADYYCQVWDSSRDHCVFGIGTKVTVL
;
N,T
#
# COMPACT_ATOMS: atom_id res chain seq x y z
N TRP A 7 17.11 25.00 37.16
CA TRP A 7 15.79 24.45 36.84
C TRP A 7 15.72 24.15 35.34
N VAL A 8 15.10 23.00 34.98
CA VAL A 8 14.97 22.52 33.61
C VAL A 8 13.71 23.04 32.93
N THR A 9 13.91 23.70 31.79
CA THR A 9 12.79 24.17 30.98
C THR A 9 12.93 23.56 29.61
N VAL A 10 11.83 23.03 29.11
CA VAL A 10 11.81 22.38 27.83
C VAL A 10 11.11 23.24 26.82
N TYR A 11 11.73 23.33 25.67
CA TYR A 11 11.25 24.15 24.59
C TYR A 11 11.02 23.29 23.35
N TYR A 12 10.02 23.64 22.53
CA TYR A 12 9.77 22.81 21.34
C TYR A 12 9.96 23.44 19.93
N GLY A 13 10.64 24.57 19.80
CA GLY A 13 10.89 25.13 18.48
C GLY A 13 12.37 25.49 18.36
N VAL A 14 13.22 24.63 18.87
CA VAL A 14 14.65 24.86 18.90
C VAL A 14 15.33 24.55 17.54
N PRO A 15 16.02 25.50 16.90
CA PRO A 15 16.62 25.40 15.58
C PRO A 15 17.91 24.65 15.53
N VAL A 16 17.85 23.38 15.79
CA VAL A 16 19.04 22.54 15.73
C VAL A 16 18.84 21.37 14.81
N TRP A 17 19.94 20.80 14.36
CA TRP A 17 19.88 19.70 13.43
C TRP A 17 21.05 18.73 13.49
N LYS A 18 20.84 17.57 12.89
CA LYS A 18 21.83 16.49 12.81
C LYS A 18 21.87 15.86 11.43
N GLU A 19 22.99 15.25 11.07
CA GLU A 19 23.09 14.57 9.79
C GLU A 19 22.08 13.46 9.68
N ALA A 20 21.47 13.34 8.52
CA ALA A 20 20.48 12.29 8.30
C ALA A 20 20.35 11.98 6.83
N THR A 21 19.82 10.81 6.50
CA THR A 21 19.59 10.50 5.10
C THR A 21 18.14 10.18 4.88
N THR A 22 17.67 10.42 3.66
CA THR A 22 16.29 10.15 3.28
C THR A 22 16.06 10.23 1.77
N THR A 23 14.81 10.07 1.38
CA THR A 23 14.36 10.27 0.01
C THR A 23 14.33 11.73 -0.28
N LEU A 24 14.66 12.11 -1.48
CA LEU A 24 14.70 13.52 -1.83
C LEU A 24 13.60 13.92 -2.79
N PHE A 25 12.53 13.13 -2.82
CA PHE A 25 11.44 13.36 -3.74
C PHE A 25 12.08 13.33 -5.15
N CYS A 26 11.74 14.29 -6.04
CA CYS A 26 12.19 14.45 -7.40
C CYS A 26 11.74 15.82 -7.88
N ALA A 27 12.11 16.17 -9.07
CA ALA A 27 11.62 17.41 -9.65
C ALA A 27 11.75 17.34 -11.14
N SER A 28 11.01 18.20 -11.80
CA SER A 28 11.09 18.36 -13.23
C SER A 28 10.64 19.78 -13.48
N ASP A 29 10.66 20.20 -14.72
CA ASP A 29 10.22 21.52 -15.12
C ASP A 29 8.81 21.50 -15.70
N ALA A 30 8.16 20.34 -15.58
CA ALA A 30 6.84 20.09 -16.13
C ALA A 30 6.77 20.36 -17.63
N LYS A 31 7.83 20.01 -18.37
CA LYS A 31 7.80 20.17 -19.81
C LYS A 31 6.79 19.20 -20.39
N ALA A 32 6.08 19.63 -21.43
CA ALA A 32 5.15 18.73 -22.08
C ALA A 32 5.93 17.53 -22.58
N TYR A 33 5.31 16.36 -22.48
CA TYR A 33 5.97 15.13 -22.90
C TYR A 33 6.27 15.07 -24.41
N ASP A 34 5.50 15.82 -25.23
CA ASP A 34 5.70 15.87 -26.68
C ASP A 34 5.67 14.52 -27.39
N THR A 35 4.53 13.83 -27.27
CA THR A 35 4.32 12.51 -27.84
C THR A 35 5.46 11.60 -27.45
N GLU A 36 5.88 10.69 -28.33
CA GLU A 36 6.92 9.75 -27.90
C GLU A 36 6.45 9.18 -26.58
N VAL A 37 7.30 9.26 -25.57
CA VAL A 37 6.97 8.81 -24.24
C VAL A 37 7.38 9.91 -23.31
N ARG A 38 6.91 9.88 -22.09
CA ARG A 38 7.51 10.82 -21.18
C ARG A 38 8.95 10.38 -21.09
N ASN A 39 9.89 11.32 -21.14
CA ASN A 39 11.29 10.94 -21.04
C ASN A 39 11.40 10.17 -19.77
N VAL A 40 12.38 9.32 -19.63
CA VAL A 40 12.39 8.59 -18.38
C VAL A 40 12.54 9.53 -17.21
N TRP A 41 13.23 10.64 -17.41
CA TRP A 41 13.44 11.60 -16.36
C TRP A 41 12.14 12.37 -16.09
N ALA A 42 11.23 12.35 -17.03
CA ALA A 42 9.97 13.06 -16.92
C ALA A 42 8.98 12.19 -16.15
N THR A 43 9.43 11.00 -15.74
CA THR A 43 8.61 10.10 -14.96
C THR A 43 8.65 10.63 -13.55
N HIS A 44 9.59 11.54 -13.28
CA HIS A 44 9.72 12.17 -12.00
C HIS A 44 8.61 13.21 -11.85
N CYS A 45 7.41 12.69 -11.64
CA CYS A 45 6.20 13.49 -11.60
C CYS A 45 5.98 14.19 -10.28
N CYS A 46 6.86 15.16 -10.00
CA CYS A 46 6.88 16.02 -8.86
C CYS A 46 6.62 17.40 -9.42
N VAL A 47 5.94 18.21 -8.65
CA VAL A 47 5.66 19.55 -9.07
C VAL A 47 6.94 20.36 -9.07
N PRO A 48 7.26 21.11 -10.12
CA PRO A 48 8.45 21.92 -10.22
C PRO A 48 8.53 22.81 -9.03
N THR A 49 9.74 23.03 -8.55
CA THR A 49 9.90 23.86 -7.39
C THR A 49 9.28 25.19 -7.73
N ASP A 50 8.48 25.70 -6.81
CA ASP A 50 7.81 26.95 -7.04
C ASP A 50 8.80 27.99 -7.51
N PRO A 51 8.44 28.84 -8.48
CA PRO A 51 9.26 29.91 -8.97
C PRO A 51 9.64 30.69 -7.76
N ASN A 52 10.85 31.22 -7.77
CA ASN A 52 11.39 31.93 -6.64
C ASN A 52 11.37 31.03 -5.39
N PRO A 53 12.13 29.91 -5.38
CA PRO A 53 12.20 28.94 -4.32
C PRO A 53 12.65 29.66 -3.09
N GLN A 54 12.26 29.17 -1.93
CA GLN A 54 12.69 29.84 -0.73
C GLN A 54 14.10 29.49 -0.38
N GLU A 55 14.82 30.53 0.07
CA GLU A 55 16.17 30.46 0.56
C GLU A 55 16.35 31.43 1.70
N VAL A 56 16.91 30.97 2.80
CA VAL A 56 17.16 31.85 3.94
C VAL A 56 18.59 31.82 4.40
N VAL A 57 19.22 32.98 4.47
CA VAL A 57 20.60 33.01 4.92
C VAL A 57 20.65 32.95 6.42
N LEU A 58 21.47 32.05 6.94
CA LEU A 58 21.58 31.91 8.36
C LEU A 58 22.83 32.61 8.86
N GLU A 59 22.64 33.65 9.62
CA GLU A 59 23.77 34.39 10.08
C GLU A 59 24.46 33.56 11.15
N ASN A 60 25.80 33.69 11.29
CA ASN A 60 26.66 33.00 12.27
C ASN A 60 26.78 31.48 12.05
N VAL A 61 26.18 30.88 10.99
CA VAL A 61 26.22 29.41 10.83
C VAL A 61 27.46 28.85 10.20
N THR A 62 28.03 27.90 10.92
CA THR A 62 29.19 27.20 10.49
C THR A 62 28.81 25.74 10.42
N GLU A 63 29.13 25.11 9.33
CA GLU A 63 28.83 23.71 9.11
C GLU A 63 29.97 23.11 8.30
N ASN A 64 30.19 21.81 8.42
CA ASN A 64 31.27 21.14 7.69
C ASN A 64 30.80 20.42 6.43
N PHE A 65 30.99 21.03 5.29
CA PHE A 65 30.46 20.48 4.06
C PHE A 65 31.40 19.54 3.37
N ASN A 66 31.58 18.37 3.95
CA ASN A 66 32.55 17.46 3.37
C ASN A 66 31.93 16.73 2.22
N MET A 67 32.22 17.23 1.03
CA MET A 67 31.60 16.75 -0.20
C MET A 67 31.97 15.32 -0.53
N TRP A 68 33.04 14.83 0.03
CA TRP A 68 33.50 13.52 -0.33
C TRP A 68 32.71 12.45 0.37
N LYS A 69 31.92 12.86 1.35
CA LYS A 69 31.12 11.98 2.14
C LYS A 69 29.65 12.35 1.97
N ASN A 70 29.33 13.06 0.89
CA ASN A 70 28.00 13.54 0.67
C ASN A 70 27.07 12.46 0.11
N ASP A 71 26.09 12.06 0.90
CA ASP A 71 25.18 10.98 0.56
C ASP A 71 24.24 11.29 -0.58
N MET A 72 24.15 12.55 -0.97
CA MET A 72 23.27 12.90 -2.06
C MET A 72 23.88 12.39 -3.36
N VAL A 73 25.20 12.15 -3.36
CA VAL A 73 25.86 11.66 -4.54
C VAL A 73 25.43 10.22 -4.71
N GLU A 74 25.42 9.49 -3.61
CA GLU A 74 25.01 8.11 -3.65
C GLU A 74 23.54 8.01 -4.00
N GLN A 75 22.73 8.96 -3.53
CA GLN A 75 21.33 8.89 -3.88
C GLN A 75 21.15 9.12 -5.36
N MET A 76 21.88 10.08 -5.94
CA MET A 76 21.72 10.34 -7.36
C MET A 76 22.18 9.12 -8.15
N HIS A 77 23.22 8.45 -7.66
CA HIS A 77 23.73 7.25 -8.30
C HIS A 77 22.65 6.20 -8.31
N GLU A 78 22.02 5.96 -7.18
CA GLU A 78 21.01 4.93 -7.16
C GLU A 78 19.84 5.32 -8.05
N ASP A 79 19.47 6.59 -8.09
CA ASP A 79 18.33 6.99 -8.89
C ASP A 79 18.57 6.71 -10.35
N ILE A 80 19.78 6.95 -10.85
CA ILE A 80 20.01 6.68 -12.25
C ILE A 80 20.05 5.21 -12.57
N ILE A 81 20.64 4.40 -11.69
CA ILE A 81 20.74 3.01 -12.04
C ILE A 81 19.35 2.43 -12.09
N SER A 82 18.57 2.74 -11.08
CA SER A 82 17.24 2.22 -10.97
C SER A 82 16.32 2.64 -12.11
N LEU A 83 16.36 3.91 -12.49
CA LEU A 83 15.49 4.35 -13.55
C LEU A 83 15.83 3.67 -14.86
N TRP A 84 17.12 3.55 -15.17
CA TRP A 84 17.49 2.89 -16.40
C TRP A 84 17.07 1.45 -16.43
N ASP A 85 17.20 0.72 -15.33
CA ASP A 85 16.79 -0.67 -15.37
C ASP A 85 15.30 -0.82 -15.53
N GLN A 86 14.52 0.05 -14.89
CA GLN A 86 13.08 -0.09 -15.04
C GLN A 86 12.66 0.21 -16.46
N SER A 87 13.35 1.14 -17.10
CA SER A 87 13.01 1.53 -18.45
C SER A 87 13.40 0.49 -19.48
N LEU A 88 14.53 -0.20 -19.28
CA LEU A 88 14.96 -1.22 -20.24
C LEU A 88 14.32 -2.58 -19.97
N LYS A 89 13.93 -2.83 -18.72
CA LYS A 89 13.37 -4.11 -18.34
C LYS A 89 12.38 -4.75 -19.34
N PRO A 90 11.29 -4.08 -19.79
CA PRO A 90 10.27 -4.63 -20.67
C PRO A 90 10.54 -4.62 -22.19
N CYS A 91 11.74 -4.23 -22.64
CA CYS A 91 12.08 -4.05 -24.05
C CYS A 91 12.52 -5.38 -24.68
N VAL A 92 12.62 -5.39 -26.00
CA VAL A 92 12.98 -6.59 -26.76
C VAL A 92 14.36 -7.16 -26.48
N LYS A 93 14.40 -8.47 -26.24
CA LYS A 93 15.65 -9.18 -26.00
C LYS A 93 16.25 -9.53 -27.36
N LEU A 94 17.56 -9.36 -27.52
CA LEU A 94 18.23 -9.65 -28.79
C LEU A 94 19.08 -10.91 -28.83
N THR A 95 18.91 -11.83 -27.90
CA THR A 95 19.73 -13.05 -27.89
C THR A 95 19.60 -13.93 -29.16
N PRO A 96 18.47 -13.95 -29.89
CA PRO A 96 18.33 -14.67 -31.14
C PRO A 96 19.32 -14.18 -32.19
N LEU A 97 19.97 -13.04 -31.96
CA LEU A 97 20.93 -12.53 -32.93
C LEU A 97 22.42 -12.85 -32.63
N CYS A 98 22.70 -13.74 -31.62
CA CYS A 98 24.04 -14.16 -31.19
C CYS A 98 24.64 -15.23 -32.11
N VAL A 99 23.90 -15.57 -33.12
CA VAL A 99 24.27 -16.55 -34.11
C VAL A 99 25.46 -16.07 -34.94
N THR A 100 26.18 -17.01 -35.54
CA THR A 100 27.32 -16.66 -36.38
C THR A 100 26.90 -15.89 -37.61
N LEU A 101 27.60 -14.80 -37.87
CA LEU A 101 27.35 -14.00 -39.04
C LEU A 101 28.50 -14.10 -40.04
N ASN A 102 28.17 -14.03 -41.36
CA ASN A 102 29.10 -13.99 -42.49
C ASN A 102 29.25 -12.52 -42.95
N CYS A 103 30.42 -11.89 -42.67
CA CYS A 103 30.64 -10.45 -42.89
C CYS A 103 31.52 -10.18 -44.12
N THR A 104 31.15 -9.13 -44.87
CA THR A 104 31.83 -8.68 -46.10
C THR A 104 32.58 -7.34 -46.03
N ASP A 105 32.77 -6.81 -44.84
CA ASP A 105 33.53 -5.56 -44.57
C ASP A 105 33.17 -4.22 -45.28
N TYR A 106 31.85 -3.90 -45.44
CA TYR A 106 31.39 -2.60 -45.99
C TYR A 106 29.97 -2.31 -45.48
N GLU A 127 36.69 4.24 -44.91
CA GLU A 127 37.07 4.49 -43.53
C GLU A 127 37.53 3.17 -42.81
N ARG A 128 38.53 2.50 -43.44
CA ARG A 128 39.29 1.31 -42.97
C ARG A 128 38.47 0.10 -42.50
N GLY A 129 37.33 -0.16 -43.12
CA GLY A 129 36.53 -1.31 -42.72
C GLY A 129 35.70 -1.10 -41.45
N GLU A 130 35.53 0.14 -40.96
CA GLU A 130 34.76 0.31 -39.73
C GLU A 130 33.34 -0.23 -39.85
N ILE A 131 32.74 -0.11 -41.03
CA ILE A 131 31.38 -0.59 -41.19
C ILE A 131 31.38 -1.95 -41.86
N LYS A 132 30.72 -2.91 -41.24
CA LYS A 132 30.61 -4.24 -41.82
C LYS A 132 29.15 -4.52 -42.22
N ASN A 133 28.98 -5.28 -43.31
CA ASN A 133 27.71 -5.83 -43.81
C ASN A 133 27.70 -7.32 -43.47
N CYS A 134 26.87 -7.72 -42.48
CA CYS A 134 26.86 -9.09 -41.95
C CYS A 134 25.54 -9.81 -42.23
N SER A 135 25.70 -11.03 -42.71
CA SER A 135 24.63 -11.96 -43.08
C SER A 135 24.27 -12.97 -42.01
N PHE A 136 22.98 -13.02 -41.72
CA PHE A 136 22.36 -13.91 -40.76
C PHE A 136 21.87 -15.18 -41.43
N ASN A 137 22.11 -16.32 -40.80
CA ASN A 137 21.63 -17.59 -41.35
C ASN A 137 20.43 -18.18 -40.62
N ILE A 138 20.20 -17.79 -39.36
CA ILE A 138 19.14 -18.44 -38.60
C ILE A 138 17.95 -17.57 -38.31
N THR A 139 18.15 -16.49 -37.59
CA THR A 139 17.06 -15.64 -37.18
C THR A 139 16.78 -14.63 -38.25
N THR A 140 16.20 -15.14 -39.31
CA THR A 140 15.95 -14.43 -40.53
C THR A 140 14.48 -14.26 -40.93
N SER A 141 13.57 -14.99 -40.28
CA SER A 141 12.16 -14.90 -40.64
C SER A 141 11.26 -15.29 -39.47
N ILE A 142 10.17 -14.53 -39.31
CA ILE A 142 9.18 -14.85 -38.29
C ILE A 142 8.32 -16.05 -38.69
N ARG A 143 8.02 -16.15 -39.97
CA ARG A 143 7.27 -17.27 -40.48
C ARG A 143 8.29 -18.38 -40.70
N ASP A 144 7.92 -19.64 -40.61
CA ASP A 144 8.95 -20.64 -40.77
C ASP A 144 9.45 -20.73 -42.21
N LYS A 145 10.73 -20.41 -42.37
CA LYS A 145 11.41 -20.39 -43.65
C LYS A 145 12.92 -20.41 -43.45
N VAL A 146 13.67 -21.03 -44.35
CA VAL A 146 15.11 -20.89 -44.27
C VAL A 146 15.50 -19.66 -45.07
N GLN A 147 15.35 -18.53 -44.42
CA GLN A 147 15.55 -17.20 -44.99
C GLN A 147 16.96 -16.71 -44.72
N LYS A 148 17.48 -15.79 -45.52
CA LYS A 148 18.75 -15.14 -45.19
C LYS A 148 18.45 -13.67 -44.96
N GLU A 149 19.20 -13.01 -44.06
CA GLU A 149 18.94 -11.58 -43.81
C GLU A 149 20.22 -10.77 -43.56
N TYR A 150 20.18 -9.47 -43.80
CA TYR A 150 21.37 -8.63 -43.61
C TYR A 150 21.19 -7.39 -42.73
N ALA A 151 22.26 -6.99 -42.08
CA ALA A 151 22.27 -5.75 -41.31
C ALA A 151 23.66 -5.13 -41.25
N LEU A 152 23.73 -3.82 -41.06
CA LEU A 152 25.05 -3.24 -40.90
C LEU A 152 25.42 -3.06 -39.44
N PHE A 153 26.69 -3.25 -39.16
CA PHE A 153 27.24 -3.10 -37.82
C PHE A 153 28.54 -2.31 -37.78
N TYR A 154 28.79 -1.70 -36.64
CA TYR A 154 30.06 -1.04 -36.42
C TYR A 154 31.04 -2.04 -35.86
N LYS A 155 32.28 -1.95 -36.31
CA LYS A 155 33.35 -2.85 -35.91
C LYS A 155 33.50 -3.02 -34.42
N LEU A 156 33.28 -1.98 -33.64
CA LEU A 156 33.50 -2.10 -32.20
C LEU A 156 32.59 -3.11 -31.50
N ASP A 157 31.46 -3.46 -32.11
CA ASP A 157 30.53 -4.37 -31.48
C ASP A 157 30.62 -5.79 -32.05
N ILE A 158 31.58 -6.02 -32.95
CA ILE A 158 31.70 -7.32 -33.60
C ILE A 158 33.00 -8.03 -33.24
N VAL A 159 32.89 -9.29 -32.81
CA VAL A 159 34.07 -10.03 -32.42
C VAL A 159 34.32 -11.25 -33.35
N PRO A 160 35.54 -11.45 -33.84
CA PRO A 160 35.94 -12.58 -34.65
C PRO A 160 35.77 -13.89 -33.88
N ILE A 161 35.41 -14.97 -34.58
CA ILE A 161 35.26 -16.33 -34.04
C ILE A 161 36.48 -17.12 -34.49
N ASN A 167 34.88 -18.17 -43.61
CA ASN A 167 36.12 -17.61 -43.06
C ASN A 167 35.83 -16.37 -42.20
N ASN A 168 35.01 -15.42 -42.72
CA ASN A 168 34.65 -14.15 -42.07
C ASN A 168 33.48 -14.35 -41.13
N SER A 169 33.76 -15.14 -40.11
CA SER A 169 32.83 -15.58 -39.09
C SER A 169 32.89 -14.72 -37.82
N TYR A 170 31.78 -14.04 -37.54
CA TYR A 170 31.67 -13.11 -36.43
C TYR A 170 30.41 -13.20 -35.57
N ARG A 171 30.51 -12.78 -34.32
CA ARG A 171 29.33 -12.68 -33.45
C ARG A 171 29.31 -11.35 -32.72
N LEU A 172 28.20 -11.03 -32.08
CA LEU A 172 28.14 -9.79 -31.31
C LEU A 172 29.07 -9.95 -30.13
N ILE A 173 29.78 -8.87 -29.80
CA ILE A 173 30.81 -8.88 -28.75
C ILE A 173 30.43 -9.36 -27.37
N ASN A 174 29.23 -9.08 -26.89
CA ASN A 174 28.93 -9.53 -25.53
C ASN A 174 28.14 -10.84 -25.34
N CYS A 175 27.82 -11.59 -26.43
CA CYS A 175 26.98 -12.79 -26.37
C CYS A 175 27.58 -13.94 -25.59
N ASN A 176 28.88 -14.01 -25.50
CA ASN A 176 29.50 -15.10 -24.80
C ASN A 176 29.19 -15.08 -23.31
N THR A 177 28.87 -13.90 -22.75
CA THR A 177 28.60 -13.83 -21.32
C THR A 177 27.30 -13.16 -20.91
N SER A 178 26.71 -12.35 -21.78
CA SER A 178 25.62 -11.49 -21.37
C SER A 178 24.33 -11.56 -22.16
N VAL A 179 23.30 -11.01 -21.57
CA VAL A 179 22.02 -10.86 -22.24
C VAL A 179 21.91 -9.45 -22.72
N ILE A 180 21.76 -9.31 -24.02
CA ILE A 180 21.69 -8.02 -24.65
C ILE A 180 20.26 -7.67 -24.96
N LYS A 181 19.81 -6.53 -24.47
CA LYS A 181 18.46 -6.08 -24.76
C LYS A 181 18.55 -4.85 -25.59
N GLN A 182 17.54 -4.62 -26.39
CA GLN A 182 17.43 -3.43 -27.20
C GLN A 182 16.72 -2.37 -26.44
N ALA A 183 17.24 -1.17 -26.41
CA ALA A 183 16.51 -0.13 -25.75
C ALA A 183 15.27 0.09 -26.57
N CYS A 184 14.11 0.38 -25.96
CA CYS A 184 12.85 0.64 -26.66
C CYS A 184 13.04 1.89 -27.55
N PRO A 185 12.69 1.81 -28.85
CA PRO A 185 12.90 2.83 -29.86
C PRO A 185 12.12 4.10 -29.61
N LYS A 186 11.11 3.99 -28.77
CA LYS A 186 10.25 5.10 -28.41
C LYS A 186 10.68 5.80 -27.13
N VAL A 187 11.71 5.30 -26.43
CA VAL A 187 12.04 5.89 -25.15
C VAL A 187 13.25 6.78 -25.13
N SER A 188 13.04 7.99 -24.64
CA SER A 188 14.10 8.96 -24.51
C SER A 188 14.72 8.96 -23.13
N PHE A 189 16.03 8.94 -23.12
CA PHE A 189 16.81 8.97 -21.90
C PHE A 189 17.55 10.28 -21.77
N GLU A 190 17.15 11.23 -22.57
CA GLU A 190 17.78 12.53 -22.66
C GLU A 190 17.58 13.31 -21.37
N PRO A 191 18.66 13.83 -20.75
CA PRO A 191 18.66 14.49 -19.48
C PRO A 191 17.92 15.80 -19.49
N ILE A 192 17.30 16.10 -18.36
CA ILE A 192 16.60 17.33 -18.12
C ILE A 192 17.18 17.76 -16.80
N PRO A 193 17.13 19.01 -16.38
CA PRO A 193 17.58 19.38 -15.07
C PRO A 193 16.65 18.78 -14.04
N ILE A 194 17.22 18.24 -12.98
CA ILE A 194 16.45 17.69 -11.87
C ILE A 194 16.89 18.33 -10.59
N HIS A 195 15.94 18.75 -9.79
CA HIS A 195 16.23 19.38 -8.52
C HIS A 195 15.94 18.37 -7.43
N TYR A 196 16.70 18.36 -6.34
CA TYR A 196 16.36 17.51 -5.21
C TYR A 196 15.73 18.36 -4.12
N CYS A 197 14.73 17.82 -3.38
CA CYS A 197 13.98 18.56 -2.35
C CYS A 197 13.96 17.81 -1.02
N ALA A 198 13.83 18.56 0.08
CA ALA A 198 13.76 17.92 1.39
C ALA A 198 12.33 17.51 1.80
N PRO A 199 12.11 16.30 2.37
CA PRO A 199 10.89 15.82 3.02
C PRO A 199 10.63 16.59 4.28
N ALA A 200 9.39 16.58 4.75
CA ALA A 200 9.16 17.28 5.99
C ALA A 200 10.05 16.74 7.08
N GLY A 201 10.58 17.65 7.88
CA GLY A 201 11.45 17.29 8.98
C GLY A 201 12.91 17.39 8.58
N PHE A 202 13.16 17.66 7.31
CA PHE A 202 14.49 17.79 6.76
C PHE A 202 14.73 19.13 6.13
N ALA A 203 16.00 19.45 6.01
CA ALA A 203 16.39 20.67 5.36
C ALA A 203 17.68 20.48 4.60
N ILE A 204 17.84 21.25 3.55
CA ILE A 204 19.08 21.21 2.79
C ILE A 204 19.89 22.46 3.05
N LEU A 205 21.10 22.24 3.54
CA LEU A 205 21.99 23.34 3.84
C LEU A 205 22.89 23.55 2.65
N LYS A 206 22.91 24.78 2.18
CA LYS A 206 23.68 25.17 1.02
C LYS A 206 24.95 25.96 1.38
N CYS A 207 26.12 25.50 0.86
CA CYS A 207 27.43 26.12 1.07
C CYS A 207 27.59 27.25 0.05
N ASN A 208 26.87 28.31 0.31
CA ASN A 208 26.82 29.43 -0.60
C ASN A 208 27.97 30.38 -0.33
N ASP A 209 29.16 29.93 -0.65
CA ASP A 209 30.35 30.69 -0.35
C ASP A 209 31.24 30.76 -1.56
N LYS A 210 32.38 31.44 -1.44
CA LYS A 210 33.26 31.55 -2.59
C LYS A 210 34.52 30.72 -2.44
N LYS A 211 34.87 30.04 -3.53
CA LYS A 211 36.07 29.22 -3.60
C LYS A 211 36.15 28.16 -2.51
N PHE A 212 35.02 27.52 -2.23
CA PHE A 212 35.01 26.45 -1.26
C PHE A 212 35.77 25.27 -1.82
N ASN A 213 36.65 24.68 -1.00
CA ASN A 213 37.50 23.57 -1.44
C ASN A 213 36.96 22.18 -1.24
N GLY A 214 35.72 22.04 -0.84
CA GLY A 214 35.08 20.75 -0.66
C GLY A 214 34.99 20.25 0.79
N THR A 215 35.74 20.81 1.73
CA THR A 215 35.59 20.35 3.12
C THR A 215 35.61 21.51 4.12
N GLY A 216 35.11 21.28 5.33
CA GLY A 216 35.26 22.30 6.34
C GLY A 216 34.21 23.40 6.23
N PRO A 217 34.41 24.50 6.98
CA PRO A 217 33.52 25.62 7.14
C PRO A 217 33.48 26.48 5.88
N CYS A 218 32.34 27.17 5.68
CA CYS A 218 32.07 28.12 4.60
C CYS A 218 30.94 29.00 5.13
N THR A 219 31.30 29.96 5.97
CA THR A 219 30.37 30.59 6.89
C THR A 219 29.39 31.66 6.36
N ASN A 220 28.64 31.28 5.31
CA ASN A 220 27.51 32.00 4.71
C ASN A 220 26.49 30.94 4.25
N VAL A 221 26.05 30.08 5.19
CA VAL A 221 25.17 28.95 4.93
C VAL A 221 23.74 29.39 4.84
N SER A 222 23.07 28.95 3.80
CA SER A 222 21.68 29.26 3.65
C SER A 222 20.89 27.98 3.62
N THR A 223 19.63 28.05 3.96
CA THR A 223 18.80 26.86 3.90
C THR A 223 17.87 27.01 2.74
N VAL A 224 17.78 25.96 1.95
CA VAL A 224 16.91 26.00 0.80
C VAL A 224 15.92 24.88 0.84
N GLN A 225 14.78 25.12 0.22
CA GLN A 225 13.81 24.03 0.14
C GLN A 225 14.18 22.91 -0.86
N CYS A 226 14.99 23.24 -1.92
CA CYS A 226 15.41 22.34 -2.99
C CYS A 226 16.74 22.87 -3.53
N THR A 227 17.44 22.02 -4.26
CA THR A 227 18.70 22.35 -4.93
C THR A 227 18.42 22.93 -6.27
N HIS A 228 19.47 23.42 -6.93
CA HIS A 228 19.34 23.91 -8.27
C HIS A 228 19.20 22.70 -9.16
N GLY A 229 18.82 22.88 -10.40
CA GLY A 229 18.70 21.69 -11.23
C GLY A 229 20.05 21.22 -11.70
N ILE A 230 20.23 19.91 -11.69
CA ILE A 230 21.43 19.28 -12.20
C ILE A 230 21.05 18.30 -13.28
N ARG A 231 21.65 18.40 -14.45
CA ARG A 231 21.33 17.41 -15.47
C ARG A 231 22.14 16.14 -15.20
N PRO A 232 21.55 14.95 -15.19
CA PRO A 232 22.19 13.68 -14.94
C PRO A 232 22.96 13.19 -16.15
N VAL A 233 23.99 13.92 -16.48
CA VAL A 233 24.84 13.65 -17.63
C VAL A 233 26.00 12.80 -17.19
N VAL A 234 26.29 11.75 -17.96
CA VAL A 234 27.41 10.87 -17.65
C VAL A 234 28.39 10.90 -18.81
N SER A 235 29.62 11.35 -18.59
CA SER A 235 30.57 11.50 -19.69
C SER A 235 32.08 11.34 -19.37
N THR A 236 32.42 10.38 -18.52
CA THR A 236 33.80 10.08 -18.15
C THR A 236 34.75 11.26 -17.94
N GLN A 237 35.70 11.42 -18.87
CA GLN A 237 36.77 12.42 -18.78
C GLN A 237 36.40 13.89 -18.82
N LEU A 238 35.37 14.26 -19.56
CA LEU A 238 35.04 15.68 -19.66
C LEU A 238 33.61 15.83 -19.28
N LEU A 239 33.39 16.63 -18.25
CA LEU A 239 32.09 16.86 -17.70
C LEU A 239 31.39 17.87 -18.54
N LEU A 240 30.19 17.52 -18.95
CA LEU A 240 29.40 18.38 -19.80
C LEU A 240 28.15 18.94 -19.10
N ASN A 241 27.75 20.16 -19.52
CA ASN A 241 26.57 20.94 -19.13
C ASN A 241 26.42 21.14 -17.60
N GLY A 242 27.51 21.34 -16.85
CA GLY A 242 27.48 21.56 -15.40
C GLY A 242 27.41 23.04 -15.10
N SER A 243 27.56 23.35 -13.84
CA SER A 243 27.55 24.74 -13.45
C SER A 243 28.94 25.26 -13.72
N LEU A 244 29.10 26.56 -13.78
CA LEU A 244 30.40 27.09 -14.08
C LEU A 244 31.06 27.59 -12.83
N ALA A 245 32.37 27.63 -12.82
CA ALA A 245 33.07 28.16 -11.67
C ALA A 245 32.74 29.63 -11.56
N GLU A 246 32.62 30.15 -10.35
CA GLU A 246 32.42 31.56 -10.22
C GLU A 246 33.79 32.16 -10.02
N LYS A 247 34.00 33.33 -10.59
CA LYS A 247 35.25 34.10 -10.50
C LYS A 247 36.42 33.45 -11.24
N GLU A 248 36.83 32.25 -10.83
CA GLU A 248 37.94 31.54 -11.48
C GLU A 248 37.87 30.03 -11.23
N VAL A 249 38.79 29.31 -11.84
CA VAL A 249 38.93 27.86 -11.78
C VAL A 249 39.28 27.36 -10.39
N VAL A 250 38.68 26.24 -10.00
CA VAL A 250 39.00 25.63 -8.71
C VAL A 250 39.40 24.17 -8.91
N ILE A 251 40.25 23.65 -8.03
CA ILE A 251 40.68 22.26 -8.17
C ILE A 251 39.93 21.23 -7.35
N ARG A 252 39.73 21.48 -6.06
CA ARG A 252 38.97 20.55 -5.24
C ARG A 252 39.32 19.08 -5.24
N SER A 253 40.57 18.73 -5.01
CA SER A 253 40.93 17.32 -4.91
C SER A 253 40.56 16.84 -3.53
N GLN A 254 40.54 15.53 -3.29
CA GLN A 254 40.26 15.09 -1.91
C GLN A 254 41.51 15.15 -1.05
N ASN A 255 42.62 14.76 -1.63
CA ASN A 255 43.90 14.73 -0.94
C ASN A 255 45.03 14.74 -1.96
N PHE A 256 45.74 15.84 -2.08
CA PHE A 256 46.75 15.91 -3.13
C PHE A 256 47.92 14.98 -2.90
N THR A 257 48.17 14.58 -1.65
CA THR A 257 49.31 13.75 -1.37
C THR A 257 48.96 12.28 -1.48
N ASN A 258 47.71 11.98 -1.76
CA ASN A 258 47.28 10.62 -1.93
C ASN A 258 47.27 10.41 -3.42
N ASN A 259 48.13 9.54 -3.90
CA ASN A 259 48.25 9.39 -5.33
C ASN A 259 46.97 8.78 -5.92
N ALA A 260 46.26 7.95 -5.15
CA ALA A 260 45.08 7.28 -5.67
C ALA A 260 43.81 8.10 -5.48
N LYS A 261 43.80 9.30 -6.02
CA LYS A 261 42.65 10.20 -5.91
C LYS A 261 42.34 10.96 -7.18
N VAL A 262 41.08 11.29 -7.32
CA VAL A 262 40.63 12.08 -8.45
C VAL A 262 40.58 13.53 -8.09
N ILE A 263 40.94 14.35 -9.03
CA ILE A 263 40.92 15.77 -8.95
C ILE A 263 39.72 16.24 -9.78
N ILE A 264 38.77 16.95 -9.17
CA ILE A 264 37.60 17.34 -9.93
C ILE A 264 37.67 18.83 -10.19
N VAL A 265 37.99 19.18 -11.43
CA VAL A 265 38.22 20.56 -11.76
C VAL A 265 37.03 21.24 -12.36
N GLN A 266 36.66 22.37 -11.78
CA GLN A 266 35.54 23.13 -12.32
C GLN A 266 36.13 24.32 -13.03
N LEU A 267 35.74 24.48 -14.27
CA LEU A 267 36.29 25.49 -15.11
C LEU A 267 35.56 26.82 -15.09
N ASN A 268 36.30 27.88 -15.35
CA ASN A 268 35.72 29.20 -15.46
C ASN A 268 35.17 29.32 -16.85
N GLU A 269 34.23 30.20 -17.02
CA GLU A 269 33.60 30.44 -18.31
C GLU A 269 33.18 29.10 -18.85
N SER A 270 33.39 28.83 -20.14
CA SER A 270 33.04 27.53 -20.69
C SER A 270 33.73 27.27 -22.03
N VAL A 271 33.78 26.00 -22.43
CA VAL A 271 34.29 25.63 -23.75
C VAL A 271 33.22 24.95 -24.57
N VAL A 272 33.04 25.37 -25.81
CA VAL A 272 32.03 24.76 -26.66
C VAL A 272 32.59 23.69 -27.55
N ILE A 273 31.95 22.52 -27.53
CA ILE A 273 32.37 21.38 -28.35
C ILE A 273 31.25 20.98 -29.33
N ASN A 274 31.59 20.79 -30.64
CA ASN A 274 30.67 20.43 -31.73
C ASN A 274 30.93 19.02 -32.27
N CYS A 275 30.00 18.07 -32.02
CA CYS A 275 30.13 16.66 -32.37
C CYS A 275 29.20 16.27 -33.51
N THR A 276 29.78 15.60 -34.49
CA THR A 276 29.09 15.14 -35.67
C THR A 276 29.35 13.69 -36.06
N ARG A 277 28.31 13.03 -36.53
CA ARG A 277 28.44 11.73 -37.13
C ARG A 277 27.91 11.88 -38.54
N PRO A 278 28.76 12.29 -39.49
CA PRO A 278 28.41 12.75 -40.81
C PRO A 278 28.06 11.65 -41.77
N ASN A 279 27.02 10.90 -41.45
CA ASN A 279 26.57 9.79 -42.26
C ASN A 279 25.05 9.78 -42.32
N ASN A 280 24.51 9.59 -43.52
CA ASN A 280 23.09 9.53 -43.85
C ASN A 280 22.62 8.07 -43.87
N ASN A 281 21.93 7.62 -42.80
CA ASN A 281 21.51 6.23 -42.65
C ASN A 281 20.08 6.02 -43.11
N THR A 282 19.68 4.76 -43.04
CA THR A 282 18.33 4.30 -43.31
C THR A 282 18.00 3.31 -42.21
N ARG A 283 16.73 3.01 -42.04
CA ARG A 283 16.37 2.04 -41.02
C ARG A 283 15.65 0.83 -41.55
N LYS A 284 16.00 -0.31 -40.98
CA LYS A 284 15.33 -1.57 -41.23
C LYS A 284 14.71 -2.07 -39.95
N SER A 285 13.66 -2.85 -40.09
CA SER A 285 13.03 -3.46 -38.92
C SER A 285 12.82 -4.93 -39.22
N ILE A 286 13.52 -5.75 -38.48
CA ILE A 286 13.52 -7.19 -38.68
C ILE A 286 12.70 -7.90 -37.64
N HIS A 287 11.78 -8.74 -38.06
CA HIS A 287 10.94 -9.41 -37.06
C HIS A 287 11.74 -10.67 -36.71
N ILE A 288 12.26 -10.71 -35.48
CA ILE A 288 13.17 -11.79 -35.05
C ILE A 288 12.47 -12.89 -34.28
N ALA A 289 11.49 -12.50 -33.49
CA ALA A 289 10.75 -13.43 -32.65
C ALA A 289 9.39 -12.77 -32.53
N PRO A 290 8.30 -13.45 -32.19
CA PRO A 290 7.01 -12.82 -32.21
C PRO A 290 6.93 -11.59 -31.35
N GLY A 291 6.62 -10.46 -31.99
CA GLY A 291 6.46 -9.19 -31.31
C GLY A 291 7.80 -8.53 -31.03
N ARG A 292 8.88 -9.20 -31.41
CA ARG A 292 10.22 -8.73 -31.17
C ARG A 292 10.83 -8.24 -32.43
N TRP A 293 11.00 -6.94 -32.51
CA TRP A 293 11.57 -6.38 -33.70
C TRP A 293 12.92 -5.81 -33.37
N PHE A 294 13.84 -6.07 -34.26
CA PHE A 294 15.19 -5.58 -34.20
C PHE A 294 15.36 -4.39 -35.09
N TYR A 295 15.81 -3.30 -34.53
CA TYR A 295 15.96 -2.10 -35.30
C TYR A 295 17.41 -1.91 -35.65
N THR A 296 17.67 -1.87 -36.94
CA THR A 296 19.03 -1.77 -37.39
C THR A 296 19.23 -0.84 -38.54
N THR A 297 20.48 -0.73 -38.96
CA THR A 297 20.87 0.13 -40.06
C THR A 297 20.80 -0.64 -41.36
N GLY A 298 20.15 0.00 -42.31
CA GLY A 298 19.96 -0.51 -43.65
C GLY A 298 21.14 -0.21 -44.56
N ALA A 299 21.29 1.03 -44.94
CA ALA A 299 22.36 1.42 -45.84
C ALA A 299 22.81 2.83 -45.60
N ILE A 300 24.02 3.12 -46.01
CA ILE A 300 24.51 4.47 -45.92
C ILE A 300 24.40 5.10 -47.28
N ILE A 301 23.76 6.25 -47.31
CA ILE A 301 23.52 7.01 -48.51
C ILE A 301 24.62 8.02 -48.70
N GLY A 302 25.26 7.96 -49.84
CA GLY A 302 26.35 8.86 -50.08
C GLY A 302 27.61 8.28 -49.48
N ASP A 303 28.64 9.09 -49.41
CA ASP A 303 29.93 8.64 -48.93
C ASP A 303 29.94 8.38 -47.44
N ILE A 304 30.85 7.49 -47.02
CA ILE A 304 31.05 7.18 -45.61
C ILE A 304 32.15 8.07 -45.03
N ARG A 305 31.87 8.67 -43.87
CA ARG A 305 32.84 9.56 -43.20
C ARG A 305 33.01 9.33 -41.69
N GLN A 306 34.24 9.49 -41.22
CA GLN A 306 34.55 9.33 -39.80
C GLN A 306 33.90 10.39 -38.91
N ALA A 307 33.35 9.95 -37.78
CA ALA A 307 32.75 10.84 -36.78
C ALA A 307 33.84 11.65 -36.12
N HIS A 308 33.50 12.85 -35.70
CA HIS A 308 34.49 13.71 -35.06
C HIS A 308 33.86 14.78 -34.17
N CYS A 309 34.67 15.36 -33.23
CA CYS A 309 34.28 16.51 -32.40
C CYS A 309 35.30 17.65 -32.52
N ASN A 310 34.79 18.87 -32.65
CA ASN A 310 35.61 20.08 -32.78
C ASN A 310 35.66 20.88 -31.47
N ILE A 311 36.90 21.28 -31.10
CA ILE A 311 37.31 22.15 -29.98
C ILE A 311 38.16 23.24 -30.61
N SER A 312 38.07 24.51 -30.22
CA SER A 312 38.95 25.42 -30.96
C SER A 312 39.78 26.42 -30.19
N ARG A 313 41.10 26.20 -30.28
CA ARG A 313 42.13 27.07 -29.72
C ARG A 313 41.86 27.45 -28.29
N VAL A 314 41.60 26.46 -27.48
CA VAL A 314 41.30 26.70 -26.10
C VAL A 314 42.56 26.86 -25.32
N LYS A 315 42.65 27.97 -24.61
CA LYS A 315 43.81 28.23 -23.79
C LYS A 315 43.33 28.18 -22.36
N TRP A 316 43.63 27.07 -21.73
CA TRP A 316 43.18 26.70 -20.41
C TRP A 316 44.29 26.90 -19.40
N ASN A 317 45.07 27.92 -19.68
CA ASN A 317 46.21 28.28 -18.89
C ASN A 317 45.85 28.68 -17.49
N ASN A 318 44.62 29.12 -17.28
CA ASN A 318 44.20 29.49 -15.95
C ASN A 318 44.00 28.23 -15.10
N THR A 319 43.83 27.06 -15.73
CA THR A 319 43.71 25.83 -14.96
C THR A 319 45.10 25.53 -14.49
N LEU A 320 46.05 25.76 -15.38
CA LEU A 320 47.43 25.47 -15.07
C LEU A 320 47.91 26.36 -13.94
N LYS A 321 47.42 27.59 -13.89
CA LYS A 321 47.81 28.49 -12.81
C LYS A 321 47.18 28.04 -11.49
N GLN A 322 46.00 27.44 -11.52
CA GLN A 322 45.47 26.94 -10.27
C GLN A 322 46.30 25.75 -9.83
N ILE A 323 46.79 24.99 -10.80
CA ILE A 323 47.65 23.89 -10.47
C ILE A 323 48.89 24.47 -9.88
N ALA A 324 49.41 25.56 -10.46
CA ALA A 324 50.61 26.20 -9.94
C ALA A 324 50.41 26.57 -8.47
N THR A 325 49.24 27.05 -8.10
CA THR A 325 48.97 27.38 -6.70
C THR A 325 49.10 26.14 -5.82
N LYS A 326 48.54 25.03 -6.30
CA LYS A 326 48.58 23.77 -5.57
C LYS A 326 49.77 22.90 -5.96
N LEU A 327 50.65 23.44 -6.79
CA LEU A 327 51.81 22.75 -7.30
C LEU A 327 52.75 22.50 -6.18
N ARG A 328 52.79 23.43 -5.22
CA ARG A 328 53.74 23.29 -4.15
C ARG A 328 53.45 22.01 -3.36
N GLU A 329 52.18 21.64 -3.23
CA GLU A 329 51.80 20.42 -2.54
C GLU A 329 52.05 19.23 -3.47
N GLN A 330 51.75 19.42 -4.76
CA GLN A 330 51.88 18.35 -5.73
C GLN A 330 53.30 18.25 -6.27
N PHE A 331 54.18 17.66 -5.46
CA PHE A 331 55.62 17.47 -5.73
C PHE A 331 56.48 18.76 -5.80
N LYS A 332 56.10 19.82 -5.08
CA LYS A 332 56.83 21.10 -5.09
C LYS A 332 56.72 21.81 -6.44
N ASN A 333 57.40 22.95 -6.61
CA ASN A 333 57.23 23.65 -7.87
C ASN A 333 57.91 22.92 -9.03
N LYS A 334 57.08 22.45 -9.97
CA LYS A 334 57.44 21.64 -11.13
C LYS A 334 56.79 22.11 -12.43
N THR A 335 57.36 21.69 -13.55
CA THR A 335 56.80 21.91 -14.87
C THR A 335 55.50 21.12 -14.93
N ILE A 336 54.45 21.69 -15.54
CA ILE A 336 53.16 21.00 -15.59
C ILE A 336 52.84 20.40 -16.95
N ALA A 337 52.68 19.07 -16.99
CA ALA A 337 52.41 18.42 -18.27
C ALA A 337 51.14 17.63 -18.29
N PHE A 338 50.50 17.67 -19.44
CA PHE A 338 49.36 16.85 -19.82
C PHE A 338 49.68 16.30 -21.18
N ASN A 339 50.42 15.16 -21.27
CA ASN A 339 50.95 14.69 -22.56
C ASN A 339 50.13 13.57 -23.25
N GLN A 340 49.25 12.80 -22.53
CA GLN A 340 48.51 11.64 -23.11
C GLN A 340 47.52 10.91 -22.19
N SER A 341 46.47 10.35 -22.79
CA SER A 341 45.48 9.50 -22.11
C SER A 341 45.87 8.03 -22.19
N SER A 342 45.89 7.34 -21.07
CA SER A 342 46.30 5.94 -21.12
C SER A 342 45.51 5.04 -20.17
N GLY A 343 45.96 3.79 -20.08
CA GLY A 343 45.36 2.71 -19.28
C GLY A 343 44.93 1.53 -20.17
N GLY A 344 44.64 1.80 -21.44
CA GLY A 344 44.32 0.78 -22.46
C GLY A 344 42.84 0.40 -22.67
N ASP A 345 41.97 0.77 -21.75
CA ASP A 345 40.53 0.45 -21.84
C ASP A 345 39.74 1.60 -22.45
N PRO A 346 39.16 1.50 -23.67
CA PRO A 346 38.43 2.56 -24.33
C PRO A 346 37.37 3.21 -23.44
N GLU A 347 36.78 2.46 -22.50
CA GLU A 347 35.76 3.06 -21.63
C GLU A 347 36.33 4.15 -20.73
N ILE A 348 37.61 4.05 -20.45
CA ILE A 348 38.30 4.97 -19.58
C ILE A 348 39.11 5.97 -20.39
N VAL A 349 39.81 5.43 -21.39
CA VAL A 349 40.76 6.12 -22.24
C VAL A 349 40.16 7.13 -23.17
N MET A 350 39.03 6.80 -23.76
CA MET A 350 38.37 7.67 -24.70
C MET A 350 37.25 8.42 -24.00
N HIS A 351 36.86 9.55 -24.56
CA HIS A 351 35.75 10.28 -23.99
C HIS A 351 34.45 9.65 -24.39
N SER A 352 33.68 9.20 -23.42
CA SER A 352 32.39 8.57 -23.71
C SER A 352 31.32 9.63 -23.71
N PHE A 353 30.74 9.84 -24.87
CA PHE A 353 29.78 10.90 -25.05
C PHE A 353 28.45 10.50 -25.65
N ASN A 354 27.40 10.90 -24.99
CA ASN A 354 26.04 10.64 -25.47
C ASN A 354 25.55 11.86 -26.27
N CYS A 355 25.45 11.74 -27.62
CA CYS A 355 25.08 12.84 -28.53
C CYS A 355 23.58 12.81 -28.81
N GLY A 356 23.10 11.62 -29.11
CA GLY A 356 21.70 11.42 -29.46
C GLY A 356 21.27 10.14 -28.84
N GLY A 357 20.80 9.23 -29.69
CA GLY A 357 20.46 7.89 -29.25
C GLY A 357 21.70 7.02 -29.43
N GLU A 358 22.77 7.67 -29.87
CA GLU A 358 24.05 7.05 -30.18
C GLU A 358 25.19 7.61 -29.35
N PHE A 359 26.14 6.72 -29.11
CA PHE A 359 27.30 6.95 -28.28
C PHE A 359 28.61 7.03 -29.05
N PHE A 360 29.33 8.10 -28.75
CA PHE A 360 30.60 8.43 -29.32
C PHE A 360 31.74 8.11 -28.36
N TYR A 361 32.81 7.61 -28.91
CA TYR A 361 34.06 7.40 -28.19
C TYR A 361 35.13 8.21 -28.87
N CYS A 362 35.52 9.36 -28.28
CA CYS A 362 36.42 10.33 -28.92
C CYS A 362 37.83 10.27 -28.33
N ASN A 363 38.80 10.39 -29.20
CA ASN A 363 40.18 10.35 -28.77
C ASN A 363 40.64 11.75 -28.35
N THR A 364 40.88 11.92 -27.06
CA THR A 364 41.19 13.20 -26.43
C THR A 364 42.66 13.56 -26.44
N THR A 365 43.44 12.74 -27.13
CA THR A 365 44.88 12.90 -27.29
C THR A 365 45.26 14.22 -27.95
N GLN A 366 44.37 14.79 -28.77
CA GLN A 366 44.69 16.04 -29.43
C GLN A 366 44.50 17.25 -28.53
N LEU A 367 43.88 17.08 -27.37
CA LEU A 367 43.72 18.22 -26.49
C LEU A 367 44.76 18.12 -25.39
N PHE A 368 44.89 16.94 -24.81
CA PHE A 368 45.82 16.76 -23.70
C PHE A 368 47.19 16.31 -24.13
N ASN A 369 47.88 17.16 -24.89
CA ASN A 369 49.24 16.85 -25.34
C ASN A 369 50.37 17.79 -24.86
N SER A 370 50.05 19.04 -24.51
CA SER A 370 51.05 20.08 -24.21
C SER A 370 51.58 20.12 -22.76
N THR A 371 52.75 20.79 -22.63
CA THR A 371 53.44 21.03 -21.35
C THR A 371 53.82 22.50 -21.17
N TRP A 372 53.65 23.01 -19.95
CA TRP A 372 54.00 24.39 -19.62
C TRP A 372 54.99 24.54 -18.48
N ASN A 373 55.91 25.48 -18.61
CA ASN A 373 56.91 25.72 -17.59
C ASN A 373 56.32 26.40 -16.34
N ASP A 374 56.88 26.07 -15.17
CA ASP A 374 56.60 26.61 -13.83
C ASP A 374 57.40 25.74 -12.86
N HIS A 385 40.86 25.49 -35.18
CA HIS A 385 40.15 24.30 -34.72
C HIS A 385 41.07 23.06 -34.66
N ILE A 386 40.75 22.12 -33.74
CA ILE A 386 41.38 20.80 -33.63
C ILE A 386 40.27 19.79 -33.61
N THR A 387 40.55 18.56 -34.02
CA THR A 387 39.51 17.57 -33.96
C THR A 387 39.89 16.35 -33.21
N LEU A 388 38.88 15.79 -32.61
CA LEU A 388 39.01 14.52 -31.96
C LEU A 388 38.37 13.52 -32.90
N PRO A 389 39.06 12.51 -33.41
CA PRO A 389 38.45 11.51 -34.25
C PRO A 389 37.57 10.79 -33.27
N CYS A 390 36.40 10.30 -33.70
CA CYS A 390 35.45 9.58 -32.84
C CYS A 390 34.98 8.29 -33.50
N ARG A 391 34.78 7.28 -32.66
CA ARG A 391 34.27 6.00 -33.04
C ARG A 391 32.84 5.88 -32.55
N ILE A 392 32.07 5.05 -33.21
CA ILE A 392 30.68 4.86 -32.84
C ILE A 392 30.41 3.47 -32.33
N LYS A 393 29.70 3.38 -31.21
CA LYS A 393 29.42 2.07 -30.62
C LYS A 393 27.95 1.88 -30.28
N GLN A 394 27.41 0.68 -30.55
CA GLN A 394 26.02 0.37 -30.23
C GLN A 394 25.78 -0.56 -29.04
N ILE A 395 26.72 -1.44 -28.66
CA ILE A 395 26.40 -2.31 -27.52
C ILE A 395 27.15 -1.80 -26.32
N ILE A 396 26.41 -1.28 -25.37
CA ILE A 396 26.99 -0.59 -24.25
C ILE A 396 26.90 -1.38 -22.95
N ASN A 397 28.05 -1.64 -22.34
CA ASN A 397 28.07 -2.36 -21.08
C ASN A 397 27.93 -1.33 -19.99
N MET A 398 26.72 -0.84 -19.85
CA MET A 398 26.51 0.28 -18.98
C MET A 398 26.86 -0.09 -17.58
N TRP A 399 27.61 0.81 -16.96
CA TRP A 399 28.01 0.73 -15.57
C TRP A 399 28.68 -0.56 -15.16
N GLN A 400 29.26 -1.25 -16.13
CA GLN A 400 29.96 -2.49 -15.89
C GLN A 400 29.10 -3.52 -15.21
N LYS A 401 27.81 -3.56 -15.55
CA LYS A 401 26.96 -4.57 -14.96
C LYS A 401 27.12 -5.81 -15.78
N VAL A 402 28.22 -6.50 -15.53
CA VAL A 402 28.59 -7.61 -16.36
C VAL A 402 27.50 -8.66 -16.27
N GLY A 403 27.11 -9.15 -17.44
CA GLY A 403 26.05 -10.12 -17.60
C GLY A 403 24.87 -9.48 -18.34
N LYS A 404 24.85 -8.16 -18.40
CA LYS A 404 23.81 -7.43 -19.11
C LYS A 404 24.39 -6.37 -20.03
N ALA A 405 23.71 -6.07 -21.13
CA ALA A 405 24.15 -4.97 -21.98
C ALA A 405 23.00 -4.36 -22.74
N MET A 406 23.15 -3.10 -23.10
CA MET A 406 22.16 -2.40 -23.88
C MET A 406 22.54 -2.20 -25.33
N TYR A 407 21.60 -2.43 -26.22
CA TYR A 407 21.81 -2.13 -27.61
C TYR A 407 21.10 -0.86 -27.99
N ALA A 408 21.85 0.05 -28.56
CA ALA A 408 21.30 1.30 -28.98
C ALA A 408 20.90 1.22 -30.45
N PRO A 409 19.61 1.32 -30.80
CA PRO A 409 19.15 1.22 -32.15
C PRO A 409 19.65 2.50 -32.77
N PRO A 410 19.87 2.53 -34.08
CA PRO A 410 20.36 3.68 -34.82
C PRO A 410 19.35 4.78 -34.98
N ILE A 411 19.86 5.98 -35.13
CA ILE A 411 19.09 7.17 -35.43
C ILE A 411 18.71 7.22 -36.89
N ARG A 412 17.75 8.07 -37.22
CA ARG A 412 17.37 8.19 -38.63
C ARG A 412 18.55 8.60 -39.52
N GLY A 413 19.39 9.54 -39.07
CA GLY A 413 20.57 9.93 -39.87
C GLY A 413 21.04 11.37 -39.63
N GLN A 414 22.28 11.68 -40.08
CA GLN A 414 22.87 13.02 -40.00
C GLN A 414 22.82 13.70 -38.66
N ILE A 415 23.34 13.07 -37.63
CA ILE A 415 23.30 13.70 -36.31
C ILE A 415 24.44 14.65 -36.05
N ARG A 416 24.05 15.81 -35.56
CA ARG A 416 24.97 16.84 -35.15
C ARG A 416 24.41 17.36 -33.82
N CYS A 417 25.28 17.64 -32.84
CA CYS A 417 24.96 18.16 -31.51
C CYS A 417 26.12 18.99 -31.01
N SER A 418 25.88 19.74 -29.98
CA SER A 418 26.93 20.52 -29.36
C SER A 418 26.66 20.54 -27.89
N SER A 419 27.68 20.73 -27.12
CA SER A 419 27.54 20.75 -25.68
C SER A 419 28.59 21.65 -25.05
N ASN A 420 28.45 21.96 -23.74
CA ASN A 420 29.39 22.80 -23.00
C ASN A 420 30.27 21.95 -22.09
N ILE A 421 31.60 22.17 -22.18
CA ILE A 421 32.60 21.55 -21.32
C ILE A 421 32.74 22.47 -20.14
N THR A 422 32.41 21.93 -18.98
CA THR A 422 32.38 22.69 -17.76
C THR A 422 33.37 22.19 -16.74
N GLY A 423 33.90 21.00 -16.93
CA GLY A 423 34.86 20.49 -15.96
C GLY A 423 35.58 19.24 -16.41
N LEU A 424 36.63 18.91 -15.68
CA LEU A 424 37.46 17.76 -16.02
C LEU A 424 37.70 16.80 -14.88
N LEU A 425 37.75 15.52 -15.19
CA LEU A 425 38.17 14.57 -14.19
C LEU A 425 39.59 14.16 -14.52
N LEU A 426 40.49 14.53 -13.64
CA LEU A 426 41.90 14.29 -13.85
C LEU A 426 42.53 13.50 -12.74
N THR A 427 43.55 12.75 -13.07
CA THR A 427 44.36 12.14 -12.03
C THR A 427 45.78 12.57 -12.28
N ARG A 428 46.59 12.52 -11.25
CA ARG A 428 47.98 12.87 -11.41
C ARG A 428 48.73 11.57 -11.45
N ASP A 429 49.78 11.47 -12.24
CA ASP A 429 50.53 10.25 -12.17
C ASP A 429 51.00 10.14 -10.77
N GLY A 430 50.93 8.95 -10.22
CA GLY A 430 51.37 8.79 -8.87
C GLY A 430 52.86 8.94 -8.90
N GLY A 431 53.45 9.34 -7.79
CA GLY A 431 54.89 9.45 -7.80
C GLY A 431 55.52 8.08 -7.99
N SER A 432 56.61 8.07 -8.73
CA SER A 432 57.38 6.88 -9.02
C SER A 432 58.41 6.64 -7.93
N ASN A 433 59.02 5.46 -7.92
CA ASN A 433 60.07 5.20 -6.94
C ASN A 433 61.39 5.75 -7.46
N GLU A 434 61.46 7.07 -7.50
CA GLU A 434 62.59 7.81 -8.02
C GLU A 434 63.47 8.36 -6.93
N ASN A 435 64.53 9.04 -7.37
CA ASN A 435 65.54 9.68 -6.53
C ASN A 435 65.26 11.18 -6.47
N LYS A 436 64.00 11.52 -6.70
CA LYS A 436 63.47 12.87 -6.73
C LYS A 436 64.17 13.72 -7.76
N THR A 437 64.23 13.23 -9.00
CA THR A 437 64.93 13.93 -10.05
C THR A 437 64.01 14.56 -11.09
N SER A 438 62.75 14.13 -11.19
CA SER A 438 61.92 14.75 -12.20
C SER A 438 61.69 16.21 -11.90
N GLU A 439 61.71 17.03 -12.95
CA GLU A 439 61.42 18.45 -12.87
C GLU A 439 60.01 18.75 -13.33
N THR A 440 59.29 17.70 -13.71
CA THR A 440 57.95 17.77 -14.29
C THR A 440 56.95 16.82 -13.62
N GLU A 441 55.73 17.29 -13.44
CA GLU A 441 54.64 16.43 -12.99
C GLU A 441 53.71 16.20 -14.17
N THR A 442 53.12 15.01 -14.24
CA THR A 442 52.20 14.76 -15.34
C THR A 442 50.82 14.36 -14.88
N PHE A 443 49.82 14.95 -15.52
CA PHE A 443 48.42 14.70 -15.27
C PHE A 443 47.79 14.10 -16.49
N ARG A 444 46.77 13.29 -16.29
CA ARG A 444 46.08 12.70 -17.42
C ARG A 444 44.57 12.74 -17.23
N PRO A 445 43.78 12.79 -18.31
CA PRO A 445 42.36 12.58 -18.27
C PRO A 445 42.18 11.22 -17.68
N ALA A 446 41.27 11.10 -16.74
CA ALA A 446 41.07 9.81 -16.11
C ALA A 446 39.71 9.80 -15.46
N GLY A 447 39.15 8.63 -15.24
CA GLY A 447 37.86 8.60 -14.61
C GLY A 447 37.24 7.24 -14.83
N GLY A 448 35.92 7.24 -15.01
CA GLY A 448 35.16 6.03 -15.21
C GLY A 448 34.22 5.75 -14.06
N ASP A 449 34.49 6.34 -12.91
CA ASP A 449 33.59 6.20 -11.77
C ASP A 449 32.63 7.34 -11.89
N MET A 450 31.42 7.03 -12.33
CA MET A 450 30.43 8.02 -12.67
C MET A 450 30.00 8.87 -11.50
N ARG A 451 30.28 8.45 -10.27
CA ARG A 451 29.84 9.27 -9.16
C ARG A 451 30.62 10.56 -9.09
N ASP A 452 31.79 10.59 -9.70
CA ASP A 452 32.61 11.79 -9.65
C ASP A 452 32.08 12.83 -10.58
N ASN A 453 31.12 12.44 -11.42
CA ASN A 453 30.53 13.36 -12.34
C ASN A 453 29.57 14.25 -11.59
N TRP A 454 29.05 13.76 -10.45
CA TRP A 454 28.02 14.47 -9.72
C TRP A 454 28.51 15.07 -8.44
N ARG A 455 29.67 14.63 -7.96
CA ARG A 455 30.25 15.20 -6.76
C ARG A 455 30.54 16.67 -7.01
N SER A 456 30.75 16.99 -8.28
CA SER A 456 31.08 18.31 -8.78
C SER A 456 29.92 19.30 -8.71
N GLU A 457 28.68 18.80 -8.57
CA GLU A 457 27.50 19.66 -8.50
C GLU A 457 26.83 19.64 -7.14
N LEU A 458 26.91 18.50 -6.47
CA LEU A 458 26.25 18.31 -5.20
C LEU A 458 27.10 18.69 -4.01
N TYR A 459 28.28 19.22 -4.27
CA TYR A 459 29.20 19.61 -3.22
C TYR A 459 28.67 20.70 -2.34
N LYS A 460 27.72 21.46 -2.84
CA LYS A 460 27.20 22.55 -2.07
C LYS A 460 26.13 22.12 -1.12
N TYR A 461 25.66 20.88 -1.19
CA TYR A 461 24.52 20.59 -0.34
C TYR A 461 24.72 19.51 0.70
N LYS A 462 24.12 19.73 1.85
CA LYS A 462 24.13 18.76 2.93
C LYS A 462 22.73 18.55 3.46
N VAL A 463 22.38 17.30 3.79
CA VAL A 463 21.05 17.03 4.30
C VAL A 463 21.04 16.73 5.77
N VAL A 464 20.22 17.48 6.49
CA VAL A 464 20.13 17.31 7.92
C VAL A 464 18.67 17.18 8.32
N LYS A 465 18.42 16.62 9.51
CA LYS A 465 17.06 16.54 10.02
C LYS A 465 16.95 17.49 11.16
N ILE A 466 15.73 17.91 11.44
CA ILE A 466 15.46 18.88 12.47
C ILE A 466 15.02 18.23 13.76
N GLU A 467 15.62 18.67 14.86
CA GLU A 467 15.32 18.16 16.19
C GLU A 467 14.86 19.29 17.11
N PRO A 468 13.59 19.72 17.04
CA PRO A 468 13.03 20.90 17.68
C PRO A 468 12.86 20.85 19.19
N LEU A 469 12.99 19.66 19.76
CA LEU A 469 12.77 19.48 21.19
C LEU A 469 14.07 19.44 21.98
N GLY A 470 14.16 20.24 23.03
CA GLY A 470 15.36 20.23 23.88
C GLY A 470 15.19 21.07 25.13
N VAL A 471 16.21 21.08 26.00
CA VAL A 471 16.12 21.82 27.26
C VAL A 471 17.28 22.73 27.50
N ALA A 472 17.09 23.65 28.44
CA ALA A 472 18.13 24.55 28.89
C ALA A 472 17.84 24.94 30.35
N PRO A 473 18.85 25.28 31.16
CA PRO A 473 18.71 25.75 32.52
C PRO A 473 18.15 27.14 32.62
N THR A 474 17.38 27.35 33.65
CA THR A 474 16.82 28.62 34.04
C THR A 474 16.54 28.65 35.53
N LYS A 475 15.79 29.64 35.96
CA LYS A 475 15.40 29.76 37.35
C LYS A 475 13.91 30.00 37.47
N CYS A 476 13.10 28.92 37.56
CA CYS A 476 11.64 28.97 37.64
C CYS A 476 11.11 27.71 38.31
N LYS A 477 9.84 27.77 38.69
CA LYS A 477 9.10 26.65 39.27
C LYS A 477 9.82 25.31 39.09
N LEU B 13 11.07 26.66 7.78
CA LEU B 13 12.24 26.29 8.57
C LEU B 13 13.36 27.36 8.46
N GLY B 14 12.99 28.67 8.55
CA GLY B 14 13.93 29.81 8.38
C GLY B 14 15.14 29.75 9.30
N ALA B 15 14.95 29.26 10.50
CA ALA B 15 16.07 29.09 11.44
C ALA B 15 16.85 30.38 11.63
N ALA B 16 16.16 31.50 11.67
CA ALA B 16 16.91 32.69 11.86
C ALA B 16 17.47 32.61 13.25
N GLY B 17 18.74 32.94 13.40
CA GLY B 17 19.35 32.92 14.71
C GLY B 17 19.69 31.51 15.18
N SER B 18 19.77 30.53 14.26
CA SER B 18 20.04 29.16 14.72
C SER B 18 21.37 29.08 15.41
N THR B 19 22.28 29.94 15.02
CA THR B 19 23.55 30.01 15.66
C THR B 19 23.67 31.39 16.26
N MET B 20 23.99 31.44 17.54
CA MET B 20 24.16 32.71 18.24
C MET B 20 22.96 33.66 18.17
N GLY B 21 21.74 33.13 18.19
CA GLY B 21 20.53 33.96 18.23
C GLY B 21 20.35 34.25 19.71
N ALA B 22 21.36 34.95 20.26
CA ALA B 22 21.53 34.96 21.69
C ALA B 22 21.28 33.51 22.00
N ALA B 23 20.47 33.21 22.98
CA ALA B 23 19.88 31.92 23.00
C ALA B 23 18.45 32.26 23.23
N SER B 24 18.33 33.33 23.98
CA SER B 24 17.06 33.87 24.38
C SER B 24 16.32 34.54 23.24
N MET B 25 16.98 34.85 22.10
CA MET B 25 16.26 35.49 21.00
C MET B 25 15.62 34.41 20.17
N THR B 26 16.24 33.25 20.14
CA THR B 26 15.68 32.10 19.46
C THR B 26 14.30 31.84 20.04
N LEU B 27 14.22 31.96 21.35
CA LEU B 27 12.99 31.68 22.06
C LEU B 27 11.89 32.71 21.90
N THR B 28 12.13 33.81 21.21
CA THR B 28 11.08 34.78 21.02
C THR B 28 10.36 34.44 19.74
N VAL B 29 10.85 33.42 19.01
CA VAL B 29 10.22 33.07 17.77
C VAL B 29 9.61 31.66 17.80
N GLN B 30 10.44 30.63 17.95
CA GLN B 30 9.98 29.22 17.96
C GLN B 30 8.97 28.94 16.82
N ALA B 31 9.20 29.47 15.62
CA ALA B 31 8.22 29.36 14.53
C ALA B 31 8.46 28.21 13.59
N ARG B 32 9.44 27.39 13.89
CA ARG B 32 9.78 26.30 13.00
C ARG B 32 9.18 25.01 13.46
N GLN B 33 8.34 25.09 14.47
CA GLN B 33 7.68 23.92 15.00
C GLN B 33 6.46 23.55 14.19
N LEU B 34 6.04 24.44 13.32
CA LEU B 34 4.88 24.28 12.46
C LEU B 34 5.26 23.79 11.10
N LEU B 35 6.46 23.31 10.96
CA LEU B 35 6.85 22.83 9.66
C LEU B 35 6.87 21.33 9.57
N SER B 36 7.47 20.62 10.51
CA SER B 36 7.61 19.18 10.34
C SER B 36 6.29 18.43 10.27
N GLY B 37 5.26 18.92 10.93
CA GLY B 37 3.97 18.25 10.89
C GLY B 37 3.01 18.84 9.88
N ILE B 38 3.43 19.88 9.15
CA ILE B 38 2.54 20.57 8.22
C ILE B 38 3.01 20.61 6.78
N VAL B 39 4.28 20.89 6.54
CA VAL B 39 4.73 21.06 5.18
C VAL B 39 4.53 19.78 4.39
N GLN B 40 4.50 18.63 5.07
CA GLN B 40 4.29 17.41 4.34
C GLN B 40 2.92 17.42 3.69
N GLN B 41 1.92 18.04 4.34
CA GLN B 41 0.62 18.07 3.75
C GLN B 41 0.67 18.87 2.47
N GLN B 42 1.42 19.96 2.50
CA GLN B 42 1.49 20.78 1.31
C GLN B 42 2.15 20.02 0.18
N ASN B 43 3.16 19.23 0.51
CA ASN B 43 3.86 18.51 -0.51
C ASN B 43 2.96 17.46 -1.16
N ASN B 44 2.07 16.87 -0.38
CA ASN B 44 1.18 15.88 -0.91
C ASN B 44 0.09 16.52 -1.76
N LEU B 45 -0.34 17.72 -1.37
CA LEU B 45 -1.34 18.41 -2.15
C LEU B 45 -0.79 18.79 -3.50
N LEU B 46 0.49 19.17 -3.54
CA LEU B 46 1.09 19.52 -4.81
C LEU B 46 1.15 18.29 -5.71
N ARG B 47 1.51 17.13 -5.15
CA ARG B 47 1.54 15.94 -5.99
C ARG B 47 0.16 15.58 -6.58
N ALA B 48 -0.93 15.74 -5.78
CA ALA B 48 -2.31 15.47 -6.14
C ALA B 48 -2.77 16.43 -7.25
N LEU B 58 3.92 3.08 -10.00
CA LEU B 58 5.28 3.62 -9.91
C LEU B 58 5.83 3.36 -8.47
N THR B 59 5.83 2.06 -8.05
CA THR B 59 6.20 1.54 -6.71
C THR B 59 7.67 1.65 -6.43
N VAL B 60 8.41 1.86 -7.50
CA VAL B 60 9.84 2.02 -7.47
C VAL B 60 10.21 3.23 -6.63
N TRP B 61 9.36 4.25 -6.61
CA TRP B 61 9.64 5.42 -5.81
C TRP B 61 8.53 5.55 -4.79
N GLY B 62 7.35 5.07 -5.14
CA GLY B 62 6.16 5.21 -4.33
C GLY B 62 6.24 4.57 -2.97
N ILE B 63 6.85 3.39 -2.84
CA ILE B 63 6.86 2.82 -1.51
C ILE B 63 7.77 3.61 -0.62
N LYS B 64 8.93 3.98 -1.13
CA LYS B 64 9.85 4.72 -0.30
C LYS B 64 9.27 6.06 0.11
N GLN B 65 8.56 6.72 -0.79
CA GLN B 65 8.01 8.00 -0.43
C GLN B 65 6.92 7.83 0.62
N LEU B 66 6.13 6.75 0.52
CA LEU B 66 5.10 6.54 1.50
C LEU B 66 5.70 6.24 2.85
N GLN B 67 6.82 5.50 2.87
CA GLN B 67 7.46 5.19 4.12
C GLN B 67 7.93 6.48 4.78
N ALA B 68 8.44 7.41 3.97
CA ALA B 68 8.89 8.68 4.50
C ALA B 68 7.75 9.45 5.15
N ARG B 69 6.55 9.38 4.55
CA ARG B 69 5.41 10.08 5.11
C ARG B 69 4.98 9.47 6.42
N VAL B 70 4.98 8.15 6.49
CA VAL B 70 4.56 7.48 7.70
C VAL B 70 5.54 7.79 8.80
N LEU B 71 6.83 7.76 8.50
CA LEU B 71 7.81 8.08 9.50
C LEU B 71 7.69 9.51 9.98
N ALA B 72 7.48 10.46 9.08
CA ALA B 72 7.39 11.82 9.56
C ALA B 72 6.28 11.95 10.59
N VAL B 73 5.14 11.28 10.34
CA VAL B 73 4.07 11.32 11.30
C VAL B 73 4.45 10.66 12.60
N GLU B 74 5.07 9.50 12.51
CA GLU B 74 5.43 8.79 13.71
C GLU B 74 6.39 9.59 14.57
N ARG B 75 7.37 10.26 13.96
CA ARG B 75 8.30 11.05 14.75
C ARG B 75 7.60 12.20 15.44
N TYR B 76 6.69 12.85 14.72
CA TYR B 76 5.96 13.95 15.30
C TYR B 76 5.21 13.49 16.53
N LEU B 77 4.51 12.38 16.40
CA LEU B 77 3.74 11.90 17.51
C LEU B 77 4.60 11.50 18.67
N ARG B 78 5.76 10.91 18.43
CA ARG B 78 6.58 10.54 19.57
C ARG B 78 6.96 11.75 20.40
N ASP B 79 7.29 12.87 19.76
CA ASP B 79 7.62 14.05 20.54
C ASP B 79 6.40 14.56 21.29
N GLN B 80 5.24 14.48 20.68
CA GLN B 80 4.05 14.95 21.37
C GLN B 80 3.74 14.08 22.58
N GLN B 81 4.00 12.79 22.48
CA GLN B 81 3.75 11.88 23.58
C GLN B 81 4.66 12.18 24.74
N LEU B 82 5.91 12.53 24.44
CA LEU B 82 6.85 12.86 25.50
C LEU B 82 6.43 14.15 26.18
N LEU B 83 6.00 15.14 25.41
CA LEU B 83 5.56 16.38 26.02
C LEU B 83 4.35 16.10 26.88
N GLY B 84 3.50 15.19 26.45
CA GLY B 84 2.35 14.82 27.25
C GLY B 84 2.78 14.24 28.60
N ILE B 85 3.74 13.33 28.60
CA ILE B 85 4.17 12.72 29.86
C ILE B 85 4.76 13.77 30.79
N TRP B 86 5.54 14.69 30.25
CA TRP B 86 6.10 15.77 31.07
C TRP B 86 5.06 16.76 31.58
N GLY B 87 3.85 16.72 31.04
CA GLY B 87 2.81 17.71 31.35
C GLY B 87 3.03 19.06 30.59
N CYS B 88 3.69 19.00 29.41
CA CYS B 88 4.09 20.09 28.54
C CYS B 88 3.35 20.07 27.20
N SER B 89 2.35 19.22 27.01
CA SER B 89 1.72 19.12 25.68
C SER B 89 0.98 20.36 25.22
N GLY B 90 0.51 21.18 26.14
CA GLY B 90 -0.20 22.38 25.78
C GLY B 90 0.71 23.60 25.75
N LYS B 91 2.01 23.41 25.88
CA LYS B 91 2.90 24.56 25.95
C LYS B 91 4.05 24.51 24.96
N LEU B 92 4.52 25.69 24.54
CA LEU B 92 5.67 25.73 23.65
C LEU B 92 6.92 25.91 24.48
N ILE B 93 6.71 26.54 25.64
CA ILE B 93 7.69 26.79 26.69
C ILE B 93 7.12 26.17 27.96
N CYS B 94 7.82 25.17 28.56
CA CYS B 94 7.34 24.45 29.75
C CYS B 94 8.39 24.31 30.83
N CYS B 95 8.10 24.94 31.96
CA CYS B 95 8.98 24.93 33.10
C CYS B 95 8.53 23.76 33.97
N THR B 96 9.42 22.82 34.22
CA THR B 96 9.03 21.68 35.01
C THR B 96 9.65 21.79 36.39
N ALA B 97 9.14 21.04 37.35
CA ALA B 97 9.72 21.06 38.69
C ALA B 97 10.91 20.12 38.83
N VAL B 98 11.96 20.40 38.07
CA VAL B 98 13.20 19.65 38.09
C VAL B 98 14.36 20.62 38.18
N PRO B 99 15.16 20.63 39.24
CA PRO B 99 16.33 21.49 39.37
C PRO B 99 17.33 21.14 38.27
N TRP B 100 18.07 22.12 37.77
CA TRP B 100 19.09 21.79 36.77
C TRP B 100 20.25 21.18 37.52
N ASN B 101 20.83 20.14 36.96
CA ASN B 101 21.97 19.51 37.59
C ASN B 101 23.32 19.94 36.98
N ASN B 102 24.04 20.75 37.76
CA ASN B 102 25.28 21.37 37.35
C ASN B 102 26.44 20.40 37.29
N SER B 103 26.22 19.16 37.77
CA SER B 103 27.28 18.19 37.70
C SER B 103 27.37 17.65 36.29
N TRP B 104 26.35 17.92 35.47
CA TRP B 104 26.39 17.46 34.11
C TRP B 104 27.08 18.54 33.34
N SER B 105 26.53 19.72 33.46
CA SER B 105 27.09 20.86 32.76
C SER B 105 26.64 22.18 33.32
N ASN B 106 27.56 23.11 33.40
CA ASN B 106 27.20 24.42 33.85
C ASN B 106 28.12 25.47 33.26
N ARG B 107 27.65 26.67 33.33
CA ARG B 107 28.32 27.90 32.99
C ARG B 107 27.34 28.93 33.47
N SER B 108 27.66 30.20 33.41
CA SER B 108 26.68 31.15 33.88
C SER B 108 25.47 31.18 33.00
N LEU B 109 24.36 31.65 33.55
CA LEU B 109 23.17 31.76 32.78
C LEU B 109 23.29 32.80 31.70
N ASP B 110 24.12 33.81 31.90
CA ASP B 110 24.24 34.78 30.84
C ASP B 110 24.88 34.12 29.63
N MET B 111 25.87 33.25 29.83
CA MET B 111 26.45 32.61 28.65
C MET B 111 25.45 31.69 27.97
N ILE B 112 24.65 31.01 28.77
CA ILE B 112 23.68 30.10 28.20
C ILE B 112 22.64 30.83 27.42
N TRP B 113 22.17 31.94 27.96
CA TRP B 113 21.15 32.70 27.33
C TRP B 113 21.61 33.71 26.28
N ASN B 114 22.91 34.00 26.22
CA ASN B 114 23.42 34.90 25.21
C ASN B 114 24.20 34.23 24.08
N ASN B 115 24.57 32.95 24.19
CA ASN B 115 25.36 32.30 23.15
C ASN B 115 24.92 30.87 22.79
N MET B 116 23.87 30.69 21.96
CA MET B 116 23.41 29.34 21.67
C MET B 116 24.15 28.47 20.66
N THR B 117 24.40 27.28 21.17
CA THR B 117 24.95 26.08 20.59
C THR B 117 23.99 24.99 21.09
N TRP B 118 24.10 24.73 22.41
CA TRP B 118 23.33 23.79 23.21
C TRP B 118 23.47 22.33 22.81
N ILE B 119 24.71 21.92 22.55
CA ILE B 119 24.98 20.53 22.18
C ILE B 119 25.86 19.84 23.24
N GLU B 120 26.46 20.65 24.09
CA GLU B 120 27.38 20.25 25.14
C GLU B 120 26.68 19.45 26.20
N TRP B 121 25.38 19.61 26.23
CA TRP B 121 24.49 19.00 27.17
C TRP B 121 23.95 17.66 26.74
N GLU B 122 24.14 17.29 25.49
CA GLU B 122 23.41 16.11 25.03
C GLU B 122 23.74 14.76 25.67
N ARG B 123 24.99 14.45 25.92
CA ARG B 123 25.22 13.11 26.45
C ARG B 123 24.62 12.90 27.82
N GLU B 124 24.81 13.89 28.67
CA GLU B 124 24.34 13.87 30.03
C GLU B 124 22.84 14.06 30.18
N ILE B 125 22.27 15.02 29.46
CA ILE B 125 20.86 15.32 29.53
C ILE B 125 20.01 14.20 28.98
N ASP B 126 20.46 13.56 27.90
CA ASP B 126 19.69 12.47 27.33
C ASP B 126 19.46 11.35 28.34
N ASN B 127 20.24 11.31 29.42
CA ASN B 127 20.03 10.33 30.44
C ASN B 127 19.33 10.99 31.63
N TYR B 128 19.70 12.23 31.97
CA TYR B 128 19.10 12.90 33.13
C TYR B 128 17.64 13.18 32.93
N THR B 129 17.29 13.85 31.83
CA THR B 129 15.91 14.20 31.59
C THR B 129 15.27 13.04 30.89
N GLY B 130 16.13 12.22 30.27
CA GLY B 130 15.71 10.99 29.62
C GLY B 130 15.04 10.09 30.64
N LEU B 131 15.48 10.15 31.89
CA LEU B 131 14.84 9.39 32.95
C LEU B 131 13.81 10.21 33.73
N ILE B 132 14.13 11.47 34.03
CA ILE B 132 13.28 12.30 34.86
C ILE B 132 11.94 12.51 34.29
N TYR B 133 11.76 12.62 33.00
CA TYR B 133 10.40 12.85 32.55
C TYR B 133 9.42 11.85 33.20
N ASN B 134 9.83 10.58 33.42
CA ASN B 134 8.89 9.66 34.04
C ASN B 134 8.92 9.82 35.54
N LEU B 135 10.10 10.07 36.10
CA LEU B 135 10.18 10.13 37.55
C LEU B 135 9.39 11.32 38.07
N LEU B 136 9.45 12.42 37.34
CA LEU B 136 8.80 13.62 37.73
C LEU B 136 7.32 13.46 37.73
N GLU B 137 6.78 12.90 36.66
CA GLU B 137 5.37 12.78 36.65
C GLU B 137 4.89 11.72 37.65
N GLU B 138 5.60 10.61 37.78
CA GLU B 138 5.16 9.57 38.70
C GLU B 138 5.13 10.04 40.15
N SER B 139 6.07 10.90 40.53
CA SER B 139 6.17 11.44 41.88
C SER B 139 5.72 12.90 41.98
N GLN B 140 4.98 13.41 40.98
CA GLN B 140 4.59 14.82 40.98
C GLN B 140 3.74 15.31 42.18
N ASN B 141 2.84 14.45 42.73
CA ASN B 141 1.95 14.76 43.85
C ASN B 141 1.46 13.43 44.45
N TRP C 7 -23.65 6.69 37.83
CA TRP C 7 -23.04 7.68 36.95
C TRP C 7 -21.85 7.08 36.22
N VAL C 8 -21.63 7.50 34.96
CA VAL C 8 -20.55 6.99 34.10
C VAL C 8 -19.22 7.70 34.31
N THR C 9 -18.20 6.91 34.59
CA THR C 9 -16.82 7.37 34.69
C THR C 9 -16.00 6.63 33.68
N VAL C 10 -15.22 7.40 32.96
CA VAL C 10 -14.36 6.88 31.90
C VAL C 10 -12.97 6.61 32.42
N TYR C 11 -12.49 5.40 32.18
CA TYR C 11 -11.17 5.00 32.62
C TYR C 11 -10.30 4.60 31.44
N TYR C 12 -9.14 5.21 31.33
CA TYR C 12 -8.22 4.89 30.24
C TYR C 12 -6.94 4.30 30.82
N GLY C 13 -6.46 3.21 30.23
CA GLY C 13 -5.29 2.50 30.76
C GLY C 13 -5.69 1.21 31.48
N VAL C 14 -6.94 0.82 31.28
CA VAL C 14 -7.56 -0.36 31.86
C VAL C 14 -7.04 -1.69 31.27
N PRO C 15 -6.60 -2.67 32.07
CA PRO C 15 -6.00 -3.93 31.63
C PRO C 15 -6.96 -4.97 31.08
N VAL C 16 -7.57 -4.68 29.95
CA VAL C 16 -8.51 -5.57 29.28
C VAL C 16 -8.14 -5.87 27.84
N TRP C 17 -8.25 -7.14 27.47
CA TRP C 17 -7.96 -7.58 26.12
C TRP C 17 -9.09 -8.35 25.51
N LYS C 18 -9.09 -8.36 24.20
CA LYS C 18 -10.04 -9.13 23.41
C LYS C 18 -9.32 -9.94 22.35
N GLU C 19 -9.95 -10.98 21.84
CA GLU C 19 -9.29 -11.80 20.83
C GLU C 19 -9.04 -11.03 19.55
N ALA C 20 -7.90 -11.27 18.92
CA ALA C 20 -7.60 -10.57 17.68
C ALA C 20 -6.65 -11.34 16.80
N THR C 21 -6.68 -11.06 15.52
CA THR C 21 -5.70 -11.65 14.63
C THR C 21 -4.95 -10.55 13.92
N THR C 22 -3.63 -10.60 13.97
CA THR C 22 -2.85 -9.56 13.32
C THR C 22 -1.61 -10.04 12.60
N THR C 23 -0.98 -9.10 11.93
CA THR C 23 0.27 -9.30 11.23
C THR C 23 1.32 -9.49 12.31
N LEU C 24 2.14 -10.52 12.22
CA LEU C 24 3.12 -10.75 13.28
C LEU C 24 4.50 -10.31 12.89
N PHE C 25 5.31 -10.00 13.88
CA PHE C 25 6.70 -9.67 13.64
C PHE C 25 7.61 -10.84 13.90
N CYS C 26 8.72 -10.88 13.16
CA CYS C 26 9.80 -11.83 13.33
C CYS C 26 10.81 -11.32 14.37
N ALA C 27 11.67 -12.22 14.76
CA ALA C 27 12.84 -11.90 15.56
C ALA C 27 13.83 -13.02 15.39
N SER C 28 15.12 -12.69 15.40
CA SER C 28 16.14 -13.73 15.32
C SER C 28 17.46 -13.34 15.91
N ASP C 29 18.27 -14.33 16.22
CA ASP C 29 19.59 -14.05 16.74
C ASP C 29 20.42 -13.32 15.69
N ALA C 30 21.20 -12.34 16.13
CA ALA C 30 22.05 -11.62 15.20
C ALA C 30 23.33 -12.39 14.97
N LYS C 31 23.22 -13.49 14.26
CA LYS C 31 24.36 -14.38 14.07
C LYS C 31 25.43 -13.72 13.23
N ALA C 32 25.02 -12.92 12.25
CA ALA C 32 25.96 -12.20 11.39
C ALA C 32 27.04 -13.12 10.86
N TYR C 33 26.67 -14.25 10.28
CA TYR C 33 27.71 -15.15 9.82
C TYR C 33 28.58 -14.50 8.77
N ASP C 34 27.95 -13.73 7.87
CA ASP C 34 28.68 -13.00 6.84
C ASP C 34 29.71 -13.82 6.06
N THR C 35 29.30 -14.99 5.59
CA THR C 35 30.15 -15.94 4.86
C THR C 35 29.93 -15.88 3.36
N GLU C 36 29.23 -14.82 2.93
CA GLU C 36 28.82 -14.55 1.55
C GLU C 36 27.75 -15.52 1.08
N VAL C 37 27.13 -16.15 2.05
CA VAL C 37 25.99 -17.00 1.85
C VAL C 37 24.92 -16.40 2.71
N ARG C 38 23.80 -16.08 2.11
CA ARG C 38 22.76 -15.50 2.92
C ARG C 38 21.87 -16.63 3.30
N ASN C 39 21.25 -16.57 4.43
CA ASN C 39 20.26 -17.56 4.71
C ASN C 39 19.04 -17.09 3.97
N VAL C 40 18.18 -18.00 3.55
CA VAL C 40 16.94 -17.59 2.95
C VAL C 40 16.18 -16.83 3.97
N TRP C 41 16.34 -17.19 5.22
CA TRP C 41 15.73 -16.51 6.29
C TRP C 41 16.57 -15.28 6.47
N ALA C 42 16.32 -14.29 5.60
CA ALA C 42 17.01 -13.00 5.49
C ALA C 42 16.10 -11.89 5.93
N THR C 43 14.83 -12.23 6.15
CA THR C 43 13.76 -11.32 6.53
C THR C 43 13.38 -11.59 7.96
N HIS C 44 14.16 -12.47 8.58
CA HIS C 44 14.01 -12.98 9.93
C HIS C 44 14.66 -12.04 10.93
N CYS C 45 15.41 -11.10 10.39
CA CYS C 45 16.19 -10.15 11.18
C CYS C 45 15.62 -8.74 11.16
N CYS C 46 14.28 -8.63 11.24
CA CYS C 46 13.54 -7.39 11.32
C CYS C 46 13.78 -6.75 12.69
N VAL C 47 14.26 -7.57 13.62
CA VAL C 47 14.65 -7.16 14.94
C VAL C 47 15.56 -8.27 15.46
N PRO C 48 16.55 -7.99 16.30
CA PRO C 48 17.34 -9.01 16.97
C PRO C 48 16.50 -9.68 18.03
N THR C 49 16.83 -10.90 18.38
CA THR C 49 16.15 -11.58 19.47
C THR C 49 16.34 -10.74 20.71
N ASP C 50 15.24 -10.46 21.42
CA ASP C 50 15.37 -9.70 22.64
C ASP C 50 16.15 -10.48 23.68
N PRO C 51 17.23 -9.94 24.24
CA PRO C 51 17.99 -10.57 25.28
C PRO C 51 17.09 -10.45 26.49
N ASN C 52 17.20 -11.36 27.44
CA ASN C 52 16.42 -11.21 28.66
C ASN C 52 14.94 -10.89 28.41
N PRO C 53 14.19 -11.75 27.70
CA PRO C 53 12.78 -11.59 27.42
C PRO C 53 12.07 -11.76 28.73
N GLN C 54 10.95 -11.08 28.91
CA GLN C 54 10.22 -11.24 30.15
C GLN C 54 8.93 -11.99 29.99
N GLU C 55 8.47 -12.55 31.10
CA GLU C 55 7.20 -13.23 31.17
C GLU C 55 6.48 -12.84 32.44
N VAL C 56 5.22 -12.46 32.31
CA VAL C 56 4.47 -12.07 33.50
C VAL C 56 3.26 -12.95 33.73
N VAL C 57 3.23 -13.61 34.87
CA VAL C 57 2.12 -14.48 35.16
C VAL C 57 0.92 -13.68 35.58
N LEU C 58 -0.23 -13.99 35.04
CA LEU C 58 -1.42 -13.29 35.41
C LEU C 58 -2.20 -14.10 36.42
N GLU C 59 -2.28 -13.63 37.63
CA GLU C 59 -2.98 -14.39 38.63
C GLU C 59 -4.47 -14.40 38.33
N ASN C 60 -5.13 -15.56 38.54
CA ASN C 60 -6.58 -15.79 38.40
C ASN C 60 -7.16 -15.37 37.04
N VAL C 61 -6.46 -15.72 35.94
CA VAL C 61 -6.89 -15.50 34.57
C VAL C 61 -7.08 -16.83 33.92
N THR C 62 -8.28 -17.06 33.44
CA THR C 62 -8.54 -18.31 32.77
C THR C 62 -8.85 -17.97 31.34
N GLU C 63 -8.20 -18.65 30.42
CA GLU C 63 -8.41 -18.41 29.01
C GLU C 63 -8.61 -19.68 28.24
N ASN C 64 -9.34 -19.56 27.14
CA ASN C 64 -9.59 -20.67 26.25
C ASN C 64 -8.64 -20.69 25.08
N PHE C 65 -7.89 -21.75 24.97
CA PHE C 65 -6.93 -21.91 23.90
C PHE C 65 -7.45 -22.95 22.92
N ASN C 66 -7.26 -22.70 21.63
CA ASN C 66 -7.72 -23.63 20.62
C ASN C 66 -6.66 -23.78 19.57
N MET C 67 -5.94 -24.89 19.64
CA MET C 67 -4.83 -25.08 18.76
C MET C 67 -5.25 -25.36 17.33
N TRP C 68 -6.41 -25.96 17.17
CA TRP C 68 -6.85 -26.34 15.85
C TRP C 68 -7.30 -25.14 15.04
N LYS C 69 -7.70 -24.07 15.72
CA LYS C 69 -8.14 -22.84 15.08
C LYS C 69 -7.12 -21.72 15.20
N ASN C 70 -5.91 -22.05 15.66
CA ASN C 70 -4.88 -21.08 15.92
C ASN C 70 -4.41 -20.35 14.67
N ASP C 71 -4.49 -19.02 14.69
CA ASP C 71 -4.15 -18.25 13.53
C ASP C 71 -2.67 -17.97 13.41
N MET C 72 -1.89 -18.31 14.44
CA MET C 72 -0.48 -18.04 14.35
C MET C 72 0.07 -19.17 13.49
N VAL C 73 -0.61 -20.32 13.55
CA VAL C 73 -0.20 -21.45 12.73
C VAL C 73 -0.46 -21.10 11.29
N GLU C 74 -1.63 -20.52 11.03
CA GLU C 74 -1.95 -20.15 9.66
C GLU C 74 -1.00 -19.06 9.17
N GLN C 75 -0.61 -18.13 10.05
CA GLN C 75 0.29 -17.08 9.64
C GLN C 75 1.66 -17.66 9.31
N MET C 76 2.12 -18.63 10.09
CA MET C 76 3.44 -19.18 9.82
C MET C 76 3.43 -19.82 8.45
N HIS C 77 2.35 -20.49 8.09
CA HIS C 77 2.29 -21.12 6.79
C HIS C 77 2.41 -20.07 5.71
N GLU C 78 1.62 -19.01 5.80
CA GLU C 78 1.73 -18.03 4.73
C GLU C 78 3.13 -17.45 4.64
N ASP C 79 3.75 -17.18 5.78
CA ASP C 79 5.07 -16.57 5.77
C ASP C 79 6.11 -17.47 5.14
N ILE C 80 6.03 -18.78 5.38
CA ILE C 80 7.06 -19.64 4.83
C ILE C 80 6.88 -19.77 3.33
N ILE C 81 5.64 -19.83 2.85
CA ILE C 81 5.45 -19.98 1.42
C ILE C 81 5.94 -18.75 0.73
N SER C 82 5.59 -17.58 1.28
CA SER C 82 5.99 -16.35 0.66
C SER C 82 7.49 -16.24 0.58
N LEU C 83 8.19 -16.61 1.64
CA LEU C 83 9.62 -16.52 1.59
C LEU C 83 10.22 -17.44 0.53
N TRP C 84 9.72 -18.67 0.44
CA TRP C 84 10.26 -19.59 -0.54
C TRP C 84 10.09 -19.08 -1.95
N ASP C 85 8.93 -18.50 -2.25
CA ASP C 85 8.73 -18.04 -3.61
C ASP C 85 9.64 -16.88 -3.92
N GLN C 86 9.87 -16.00 -2.96
CA GLN C 86 10.74 -14.87 -3.23
C GLN C 86 12.15 -15.32 -3.48
N SER C 87 12.57 -16.32 -2.74
CA SER C 87 13.92 -16.83 -2.85
C SER C 87 14.19 -17.49 -4.18
N LEU C 88 13.24 -18.29 -4.66
CA LEU C 88 13.43 -19.00 -5.92
C LEU C 88 13.12 -18.16 -7.15
N LYS C 89 12.26 -17.16 -7.01
CA LYS C 89 11.87 -16.35 -8.16
C LYS C 89 12.98 -15.98 -9.16
N PRO C 90 14.13 -15.39 -8.76
CA PRO C 90 15.20 -14.94 -9.67
C PRO C 90 16.22 -15.99 -10.16
N CYS C 91 16.02 -17.29 -9.85
CA CYS C 91 16.96 -18.36 -10.14
C CYS C 91 16.72 -18.89 -11.57
N VAL C 92 17.73 -19.56 -12.13
CA VAL C 92 17.64 -20.06 -13.51
C VAL C 92 16.58 -21.13 -13.76
N LYS C 93 15.86 -20.96 -14.87
CA LYS C 93 14.86 -21.92 -15.29
C LYS C 93 15.58 -23.08 -15.92
N LEU C 94 15.06 -24.27 -15.73
CA LEU C 94 15.65 -25.45 -16.29
C LEU C 94 14.90 -26.02 -17.48
N THR C 95 14.06 -25.22 -18.11
CA THR C 95 13.30 -25.69 -19.25
C THR C 95 14.16 -26.18 -20.44
N PRO C 96 15.39 -25.64 -20.69
CA PRO C 96 16.30 -26.11 -21.74
C PRO C 96 16.71 -27.56 -21.56
N LEU C 97 16.47 -28.11 -20.37
CA LEU C 97 16.81 -29.50 -20.08
C LEU C 97 15.66 -30.51 -20.24
N CYS C 98 14.48 -30.09 -20.77
CA CYS C 98 13.29 -30.91 -20.96
C CYS C 98 13.34 -31.69 -22.27
N VAL C 99 14.47 -31.59 -22.93
CA VAL C 99 14.72 -32.29 -24.16
C VAL C 99 14.77 -33.77 -23.88
N THR C 100 14.60 -34.58 -24.90
CA THR C 100 14.66 -36.01 -24.72
C THR C 100 16.04 -36.45 -24.25
N LEU C 101 16.07 -37.29 -23.23
CA LEU C 101 17.28 -37.84 -22.67
C LEU C 101 17.50 -39.29 -23.14
N ASN C 102 18.79 -39.69 -23.32
CA ASN C 102 19.23 -41.05 -23.62
C ASN C 102 19.96 -41.60 -22.39
N CYS C 103 19.26 -42.43 -21.56
CA CYS C 103 19.75 -42.87 -20.25
C CYS C 103 20.11 -44.35 -20.21
N THR C 104 21.25 -44.62 -19.59
CA THR C 104 21.73 -45.97 -19.34
C THR C 104 22.12 -46.16 -17.89
N ASP C 105 22.41 -47.38 -17.47
CA ASP C 105 22.75 -47.54 -16.05
C ASP C 105 24.19 -47.04 -15.80
N TYR C 106 24.51 -46.72 -14.53
CA TYR C 106 25.81 -46.25 -14.06
C TYR C 106 26.41 -47.34 -13.18
N GLU C 127 19.67 -51.71 -5.98
CA GLU C 127 20.74 -50.75 -6.30
C GLU C 127 20.90 -50.51 -7.82
N ARG C 128 20.56 -51.53 -8.66
CA ARG C 128 20.64 -51.48 -10.13
C ARG C 128 19.58 -50.55 -10.66
N GLY C 129 19.99 -49.64 -11.52
CA GLY C 129 19.08 -48.68 -12.09
C GLY C 129 18.79 -47.49 -11.15
N GLU C 130 19.42 -47.41 -9.98
CA GLU C 130 19.10 -46.30 -9.07
C GLU C 130 19.64 -44.98 -9.59
N ILE C 131 20.85 -45.03 -10.17
CA ILE C 131 21.50 -43.85 -10.71
C ILE C 131 21.72 -44.06 -12.17
N LYS C 132 21.24 -43.17 -12.99
CA LYS C 132 21.42 -43.36 -14.42
C LYS C 132 22.23 -42.24 -15.06
N ASN C 133 23.00 -42.60 -16.12
CA ASN C 133 23.82 -41.69 -16.92
C ASN C 133 23.06 -41.31 -18.19
N CYS C 134 22.58 -40.04 -18.23
CA CYS C 134 21.74 -39.53 -19.30
C CYS C 134 22.51 -38.53 -20.16
N SER C 135 22.47 -38.73 -21.47
CA SER C 135 23.08 -37.79 -22.39
C SER C 135 21.98 -37.05 -23.14
N PHE C 136 22.29 -35.83 -23.56
CA PHE C 136 21.30 -35.03 -24.25
C PHE C 136 21.81 -33.93 -25.14
N ASN C 137 20.93 -33.47 -26.02
CA ASN C 137 21.21 -32.36 -26.91
C ASN C 137 20.68 -31.05 -26.37
N ILE C 138 21.55 -30.14 -25.93
CA ILE C 138 21.06 -28.89 -25.38
C ILE C 138 21.27 -27.79 -26.42
N THR C 139 20.20 -27.03 -26.65
CA THR C 139 20.11 -26.02 -27.70
C THR C 139 20.24 -24.56 -27.27
N THR C 140 20.42 -24.29 -25.99
CA THR C 140 20.46 -22.90 -25.51
C THR C 140 21.86 -22.41 -25.33
N SER C 141 22.80 -23.20 -25.79
CA SER C 141 24.19 -22.82 -25.74
C SER C 141 24.23 -21.54 -26.55
N ILE C 142 25.10 -20.64 -26.18
CA ILE C 142 25.15 -19.31 -26.77
C ILE C 142 25.28 -19.30 -28.28
N ARG C 143 26.07 -20.21 -28.82
CA ARG C 143 26.32 -20.29 -30.25
C ARG C 143 25.09 -20.70 -31.08
N ASP C 144 24.02 -21.12 -30.40
CA ASP C 144 22.77 -21.56 -31.02
C ASP C 144 22.98 -22.72 -32.01
N LYS C 145 23.81 -23.67 -31.59
CA LYS C 145 24.15 -24.91 -32.28
C LYS C 145 24.16 -25.95 -31.18
N VAL C 146 23.76 -27.17 -31.49
CA VAL C 146 23.67 -28.18 -30.43
C VAL C 146 24.96 -28.56 -29.77
N GLN C 147 24.91 -28.60 -28.45
CA GLN C 147 26.01 -29.01 -27.62
C GLN C 147 25.64 -30.28 -26.89
N LYS C 148 26.42 -31.33 -27.07
CA LYS C 148 26.12 -32.56 -26.37
C LYS C 148 26.61 -32.45 -24.92
N GLU C 149 25.76 -32.86 -23.97
CA GLU C 149 26.05 -32.82 -22.53
C GLU C 149 25.52 -34.07 -21.85
N TYR C 150 26.04 -34.37 -20.66
CA TYR C 150 25.49 -35.50 -19.92
C TYR C 150 25.47 -35.19 -18.44
N ALA C 151 24.66 -35.92 -17.70
CA ALA C 151 24.60 -35.78 -16.26
C ALA C 151 24.10 -37.04 -15.59
N LEU C 152 24.43 -37.23 -14.32
CA LEU C 152 23.87 -38.35 -13.60
C LEU C 152 22.63 -37.91 -12.86
N PHE C 153 21.61 -38.74 -12.89
CA PHE C 153 20.35 -38.47 -12.20
C PHE C 153 19.87 -39.64 -11.37
N TYR C 154 19.11 -39.34 -10.34
CA TYR C 154 18.50 -40.41 -9.55
C TYR C 154 17.19 -40.79 -10.19
N LYS C 155 16.85 -42.06 -10.11
CA LYS C 155 15.65 -42.62 -10.70
C LYS C 155 14.36 -41.89 -10.43
N LEU C 156 14.19 -41.35 -9.25
CA LEU C 156 12.92 -40.70 -8.93
C LEU C 156 12.62 -39.46 -9.77
N ASP C 157 13.64 -38.87 -10.39
CA ASP C 157 13.43 -37.68 -11.20
C ASP C 157 13.30 -37.96 -12.69
N ILE C 158 13.40 -39.22 -13.08
CA ILE C 158 13.37 -39.56 -14.50
C ILE C 158 12.16 -40.39 -14.87
N VAL C 159 11.43 -39.96 -15.89
CA VAL C 159 10.26 -40.70 -16.31
C VAL C 159 10.41 -41.24 -17.74
N PRO C 160 10.11 -42.52 -17.99
CA PRO C 160 10.13 -43.13 -19.30
C PRO C 160 9.17 -42.47 -20.26
N ILE C 161 9.52 -42.47 -21.56
CA ILE C 161 8.72 -41.94 -22.67
C ILE C 161 9.24 -42.53 -23.97
N ASN C 167 14.42 -47.51 -27.91
CA ASN C 167 13.10 -47.00 -27.53
C ASN C 167 13.03 -46.51 -26.06
N ASN C 168 14.11 -46.69 -25.26
CA ASN C 168 14.17 -46.33 -23.83
C ASN C 168 14.50 -44.87 -23.63
N SER C 169 13.66 -44.02 -24.15
CA SER C 169 13.89 -42.60 -24.01
C SER C 169 13.28 -42.13 -22.71
N TYR C 170 13.84 -41.02 -22.20
CA TYR C 170 13.40 -40.43 -20.95
C TYR C 170 13.24 -38.92 -20.96
N ARG C 171 12.46 -38.39 -20.04
CA ARG C 171 12.35 -36.95 -19.83
C ARG C 171 12.35 -36.68 -18.34
N LEU C 172 12.57 -35.44 -17.92
CA LEU C 172 12.51 -35.13 -16.49
C LEU C 172 11.06 -35.24 -16.04
N ILE C 173 10.86 -35.74 -14.82
CA ILE C 173 9.53 -35.99 -14.29
C ILE C 173 8.52 -34.85 -14.24
N ASN C 174 8.96 -33.62 -13.99
CA ASN C 174 7.96 -32.54 -13.96
C ASN C 174 7.89 -31.59 -15.18
N CYS C 175 8.61 -31.88 -16.30
CA CYS C 175 8.62 -30.97 -17.47
C CYS C 175 7.28 -30.88 -18.15
N ASN C 176 6.51 -31.94 -18.07
CA ASN C 176 5.22 -32.00 -18.71
C ASN C 176 4.20 -31.07 -18.07
N THR C 177 4.38 -30.72 -16.79
CA THR C 177 3.36 -29.90 -16.17
C THR C 177 3.78 -28.57 -15.57
N SER C 178 5.07 -28.34 -15.31
CA SER C 178 5.44 -27.12 -14.60
C SER C 178 6.85 -26.60 -14.90
N VAL C 179 7.14 -25.39 -14.45
CA VAL C 179 8.48 -24.86 -14.64
C VAL C 179 9.38 -25.29 -13.51
N ILE C 180 10.54 -25.81 -13.85
CA ILE C 180 11.46 -26.25 -12.84
C ILE C 180 12.55 -25.22 -12.68
N LYS C 181 12.80 -24.76 -11.46
CA LYS C 181 13.88 -23.78 -11.24
C LYS C 181 14.91 -24.34 -10.29
N GLN C 182 16.17 -23.98 -10.53
CA GLN C 182 17.27 -24.41 -9.67
C GLN C 182 17.35 -23.56 -8.45
N ALA C 183 17.50 -24.13 -7.28
CA ALA C 183 17.67 -23.26 -6.12
C ALA C 183 18.98 -22.51 -6.31
N CYS C 184 19.03 -21.20 -5.97
CA CYS C 184 20.21 -20.36 -6.11
C CYS C 184 21.40 -20.71 -5.19
N PRO C 185 22.61 -20.80 -5.73
CA PRO C 185 23.83 -20.96 -5.01
C PRO C 185 23.92 -19.76 -4.11
N LYS C 186 24.57 -19.93 -2.99
CA LYS C 186 24.78 -18.89 -1.98
C LYS C 186 23.50 -18.53 -1.24
N VAL C 187 22.45 -19.35 -1.34
CA VAL C 187 21.31 -19.14 -0.48
C VAL C 187 21.15 -20.41 0.34
N SER C 188 21.19 -20.28 1.65
CA SER C 188 21.03 -21.43 2.52
C SER C 188 19.61 -21.58 2.94
N PHE C 189 19.13 -22.79 3.06
CA PHE C 189 17.76 -22.97 3.51
C PHE C 189 17.71 -23.63 4.85
N GLU C 190 18.84 -23.58 5.56
CA GLU C 190 18.95 -24.16 6.88
C GLU C 190 17.95 -23.51 7.83
N PRO C 191 17.10 -24.27 8.52
CA PRO C 191 16.19 -23.77 9.51
C PRO C 191 16.96 -23.12 10.62
N ILE C 192 16.47 -22.02 11.13
CA ILE C 192 17.09 -21.32 12.23
C ILE C 192 15.95 -21.12 13.20
N PRO C 193 16.16 -20.93 14.49
CA PRO C 193 15.08 -20.64 15.39
C PRO C 193 14.53 -19.28 15.05
N ILE C 194 13.23 -19.15 14.99
CA ILE C 194 12.58 -17.89 14.75
C ILE C 194 11.58 -17.64 15.83
N HIS C 195 11.58 -16.44 16.38
CA HIS C 195 10.65 -16.12 17.44
C HIS C 195 9.57 -15.22 16.87
N TYR C 196 8.29 -15.45 17.18
CA TYR C 196 7.28 -14.48 16.74
C TYR C 196 7.04 -13.50 17.86
N CYS C 197 6.86 -12.21 17.52
CA CYS C 197 6.63 -11.11 18.45
C CYS C 197 5.35 -10.35 18.15
N ALA C 198 4.69 -9.90 19.21
CA ALA C 198 3.50 -9.11 19.04
C ALA C 198 3.82 -7.74 18.46
N PRO C 199 2.99 -7.19 17.59
CA PRO C 199 3.04 -5.81 17.16
C PRO C 199 2.68 -4.98 18.33
N ALA C 200 3.15 -3.77 18.36
CA ALA C 200 2.75 -2.94 19.44
C ALA C 200 1.23 -2.79 19.48
N GLY C 201 0.68 -2.83 20.68
CA GLY C 201 -0.76 -2.70 20.88
C GLY C 201 -1.41 -4.07 21.07
N PHE C 202 -0.61 -5.11 20.84
CA PHE C 202 -0.99 -6.51 20.96
C PHE C 202 -0.13 -7.22 21.97
N ALA C 203 -0.58 -8.39 22.37
CA ALA C 203 0.18 -9.19 23.30
C ALA C 203 -0.02 -10.65 23.02
N ILE C 204 0.93 -11.48 23.42
CA ILE C 204 0.75 -12.90 23.21
C ILE C 204 0.56 -13.58 24.55
N LEU C 205 -0.51 -14.34 24.67
CA LEU C 205 -0.74 -15.04 25.90
C LEU C 205 -0.21 -16.44 25.74
N LYS C 206 0.50 -16.90 26.74
CA LYS C 206 1.08 -18.23 26.71
C LYS C 206 0.41 -19.12 27.76
N CYS C 207 0.05 -20.36 27.34
CA CYS C 207 -0.54 -21.38 28.20
C CYS C 207 0.56 -22.21 28.85
N ASN C 208 0.65 -22.14 30.17
CA ASN C 208 1.63 -22.88 30.95
C ASN C 208 0.98 -23.96 31.76
N ASP C 209 -0.24 -24.29 31.43
CA ASP C 209 -0.89 -25.31 32.22
C ASP C 209 -0.30 -26.63 31.84
N LYS C 210 -0.42 -27.60 32.71
CA LYS C 210 0.15 -28.90 32.44
C LYS C 210 -0.87 -29.77 31.76
N LYS C 211 -0.42 -30.60 30.84
CA LYS C 211 -1.34 -31.52 30.20
C LYS C 211 -2.51 -30.73 29.63
N PHE C 212 -2.19 -29.62 28.97
CA PHE C 212 -3.20 -28.76 28.39
C PHE C 212 -4.13 -29.50 27.46
N ASN C 213 -3.55 -30.28 26.58
CA ASN C 213 -4.25 -31.11 25.60
C ASN C 213 -4.97 -30.37 24.49
N GLY C 214 -5.87 -29.46 24.79
CA GLY C 214 -6.51 -28.76 23.70
C GLY C 214 -7.93 -28.32 23.95
N THR C 215 -8.36 -27.44 23.04
CA THR C 215 -9.70 -26.86 22.97
C THR C 215 -10.35 -26.63 24.30
N GLY C 216 -9.83 -25.68 25.05
CA GLY C 216 -10.44 -25.46 26.34
C GLY C 216 -9.67 -24.54 27.25
N PRO C 217 -10.16 -24.35 28.47
CA PRO C 217 -9.62 -23.51 29.50
C PRO C 217 -8.22 -23.93 29.86
N CYS C 218 -7.37 -22.95 30.17
CA CYS C 218 -6.00 -23.05 30.62
C CYS C 218 -5.82 -22.10 31.78
N THR C 219 -5.20 -22.58 32.84
CA THR C 219 -4.90 -21.68 33.95
C THR C 219 -3.41 -21.35 33.86
N ASN C 220 -2.86 -20.54 34.80
CA ASN C 220 -1.46 -20.10 34.85
C ASN C 220 -1.04 -19.45 33.50
N VAL C 221 -1.91 -18.58 32.95
CA VAL C 221 -1.70 -17.87 31.70
C VAL C 221 -0.78 -16.69 31.97
N SER C 222 0.22 -16.56 31.14
CA SER C 222 1.18 -15.48 31.30
C SER C 222 1.27 -14.67 30.03
N THR C 223 1.76 -13.45 30.16
CA THR C 223 1.91 -12.62 29.00
C THR C 223 3.35 -12.48 28.60
N VAL C 224 3.59 -12.65 27.30
CA VAL C 224 4.91 -12.51 26.76
C VAL C 224 4.90 -11.59 25.57
N GLN C 225 6.07 -11.06 25.25
CA GLN C 225 6.22 -10.25 24.05
C GLN C 225 6.52 -11.08 22.81
N CYS C 226 7.34 -12.15 22.96
CA CYS C 226 7.81 -13.03 21.89
C CYS C 226 7.66 -14.48 22.34
N THR C 227 7.45 -15.36 21.37
CA THR C 227 7.35 -16.79 21.59
C THR C 227 8.72 -17.36 21.72
N HIS C 228 8.82 -18.62 22.12
CA HIS C 228 10.10 -19.27 22.15
C HIS C 228 10.50 -19.47 20.72
N GLY C 229 11.75 -19.82 20.46
CA GLY C 229 12.09 -20.00 19.07
C GLY C 229 11.53 -21.29 18.56
N ILE C 230 11.08 -21.27 17.32
CA ILE C 230 10.61 -22.45 16.63
C ILE C 230 11.45 -22.64 15.40
N ARG C 231 11.96 -23.83 15.20
CA ARG C 231 12.75 -24.09 14.03
C ARG C 231 11.78 -24.56 12.95
N PRO C 232 11.71 -23.90 11.78
CA PRO C 232 10.80 -24.22 10.70
C PRO C 232 11.31 -25.42 9.91
N VAL C 233 11.34 -26.55 10.57
CA VAL C 233 11.82 -27.79 10.00
C VAL C 233 10.66 -28.48 9.35
N VAL C 234 10.84 -28.93 8.13
CA VAL C 234 9.75 -29.57 7.42
C VAL C 234 9.99 -31.06 7.23
N SER C 235 8.99 -31.85 7.57
CA SER C 235 8.99 -33.30 7.43
C SER C 235 7.55 -33.76 7.28
N THR C 236 7.34 -35.02 6.92
CA THR C 236 5.99 -35.52 6.74
C THR C 236 5.46 -36.50 7.76
N GLN C 237 6.31 -37.15 8.53
CA GLN C 237 5.86 -38.17 9.47
C GLN C 237 6.43 -38.00 10.85
N LEU C 238 7.75 -38.02 10.91
CA LEU C 238 8.44 -37.87 12.17
C LEU C 238 8.88 -36.43 12.25
N LEU C 239 8.41 -35.74 13.27
CA LEU C 239 8.70 -34.34 13.49
C LEU C 239 10.12 -34.25 13.97
N LEU C 240 10.88 -33.33 13.40
CA LEU C 240 12.25 -33.23 13.83
C LEU C 240 12.60 -31.88 14.48
N ASN C 241 13.53 -31.96 15.45
CA ASN C 241 14.17 -30.89 16.22
C ASN C 241 13.17 -29.96 16.94
N GLY C 242 12.08 -30.51 17.49
CA GLY C 242 11.07 -29.76 18.21
C GLY C 242 11.28 -29.78 19.70
N SER C 243 10.30 -29.29 20.42
CA SER C 243 10.35 -29.25 21.85
C SER C 243 9.86 -30.56 22.42
N LEU C 244 10.23 -30.85 23.65
CA LEU C 244 9.75 -32.04 24.33
C LEU C 244 8.73 -31.75 25.38
N ALA C 245 7.87 -32.72 25.61
CA ALA C 245 6.90 -32.64 26.68
C ALA C 245 7.67 -32.68 27.99
N GLU C 246 7.27 -31.89 28.97
CA GLU C 246 8.02 -31.88 30.22
C GLU C 246 7.91 -33.12 31.11
N LYS C 247 6.74 -33.76 31.15
CA LYS C 247 6.57 -34.89 32.07
C LYS C 247 6.25 -36.25 31.48
N GLU C 248 5.49 -36.29 30.39
CA GLU C 248 5.04 -37.55 29.81
C GLU C 248 4.78 -37.39 28.34
N VAL C 249 4.61 -38.49 27.64
CA VAL C 249 4.22 -38.39 26.25
C VAL C 249 2.79 -37.85 26.21
N VAL C 250 2.55 -36.83 25.41
CA VAL C 250 1.23 -36.22 25.36
C VAL C 250 0.59 -36.35 24.01
N ILE C 251 -0.62 -36.86 24.02
CA ILE C 251 -1.33 -37.08 22.78
C ILE C 251 -2.47 -36.08 22.62
N ARG C 252 -2.44 -35.31 21.54
CA ARG C 252 -3.46 -34.29 21.34
C ARG C 252 -4.21 -34.46 20.03
N SER C 253 -5.51 -34.22 20.06
CA SER C 253 -6.33 -34.30 18.86
C SER C 253 -7.54 -33.43 18.98
N GLN C 254 -8.03 -32.95 17.85
CA GLN C 254 -9.24 -32.15 17.81
C GLN C 254 -10.43 -32.99 18.18
N ASN C 255 -10.38 -34.27 17.84
CA ASN C 255 -11.46 -35.20 18.06
C ASN C 255 -10.92 -36.61 17.97
N PHE C 256 -11.00 -37.39 19.04
CA PHE C 256 -10.42 -38.74 18.98
C PHE C 256 -11.38 -39.81 18.50
N THR C 257 -12.63 -39.43 18.22
CA THR C 257 -13.62 -40.39 17.73
C THR C 257 -13.82 -40.15 16.25
N ASN C 258 -13.44 -38.98 15.79
CA ASN C 258 -13.52 -38.65 14.40
C ASN C 258 -12.25 -39.21 13.78
N ASN C 259 -12.38 -40.25 12.99
CA ASN C 259 -11.23 -40.99 12.53
C ASN C 259 -10.50 -40.26 11.40
N ALA C 260 -11.04 -39.13 10.97
CA ALA C 260 -10.41 -38.34 9.93
C ALA C 260 -9.39 -37.36 10.50
N LYS C 261 -9.28 -37.26 11.83
CA LYS C 261 -8.36 -36.29 12.42
C LYS C 261 -6.98 -36.84 12.71
N VAL C 262 -5.99 -35.95 12.61
CA VAL C 262 -4.61 -36.26 12.92
C VAL C 262 -4.34 -36.12 14.39
N ILE C 263 -3.64 -37.10 14.92
CA ILE C 263 -3.25 -37.12 16.29
C ILE C 263 -1.80 -36.68 16.37
N ILE C 264 -1.54 -35.66 17.16
CA ILE C 264 -0.18 -35.17 17.30
C ILE C 264 0.40 -35.73 18.56
N VAL C 265 1.50 -36.46 18.43
CA VAL C 265 2.09 -37.05 19.61
C VAL C 265 3.40 -36.40 19.93
N GLN C 266 3.49 -35.81 21.12
CA GLN C 266 4.71 -35.17 21.56
C GLN C 266 5.44 -36.07 22.52
N LEU C 267 6.72 -36.24 22.31
CA LEU C 267 7.49 -37.12 23.17
C LEU C 267 8.13 -36.32 24.29
N ASN C 268 8.43 -36.97 25.45
CA ASN C 268 9.13 -36.34 26.59
C ASN C 268 10.66 -36.60 26.57
N GLU C 269 11.17 -37.35 25.57
CA GLU C 269 12.58 -37.71 25.37
C GLU C 269 12.81 -37.75 23.88
N SER C 270 13.92 -37.21 23.41
CA SER C 270 14.21 -37.26 21.98
C SER C 270 14.81 -38.59 21.59
N VAL C 271 14.38 -39.11 20.45
CA VAL C 271 15.03 -40.30 19.93
C VAL C 271 16.05 -39.82 18.94
N VAL C 272 17.28 -40.23 19.10
CA VAL C 272 18.29 -39.71 18.20
C VAL C 272 18.34 -40.50 16.93
N ILE C 273 18.27 -39.79 15.82
CA ILE C 273 18.34 -40.38 14.49
C ILE C 273 19.53 -39.81 13.73
N ASN C 274 20.33 -40.69 13.10
CA ASN C 274 21.46 -40.33 12.24
C ASN C 274 21.10 -40.69 10.81
N CYS C 275 21.67 -39.98 9.80
CA CYS C 275 21.41 -40.39 8.42
C CYS C 275 22.50 -39.87 7.48
N THR C 276 22.78 -40.66 6.46
CA THR C 276 23.79 -40.26 5.49
C THR C 276 23.56 -40.70 4.07
N ARG C 277 24.15 -39.96 3.16
CA ARG C 277 24.18 -40.29 1.75
C ARG C 277 25.65 -40.35 1.34
N PRO C 278 26.31 -41.51 1.48
CA PRO C 278 27.72 -41.76 1.35
C PRO C 278 28.33 -41.67 -0.04
N ASN C 279 27.55 -41.70 -1.11
CA ASN C 279 28.20 -41.69 -2.39
C ASN C 279 29.07 -40.44 -2.51
N ASN C 280 30.34 -40.61 -2.95
CA ASN C 280 31.31 -39.52 -3.07
C ASN C 280 31.16 -38.80 -4.41
N ASN C 281 30.10 -37.99 -4.51
CA ASN C 281 29.71 -37.24 -5.70
C ASN C 281 30.65 -36.10 -6.04
N THR C 282 30.96 -35.97 -7.32
CA THR C 282 31.74 -34.84 -7.82
C THR C 282 30.86 -34.09 -8.81
N ARG C 283 30.76 -32.78 -8.58
CA ARG C 283 29.89 -31.88 -9.32
C ARG C 283 30.42 -31.37 -10.66
N LYS C 284 29.50 -31.28 -11.63
CA LYS C 284 29.73 -30.75 -12.97
C LYS C 284 28.87 -29.51 -13.21
N SER C 285 29.37 -28.58 -14.03
CA SER C 285 28.62 -27.36 -14.30
C SER C 285 28.43 -27.10 -15.79
N ILE C 286 27.17 -27.00 -16.18
CA ILE C 286 26.72 -26.82 -17.57
C ILE C 286 26.31 -25.39 -17.87
N HIS C 287 26.86 -24.83 -18.94
CA HIS C 287 26.56 -23.43 -19.28
C HIS C 287 25.23 -23.35 -20.02
N ILE C 288 24.17 -23.40 -19.23
CA ILE C 288 22.79 -23.41 -19.67
C ILE C 288 22.32 -22.07 -20.24
N ALA C 289 22.80 -20.96 -19.68
CA ALA C 289 22.39 -19.65 -20.17
C ALA C 289 23.56 -18.70 -19.98
N PRO C 290 23.67 -17.60 -20.73
CA PRO C 290 24.78 -16.65 -20.62
C PRO C 290 25.16 -16.32 -19.19
N GLY C 291 24.16 -15.93 -18.39
CA GLY C 291 24.41 -15.53 -17.01
C GLY C 291 24.13 -16.61 -15.97
N ARG C 292 23.90 -17.86 -16.40
CA ARG C 292 23.53 -18.89 -15.44
C ARG C 292 24.14 -20.26 -15.68
N TRP C 293 24.48 -20.91 -14.58
CA TRP C 293 24.99 -22.25 -14.65
C TRP C 293 24.08 -23.25 -13.98
N PHE C 294 24.01 -24.41 -14.58
CA PHE C 294 23.26 -25.55 -14.10
C PHE C 294 24.15 -26.58 -13.46
N TYR C 295 23.80 -27.02 -12.25
CA TYR C 295 24.66 -27.96 -11.54
C TYR C 295 24.08 -29.35 -11.37
N THR C 296 24.84 -30.35 -11.79
CA THR C 296 24.45 -31.76 -11.66
C THR C 296 25.60 -32.60 -11.20
N THR C 297 25.32 -33.82 -10.78
CA THR C 297 26.39 -34.72 -10.44
C THR C 297 27.03 -35.14 -11.74
N GLY C 298 28.36 -35.00 -11.82
CA GLY C 298 29.08 -35.36 -13.03
C GLY C 298 29.49 -36.80 -13.00
N ALA C 299 29.99 -37.20 -11.85
CA ALA C 299 30.50 -38.53 -11.67
C ALA C 299 30.47 -38.89 -10.21
N ILE C 300 30.54 -40.18 -9.95
CA ILE C 300 30.62 -40.63 -8.57
C ILE C 300 31.89 -41.43 -8.42
N ILE C 301 32.69 -41.06 -7.42
CA ILE C 301 33.94 -41.71 -7.15
C ILE C 301 33.76 -42.80 -6.12
N GLY C 302 34.24 -43.99 -6.43
CA GLY C 302 34.11 -45.09 -5.49
C GLY C 302 32.80 -45.84 -5.66
N ASP C 303 32.50 -46.65 -4.65
CA ASP C 303 31.37 -47.55 -4.65
C ASP C 303 30.04 -46.88 -4.41
N ILE C 304 28.98 -47.52 -4.88
CA ILE C 304 27.64 -47.03 -4.68
C ILE C 304 26.98 -47.71 -3.49
N ARG C 305 26.43 -46.90 -2.60
CA ARG C 305 25.75 -47.36 -1.40
C ARG C 305 24.44 -46.63 -1.19
N GLN C 306 23.51 -47.26 -0.48
CA GLN C 306 22.24 -46.63 -0.20
C GLN C 306 22.35 -45.58 0.87
N ALA C 307 21.52 -44.55 0.74
CA ALA C 307 21.49 -43.47 1.71
C ALA C 307 20.69 -43.84 2.94
N HIS C 308 21.20 -44.75 3.71
CA HIS C 308 20.49 -45.25 4.86
C HIS C 308 20.53 -44.34 6.10
N CYS C 309 19.50 -44.50 6.98
CA CYS C 309 19.36 -43.85 8.30
C CYS C 309 19.47 -44.91 9.40
N ASN C 310 19.88 -44.48 10.59
CA ASN C 310 20.08 -45.35 11.74
C ASN C 310 19.38 -44.81 13.00
N ILE C 311 18.44 -45.62 13.54
CA ILE C 311 17.62 -45.35 14.75
C ILE C 311 17.94 -46.37 15.84
N SER C 312 18.22 -45.92 17.06
CA SER C 312 18.51 -46.89 18.10
C SER C 312 17.29 -47.74 18.35
N ARG C 313 17.45 -49.06 18.32
CA ARG C 313 16.31 -49.94 18.46
C ARG C 313 15.64 -49.83 19.79
N VAL C 314 16.43 -49.69 20.83
CA VAL C 314 15.88 -49.67 22.15
C VAL C 314 15.07 -48.43 22.41
N LYS C 315 15.58 -47.28 22.01
CA LYS C 315 14.84 -46.08 22.28
C LYS C 315 13.58 -46.05 21.47
N TRP C 316 13.65 -46.53 20.23
CA TRP C 316 12.47 -46.51 19.42
C TRP C 316 11.39 -47.41 19.97
N ASN C 317 11.77 -48.64 20.35
CA ASN C 317 10.79 -49.57 20.85
C ASN C 317 10.18 -49.07 22.14
N ASN C 318 10.98 -48.44 23.00
CA ASN C 318 10.44 -47.95 24.24
C ASN C 318 9.51 -46.78 23.99
N THR C 319 9.81 -45.99 22.98
CA THR C 319 8.96 -44.86 22.66
C THR C 319 7.60 -45.35 22.22
N LEU C 320 7.55 -46.37 21.36
CA LEU C 320 6.25 -46.86 20.93
C LEU C 320 5.48 -47.44 22.09
N LYS C 321 6.18 -48.09 23.02
CA LYS C 321 5.53 -48.66 24.19
C LYS C 321 4.80 -47.57 24.96
N GLN C 322 5.48 -46.44 25.17
CA GLN C 322 4.88 -45.33 25.89
C GLN C 322 3.73 -44.70 25.14
N ILE C 323 3.83 -44.61 23.82
CA ILE C 323 2.75 -44.02 23.06
C ILE C 323 1.54 -44.91 23.17
N ALA C 324 1.73 -46.22 23.01
CA ALA C 324 0.61 -47.14 23.10
C ALA C 324 -0.02 -47.07 24.47
N THR C 325 0.78 -46.88 25.52
CA THR C 325 0.21 -46.80 26.85
C THR C 325 -0.72 -45.60 26.94
N LYS C 326 -0.26 -44.46 26.46
CA LYS C 326 -1.08 -43.27 26.54
C LYS C 326 -2.29 -43.38 25.63
N LEU C 327 -2.16 -44.02 24.48
CA LEU C 327 -3.30 -44.20 23.62
C LEU C 327 -4.32 -45.11 24.31
N ARG C 328 -3.88 -46.13 25.05
CA ARG C 328 -4.82 -46.99 25.74
C ARG C 328 -5.62 -46.21 26.76
N GLU C 329 -5.03 -45.21 27.40
CA GLU C 329 -5.80 -44.40 28.34
C GLU C 329 -6.84 -43.52 27.62
N GLN C 330 -6.46 -42.95 26.46
CA GLN C 330 -7.36 -42.10 25.66
C GLN C 330 -8.51 -42.82 24.96
N PHE C 331 -8.25 -44.02 24.53
CA PHE C 331 -9.16 -44.87 23.78
C PHE C 331 -9.67 -45.97 24.67
N LYS C 332 -10.49 -46.85 24.12
CA LYS C 332 -10.92 -47.95 24.96
C LYS C 332 -9.66 -48.69 25.34
N ASN C 333 -9.58 -49.17 26.58
CA ASN C 333 -8.37 -49.85 27.03
C ASN C 333 -8.29 -51.26 26.46
N LYS C 334 -7.91 -51.30 25.19
CA LYS C 334 -7.80 -52.48 24.37
C LYS C 334 -6.45 -52.47 23.67
N THR C 335 -6.12 -53.58 23.03
CA THR C 335 -4.87 -53.76 22.30
C THR C 335 -4.64 -52.71 21.21
N ILE C 336 -3.40 -52.22 21.13
CA ILE C 336 -3.00 -51.23 20.12
C ILE C 336 -1.94 -51.71 19.19
N ALA C 337 -2.11 -51.44 17.92
CA ALA C 337 -1.07 -51.84 16.99
C ALA C 337 -0.66 -50.70 16.12
N PHE C 338 0.60 -50.69 15.78
CA PHE C 338 1.11 -49.69 14.88
C PHE C 338 1.46 -50.43 13.60
N ASN C 339 0.91 -49.96 12.47
CA ASN C 339 1.12 -50.50 11.13
C ASN C 339 1.89 -49.48 10.28
N GLN C 340 2.25 -49.86 9.04
CA GLN C 340 3.03 -49.06 8.12
C GLN C 340 2.24 -48.04 7.34
N SER C 341 2.94 -47.28 6.53
CA SER C 341 2.33 -46.26 5.71
C SER C 341 1.34 -46.84 4.73
N SER C 342 0.29 -46.09 4.46
CA SER C 342 -0.70 -46.49 3.48
C SER C 342 -0.70 -45.51 2.31
N GLY C 343 -1.19 -45.96 1.16
CA GLY C 343 -1.24 -45.11 -0.03
C GLY C 343 0.00 -45.31 -0.88
N GLY C 344 0.02 -44.74 -2.08
CA GLY C 344 1.18 -44.88 -2.98
C GLY C 344 1.93 -43.57 -3.25
N ASP C 345 1.57 -42.51 -2.53
CA ASP C 345 2.15 -41.17 -2.72
C ASP C 345 3.41 -40.94 -1.89
N PRO C 346 4.62 -40.81 -2.50
CA PRO C 346 5.92 -40.66 -1.84
C PRO C 346 5.98 -39.59 -0.77
N GLU C 347 5.18 -38.52 -0.88
CA GLU C 347 5.27 -37.47 0.13
C GLU C 347 4.45 -37.79 1.36
N ILE C 348 3.70 -38.87 1.28
CA ILE C 348 2.88 -39.30 2.37
C ILE C 348 3.48 -40.54 2.98
N VAL C 349 3.89 -41.48 2.12
CA VAL C 349 4.38 -42.76 2.58
C VAL C 349 5.80 -42.70 3.13
N MET C 350 6.65 -41.82 2.62
CA MET C 350 8.01 -41.65 3.11
C MET C 350 8.17 -40.38 3.95
N HIS C 351 9.25 -40.36 4.74
CA HIS C 351 9.62 -39.30 5.68
C HIS C 351 9.85 -37.88 5.05
N SER C 352 10.45 -37.82 3.87
CA SER C 352 10.72 -36.57 3.14
C SER C 352 11.42 -35.42 3.89
N PHE C 353 12.52 -35.68 4.58
CA PHE C 353 13.18 -34.56 5.27
C PHE C 353 14.34 -33.96 4.48
N ASN C 354 14.63 -32.71 4.78
CA ASN C 354 15.70 -31.94 4.15
C ASN C 354 17.00 -31.93 5.01
N CYS C 355 18.05 -32.65 4.55
CA CYS C 355 19.35 -32.85 5.19
C CYS C 355 20.46 -32.16 4.40
N GLY C 356 20.99 -31.08 4.93
CA GLY C 356 21.95 -30.35 4.12
C GLY C 356 21.20 -29.84 2.90
N GLY C 357 21.72 -30.14 1.71
CA GLY C 357 21.07 -29.71 0.48
C GLY C 357 20.26 -30.81 -0.20
N GLU C 358 20.08 -31.96 0.45
CA GLU C 358 19.40 -33.07 -0.17
C GLU C 358 18.06 -33.44 0.41
N PHE C 359 17.23 -34.00 -0.43
CA PHE C 359 15.93 -34.45 0.00
C PHE C 359 15.87 -35.95 0.08
N PHE C 360 15.69 -36.43 1.30
CA PHE C 360 15.66 -37.83 1.59
C PHE C 360 14.26 -38.33 1.67
N TYR C 361 14.01 -39.43 1.04
CA TYR C 361 12.74 -40.09 1.08
C TYR C 361 12.93 -41.45 1.68
N CYS C 362 12.81 -41.52 3.01
CA CYS C 362 13.12 -42.69 3.81
C CYS C 362 11.91 -43.56 4.07
N ASN C 363 12.18 -44.84 3.95
CA ASN C 363 11.23 -45.92 4.14
C ASN C 363 11.12 -46.24 5.63
N THR C 364 9.96 -45.91 6.22
CA THR C 364 9.63 -46.03 7.62
C THR C 364 8.75 -47.21 7.90
N THR C 365 8.59 -48.14 6.94
CA THR C 365 7.71 -49.30 7.19
C THR C 365 8.43 -50.29 8.08
N GLN C 366 9.72 -50.04 8.28
CA GLN C 366 10.58 -50.80 9.15
C GLN C 366 10.14 -50.59 10.60
N LEU C 367 9.59 -49.42 10.83
CA LEU C 367 9.14 -48.91 12.10
C LEU C 367 7.65 -49.15 12.12
N PHE C 368 6.99 -49.07 13.27
CA PHE C 368 5.53 -49.21 13.27
C PHE C 368 5.08 -50.54 12.71
N ASN C 369 5.67 -51.60 13.20
CA ASN C 369 5.33 -52.93 12.77
C ASN C 369 5.21 -53.83 13.99
N SER C 370 4.33 -53.44 14.90
CA SER C 370 4.20 -54.19 16.14
C SER C 370 2.86 -54.03 16.83
N THR C 371 2.54 -54.97 17.71
CA THR C 371 1.31 -54.91 18.49
C THR C 371 1.62 -54.89 19.98
N TRP C 372 1.01 -53.94 20.66
CA TRP C 372 1.18 -53.74 22.08
C TRP C 372 -0.01 -54.25 22.87
N ASN C 373 0.21 -55.33 23.61
CA ASN C 373 -0.82 -56.00 24.39
C ASN C 373 -0.28 -56.35 25.77
N ASP C 374 -0.58 -55.51 26.79
CA ASP C 374 -0.10 -55.59 28.18
C ASP C 374 -0.67 -54.39 28.93
N HIS C 385 20.86 -51.95 15.90
CA HIS C 385 20.28 -50.72 15.42
C HIS C 385 19.24 -51.05 14.33
N ILE C 386 18.31 -50.11 14.06
CA ILE C 386 17.30 -50.20 13.00
C ILE C 386 17.77 -49.42 11.80
N THR C 387 17.86 -50.06 10.65
CA THR C 387 18.32 -49.37 9.46
C THR C 387 17.18 -49.10 8.50
N LEU C 388 17.04 -47.85 8.09
CA LEU C 388 16.00 -47.48 7.15
C LEU C 388 16.64 -47.17 5.80
N PRO C 389 16.28 -47.82 4.69
CA PRO C 389 16.78 -47.49 3.38
C PRO C 389 16.09 -46.20 2.98
N CYS C 390 16.71 -45.36 2.13
CA CYS C 390 16.12 -44.11 1.64
C CYS C 390 16.52 -43.88 0.19
N ARG C 391 15.77 -43.03 -0.47
CA ARG C 391 16.06 -42.60 -1.82
C ARG C 391 16.36 -41.12 -1.85
N ILE C 392 17.08 -40.68 -2.85
CA ILE C 392 17.37 -39.27 -3.01
C ILE C 392 16.66 -38.71 -4.21
N LYS C 393 15.96 -37.60 -4.02
CA LYS C 393 15.22 -37.01 -5.15
C LYS C 393 15.60 -35.56 -5.29
N GLN C 394 15.85 -35.10 -6.52
CA GLN C 394 16.25 -33.73 -6.74
C GLN C 394 15.15 -32.77 -7.18
N ILE C 395 14.07 -33.24 -7.81
CA ILE C 395 13.05 -32.28 -8.24
C ILE C 395 11.86 -32.40 -7.31
N ILE C 396 11.64 -31.35 -6.54
CA ILE C 396 10.67 -31.39 -5.47
C ILE C 396 9.42 -30.54 -5.69
N ASN C 397 8.25 -31.17 -5.57
CA ASN C 397 6.99 -30.43 -5.67
C ASN C 397 6.65 -29.92 -4.29
N MET C 398 7.46 -28.98 -3.89
CA MET C 398 7.48 -28.42 -2.58
C MET C 398 6.16 -27.71 -2.35
N TRP C 399 5.59 -27.94 -1.18
CA TRP C 399 4.31 -27.38 -0.73
C TRP C 399 3.14 -27.76 -1.63
N GLN C 400 3.35 -28.76 -2.48
CA GLN C 400 2.34 -29.28 -3.38
C GLN C 400 1.79 -28.22 -4.31
N LYS C 401 2.64 -27.29 -4.74
CA LYS C 401 2.21 -26.30 -5.70
C LYS C 401 2.43 -26.93 -7.04
N VAL C 402 1.66 -26.52 -8.05
CA VAL C 402 1.87 -27.11 -9.35
C VAL C 402 2.43 -26.17 -10.40
N GLY C 403 2.49 -24.87 -10.12
CA GLY C 403 3.04 -23.95 -11.10
C GLY C 403 4.53 -24.18 -11.36
N LYS C 404 5.25 -24.56 -10.31
CA LYS C 404 6.68 -24.77 -10.40
C LYS C 404 7.19 -25.86 -9.49
N ALA C 405 8.35 -26.39 -9.82
CA ALA C 405 9.06 -27.37 -9.00
C ALA C 405 10.46 -26.87 -8.70
N MET C 406 11.00 -27.28 -7.57
CA MET C 406 12.34 -26.85 -7.21
C MET C 406 13.40 -27.91 -7.45
N TYR C 407 14.54 -27.51 -8.00
CA TYR C 407 15.63 -28.44 -8.21
C TYR C 407 16.78 -28.24 -7.23
N ALA C 408 17.18 -29.34 -6.59
CA ALA C 408 18.25 -29.36 -5.61
C ALA C 408 19.60 -29.80 -6.20
N PRO C 409 20.61 -28.92 -6.29
CA PRO C 409 21.93 -29.20 -6.81
C PRO C 409 22.63 -30.17 -5.88
N PRO C 410 23.64 -30.91 -6.35
CA PRO C 410 24.53 -31.79 -5.60
C PRO C 410 25.35 -31.01 -4.60
N ILE C 411 25.78 -31.68 -3.55
CA ILE C 411 26.58 -31.08 -2.49
C ILE C 411 27.93 -31.73 -2.21
N ARG C 412 28.53 -32.31 -3.24
CA ARG C 412 29.87 -32.96 -3.23
C ARG C 412 30.12 -34.22 -2.39
N GLY C 413 29.11 -35.02 -2.12
CA GLY C 413 29.34 -36.30 -1.47
C GLY C 413 29.40 -36.33 0.05
N GLN C 414 29.25 -37.54 0.59
CA GLN C 414 29.39 -37.76 2.04
C GLN C 414 28.62 -36.80 2.91
N ILE C 415 27.33 -36.71 2.69
CA ILE C 415 26.55 -35.82 3.53
C ILE C 415 26.03 -36.52 4.74
N ARG C 416 26.37 -35.97 5.88
CA ARG C 416 25.97 -36.51 7.17
C ARG C 416 25.26 -35.45 7.98
N CYS C 417 24.16 -35.85 8.64
CA CYS C 417 23.40 -35.02 9.54
C CYS C 417 22.81 -35.93 10.58
N SER C 418 22.30 -35.31 11.62
CA SER C 418 21.62 -36.02 12.68
C SER C 418 20.55 -35.11 13.14
N SER C 419 19.57 -35.66 13.80
CA SER C 419 18.47 -34.88 14.29
C SER C 419 17.78 -35.58 15.44
N ASN C 420 16.90 -34.83 16.14
CA ASN C 420 16.08 -35.32 17.25
C ASN C 420 14.64 -35.59 16.79
N ILE C 421 14.11 -36.82 17.04
CA ILE C 421 12.71 -37.16 16.77
C ILE C 421 11.99 -36.74 18.02
N THR C 422 11.10 -35.78 17.88
CA THR C 422 10.43 -35.20 19.01
C THR C 422 8.93 -35.44 19.02
N GLY C 423 8.44 -36.05 17.97
CA GLY C 423 7.02 -36.30 17.88
C GLY C 423 6.63 -36.93 16.57
N LEU C 424 5.41 -37.43 16.53
CA LEU C 424 4.86 -38.11 15.39
C LEU C 424 3.50 -37.61 14.93
N LEU C 425 3.26 -37.68 13.63
CA LEU C 425 1.90 -37.41 13.15
C LEU C 425 1.26 -38.75 12.78
N LEU C 426 0.24 -39.13 13.54
CA LEU C 426 -0.43 -40.42 13.36
C LEU C 426 -1.93 -40.32 13.13
N THR C 427 -2.50 -41.29 12.44
CA THR C 427 -3.96 -41.37 12.36
C THR C 427 -4.41 -42.75 12.78
N ARG C 428 -5.61 -42.84 13.33
CA ARG C 428 -6.18 -44.14 13.64
C ARG C 428 -6.86 -44.58 12.37
N ASP C 429 -6.81 -45.88 12.06
CA ASP C 429 -7.48 -46.35 10.85
C ASP C 429 -8.99 -46.40 10.97
N GLY C 430 -9.51 -46.67 12.16
CA GLY C 430 -10.94 -46.82 12.26
C GLY C 430 -11.33 -48.00 11.39
N GLY C 431 -12.29 -47.80 10.50
CA GLY C 431 -12.74 -48.87 9.62
C GLY C 431 -14.21 -48.75 9.32
N SER C 432 -14.74 -49.74 8.63
CA SER C 432 -16.14 -49.80 8.25
C SER C 432 -16.94 -50.25 9.46
N ASN C 433 -18.26 -50.16 9.38
CA ASN C 433 -19.08 -50.54 10.53
C ASN C 433 -19.33 -52.05 10.62
N GLU C 434 -18.27 -52.76 10.98
CA GLU C 434 -18.29 -54.20 11.12
C GLU C 434 -18.82 -54.56 12.50
N ASN C 435 -19.33 -55.77 12.64
CA ASN C 435 -19.95 -56.20 13.89
C ASN C 435 -19.01 -56.66 14.99
N LYS C 436 -18.28 -55.70 15.56
CA LYS C 436 -17.33 -55.95 16.64
C LYS C 436 -16.33 -57.02 16.27
N THR C 437 -15.72 -56.86 15.11
CA THR C 437 -14.78 -57.80 14.54
C THR C 437 -13.33 -57.53 14.94
N SER C 438 -13.11 -56.46 15.70
CA SER C 438 -11.76 -56.12 16.12
C SER C 438 -11.70 -55.56 17.52
N GLU C 439 -10.74 -56.08 18.27
CA GLU C 439 -10.44 -55.65 19.63
C GLU C 439 -9.13 -54.87 19.64
N THR C 440 -8.62 -54.55 18.46
CA THR C 440 -7.36 -53.83 18.35
C THR C 440 -7.52 -52.54 17.57
N GLU C 441 -6.99 -51.46 18.11
CA GLU C 441 -7.04 -50.20 17.39
C GLU C 441 -5.72 -50.04 16.66
N THR C 442 -5.79 -49.97 15.34
CA THR C 442 -4.59 -49.87 14.54
C THR C 442 -4.37 -48.45 14.07
N PHE C 443 -3.15 -47.97 14.28
CA PHE C 443 -2.72 -46.64 13.92
C PHE C 443 -1.63 -46.72 12.87
N ARG C 444 -1.56 -45.70 12.03
CA ARG C 444 -0.51 -45.61 11.01
C ARG C 444 0.13 -44.23 10.95
N PRO C 445 1.37 -44.12 10.47
CA PRO C 445 2.03 -42.88 10.15
C PRO C 445 1.18 -42.16 9.16
N ALA C 446 1.16 -40.87 9.25
CA ALA C 446 0.35 -40.05 8.37
C ALA C 446 1.11 -38.81 8.04
N GLY C 447 0.70 -38.11 7.00
CA GLY C 447 1.37 -36.88 6.63
C GLY C 447 0.53 -36.10 5.67
N GLY C 448 1.09 -35.00 5.17
CA GLY C 448 0.39 -34.08 4.29
C GLY C 448 0.10 -32.82 5.07
N ASP C 449 -0.31 -31.75 4.37
CA ASP C 449 -0.62 -30.41 4.92
C ASP C 449 0.57 -29.61 5.45
N MET C 450 1.35 -30.25 6.32
CA MET C 450 2.54 -29.70 6.95
C MET C 450 2.22 -28.51 7.80
N ARG C 451 1.06 -28.54 8.45
CA ARG C 451 0.68 -27.47 9.34
C ARG C 451 0.87 -27.92 10.75
N ASP C 452 0.87 -29.24 10.96
CA ASP C 452 0.95 -29.80 12.29
C ASP C 452 2.39 -29.79 12.74
N ASN C 453 3.25 -29.50 11.78
CA ASN C 453 4.66 -29.37 12.00
C ASN C 453 4.92 -28.13 12.84
N TRP C 454 3.98 -27.20 12.82
CA TRP C 454 4.09 -25.97 13.52
C TRP C 454 3.10 -25.96 14.66
N ARG C 455 1.88 -26.43 14.41
CA ARG C 455 0.86 -26.43 15.43
C ARG C 455 1.31 -27.15 16.68
N SER C 456 2.08 -28.22 16.53
CA SER C 456 2.53 -29.00 17.67
C SER C 456 3.38 -28.22 18.67
N GLU C 457 3.94 -27.08 18.25
CA GLU C 457 4.73 -26.24 19.15
C GLU C 457 4.14 -24.86 19.38
N LEU C 458 3.45 -24.36 18.37
CA LEU C 458 2.94 -23.02 18.40
C LEU C 458 1.62 -22.90 19.16
N TYR C 459 0.93 -24.01 19.37
CA TYR C 459 -0.35 -24.04 20.08
C TYR C 459 -0.41 -23.36 21.43
N LYS C 460 0.72 -23.22 22.12
CA LYS C 460 0.70 -22.62 23.43
C LYS C 460 0.45 -21.13 23.37
N TYR C 461 0.57 -20.54 22.18
CA TYR C 461 0.43 -19.11 22.07
C TYR C 461 -0.87 -18.64 21.43
N LYS C 462 -1.43 -17.58 22.01
CA LYS C 462 -2.65 -16.95 21.50
C LYS C 462 -2.46 -15.44 21.37
N VAL C 463 -3.01 -14.85 20.32
CA VAL C 463 -2.90 -13.40 20.15
C VAL C 463 -4.15 -12.64 20.56
N VAL C 464 -3.93 -11.61 21.38
CA VAL C 464 -5.01 -10.76 21.81
C VAL C 464 -4.62 -9.32 21.55
N LYS C 465 -5.59 -8.42 21.52
CA LYS C 465 -5.33 -6.99 21.37
C LYS C 465 -5.69 -6.32 22.66
N ILE C 466 -5.02 -5.22 22.94
CA ILE C 466 -5.34 -4.52 24.17
C ILE C 466 -6.21 -3.33 23.85
N GLU C 467 -7.32 -3.19 24.56
CA GLU C 467 -8.22 -2.07 24.34
C GLU C 467 -8.48 -1.38 25.65
N PRO C 468 -7.55 -0.57 26.13
CA PRO C 468 -7.54 -0.02 27.46
C PRO C 468 -8.47 1.16 27.63
N LEU C 469 -9.74 0.98 27.35
CA LEU C 469 -10.69 2.04 27.51
C LEU C 469 -12.05 1.49 27.83
N GLY C 470 -12.64 1.98 28.90
CA GLY C 470 -13.98 1.51 29.25
C GLY C 470 -14.60 2.36 30.33
N VAL C 471 -15.81 1.98 30.73
CA VAL C 471 -16.53 2.76 31.71
C VAL C 471 -17.04 1.90 32.82
N ALA C 472 -17.38 2.55 33.92
CA ALA C 472 -18.02 1.87 35.02
C ALA C 472 -18.85 2.87 35.85
N PRO C 473 -19.90 2.39 36.54
CA PRO C 473 -20.72 3.12 37.49
C PRO C 473 -19.96 3.65 38.68
N THR C 474 -20.37 4.83 39.12
CA THR C 474 -19.86 5.47 40.32
C THR C 474 -20.84 6.51 40.86
N LYS C 475 -20.39 7.21 41.90
CA LYS C 475 -21.13 8.34 42.44
C LYS C 475 -20.49 9.61 41.86
N CYS C 476 -21.21 10.33 40.96
CA CYS C 476 -20.73 11.48 40.19
C CYS C 476 -21.81 12.50 39.86
N LYS C 477 -21.30 13.61 39.35
CA LYS C 477 -22.02 14.76 38.88
C LYS C 477 -23.37 14.40 38.28
N LEU D 13 2.38 -5.13 33.97
CA LEU D 13 1.10 -5.07 33.25
C LEU D 13 0.19 -6.29 33.55
N GLY D 14 0.24 -6.76 34.82
CA GLY D 14 -0.49 -7.89 35.36
C GLY D 14 -1.70 -7.43 36.13
N ALA D 15 -2.09 -8.22 37.13
CA ALA D 15 -3.29 -8.00 37.96
C ALA D 15 -4.54 -7.99 37.10
N ALA D 16 -4.49 -8.67 35.98
CA ALA D 16 -5.62 -8.77 35.08
C ALA D 16 -6.81 -9.43 35.74
N GLY D 17 -6.56 -10.38 36.63
CA GLY D 17 -7.63 -11.09 37.30
C GLY D 17 -8.04 -10.41 38.61
N SER D 18 -7.47 -9.25 38.90
CA SER D 18 -7.76 -8.56 40.13
C SER D 18 -9.05 -7.82 39.96
N THR D 19 -9.63 -7.38 41.05
CA THR D 19 -10.90 -6.71 40.92
C THR D 19 -10.71 -5.35 40.32
N MET D 20 -11.83 -4.77 39.87
CA MET D 20 -11.79 -3.45 39.26
C MET D 20 -11.20 -2.45 40.21
N GLY D 21 -11.56 -2.52 41.47
CA GLY D 21 -11.02 -1.58 42.45
C GLY D 21 -9.53 -1.74 42.52
N ALA D 22 -9.07 -2.95 42.69
CA ALA D 22 -7.65 -3.17 42.83
C ALA D 22 -6.82 -2.77 41.61
N ALA D 23 -7.36 -3.03 40.43
CA ALA D 23 -6.69 -2.74 39.18
C ALA D 23 -6.71 -1.27 38.85
N SER D 24 -7.78 -0.57 39.19
CA SER D 24 -7.86 0.85 38.91
C SER D 24 -7.09 1.67 39.92
N MET D 25 -6.85 1.07 41.08
CA MET D 25 -6.04 1.82 42.06
C MET D 25 -4.70 1.99 41.39
N THR D 26 -4.24 3.22 41.41
CA THR D 26 -2.97 3.51 40.77
C THR D 26 -2.99 3.10 39.29
N LEU D 27 -4.15 3.33 38.63
CA LEU D 27 -4.35 3.06 37.22
C LEU D 27 -3.34 3.85 36.46
N THR D 28 -3.08 5.04 36.93
CA THR D 28 -2.18 5.96 36.30
C THR D 28 -0.80 5.38 36.07
N VAL D 29 -0.25 4.65 37.03
CA VAL D 29 1.12 4.18 36.79
C VAL D 29 1.11 3.13 35.71
N GLN D 30 0.13 2.24 35.79
CA GLN D 30 0.02 1.16 34.83
C GLN D 30 -0.22 1.76 33.45
N ALA D 31 -1.04 2.80 33.44
CA ALA D 31 -1.41 3.50 32.25
C ALA D 31 -0.21 4.19 31.67
N ARG D 32 0.67 4.78 32.47
CA ARG D 32 1.82 5.44 31.85
C ARG D 32 2.64 4.44 31.06
N GLN D 33 2.81 3.22 31.58
CA GLN D 33 3.56 2.25 30.79
C GLN D 33 2.80 1.89 29.52
N LEU D 34 1.48 1.67 29.61
CA LEU D 34 0.71 1.29 28.43
C LEU D 34 0.69 2.40 27.40
N LEU D 35 0.71 3.61 27.89
CA LEU D 35 0.61 4.82 27.12
C LEU D 35 1.93 5.54 26.95
N SER D 36 3.07 4.85 27.16
CA SER D 36 4.41 5.48 27.01
C SER D 36 4.65 5.82 25.54
N GLY D 37 3.80 5.24 24.71
CA GLY D 37 3.67 5.33 23.29
C GLY D 37 3.07 4.01 22.89
N ILE D 38 2.39 3.90 21.77
CA ILE D 38 1.83 2.60 21.42
C ILE D 38 2.97 1.65 21.22
N VAL D 39 4.00 2.18 20.59
CA VAL D 39 5.22 1.54 20.23
C VAL D 39 6.31 2.05 21.16
N GLN D 40 5.90 2.59 22.29
CA GLN D 40 6.83 3.18 23.21
C GLN D 40 7.66 4.13 22.37
N GLN D 41 8.99 4.06 22.43
CA GLN D 41 9.73 5.01 21.63
C GLN D 41 10.04 4.45 20.23
N GLN D 42 9.03 4.37 19.37
CA GLN D 42 9.20 3.80 18.01
C GLN D 42 9.82 2.42 18.05
N ASN D 43 9.22 1.53 18.85
CA ASN D 43 9.64 0.17 19.17
C ASN D 43 11.00 0.26 19.82
N ASN D 44 11.15 1.33 20.60
CA ASN D 44 12.35 1.71 21.34
C ASN D 44 13.53 1.74 20.39
N LEU D 45 13.25 2.17 19.17
CA LEU D 45 14.16 2.26 18.05
C LEU D 45 14.90 0.95 17.75
N LEU D 46 14.45 -0.17 18.32
CA LEU D 46 15.13 -1.44 18.17
C LEU D 46 14.95 -1.91 16.75
N ARG D 47 13.79 -1.61 16.20
CA ARG D 47 13.43 -1.98 14.83
C ARG D 47 13.78 -0.89 13.79
N ALA D 48 14.48 0.22 14.20
CA ALA D 48 14.88 1.35 13.35
C ALA D 48 16.24 1.05 12.76
N THR D 59 9.15 -7.00 -1.09
CA THR D 59 8.24 -5.88 -1.27
C THR D 59 6.95 -6.05 -0.42
N VAL D 60 6.38 -7.28 -0.38
CA VAL D 60 5.13 -7.61 0.36
C VAL D 60 5.33 -7.46 1.85
N TRP D 61 6.53 -7.72 2.33
CA TRP D 61 6.77 -7.60 3.74
C TRP D 61 6.61 -6.14 4.11
N GLY D 62 7.09 -5.27 3.22
CA GLY D 62 7.06 -3.84 3.42
C GLY D 62 5.65 -3.31 3.44
N ILE D 63 4.80 -3.78 2.53
CA ILE D 63 3.46 -3.23 2.51
C ILE D 63 2.70 -3.72 3.73
N LYS D 64 2.92 -4.97 4.14
CA LYS D 64 2.23 -5.44 5.32
C LYS D 64 2.65 -4.66 6.55
N GLN D 65 3.93 -4.32 6.66
CA GLN D 65 4.32 -3.55 7.81
C GLN D 65 3.83 -2.12 7.75
N LEU D 66 3.73 -1.51 6.57
CA LEU D 66 3.18 -0.17 6.58
C LEU D 66 1.75 -0.23 7.02
N GLN D 67 1.01 -1.25 6.63
CA GLN D 67 -0.36 -1.30 7.06
C GLN D 67 -0.43 -1.41 8.57
N ALA D 68 0.44 -2.22 9.15
CA ALA D 68 0.43 -2.39 10.60
C ALA D 68 0.75 -1.10 11.34
N ARG D 69 1.71 -0.34 10.81
CA ARG D 69 2.13 0.89 11.45
C ARG D 69 1.07 1.96 11.35
N VAL D 70 0.41 2.04 10.21
CA VAL D 70 -0.62 3.03 10.04
C VAL D 70 -1.77 2.75 10.97
N LEU D 71 -2.17 1.49 11.11
CA LEU D 71 -3.26 1.20 12.00
C LEU D 71 -2.90 1.51 13.43
N ALA D 72 -1.65 1.28 13.84
CA ALA D 72 -1.27 1.60 15.21
C ALA D 72 -1.42 3.09 15.46
N VAL D 73 -1.07 3.91 14.46
CA VAL D 73 -1.23 5.34 14.58
C VAL D 73 -2.69 5.70 14.69
N GLU D 74 -3.53 5.10 13.86
CA GLU D 74 -4.93 5.43 13.93
C GLU D 74 -5.51 5.07 15.29
N ARG D 75 -5.12 3.93 15.85
CA ARG D 75 -5.69 3.57 17.15
C ARG D 75 -5.31 4.58 18.20
N TYR D 76 -4.06 5.03 18.18
CA TYR D 76 -3.64 6.00 19.15
C TYR D 76 -4.47 7.25 19.06
N LEU D 77 -4.60 7.77 17.85
CA LEU D 77 -5.31 8.99 17.69
C LEU D 77 -6.78 8.84 17.98
N ARG D 78 -7.38 7.70 17.66
CA ARG D 78 -8.79 7.55 17.95
C ARG D 78 -9.05 7.57 19.42
N ASP D 79 -8.20 6.96 20.23
CA ASP D 79 -8.47 7.01 21.65
C ASP D 79 -8.33 8.43 22.16
N GLN D 80 -7.35 9.16 21.66
CA GLN D 80 -7.18 10.50 22.16
C GLN D 80 -8.30 11.39 21.70
N GLN D 81 -8.79 11.17 20.49
CA GLN D 81 -9.85 12.01 19.99
C GLN D 81 -11.12 11.77 20.75
N LEU D 82 -11.44 10.51 21.03
CA LEU D 82 -12.68 10.23 21.71
C LEU D 82 -12.66 10.77 23.11
N LEU D 83 -11.53 10.64 23.80
CA LEU D 83 -11.47 11.18 25.13
C LEU D 83 -11.60 12.70 25.08
N GLY D 84 -10.98 13.34 24.07
CA GLY D 84 -11.09 14.77 23.93
C GLY D 84 -12.55 15.21 23.69
N ILE D 85 -13.30 14.45 22.89
CA ILE D 85 -14.70 14.76 22.61
C ILE D 85 -15.50 14.70 23.89
N TRP D 86 -15.24 13.69 24.69
CA TRP D 86 -15.90 13.52 25.95
C TRP D 86 -15.46 14.56 27.00
N GLY D 87 -14.50 15.41 26.68
CA GLY D 87 -14.01 16.42 27.62
C GLY D 87 -12.98 15.92 28.64
N CYS D 88 -12.27 14.80 28.33
CA CYS D 88 -11.29 14.17 29.18
C CYS D 88 -9.94 14.25 28.47
N SER D 89 -9.11 15.20 28.86
CA SER D 89 -7.85 15.37 28.18
C SER D 89 -6.76 15.67 29.18
N GLY D 90 -5.69 14.89 29.13
CA GLY D 90 -4.60 15.06 30.09
C GLY D 90 -4.93 14.30 31.37
N LYS D 91 -6.04 13.57 31.32
CA LYS D 91 -6.57 12.81 32.42
C LYS D 91 -6.84 11.38 32.02
N LEU D 92 -6.73 10.48 32.98
CA LEU D 92 -7.08 9.10 32.72
C LEU D 92 -8.42 8.70 33.29
N ILE D 93 -8.83 9.37 34.35
CA ILE D 93 -10.10 9.01 34.97
C ILE D 93 -10.99 10.25 34.98
N CYS D 94 -12.16 10.19 34.28
CA CYS D 94 -13.07 11.34 34.15
C CYS D 94 -14.51 11.04 34.52
N CYS D 95 -15.03 11.93 35.33
CA CYS D 95 -16.38 11.93 35.89
C CYS D 95 -17.27 12.71 34.91
N THR D 96 -18.26 12.05 34.32
CA THR D 96 -19.05 12.71 33.28
C THR D 96 -20.47 13.04 33.68
N ALA D 97 -21.17 13.72 32.77
CA ALA D 97 -22.55 14.15 32.94
C ALA D 97 -23.60 13.07 32.63
N VAL D 98 -23.20 11.87 32.25
CA VAL D 98 -24.19 10.84 31.94
C VAL D 98 -24.45 9.94 33.15
N PRO D 99 -25.70 9.81 33.63
CA PRO D 99 -26.11 8.98 34.76
C PRO D 99 -26.05 7.53 34.35
N TRP D 100 -25.90 6.63 35.30
CA TRP D 100 -25.92 5.24 34.93
C TRP D 100 -27.34 4.76 34.81
N ASN D 101 -27.64 4.11 33.71
CA ASN D 101 -28.95 3.55 33.47
C ASN D 101 -28.93 2.08 33.91
N ASN D 102 -29.80 1.72 34.82
CA ASN D 102 -29.83 0.37 35.35
C ASN D 102 -30.20 -0.65 34.27
N SER D 103 -30.72 -0.18 33.14
CA SER D 103 -31.04 -1.07 32.04
C SER D 103 -29.77 -1.60 31.37
N TRP D 104 -28.63 -0.92 31.60
CA TRP D 104 -27.35 -1.35 31.05
C TRP D 104 -26.82 -2.40 31.98
N SER D 105 -26.95 -2.10 33.26
CA SER D 105 -26.53 -3.02 34.31
C SER D 105 -27.14 -2.62 35.62
N ASN D 106 -27.67 -3.59 36.34
CA ASN D 106 -28.27 -3.30 37.63
C ASN D 106 -27.66 -4.18 38.69
N ARG D 107 -26.47 -3.80 39.13
CA ARG D 107 -25.70 -4.54 40.09
C ARG D 107 -25.26 -3.58 41.16
N SER D 108 -25.01 -4.08 42.36
CA SER D 108 -24.56 -3.21 43.42
C SER D 108 -23.24 -2.58 43.05
N LEU D 109 -23.06 -1.30 43.38
CA LEU D 109 -21.82 -0.62 43.05
C LEU D 109 -20.64 -1.34 43.63
N ASP D 110 -20.87 -1.90 44.82
CA ASP D 110 -19.76 -2.57 45.52
C ASP D 110 -19.40 -3.88 44.85
N MET D 111 -20.36 -4.58 44.27
CA MET D 111 -19.96 -5.89 43.78
C MET D 111 -19.25 -5.73 42.46
N ILE D 112 -19.61 -4.69 41.70
CA ILE D 112 -18.92 -4.65 40.44
C ILE D 112 -17.51 -4.20 40.74
N TRP D 113 -17.33 -3.33 41.72
CA TRP D 113 -15.99 -2.92 42.03
C TRP D 113 -15.13 -3.91 42.85
N ASN D 114 -15.75 -4.71 43.70
CA ASN D 114 -14.85 -5.59 44.49
C ASN D 114 -15.05 -7.10 44.25
N ASN D 115 -16.03 -7.55 43.45
CA ASN D 115 -16.12 -8.97 43.11
C ASN D 115 -15.71 -9.19 41.66
N MET D 116 -16.09 -8.25 40.80
CA MET D 116 -15.79 -8.37 39.37
C MET D 116 -14.42 -7.79 38.99
N THR D 117 -13.84 -8.37 37.96
CA THR D 117 -12.58 -7.90 37.38
C THR D 117 -12.91 -6.99 36.22
N TRP D 118 -11.94 -6.25 35.69
CA TRP D 118 -12.26 -5.41 34.55
C TRP D 118 -12.62 -6.19 33.32
N ILE D 119 -12.06 -7.37 33.16
CA ILE D 119 -12.37 -8.14 31.98
C ILE D 119 -13.83 -8.56 32.03
N GLU D 120 -14.25 -9.07 33.19
CA GLU D 120 -15.61 -9.52 33.36
C GLU D 120 -16.57 -8.39 33.19
N TRP D 121 -16.22 -7.23 33.71
CA TRP D 121 -17.05 -6.07 33.62
C TRP D 121 -17.23 -5.62 32.19
N GLU D 122 -16.13 -5.55 31.43
CA GLU D 122 -16.26 -5.08 30.07
C GLU D 122 -17.12 -6.03 29.28
N ARG D 123 -17.00 -7.33 29.54
CA ARG D 123 -17.84 -8.26 28.81
C ARG D 123 -19.32 -8.10 29.20
N GLU D 124 -19.57 -7.86 30.49
CA GLU D 124 -20.92 -7.73 31.04
C GLU D 124 -21.72 -6.63 30.38
N ILE D 125 -21.08 -5.52 30.06
CA ILE D 125 -21.77 -4.41 29.43
C ILE D 125 -21.30 -4.15 28.02
N ASP D 126 -20.76 -5.17 27.35
CA ASP D 126 -20.24 -4.98 26.00
C ASP D 126 -21.29 -4.47 25.02
N ASN D 127 -22.53 -4.89 25.19
CA ASN D 127 -23.57 -4.51 24.26
C ASN D 127 -24.14 -3.12 24.48
N TYR D 128 -23.62 -2.40 25.47
CA TYR D 128 -24.07 -1.05 25.70
C TYR D 128 -22.97 -0.08 25.34
N THR D 129 -21.88 -0.58 24.75
CA THR D 129 -20.76 0.31 24.49
C THR D 129 -21.14 1.43 23.55
N GLY D 130 -21.82 1.12 22.45
CA GLY D 130 -22.15 2.15 21.49
C GLY D 130 -23.07 3.19 22.10
N LEU D 131 -24.02 2.72 22.89
CA LEU D 131 -24.96 3.63 23.50
C LEU D 131 -24.32 4.55 24.51
N ILE D 132 -23.49 4.00 25.36
CA ILE D 132 -22.91 4.83 26.38
C ILE D 132 -22.02 5.85 25.74
N TYR D 133 -21.22 5.42 24.78
CA TYR D 133 -20.32 6.35 24.14
C TYR D 133 -21.08 7.45 23.42
N ASN D 134 -22.20 7.11 22.77
CA ASN D 134 -22.95 8.13 22.07
C ASN D 134 -23.56 9.13 23.05
N LEU D 135 -24.02 8.63 24.19
CA LEU D 135 -24.61 9.51 25.18
C LEU D 135 -23.56 10.43 25.73
N LEU D 136 -22.35 9.91 25.93
CA LEU D 136 -21.29 10.75 26.44
C LEU D 136 -20.95 11.81 25.44
N GLU D 137 -20.92 11.50 24.14
CA GLU D 137 -20.58 12.58 23.25
C GLU D 137 -21.65 13.67 23.29
N GLU D 138 -22.93 13.31 23.32
CA GLU D 138 -23.91 14.37 23.31
C GLU D 138 -23.93 15.21 24.59
N SER D 139 -23.81 14.55 25.74
CA SER D 139 -23.90 15.28 27.00
C SER D 139 -22.66 16.06 27.29
N GLN D 140 -21.51 15.58 26.83
CA GLN D 140 -20.28 16.27 27.08
C GLN D 140 -20.07 17.41 26.08
N ASN D 141 -20.67 17.30 24.88
CA ASN D 141 -20.55 18.38 23.91
C ASN D 141 -21.41 19.55 24.36
N GLN D 142 -22.54 19.27 25.01
CA GLN D 142 -23.45 20.33 25.44
C GLN D 142 -23.05 20.95 26.78
N GLN D 143 -21.91 21.64 26.76
CA GLN D 143 -21.29 22.27 27.92
C GLN D 143 -20.95 23.72 27.66
N GLU D 144 -21.82 24.40 26.91
CA GLU D 144 -21.69 25.82 26.52
C GLU D 144 -20.54 26.06 25.49
N LYS D 145 -19.28 25.79 25.93
CA LYS D 145 -17.99 25.89 25.24
C LYS D 145 -17.86 27.19 24.43
N TRP E 7 -11.24 42.15 17.34
CA TRP E 7 -10.41 41.14 17.98
C TRP E 7 -10.56 39.82 17.23
N VAL E 8 -9.45 39.06 17.09
CA VAL E 8 -9.46 37.80 16.35
C VAL E 8 -9.90 36.62 17.22
N THR E 9 -10.96 35.95 16.75
CA THR E 9 -11.49 34.74 17.35
C THR E 9 -11.34 33.63 16.36
N VAL E 10 -10.84 32.52 16.85
CA VAL E 10 -10.60 31.35 16.06
C VAL E 10 -11.70 30.34 16.31
N TYR E 11 -12.25 29.80 15.23
CA TYR E 11 -13.31 28.82 15.34
C TYR E 11 -12.89 27.52 14.69
N TYR E 12 -13.31 26.41 15.29
CA TYR E 12 -13.10 25.08 14.71
C TYR E 12 -14.39 24.35 14.49
N GLY E 13 -14.56 23.80 13.28
CA GLY E 13 -15.78 23.07 12.93
C GLY E 13 -16.66 23.93 12.04
N VAL E 14 -16.06 24.91 11.39
CA VAL E 14 -16.74 25.82 10.50
C VAL E 14 -17.13 25.11 9.20
N PRO E 15 -18.40 25.14 8.77
CA PRO E 15 -18.91 24.43 7.60
C PRO E 15 -18.57 25.06 6.24
N VAL E 16 -17.30 25.05 5.93
CA VAL E 16 -16.77 25.60 4.69
C VAL E 16 -16.00 24.58 3.89
N TRP E 17 -16.24 24.55 2.59
CA TRP E 17 -15.54 23.62 1.73
C TRP E 17 -14.98 24.29 0.50
N LYS E 18 -13.96 23.66 -0.05
CA LYS E 18 -13.36 24.08 -1.31
C LYS E 18 -13.29 22.92 -2.29
N GLU E 19 -13.26 23.22 -3.58
CA GLU E 19 -13.14 22.16 -4.57
C GLU E 19 -11.84 21.41 -4.37
N ALA E 20 -11.89 20.09 -4.46
CA ALA E 20 -10.70 19.31 -4.23
C ALA E 20 -10.67 18.01 -5.01
N THR E 21 -9.49 17.45 -5.17
CA THR E 21 -9.39 16.16 -5.81
C THR E 21 -8.77 15.16 -4.86
N THR E 22 -9.44 14.04 -4.67
CA THR E 22 -8.89 13.02 -3.80
C THR E 22 -9.15 11.65 -4.32
N THR E 23 -8.63 10.68 -3.60
CA THR E 23 -8.77 9.27 -3.89
C THR E 23 -10.08 8.77 -3.32
N LEU E 24 -10.86 8.06 -4.12
CA LEU E 24 -12.14 7.54 -3.64
C LEU E 24 -12.06 6.04 -3.37
N PHE E 25 -12.89 5.59 -2.44
CA PHE E 25 -12.98 4.16 -2.11
C PHE E 25 -14.00 3.44 -2.99
N CYS E 26 -13.76 2.13 -3.28
CA CYS E 26 -14.69 1.24 -3.99
C CYS E 26 -15.61 0.55 -3.01
N ALA E 27 -16.90 0.85 -3.07
CA ALA E 27 -17.82 0.15 -2.22
C ALA E 27 -18.69 -0.72 -3.10
N SER E 28 -18.75 -2.00 -2.78
CA SER E 28 -19.54 -2.93 -3.59
C SER E 28 -20.99 -2.87 -3.18
N ASP E 29 -21.84 -3.43 -4.04
CA ASP E 29 -23.27 -3.51 -3.80
C ASP E 29 -23.67 -4.84 -3.19
N ALA E 30 -23.96 -4.85 -1.90
CA ALA E 30 -24.31 -6.07 -1.18
C ALA E 30 -23.27 -7.16 -1.40
N LYS E 31 -23.71 -8.35 -1.82
CA LYS E 31 -22.75 -9.42 -1.97
C LYS E 31 -22.82 -10.15 -3.30
N ALA E 32 -21.66 -10.24 -3.90
CA ALA E 32 -21.43 -10.96 -5.14
C ALA E 32 -20.14 -11.73 -4.96
N TYR E 33 -19.95 -12.24 -3.76
CA TYR E 33 -18.74 -12.94 -3.41
C TYR E 33 -18.79 -14.39 -3.81
N ASP E 34 -18.80 -14.58 -5.11
CA ASP E 34 -18.86 -15.87 -5.75
C ASP E 34 -17.49 -16.50 -5.62
N THR E 35 -17.42 -17.82 -5.47
CA THR E 35 -16.12 -18.47 -5.35
C THR E 35 -15.73 -19.37 -6.50
N GLU E 36 -16.68 -19.80 -7.33
CA GLU E 36 -16.35 -20.68 -8.43
C GLU E 36 -15.52 -19.91 -9.44
N VAL E 37 -15.98 -18.70 -9.69
CA VAL E 37 -15.38 -17.69 -10.53
C VAL E 37 -15.41 -16.41 -9.71
N ARG E 38 -14.30 -15.73 -9.53
CA ARG E 38 -14.37 -14.53 -8.72
C ARG E 38 -14.83 -13.37 -9.57
N ASN E 39 -15.56 -12.44 -8.97
CA ASN E 39 -15.93 -11.23 -9.68
C ASN E 39 -14.72 -10.32 -9.68
N VAL E 40 -14.51 -9.58 -10.76
CA VAL E 40 -13.40 -8.64 -10.74
C VAL E 40 -13.77 -7.18 -10.53
N TRP E 41 -14.80 -6.67 -11.18
CA TRP E 41 -15.06 -5.24 -11.05
C TRP E 41 -15.55 -4.91 -9.66
N ALA E 42 -16.27 -5.85 -9.08
CA ALA E 42 -16.84 -5.73 -7.74
C ALA E 42 -16.17 -6.74 -6.88
N THR E 43 -16.27 -6.57 -5.56
CA THR E 43 -15.77 -7.44 -4.47
C THR E 43 -14.24 -7.46 -4.36
N HIS E 44 -13.56 -7.59 -5.48
CA HIS E 44 -12.12 -7.59 -5.49
C HIS E 44 -11.61 -6.38 -4.79
N CYS E 45 -11.03 -6.60 -3.62
CA CYS E 45 -10.47 -5.52 -2.82
C CYS E 45 -11.42 -4.30 -2.61
N CYS E 46 -12.75 -4.53 -2.41
CA CYS E 46 -13.77 -3.48 -2.21
C CYS E 46 -14.38 -3.55 -0.80
N VAL E 47 -14.80 -2.38 -0.36
CA VAL E 47 -15.41 -2.07 0.91
C VAL E 47 -16.88 -2.53 0.91
N PRO E 48 -17.37 -3.17 2.00
CA PRO E 48 -18.74 -3.58 2.19
C PRO E 48 -19.68 -2.40 2.11
N THR E 49 -20.90 -2.66 1.72
CA THR E 49 -21.88 -1.61 1.59
C THR E 49 -22.14 -0.92 2.91
N ASP E 50 -22.13 0.39 2.88
CA ASP E 50 -22.45 1.24 4.01
C ASP E 50 -23.99 1.33 3.93
N PRO E 51 -24.77 0.82 4.90
CA PRO E 51 -26.22 0.76 4.82
C PRO E 51 -26.73 2.14 4.46
N ASN E 52 -27.67 2.17 3.53
CA ASN E 52 -28.21 3.39 2.95
C ASN E 52 -28.31 4.59 3.92
N PRO E 53 -27.35 5.53 3.89
CA PRO E 53 -27.32 6.75 4.66
C PRO E 53 -28.25 7.72 3.99
N GLN E 54 -28.67 8.77 4.68
CA GLN E 54 -29.46 9.76 3.98
C GLN E 54 -28.61 10.91 3.47
N GLU E 55 -29.08 11.54 2.39
CA GLU E 55 -28.42 12.73 1.86
C GLU E 55 -28.82 13.90 2.72
N VAL E 56 -27.99 14.94 2.73
CA VAL E 56 -28.39 16.13 3.44
C VAL E 56 -28.54 17.30 2.52
N VAL E 57 -29.75 17.84 2.45
CA VAL E 57 -29.96 18.98 1.57
C VAL E 57 -29.47 20.22 2.27
N LEU E 58 -28.72 21.05 1.56
CA LEU E 58 -28.25 22.26 2.19
C LEU E 58 -29.14 23.40 1.78
N GLU E 59 -30.03 23.80 2.67
CA GLU E 59 -31.01 24.85 2.30
C GLU E 59 -30.29 26.04 1.67
N ASN E 60 -30.71 26.47 0.48
CA ASN E 60 -30.23 27.73 -0.17
C ASN E 60 -28.76 27.74 -0.59
N VAL E 61 -28.05 26.64 -0.51
CA VAL E 61 -26.58 26.60 -0.82
C VAL E 61 -26.67 26.37 -2.32
N THR E 62 -26.03 27.23 -3.10
CA THR E 62 -25.90 27.02 -4.51
C THR E 62 -24.47 26.80 -4.84
N GLU E 63 -24.22 25.91 -5.79
CA GLU E 63 -22.88 25.60 -6.22
C GLU E 63 -22.73 25.52 -7.73
N ASN E 64 -21.50 25.66 -8.21
CA ASN E 64 -21.19 25.56 -9.62
C ASN E 64 -20.69 24.16 -9.98
N PHE E 65 -21.49 23.41 -10.71
CA PHE E 65 -21.15 22.04 -11.08
C PHE E 65 -20.68 22.01 -12.50
N ASN E 66 -19.76 21.11 -12.80
CA ASN E 66 -19.29 21.03 -14.16
C ASN E 66 -19.02 19.60 -14.55
N MET E 67 -19.81 19.12 -15.48
CA MET E 67 -19.74 17.80 -16.03
C MET E 67 -18.43 17.60 -16.77
N TRP E 68 -17.91 18.66 -17.37
CA TRP E 68 -16.69 18.55 -18.11
C TRP E 68 -15.58 19.00 -17.19
N LYS E 69 -14.40 18.39 -17.35
CA LYS E 69 -13.28 18.64 -16.45
C LYS E 69 -13.66 18.20 -15.03
N ASN E 70 -14.38 17.09 -14.95
CA ASN E 70 -14.80 16.51 -13.69
C ASN E 70 -13.84 15.40 -13.30
N ASP E 71 -13.07 15.62 -12.26
CA ASP E 71 -12.04 14.69 -11.85
C ASP E 71 -12.56 13.32 -11.44
N MET E 72 -13.85 13.22 -11.13
CA MET E 72 -14.39 11.91 -10.76
C MET E 72 -14.42 11.01 -11.97
N VAL E 73 -14.52 11.59 -13.17
CA VAL E 73 -14.56 10.82 -14.38
C VAL E 73 -13.19 10.28 -14.58
N GLU E 74 -12.20 11.13 -14.35
CA GLU E 74 -10.84 10.68 -14.54
C GLU E 74 -10.48 9.58 -13.55
N GLN E 75 -10.98 9.67 -12.31
CA GLN E 75 -10.66 8.60 -11.39
C GLN E 75 -11.35 7.32 -11.77
N MET E 76 -12.59 7.38 -12.28
CA MET E 76 -13.24 6.16 -12.70
C MET E 76 -12.46 5.53 -13.82
N HIS E 77 -11.98 6.35 -14.75
CA HIS E 77 -11.21 5.88 -15.87
C HIS E 77 -9.99 5.14 -15.40
N GLU E 78 -9.22 5.76 -14.50
CA GLU E 78 -8.01 5.10 -14.07
C GLU E 78 -8.27 3.80 -13.33
N ASP E 79 -9.32 3.71 -12.50
CA ASP E 79 -9.50 2.43 -11.84
C ASP E 79 -9.89 1.36 -12.81
N ILE E 80 -10.68 1.70 -13.81
CA ILE E 80 -11.07 0.71 -14.77
C ILE E 80 -9.91 0.21 -15.58
N ILE E 81 -9.06 1.10 -16.05
CA ILE E 81 -7.94 0.66 -16.86
C ILE E 81 -6.98 -0.14 -16.02
N SER E 82 -6.67 0.36 -14.82
CA SER E 82 -5.72 -0.31 -13.96
C SER E 82 -6.19 -1.69 -13.59
N LEU E 83 -7.46 -1.84 -13.22
CA LEU E 83 -7.95 -3.13 -12.84
C LEU E 83 -8.00 -4.08 -14.00
N TRP E 84 -8.38 -3.60 -15.17
CA TRP E 84 -8.40 -4.45 -16.34
C TRP E 84 -7.04 -5.09 -16.51
N ASP E 85 -5.98 -4.26 -16.45
CA ASP E 85 -4.66 -4.78 -16.67
C ASP E 85 -4.18 -5.64 -15.52
N GLN E 86 -4.53 -5.31 -14.28
CA GLN E 86 -4.07 -6.10 -13.16
C GLN E 86 -4.69 -7.49 -13.19
N SER E 87 -5.93 -7.53 -13.63
CA SER E 87 -6.71 -8.75 -13.73
C SER E 87 -6.16 -9.69 -14.78
N LEU E 88 -5.82 -9.14 -15.94
CA LEU E 88 -5.30 -9.93 -17.04
C LEU E 88 -3.84 -10.30 -16.85
N LYS E 89 -3.06 -9.44 -16.22
CA LYS E 89 -1.65 -9.70 -16.06
C LYS E 89 -1.27 -11.17 -15.71
N PRO E 90 -1.74 -11.79 -14.61
CA PRO E 90 -1.38 -13.16 -14.22
C PRO E 90 -2.14 -14.25 -14.97
N CYS E 91 -2.01 -14.31 -16.32
CA CYS E 91 -2.67 -15.26 -17.21
C CYS E 91 -1.72 -15.67 -18.32
N VAL E 92 -2.04 -16.76 -19.01
CA VAL E 92 -1.14 -17.27 -20.05
C VAL E 92 -0.99 -16.43 -21.31
N LYS E 93 0.25 -16.31 -21.74
CA LYS E 93 0.59 -15.60 -22.96
C LYS E 93 0.23 -16.46 -24.15
N LEU E 94 -0.28 -15.83 -25.18
CA LEU E 94 -0.60 -16.55 -26.40
C LEU E 94 0.44 -16.33 -27.46
N THR E 95 1.57 -15.78 -27.05
CA THR E 95 2.70 -15.51 -27.92
C THR E 95 3.11 -16.75 -28.74
N PRO E 96 3.16 -17.98 -28.18
CA PRO E 96 3.51 -19.20 -28.87
C PRO E 96 2.56 -19.52 -30.04
N LEU E 97 1.40 -18.87 -30.09
CA LEU E 97 0.46 -19.12 -31.17
C LEU E 97 0.68 -18.18 -32.40
N CYS E 98 1.62 -17.19 -32.32
CA CYS E 98 1.90 -16.19 -33.36
C CYS E 98 2.80 -16.79 -34.45
N VAL E 99 2.23 -17.75 -35.15
CA VAL E 99 2.90 -18.49 -36.21
C VAL E 99 2.02 -18.50 -37.43
N THR E 100 2.57 -18.91 -38.56
CA THR E 100 1.80 -18.99 -39.78
C THR E 100 0.69 -20.03 -39.70
N LEU E 101 -0.52 -19.62 -40.08
CA LEU E 101 -1.67 -20.49 -40.19
C LEU E 101 -1.98 -20.81 -41.64
N ASN E 102 -2.52 -22.01 -41.89
CA ASN E 102 -2.99 -22.36 -43.23
C ASN E 102 -4.53 -22.55 -43.14
N CYS E 103 -5.32 -21.56 -43.60
CA CYS E 103 -6.77 -21.51 -43.38
C CYS E 103 -7.56 -21.92 -44.63
N THR E 104 -8.52 -22.84 -44.41
CA THR E 104 -9.39 -23.41 -45.43
C THR E 104 -10.89 -23.08 -45.30
N ASP E 105 -11.30 -22.56 -44.14
CA ASP E 105 -12.70 -22.15 -43.78
C ASP E 105 -13.65 -23.30 -43.31
N TYR E 106 -14.57 -22.95 -42.34
CA TYR E 106 -15.64 -23.79 -41.73
C TYR E 106 -15.12 -24.67 -40.61
N GLU E 127 -22.65 -16.03 -46.37
CA GLU E 127 -21.67 -15.56 -45.38
C GLU E 127 -20.22 -16.00 -45.72
N ARG E 128 -20.05 -17.19 -46.34
CA ARG E 128 -18.79 -17.84 -46.74
C ARG E 128 -17.77 -17.94 -45.59
N GLY E 129 -16.57 -17.40 -45.78
CA GLY E 129 -15.47 -17.50 -44.82
C GLY E 129 -15.56 -16.56 -43.61
N GLU E 130 -16.66 -16.64 -42.87
CA GLU E 130 -16.83 -15.83 -41.67
C GLU E 130 -15.98 -16.45 -40.57
N ILE E 131 -15.97 -17.78 -40.57
CA ILE E 131 -15.25 -18.57 -39.59
C ILE E 131 -14.18 -19.37 -40.30
N LYS E 132 -12.96 -19.10 -39.91
CA LYS E 132 -11.79 -19.67 -40.53
C LYS E 132 -11.36 -20.95 -39.80
N ASN E 133 -11.20 -22.05 -40.55
CA ASN E 133 -10.71 -23.36 -40.12
C ASN E 133 -9.23 -23.39 -40.47
N CYS E 134 -8.35 -23.25 -39.44
CA CYS E 134 -6.92 -23.08 -39.65
C CYS E 134 -6.09 -24.21 -39.06
N SER E 135 -5.16 -24.65 -39.90
CA SER E 135 -4.17 -25.68 -39.57
C SER E 135 -3.02 -24.99 -38.87
N PHE E 136 -2.70 -25.46 -37.68
CA PHE E 136 -1.73 -24.83 -36.83
C PHE E 136 -0.52 -25.68 -36.41
N ASN E 137 0.65 -25.10 -36.60
CA ASN E 137 1.92 -25.70 -36.18
C ASN E 137 2.20 -25.17 -34.80
N ILE E 138 2.26 -26.04 -33.81
CA ILE E 138 2.37 -25.61 -32.43
C ILE E 138 3.77 -25.22 -32.04
N THR E 139 3.97 -24.06 -31.43
CA THR E 139 5.32 -23.84 -30.96
C THR E 139 5.34 -24.84 -29.82
N THR E 140 6.24 -25.78 -29.84
CA THR E 140 6.15 -26.81 -28.83
C THR E 140 6.27 -26.28 -27.43
N SER E 141 5.34 -26.72 -26.59
CA SER E 141 5.25 -26.32 -25.21
C SER E 141 6.09 -27.08 -24.20
N ILE E 142 6.37 -28.35 -24.46
CA ILE E 142 7.10 -29.14 -23.48
C ILE E 142 8.41 -29.76 -24.00
N ARG E 143 8.27 -30.66 -24.94
CA ARG E 143 9.35 -31.54 -25.39
C ARG E 143 10.35 -30.99 -26.40
N ASP E 144 10.10 -29.81 -26.92
CA ASP E 144 10.93 -29.21 -27.97
C ASP E 144 11.10 -30.08 -29.22
N LYS E 145 10.02 -30.73 -29.62
CA LYS E 145 9.89 -31.56 -30.82
C LYS E 145 8.51 -31.19 -31.36
N VAL E 146 8.37 -31.09 -32.67
CA VAL E 146 7.13 -30.61 -33.30
C VAL E 146 5.86 -31.47 -33.18
N GLN E 147 4.77 -30.77 -32.93
CA GLN E 147 3.42 -31.30 -32.81
C GLN E 147 2.46 -30.34 -33.56
N LYS E 148 1.32 -30.85 -34.03
CA LYS E 148 0.35 -30.03 -34.79
C LYS E 148 -1.08 -30.15 -34.23
N GLU E 149 -1.90 -29.12 -34.48
CA GLU E 149 -3.30 -29.05 -34.03
C GLU E 149 -4.15 -28.13 -34.93
N TYR E 150 -5.45 -28.01 -34.65
CA TYR E 150 -6.29 -27.07 -35.41
C TYR E 150 -7.24 -26.25 -34.54
N ALA E 151 -7.67 -25.11 -35.06
CA ALA E 151 -8.65 -24.29 -34.35
C ALA E 151 -9.52 -23.45 -35.27
N LEU E 152 -10.73 -23.12 -34.80
CA LEU E 152 -11.59 -22.21 -35.54
C LEU E 152 -11.43 -20.79 -35.03
N PHE E 153 -11.42 -19.84 -35.95
CA PHE E 153 -11.31 -18.43 -35.63
C PHE E 153 -12.31 -17.55 -36.35
N TYR E 154 -12.66 -16.43 -35.78
CA TYR E 154 -13.48 -15.52 -36.57
C TYR E 154 -12.51 -14.75 -37.46
N LYS E 155 -12.94 -14.41 -38.66
CA LYS E 155 -12.06 -13.74 -39.61
C LYS E 155 -11.54 -12.40 -39.15
N LEU E 156 -12.21 -11.78 -38.20
CA LEU E 156 -11.82 -10.47 -37.75
C LEU E 156 -10.56 -10.45 -36.91
N ASP E 157 -10.09 -11.63 -36.52
CA ASP E 157 -8.86 -11.76 -35.75
C ASP E 157 -7.66 -12.14 -36.62
N ILE E 158 -7.87 -12.32 -37.92
CA ILE E 158 -6.83 -12.79 -38.82
C ILE E 158 -6.41 -11.90 -39.98
N VAL E 159 -5.10 -11.78 -40.14
CA VAL E 159 -4.48 -11.03 -41.21
C VAL E 159 -4.14 -11.95 -42.40
N PRO E 160 -4.71 -11.73 -43.58
CA PRO E 160 -4.48 -12.52 -44.78
C PRO E 160 -3.18 -12.11 -45.49
N ILE E 161 -2.03 -12.37 -44.83
CA ILE E 161 -0.67 -12.03 -45.23
C ILE E 161 -0.04 -13.27 -45.90
N ASN E 167 1.23 -19.75 -50.27
CA ASN E 167 0.95 -18.30 -50.34
C ASN E 167 -0.24 -17.89 -49.43
N ASN E 168 -1.14 -18.84 -49.07
CA ASN E 168 -2.33 -18.62 -48.24
C ASN E 168 -1.92 -18.66 -46.76
N SER E 169 -1.14 -17.63 -46.37
CA SER E 169 -0.52 -17.43 -45.06
C SER E 169 -1.31 -16.49 -44.18
N TYR E 170 -1.70 -16.97 -43.03
CA TYR E 170 -2.48 -16.15 -42.13
C TYR E 170 -1.81 -15.93 -40.77
N ARG E 171 -1.97 -14.74 -40.21
CA ARG E 171 -1.44 -14.45 -38.87
C ARG E 171 -2.45 -13.77 -37.97
N LEU E 172 -2.24 -13.84 -36.66
CA LEU E 172 -3.17 -13.13 -35.79
C LEU E 172 -2.84 -11.64 -35.80
N ILE E 173 -3.88 -10.82 -35.73
CA ILE E 173 -3.72 -9.37 -35.87
C ILE E 173 -2.85 -8.63 -34.89
N ASN E 174 -2.93 -8.92 -33.62
CA ASN E 174 -2.12 -8.11 -32.70
C ASN E 174 -0.71 -8.62 -32.37
N CYS E 175 -0.19 -9.67 -33.08
CA CYS E 175 1.14 -10.26 -32.84
C CYS E 175 2.24 -9.31 -33.30
N ASN E 176 1.85 -8.33 -34.10
CA ASN E 176 2.76 -7.34 -34.64
C ASN E 176 2.81 -6.12 -33.74
N THR E 177 2.09 -6.16 -32.61
CA THR E 177 2.06 -5.04 -31.69
C THR E 177 2.61 -5.44 -30.33
N SER E 178 2.01 -6.46 -29.70
CA SER E 178 2.45 -6.84 -28.36
C SER E 178 2.02 -8.23 -27.96
N VAL E 179 2.08 -8.49 -26.67
CA VAL E 179 1.69 -9.77 -26.12
C VAL E 179 0.19 -9.84 -25.97
N ILE E 180 -0.39 -10.89 -26.50
CA ILE E 180 -1.81 -11.10 -26.40
C ILE E 180 -1.98 -12.08 -25.26
N LYS E 181 -2.81 -11.77 -24.28
CA LYS E 181 -2.99 -12.70 -23.17
C LYS E 181 -4.41 -13.19 -23.10
N GLN E 182 -4.57 -14.43 -22.69
CA GLN E 182 -5.88 -15.03 -22.54
C GLN E 182 -6.50 -14.66 -21.24
N ALA E 183 -7.74 -14.22 -21.25
CA ALA E 183 -8.33 -13.93 -19.95
C ALA E 183 -8.52 -15.24 -19.23
N CYS E 184 -8.19 -15.27 -17.92
CA CYS E 184 -8.33 -16.42 -17.04
C CYS E 184 -9.82 -16.78 -16.79
N PRO E 185 -10.22 -18.07 -16.93
CA PRO E 185 -11.57 -18.62 -16.73
C PRO E 185 -12.14 -18.38 -15.35
N LYS E 186 -11.28 -18.07 -14.40
CA LYS E 186 -11.69 -17.83 -13.03
C LYS E 186 -12.01 -16.37 -12.77
N VAL E 187 -11.94 -15.53 -13.79
CA VAL E 187 -12.22 -14.12 -13.61
C VAL E 187 -13.44 -13.65 -14.38
N SER E 188 -14.42 -13.09 -13.67
CA SER E 188 -15.63 -12.61 -14.34
C SER E 188 -15.78 -11.09 -14.41
N PHE E 189 -15.76 -10.59 -15.64
CA PHE E 189 -15.88 -9.16 -15.90
C PHE E 189 -17.34 -8.78 -16.02
N GLU E 190 -18.06 -8.99 -14.94
CA GLU E 190 -19.48 -8.69 -14.86
C GLU E 190 -19.65 -7.30 -14.29
N PRO E 191 -20.32 -6.38 -14.97
CA PRO E 191 -20.46 -5.00 -14.58
C PRO E 191 -21.46 -4.74 -13.47
N ILE E 192 -21.10 -5.16 -12.26
CA ILE E 192 -21.87 -4.93 -11.05
C ILE E 192 -21.65 -3.48 -10.63
N PRO E 193 -22.67 -2.68 -10.31
CA PRO E 193 -22.53 -1.29 -9.93
C PRO E 193 -21.64 -1.08 -8.73
N ILE E 194 -20.83 -0.05 -8.83
CA ILE E 194 -19.89 0.36 -7.79
C ILE E 194 -20.23 1.74 -7.28
N HIS E 195 -20.20 1.89 -5.96
CA HIS E 195 -20.46 3.16 -5.34
C HIS E 195 -19.12 3.81 -5.02
N TYR E 196 -18.96 5.08 -5.33
CA TYR E 196 -17.71 5.76 -5.01
C TYR E 196 -17.91 6.51 -3.71
N CYS E 197 -17.02 6.30 -2.72
CA CYS E 197 -17.15 6.89 -1.39
C CYS E 197 -15.98 7.81 -1.05
N ALA E 198 -16.30 8.95 -0.45
CA ALA E 198 -15.27 9.89 -0.05
C ALA E 198 -14.55 9.39 1.20
N PRO E 199 -13.27 9.67 1.37
CA PRO E 199 -12.53 9.46 2.57
C PRO E 199 -12.99 10.49 3.55
N ALA E 200 -12.90 10.20 4.82
CA ALA E 200 -13.33 11.16 5.80
C ALA E 200 -12.54 12.45 5.64
N GLY E 201 -13.23 13.56 5.81
CA GLY E 201 -12.65 14.89 5.68
C GLY E 201 -13.03 15.49 4.34
N PHE E 202 -13.54 14.63 3.45
CA PHE E 202 -13.99 14.98 2.12
C PHE E 202 -15.46 14.66 1.99
N ALA E 203 -16.09 15.29 1.02
CA ALA E 203 -17.51 15.05 0.81
C ALA E 203 -17.85 15.17 -0.64
N ILE E 204 -18.95 14.56 -1.05
CA ILE E 204 -19.35 14.68 -2.43
C ILE E 204 -20.63 15.47 -2.51
N LEU E 205 -20.64 16.50 -3.33
CA LEU E 205 -21.84 17.27 -3.47
C LEU E 205 -22.60 16.70 -4.64
N LYS E 206 -23.90 16.70 -4.53
CA LYS E 206 -24.75 16.19 -5.58
C LYS E 206 -25.76 17.25 -6.03
N CYS E 207 -25.92 17.41 -7.36
CA CYS E 207 -26.87 18.33 -7.98
C CYS E 207 -28.18 17.61 -8.25
N ASN E 208 -29.23 17.99 -7.53
CA ASN E 208 -30.53 17.38 -7.70
C ASN E 208 -31.49 18.34 -8.40
N ASP E 209 -30.94 19.41 -8.98
CA ASP E 209 -31.79 20.40 -9.60
C ASP E 209 -32.41 19.81 -10.85
N LYS E 210 -33.49 20.40 -11.29
CA LYS E 210 -34.21 19.82 -12.41
C LYS E 210 -33.61 20.20 -13.74
N LYS E 211 -33.49 19.21 -14.60
CA LYS E 211 -32.99 19.40 -15.95
C LYS E 211 -31.64 20.08 -15.99
N PHE E 212 -30.75 19.70 -15.09
CA PHE E 212 -29.43 20.28 -15.12
C PHE E 212 -28.77 19.81 -16.41
N ASN E 213 -28.16 20.74 -17.18
CA ASN E 213 -27.56 20.49 -18.49
C ASN E 213 -26.03 20.24 -18.44
N GLY E 214 -25.47 19.92 -17.26
CA GLY E 214 -24.06 19.57 -17.04
C GLY E 214 -23.12 20.74 -16.79
N THR E 215 -23.63 21.94 -16.72
CA THR E 215 -22.74 23.06 -16.50
C THR E 215 -23.44 24.23 -15.86
N GLY E 216 -22.69 25.05 -15.15
CA GLY E 216 -23.23 26.24 -14.54
C GLY E 216 -23.78 25.97 -13.14
N PRO E 217 -24.41 26.97 -12.52
CA PRO E 217 -24.92 26.94 -11.18
C PRO E 217 -26.07 25.97 -11.08
N CYS E 218 -26.23 25.38 -9.89
CA CYS E 218 -27.24 24.42 -9.47
C CYS E 218 -27.73 24.80 -8.08
N THR E 219 -29.05 24.74 -7.89
CA THR E 219 -29.64 24.92 -6.56
C THR E 219 -30.03 23.52 -6.14
N ASN E 220 -30.62 23.37 -4.95
CA ASN E 220 -31.09 22.03 -4.54
C ASN E 220 -29.87 21.11 -4.51
N VAL E 221 -28.80 21.51 -3.85
CA VAL E 221 -27.52 20.82 -3.68
C VAL E 221 -27.52 20.12 -2.35
N SER E 222 -27.16 18.85 -2.37
CA SER E 222 -27.11 18.06 -1.17
C SER E 222 -25.74 17.45 -1.01
N THR E 223 -25.43 17.04 0.20
CA THR E 223 -24.17 16.39 0.45
C THR E 223 -24.41 14.92 0.67
N VAL E 224 -23.59 14.11 0.01
CA VAL E 224 -23.72 12.68 0.17
C VAL E 224 -22.40 12.08 0.61
N GLN E 225 -22.50 10.89 1.16
CA GLN E 225 -21.35 10.14 1.60
C GLN E 225 -20.64 9.38 0.45
N CYS E 226 -21.46 8.85 -0.50
CA CYS E 226 -21.06 8.04 -1.63
C CYS E 226 -22.01 8.38 -2.78
N THR E 227 -21.61 8.02 -3.99
CA THR E 227 -22.44 8.19 -5.17
C THR E 227 -23.37 7.02 -5.25
N HIS E 228 -24.34 7.11 -6.14
CA HIS E 228 -25.22 5.97 -6.37
C HIS E 228 -24.37 4.95 -7.07
N GLY E 229 -24.85 3.74 -7.23
CA GLY E 229 -23.97 2.81 -7.89
C GLY E 229 -23.96 3.09 -9.36
N ILE E 230 -22.79 3.03 -9.96
CA ILE E 230 -22.67 3.18 -11.39
C ILE E 230 -22.22 1.90 -11.97
N ARG E 231 -22.98 1.40 -12.92
CA ARG E 231 -22.67 0.15 -13.55
C ARG E 231 -21.53 0.42 -14.53
N PRO E 232 -20.34 -0.20 -14.39
CA PRO E 232 -19.17 0.04 -15.20
C PRO E 232 -19.27 -0.66 -16.53
N VAL E 233 -20.20 -0.20 -17.33
CA VAL E 233 -20.43 -0.80 -18.62
C VAL E 233 -19.51 -0.17 -19.61
N VAL E 234 -18.87 -0.99 -20.40
CA VAL E 234 -17.96 -0.52 -21.41
C VAL E 234 -18.60 -0.66 -22.76
N SER E 235 -18.79 0.44 -23.46
CA SER E 235 -19.41 0.41 -24.76
C SER E 235 -19.00 1.63 -25.56
N THR E 236 -19.33 1.59 -26.81
CA THR E 236 -19.12 2.71 -27.71
C THR E 236 -20.28 2.74 -28.67
N GLN E 237 -20.58 3.91 -29.20
CA GLN E 237 -21.62 4.16 -30.21
C GLN E 237 -23.06 3.92 -29.77
N LEU E 238 -23.27 3.57 -28.52
CA LEU E 238 -24.59 3.35 -27.98
C LEU E 238 -24.38 3.11 -26.50
N LEU E 239 -25.17 3.71 -25.62
CA LEU E 239 -24.97 3.33 -24.23
C LEU E 239 -25.75 2.05 -24.08
N LEU E 240 -25.31 1.15 -23.23
CA LEU E 240 -26.05 -0.12 -23.11
C LEU E 240 -26.92 -0.34 -21.88
N ASN E 241 -26.60 0.33 -20.76
CA ASN E 241 -27.31 0.27 -19.48
C ASN E 241 -27.01 1.59 -18.79
N GLY E 242 -27.85 1.99 -17.82
CA GLY E 242 -27.64 3.20 -17.00
C GLY E 242 -28.94 3.83 -16.54
N SER E 243 -28.79 5.01 -15.95
CA SER E 243 -29.87 5.79 -15.41
C SER E 243 -30.61 6.52 -16.51
N LEU E 244 -31.80 7.03 -16.19
CA LEU E 244 -32.61 7.75 -17.15
C LEU E 244 -32.90 9.17 -16.79
N ALA E 245 -33.21 9.95 -17.82
CA ALA E 245 -33.62 11.32 -17.66
C ALA E 245 -34.96 11.30 -16.94
N GLU E 246 -35.22 12.28 -16.11
CA GLU E 246 -36.44 12.29 -15.31
C GLU E 246 -37.76 12.58 -16.03
N LYS E 247 -37.79 13.60 -16.89
CA LYS E 247 -39.07 13.96 -17.53
C LYS E 247 -39.10 13.87 -19.05
N GLU E 248 -37.99 14.15 -19.67
CA GLU E 248 -37.89 14.24 -21.11
C GLU E 248 -36.47 13.97 -21.50
N VAL E 249 -36.22 13.80 -22.78
CA VAL E 249 -34.88 13.58 -23.24
C VAL E 249 -34.05 14.81 -22.94
N VAL E 250 -32.88 14.61 -22.35
CA VAL E 250 -32.03 15.73 -22.02
C VAL E 250 -30.77 15.67 -22.82
N ILE E 251 -30.50 16.73 -23.54
CA ILE E 251 -29.35 16.77 -24.39
C ILE E 251 -28.29 17.67 -23.79
N ARG E 252 -27.12 17.13 -23.52
CA ARG E 252 -26.09 17.90 -22.87
C ARG E 252 -24.82 17.95 -23.70
N SER E 253 -24.13 19.07 -23.67
CA SER E 253 -22.86 19.15 -24.37
C SER E 253 -22.04 20.20 -23.69
N GLN E 254 -20.74 20.18 -23.89
CA GLN E 254 -19.92 21.22 -23.31
C GLN E 254 -20.17 22.53 -24.03
N ASN E 255 -20.42 22.44 -25.33
CA ASN E 255 -20.68 23.56 -26.21
C ASN E 255 -21.43 23.03 -27.43
N PHE E 256 -22.60 23.57 -27.72
CA PHE E 256 -23.33 23.07 -28.88
C PHE E 256 -22.81 23.61 -30.20
N THR E 257 -22.33 24.86 -30.17
CA THR E 257 -21.84 25.54 -31.35
C THR E 257 -20.66 24.82 -31.97
N ASN E 258 -19.75 24.33 -31.15
CA ASN E 258 -18.60 23.64 -31.64
C ASN E 258 -18.99 22.20 -31.99
N ASN E 259 -18.99 21.88 -33.27
CA ASN E 259 -19.48 20.60 -33.74
C ASN E 259 -18.65 19.42 -33.30
N ALA E 260 -17.43 19.70 -32.87
CA ALA E 260 -16.48 18.69 -32.48
C ALA E 260 -16.72 18.17 -31.07
N LYS E 261 -17.65 18.78 -30.35
CA LYS E 261 -17.93 18.33 -29.01
C LYS E 261 -18.92 17.19 -29.09
N VAL E 262 -18.85 16.29 -28.13
CA VAL E 262 -19.81 15.20 -28.10
C VAL E 262 -21.06 15.63 -27.39
N ILE E 263 -22.17 15.32 -28.00
CA ILE E 263 -23.46 15.60 -27.44
C ILE E 263 -23.96 14.32 -26.82
N ILE E 264 -24.23 14.37 -25.54
CA ILE E 264 -24.66 13.20 -24.82
C ILE E 264 -26.14 13.28 -24.64
N VAL E 265 -26.84 12.29 -25.15
CA VAL E 265 -28.28 12.34 -25.10
C VAL E 265 -28.81 11.29 -24.16
N GLN E 266 -29.50 11.72 -23.11
CA GLN E 266 -30.04 10.79 -22.16
C GLN E 266 -31.54 10.65 -22.36
N LEU E 267 -32.00 9.42 -22.45
CA LEU E 267 -33.41 9.18 -22.70
C LEU E 267 -34.15 9.09 -21.39
N ASN E 268 -35.48 9.42 -21.38
CA ASN E 268 -36.38 9.27 -20.22
C ASN E 268 -37.22 7.97 -20.27
N GLU E 269 -37.00 7.09 -21.28
CA GLU E 269 -37.67 5.80 -21.48
C GLU E 269 -36.66 4.80 -22.01
N SER E 270 -36.71 3.59 -21.49
CA SER E 270 -35.81 2.54 -21.91
C SER E 270 -36.25 1.80 -23.17
N VAL E 271 -35.29 1.58 -24.04
CA VAL E 271 -35.50 0.79 -25.26
C VAL E 271 -34.71 -0.48 -25.13
N VAL E 272 -35.40 -1.60 -25.24
CA VAL E 272 -34.73 -2.88 -25.04
C VAL E 272 -34.09 -3.46 -26.27
N ILE E 273 -32.83 -3.84 -26.11
CA ILE E 273 -32.03 -4.47 -27.16
C ILE E 273 -31.77 -5.94 -26.79
N ASN E 274 -32.06 -6.88 -27.73
CA ASN E 274 -31.90 -8.34 -27.60
C ASN E 274 -30.79 -8.88 -28.51
N CYS E 275 -29.64 -9.32 -27.96
CA CYS E 275 -28.49 -9.81 -28.74
C CYS E 275 -28.27 -11.30 -28.55
N THR E 276 -27.99 -11.97 -29.66
CA THR E 276 -27.74 -13.41 -29.65
C THR E 276 -26.63 -13.89 -30.55
N ARG E 277 -26.07 -15.02 -30.18
CA ARG E 277 -25.13 -15.74 -31.01
C ARG E 277 -25.61 -17.18 -31.11
N PRO E 278 -26.50 -17.49 -32.05
CA PRO E 278 -27.16 -18.75 -32.24
C PRO E 278 -26.28 -19.74 -32.98
N ASN E 279 -25.13 -20.01 -32.42
CA ASN E 279 -24.14 -20.93 -32.97
C ASN E 279 -23.69 -21.80 -31.82
N ASN E 280 -23.97 -23.10 -31.89
CA ASN E 280 -23.69 -24.05 -30.81
C ASN E 280 -22.23 -24.52 -30.90
N ASN E 281 -21.35 -23.91 -30.07
CA ASN E 281 -19.90 -24.14 -30.10
C ASN E 281 -19.42 -25.19 -29.13
N THR E 282 -18.54 -26.04 -29.64
CA THR E 282 -17.88 -27.06 -28.86
C THR E 282 -16.48 -26.58 -28.61
N ARG E 283 -16.14 -26.44 -27.34
CA ARG E 283 -14.85 -25.93 -26.93
C ARG E 283 -13.82 -27.03 -26.78
N LYS E 284 -12.58 -26.68 -27.11
CA LYS E 284 -11.46 -27.59 -26.94
C LYS E 284 -10.32 -26.87 -26.24
N SER E 285 -9.48 -27.64 -25.58
CA SER E 285 -8.35 -27.07 -24.87
C SER E 285 -7.03 -27.58 -25.42
N ILE E 286 -6.21 -26.65 -25.85
CA ILE E 286 -4.93 -26.91 -26.47
C ILE E 286 -3.79 -26.60 -25.53
N HIS E 287 -2.93 -27.56 -25.30
CA HIS E 287 -1.84 -27.27 -24.37
C HIS E 287 -0.86 -26.30 -25.01
N ILE E 288 -0.47 -25.23 -24.31
CA ILE E 288 0.51 -24.32 -24.92
C ILE E 288 1.75 -24.02 -24.10
N ALA E 289 1.72 -24.30 -22.80
CA ALA E 289 2.86 -24.00 -21.96
C ALA E 289 2.80 -24.93 -20.77
N PRO E 290 3.90 -25.26 -20.10
CA PRO E 290 3.81 -26.07 -18.93
C PRO E 290 2.95 -25.31 -17.98
N GLY E 291 1.95 -25.96 -17.44
CA GLY E 291 1.05 -25.36 -16.47
C GLY E 291 -0.09 -24.53 -17.07
N ARG E 292 -0.13 -24.36 -18.41
CA ARG E 292 -1.19 -23.53 -19.00
C ARG E 292 -1.79 -24.03 -20.33
N TRP E 293 -3.11 -23.83 -20.42
CA TRP E 293 -3.90 -24.21 -21.57
C TRP E 293 -4.56 -23.03 -22.29
N PHE E 294 -4.69 -23.18 -23.60
CA PHE E 294 -5.37 -22.28 -24.50
C PHE E 294 -6.76 -22.75 -24.86
N TYR E 295 -7.74 -21.87 -24.78
CA TYR E 295 -9.09 -22.27 -25.12
C TYR E 295 -9.58 -21.72 -26.43
N THR E 296 -10.04 -22.62 -27.28
CA THR E 296 -10.56 -22.26 -28.59
C THR E 296 -11.78 -23.05 -28.95
N THR E 297 -12.34 -22.78 -30.11
CA THR E 297 -13.52 -23.50 -30.56
C THR E 297 -13.08 -24.63 -31.47
N GLY E 298 -13.51 -25.83 -31.13
CA GLY E 298 -13.17 -27.01 -31.89
C GLY E 298 -14.13 -27.25 -33.02
N ALA E 299 -15.42 -27.13 -32.74
CA ALA E 299 -16.38 -27.45 -33.77
C ALA E 299 -17.70 -26.74 -33.61
N ILE E 300 -18.43 -26.63 -34.72
CA ILE E 300 -19.74 -26.03 -34.68
C ILE E 300 -20.79 -27.08 -34.95
N ILE E 301 -21.76 -27.14 -34.08
CA ILE E 301 -22.85 -28.08 -34.17
C ILE E 301 -24.01 -27.43 -34.86
N GLY E 302 -24.43 -28.00 -35.98
CA GLY E 302 -25.53 -27.44 -36.74
C GLY E 302 -25.04 -26.36 -37.69
N ASP E 303 -25.98 -25.65 -38.29
CA ASP E 303 -25.69 -24.64 -39.28
C ASP E 303 -25.12 -23.39 -38.65
N ILE E 304 -24.40 -22.61 -39.44
CA ILE E 304 -23.88 -21.33 -39.00
C ILE E 304 -24.86 -20.19 -39.27
N ARG E 305 -25.08 -19.37 -38.25
CA ARG E 305 -26.00 -18.24 -38.29
C ARG E 305 -25.37 -16.94 -37.82
N GLN E 306 -25.92 -15.82 -38.28
CA GLN E 306 -25.40 -14.53 -37.88
C GLN E 306 -25.83 -14.12 -36.49
N ALA E 307 -24.90 -13.48 -35.77
CA ALA E 307 -25.14 -13.03 -34.40
C ALA E 307 -25.88 -11.70 -34.36
N HIS E 308 -27.13 -11.74 -34.73
CA HIS E 308 -27.96 -10.56 -34.82
C HIS E 308 -28.43 -9.98 -33.46
N CYS E 309 -28.73 -8.65 -33.44
CA CYS E 309 -29.37 -7.91 -32.33
C CYS E 309 -30.72 -7.34 -32.82
N ASN E 310 -31.73 -7.39 -31.96
CA ASN E 310 -33.08 -6.93 -32.28
C ASN E 310 -33.58 -5.80 -31.39
N ILE E 311 -34.05 -4.69 -32.04
CA ILE E 311 -34.66 -3.48 -31.45
C ILE E 311 -36.06 -3.26 -32.00
N SER E 312 -37.04 -3.00 -31.15
CA SER E 312 -38.39 -2.80 -31.66
C SER E 312 -38.48 -1.59 -32.59
N ARG E 313 -39.22 -1.74 -33.70
CA ARG E 313 -39.33 -0.64 -34.68
C ARG E 313 -40.01 0.57 -34.11
N VAL E 314 -41.05 0.34 -33.34
CA VAL E 314 -41.84 1.42 -32.81
C VAL E 314 -41.10 2.20 -31.77
N LYS E 315 -40.44 1.49 -30.86
CA LYS E 315 -39.76 2.21 -29.81
C LYS E 315 -38.61 2.98 -30.39
N TRP E 316 -37.92 2.41 -31.37
CA TRP E 316 -36.80 3.13 -31.90
C TRP E 316 -37.24 4.41 -32.58
N ASN E 317 -38.30 4.35 -33.40
CA ASN E 317 -38.71 5.56 -34.06
C ASN E 317 -39.23 6.60 -33.10
N ASN E 318 -39.91 6.18 -32.04
CA ASN E 318 -40.41 7.17 -31.12
C ASN E 318 -39.26 7.82 -30.38
N THR E 319 -38.22 7.04 -30.10
CA THR E 319 -37.06 7.59 -29.42
C THR E 319 -36.41 8.64 -30.27
N LEU E 320 -36.23 8.37 -31.55
CA LEU E 320 -35.59 9.36 -32.39
C LEU E 320 -36.45 10.60 -32.53
N LYS E 321 -37.77 10.43 -32.60
CA LYS E 321 -38.65 11.58 -32.72
C LYS E 321 -38.43 12.52 -31.55
N GLN E 322 -38.34 11.96 -30.34
CA GLN E 322 -38.16 12.79 -29.16
C GLN E 322 -36.80 13.46 -29.14
N ILE E 323 -35.77 12.76 -29.58
CA ILE E 323 -34.45 13.35 -29.57
C ILE E 323 -34.43 14.49 -30.54
N ALA E 324 -34.94 14.25 -31.75
CA ALA E 324 -34.93 15.26 -32.77
C ALA E 324 -35.71 16.48 -32.32
N THR E 325 -36.80 16.29 -31.58
CA THR E 325 -37.55 17.44 -31.11
C THR E 325 -36.73 18.31 -30.18
N LYS E 326 -36.07 17.69 -29.21
CA LYS E 326 -35.29 18.45 -28.25
C LYS E 326 -34.02 19.01 -28.88
N LEU E 327 -33.48 18.27 -29.82
CA LEU E 327 -32.27 18.65 -30.49
C LEU E 327 -32.60 19.86 -31.35
N ARG E 328 -33.78 19.86 -31.99
CA ARG E 328 -34.22 20.99 -32.79
C ARG E 328 -34.42 22.22 -31.94
N GLU E 329 -34.87 22.06 -30.69
CA GLU E 329 -35.01 23.26 -29.87
C GLU E 329 -33.63 23.91 -29.73
N GLN E 330 -32.59 23.09 -29.57
CA GLN E 330 -31.23 23.61 -29.54
C GLN E 330 -30.77 24.15 -30.90
N PHE E 331 -31.21 23.50 -31.98
CA PHE E 331 -30.85 23.89 -33.34
C PHE E 331 -32.10 24.34 -34.10
N LYS E 332 -32.50 25.54 -33.74
CA LYS E 332 -33.77 26.14 -34.11
C LYS E 332 -33.97 26.30 -35.60
N ASN E 333 -35.18 25.91 -35.99
CA ASN E 333 -35.73 25.92 -37.33
C ASN E 333 -34.97 25.09 -38.36
N LYS E 334 -34.36 23.96 -37.97
CA LYS E 334 -33.74 23.14 -38.99
C LYS E 334 -34.19 21.70 -38.97
N THR E 335 -34.23 21.05 -40.13
CA THR E 335 -34.48 19.63 -40.23
C THR E 335 -33.30 18.87 -39.66
N ILE E 336 -33.60 17.81 -38.94
CA ILE E 336 -32.56 16.98 -38.35
C ILE E 336 -32.36 15.66 -39.01
N ALA E 337 -31.12 15.40 -39.33
CA ALA E 337 -30.71 14.15 -39.91
C ALA E 337 -29.78 13.47 -38.95
N PHE E 338 -29.82 12.15 -38.89
CA PHE E 338 -28.80 11.48 -38.08
C PHE E 338 -27.66 10.84 -38.94
N ASN E 339 -28.00 10.48 -40.19
CA ASN E 339 -27.16 9.84 -41.21
C ASN E 339 -26.50 8.54 -40.69
N GLN E 340 -25.17 8.30 -40.94
CA GLN E 340 -24.45 7.08 -40.58
C GLN E 340 -23.15 7.28 -39.83
N SER E 341 -22.80 6.26 -39.07
CA SER E 341 -21.50 6.19 -38.41
C SER E 341 -20.45 6.10 -39.48
N SER E 342 -19.30 6.72 -39.26
CA SER E 342 -18.25 6.66 -40.26
C SER E 342 -16.86 6.66 -39.67
N GLY E 343 -15.99 5.88 -40.30
CA GLY E 343 -14.59 5.75 -39.94
C GLY E 343 -14.07 4.42 -40.46
N GLY E 344 -12.76 4.21 -40.43
CA GLY E 344 -12.20 2.94 -40.92
C GLY E 344 -11.85 1.96 -39.80
N ASP E 345 -12.17 2.33 -38.57
CA ASP E 345 -11.84 1.53 -37.41
C ASP E 345 -13.07 0.99 -36.68
N PRO E 346 -13.38 -0.33 -36.74
CA PRO E 346 -14.53 -0.98 -36.14
C PRO E 346 -14.72 -0.61 -34.66
N GLU E 347 -13.63 -0.30 -33.95
CA GLU E 347 -13.74 0.06 -32.52
C GLU E 347 -14.51 1.34 -32.33
N ILE E 348 -14.46 2.19 -33.33
CA ILE E 348 -15.11 3.47 -33.31
C ILE E 348 -16.42 3.40 -34.07
N VAL E 349 -16.41 2.71 -35.19
CA VAL E 349 -17.56 2.68 -36.07
C VAL E 349 -18.78 1.93 -35.56
N MET E 350 -18.58 0.75 -34.99
CA MET E 350 -19.68 -0.08 -34.52
C MET E 350 -19.80 -0.16 -33.01
N HIS E 351 -21.00 -0.39 -32.47
CA HIS E 351 -20.99 -0.60 -31.04
C HIS E 351 -20.34 -1.94 -30.83
N SER E 352 -19.84 -2.15 -29.63
CA SER E 352 -19.10 -3.34 -29.24
C SER E 352 -19.69 -4.01 -28.03
N PHE E 353 -21.00 -4.23 -28.04
CA PHE E 353 -21.69 -4.81 -26.90
C PHE E 353 -20.99 -6.05 -26.38
N ASN E 354 -20.72 -6.07 -25.07
CA ASN E 354 -20.11 -7.21 -24.38
C ASN E 354 -21.24 -8.11 -23.86
N CYS E 355 -21.46 -9.29 -24.49
CA CYS E 355 -22.58 -10.18 -24.22
C CYS E 355 -22.09 -11.53 -23.72
N GLY E 356 -22.14 -11.72 -22.41
CA GLY E 356 -21.71 -12.97 -21.80
C GLY E 356 -20.20 -13.09 -21.71
N GLY E 357 -19.49 -12.07 -22.13
CA GLY E 357 -18.05 -12.07 -22.19
C GLY E 357 -17.52 -12.11 -23.63
N GLU E 358 -18.41 -12.23 -24.62
CA GLU E 358 -17.98 -12.19 -26.01
C GLU E 358 -18.26 -10.82 -26.59
N PHE E 359 -17.50 -10.45 -27.60
CA PHE E 359 -17.68 -9.11 -28.14
C PHE E 359 -18.31 -9.04 -29.50
N PHE E 360 -19.46 -8.37 -29.53
CA PHE E 360 -20.29 -8.19 -30.69
C PHE E 360 -20.10 -6.83 -31.32
N TYR E 361 -19.60 -6.81 -32.53
CA TYR E 361 -19.40 -5.58 -33.26
C TYR E 361 -20.57 -5.47 -34.22
N CYS E 362 -21.47 -4.50 -33.98
CA CYS E 362 -22.76 -4.41 -34.68
C CYS E 362 -22.89 -3.23 -35.60
N ASN E 363 -23.59 -3.48 -36.69
CA ASN E 363 -23.93 -2.51 -37.71
C ASN E 363 -25.17 -1.73 -37.29
N THR E 364 -25.03 -0.40 -37.08
CA THR E 364 -26.08 0.50 -36.61
C THR E 364 -26.66 1.35 -37.74
N THR E 365 -26.32 1.06 -38.99
CA THR E 365 -26.83 1.88 -40.09
C THR E 365 -28.35 1.95 -40.08
N GLN E 366 -28.99 0.81 -39.85
CA GLN E 366 -30.43 0.67 -39.84
C GLN E 366 -31.11 1.47 -38.75
N LEU E 367 -30.35 1.93 -37.77
CA LEU E 367 -30.90 2.71 -36.70
C LEU E 367 -30.83 4.21 -36.96
N PHE E 368 -29.91 4.66 -37.83
CA PHE E 368 -29.74 6.10 -37.96
C PHE E 368 -29.97 6.72 -39.31
N ASN E 369 -30.05 5.93 -40.37
CA ASN E 369 -30.12 6.51 -41.71
C ASN E 369 -31.53 7.00 -42.07
N SER E 370 -31.97 8.07 -41.40
CA SER E 370 -33.27 8.74 -41.53
C SER E 370 -33.19 10.21 -41.08
N THR E 371 -34.24 10.98 -41.40
CA THR E 371 -34.36 12.38 -40.99
C THR E 371 -35.73 12.68 -40.40
N TRP E 372 -35.84 13.82 -39.71
CA TRP E 372 -37.07 14.28 -39.11
C TRP E 372 -37.41 15.76 -39.40
N ASN E 373 -38.56 15.99 -40.03
CA ASN E 373 -39.03 17.34 -40.37
C ASN E 373 -40.52 17.64 -40.14
N ASP E 374 -41.20 16.91 -39.20
CA ASP E 374 -42.64 17.04 -38.88
C ASP E 374 -43.51 16.87 -40.13
N HIS E 385 -39.38 -6.48 -36.29
CA HIS E 385 -38.46 -5.68 -35.50
C HIS E 385 -37.33 -5.18 -36.44
N ILE E 386 -36.37 -4.38 -35.89
CA ILE E 386 -35.19 -3.90 -36.60
C ILE E 386 -34.07 -4.85 -36.29
N THR E 387 -33.52 -5.47 -37.31
CA THR E 387 -32.47 -6.44 -37.04
C THR E 387 -31.13 -5.90 -37.47
N LEU E 388 -30.15 -6.04 -36.61
CA LEU E 388 -28.82 -5.55 -36.90
C LEU E 388 -27.84 -6.70 -36.98
N PRO E 389 -27.12 -6.88 -38.08
CA PRO E 389 -26.13 -7.92 -38.22
C PRO E 389 -24.98 -7.50 -37.33
N CYS E 390 -24.21 -8.46 -36.80
CA CYS E 390 -23.03 -8.22 -35.97
C CYS E 390 -22.04 -9.32 -36.28
N ARG E 391 -20.80 -9.07 -35.89
CA ARG E 391 -19.73 -10.03 -36.03
C ARG E 391 -19.03 -10.23 -34.71
N ILE E 392 -18.41 -11.37 -34.54
CA ILE E 392 -17.73 -11.67 -33.29
C ILE E 392 -16.24 -11.59 -33.41
N LYS E 393 -15.62 -10.87 -32.50
CA LYS E 393 -14.17 -10.71 -32.52
C LYS E 393 -13.57 -11.10 -31.17
N GLN E 394 -12.53 -11.94 -31.16
CA GLN E 394 -11.93 -12.39 -29.91
C GLN E 394 -10.65 -11.70 -29.44
N ILE E 395 -9.86 -11.07 -30.32
CA ILE E 395 -8.63 -10.44 -29.82
C ILE E 395 -8.80 -8.94 -29.78
N ILE E 396 -8.89 -8.39 -28.58
CA ILE E 396 -9.19 -6.99 -28.49
C ILE E 396 -8.23 -6.12 -27.73
N ASN E 397 -7.79 -5.05 -28.41
CA ASN E 397 -6.94 -4.05 -27.80
C ASN E 397 -7.86 -3.06 -27.13
N MET E 398 -8.41 -3.51 -26.03
CA MET E 398 -9.45 -2.84 -25.33
C MET E 398 -8.98 -1.47 -24.96
N TRP E 399 -9.91 -0.53 -25.00
CA TRP E 399 -9.73 0.88 -24.68
C TRP E 399 -9.06 1.62 -25.82
N GLN E 400 -8.91 0.95 -26.97
CA GLN E 400 -8.37 1.53 -28.19
C GLN E 400 -6.96 2.03 -27.95
N LYS E 401 -6.19 1.22 -27.25
CA LYS E 401 -4.81 1.46 -26.92
C LYS E 401 -3.91 0.49 -27.62
N VAL E 402 -2.63 0.65 -27.40
CA VAL E 402 -1.65 -0.25 -28.00
C VAL E 402 -0.77 -0.80 -26.91
N GLY E 403 -0.06 -1.88 -27.22
CA GLY E 403 0.85 -2.48 -26.26
C GLY E 403 0.24 -3.68 -25.52
N LYS E 404 -1.03 -3.95 -25.78
CA LYS E 404 -1.72 -5.06 -25.14
C LYS E 404 -2.98 -5.48 -25.86
N ALA E 405 -3.40 -6.73 -25.64
CA ALA E 405 -4.69 -7.19 -26.11
C ALA E 405 -5.15 -8.34 -25.25
N MET E 406 -6.46 -8.45 -25.10
CA MET E 406 -7.05 -9.54 -24.38
C MET E 406 -7.67 -10.53 -25.34
N TYR E 407 -7.47 -11.81 -25.08
CA TYR E 407 -8.13 -12.81 -25.88
C TYR E 407 -9.28 -13.43 -25.13
N ALA E 408 -10.45 -13.31 -25.72
CA ALA E 408 -11.65 -13.83 -25.10
C ALA E 408 -11.87 -15.26 -25.55
N PRO E 409 -11.84 -16.26 -24.66
CA PRO E 409 -12.02 -17.63 -25.00
C PRO E 409 -13.50 -17.70 -25.34
N PRO E 410 -13.94 -18.64 -26.16
CA PRO E 410 -15.32 -18.83 -26.56
C PRO E 410 -16.20 -19.38 -25.47
N ILE E 411 -17.48 -19.09 -25.57
CA ILE E 411 -18.46 -19.65 -24.65
C ILE E 411 -19.15 -20.86 -25.26
N ARG E 412 -19.14 -21.95 -24.50
CA ARG E 412 -19.75 -23.21 -24.91
C ARG E 412 -21.24 -23.08 -25.16
N GLY E 413 -21.72 -23.71 -26.23
CA GLY E 413 -23.15 -23.64 -26.54
C GLY E 413 -23.49 -22.34 -27.22
N GLN E 414 -24.70 -21.84 -26.94
CA GLN E 414 -25.24 -20.63 -27.56
C GLN E 414 -25.44 -19.58 -26.50
N ILE E 415 -25.46 -18.30 -26.90
CA ILE E 415 -25.75 -17.26 -25.89
C ILE E 415 -26.86 -16.27 -26.27
N ARG E 416 -27.44 -15.66 -25.23
CA ARG E 416 -28.44 -14.60 -25.35
C ARG E 416 -28.29 -13.65 -24.17
N CYS E 417 -28.48 -12.33 -24.41
CA CYS E 417 -28.47 -11.28 -23.40
C CYS E 417 -29.38 -10.14 -23.87
N SER E 418 -29.71 -9.27 -22.94
CA SER E 418 -30.49 -8.10 -23.30
C SER E 418 -30.14 -6.94 -22.39
N SER E 419 -30.46 -5.75 -22.84
CA SER E 419 -30.18 -4.56 -22.05
C SER E 419 -31.08 -3.36 -22.37
N ASN E 420 -31.02 -2.30 -21.51
CA ASN E 420 -31.77 -1.04 -21.62
C ASN E 420 -30.85 0.05 -22.15
N ILE E 421 -31.04 0.52 -23.41
CA ILE E 421 -30.08 1.46 -24.06
C ILE E 421 -29.83 2.78 -23.29
N THR E 422 -30.88 3.40 -22.79
CA THR E 422 -30.77 4.63 -22.02
C THR E 422 -29.67 5.58 -22.48
N GLY E 423 -29.79 6.09 -23.71
CA GLY E 423 -28.85 7.10 -24.20
C GLY E 423 -27.93 6.76 -25.37
N LEU E 424 -27.65 7.85 -26.11
CA LEU E 424 -26.86 7.91 -27.32
C LEU E 424 -25.72 8.93 -27.30
N LEU E 425 -24.67 8.70 -28.08
CA LEU E 425 -23.60 9.68 -28.24
C LEU E 425 -23.59 10.20 -29.68
N LEU E 426 -23.78 11.51 -29.86
CA LEU E 426 -23.82 12.11 -31.19
C LEU E 426 -22.79 13.23 -31.42
N THR E 427 -22.32 13.39 -32.65
CA THR E 427 -21.45 14.54 -32.99
C THR E 427 -22.02 15.28 -34.19
N ARG E 428 -21.63 16.54 -34.42
CA ARG E 428 -22.15 17.23 -35.58
C ARG E 428 -21.19 17.13 -36.75
N ASP E 429 -21.78 17.03 -37.93
CA ASP E 429 -21.06 16.88 -39.18
C ASP E 429 -20.15 18.06 -39.54
N GLY E 430 -20.51 19.27 -39.14
CA GLY E 430 -19.69 20.43 -39.48
C GLY E 430 -20.47 21.41 -40.34
N GLY E 431 -19.77 22.43 -40.87
CA GLY E 431 -20.39 23.47 -41.68
C GLY E 431 -20.37 23.10 -43.16
N SER E 432 -20.81 24.02 -44.03
CA SER E 432 -20.83 23.76 -45.46
C SER E 432 -20.81 25.04 -46.26
N ASN E 433 -20.55 24.93 -47.56
CA ASN E 433 -20.53 26.09 -48.45
C ASN E 433 -21.92 26.51 -48.88
N GLU E 434 -22.90 25.78 -48.38
CA GLU E 434 -24.29 26.02 -48.62
C GLU E 434 -24.83 26.98 -47.57
N ASN E 435 -24.01 27.27 -46.54
CA ASN E 435 -24.34 28.17 -45.46
C ASN E 435 -25.64 27.81 -44.75
N LYS E 436 -25.90 26.52 -44.60
CA LYS E 436 -27.07 25.97 -43.93
C LYS E 436 -28.40 26.41 -44.51
N THR E 437 -28.48 26.77 -45.80
CA THR E 437 -29.78 27.16 -46.36
C THR E 437 -30.57 25.92 -46.70
N SER E 438 -29.86 24.81 -46.70
CA SER E 438 -30.33 23.47 -46.95
C SER E 438 -30.73 22.77 -45.65
N GLU E 439 -30.52 23.46 -44.51
CA GLU E 439 -30.80 22.91 -43.20
C GLU E 439 -30.12 21.55 -43.08
N THR E 440 -30.92 20.51 -42.90
CA THR E 440 -30.49 19.14 -42.76
C THR E 440 -29.25 19.05 -41.90
N GLU E 441 -29.38 19.46 -40.66
CA GLU E 441 -28.25 19.44 -39.78
C GLU E 441 -28.04 18.00 -39.40
N THR E 442 -26.82 17.50 -39.61
CA THR E 442 -26.55 16.11 -39.34
C THR E 442 -25.78 15.84 -38.06
N PHE E 443 -26.36 14.96 -37.25
CA PHE E 443 -25.86 14.54 -35.97
C PHE E 443 -25.53 13.06 -36.04
N ARG E 444 -24.27 12.75 -36.27
CA ARG E 444 -23.88 11.39 -36.54
C ARG E 444 -23.82 10.55 -35.29
N PRO E 445 -24.14 9.26 -35.39
CA PRO E 445 -24.08 8.28 -34.34
C PRO E 445 -22.66 7.86 -34.12
N ALA E 446 -21.90 8.75 -33.51
CA ALA E 446 -20.52 8.51 -33.26
C ALA E 446 -20.08 9.05 -31.92
N GLY E 447 -19.20 8.30 -31.30
CA GLY E 447 -18.52 8.58 -30.04
C GLY E 447 -17.05 8.22 -30.23
N GLY E 448 -16.57 7.23 -29.47
CA GLY E 448 -15.18 6.76 -29.60
C GLY E 448 -14.28 7.00 -28.38
N ASP E 449 -14.83 7.62 -27.35
CA ASP E 449 -14.06 7.89 -26.12
C ASP E 449 -14.88 7.45 -24.93
N MET E 450 -14.45 6.37 -24.29
CA MET E 450 -15.20 5.73 -23.22
C MET E 450 -15.38 6.58 -21.98
N ARG E 451 -14.63 7.67 -21.85
CA ARG E 451 -14.80 8.52 -20.70
C ARG E 451 -16.11 9.25 -20.77
N ASP E 452 -16.74 9.26 -21.94
CA ASP E 452 -18.03 9.89 -22.08
C ASP E 452 -19.09 9.02 -21.45
N ASN E 453 -18.85 7.70 -21.37
CA ASN E 453 -19.87 6.85 -20.82
C ASN E 453 -19.90 7.08 -19.34
N TRP E 454 -18.71 7.23 -18.80
CA TRP E 454 -18.58 7.43 -17.38
C TRP E 454 -19.03 8.84 -17.01
N ARG E 455 -18.74 9.79 -17.87
CA ARG E 455 -19.15 11.16 -17.64
C ARG E 455 -20.65 11.29 -17.60
N SER E 456 -21.35 10.50 -18.40
CA SER E 456 -22.80 10.62 -18.48
C SER E 456 -23.49 10.30 -17.17
N GLU E 457 -22.83 9.63 -16.20
CA GLU E 457 -23.50 9.40 -14.92
C GLU E 457 -22.79 10.05 -13.74
N LEU E 458 -21.79 10.88 -14.03
CA LEU E 458 -21.07 11.58 -12.99
C LEU E 458 -21.30 13.07 -13.06
N TYR E 459 -22.23 13.48 -13.89
CA TYR E 459 -22.54 14.89 -14.10
C TYR E 459 -23.18 15.52 -12.90
N LYS E 460 -23.71 14.68 -12.04
CA LYS E 460 -24.36 15.14 -10.87
C LYS E 460 -23.42 15.30 -9.70
N TYR E 461 -22.17 14.86 -9.83
CA TYR E 461 -21.33 14.90 -8.63
C TYR E 461 -20.06 15.74 -8.70
N LYS E 462 -19.73 16.34 -7.56
CA LYS E 462 -18.49 17.11 -7.38
C LYS E 462 -17.77 16.76 -6.07
N VAL E 463 -16.44 16.71 -6.10
CA VAL E 463 -15.68 16.44 -4.87
C VAL E 463 -15.14 17.70 -4.23
N VAL E 464 -15.40 17.84 -2.94
CA VAL E 464 -14.93 18.99 -2.17
C VAL E 464 -14.23 18.52 -0.92
N LYS E 465 -13.43 19.39 -0.31
CA LYS E 465 -12.77 19.09 0.96
C LYS E 465 -13.25 20.03 2.02
N ILE E 466 -13.33 19.51 3.23
CA ILE E 466 -13.77 20.30 4.35
C ILE E 466 -12.59 20.97 5.02
N GLU E 467 -12.75 22.26 5.29
CA GLU E 467 -11.72 23.06 5.96
C GLU E 467 -12.30 23.67 7.24
N PRO E 468 -12.27 22.95 8.38
CA PRO E 468 -12.88 23.29 9.65
C PRO E 468 -12.39 24.56 10.32
N LEU E 469 -11.22 25.09 9.96
CA LEU E 469 -10.76 26.28 10.65
C LEU E 469 -11.08 27.55 9.93
N GLY E 470 -11.38 28.58 10.70
CA GLY E 470 -11.61 29.90 10.15
C GLY E 470 -11.59 30.92 11.28
N VAL E 471 -11.56 32.18 10.90
CA VAL E 471 -11.51 33.26 11.87
C VAL E 471 -12.52 34.31 11.54
N ALA E 472 -12.83 35.15 12.52
CA ALA E 472 -13.71 36.29 12.31
C ALA E 472 -13.47 37.35 13.37
N PRO E 473 -13.74 38.64 13.10
CA PRO E 473 -13.71 39.69 14.07
C PRO E 473 -14.84 39.53 15.04
N THR E 474 -14.54 39.71 16.31
CA THR E 474 -15.48 39.70 17.41
C THR E 474 -15.10 40.77 18.40
N LYS E 475 -15.85 40.86 19.51
CA LYS E 475 -15.50 41.83 20.53
C LYS E 475 -15.35 41.17 21.93
N CYS E 476 -14.14 40.67 22.20
CA CYS E 476 -13.71 39.93 23.39
C CYS E 476 -12.21 40.08 23.60
N LYS E 477 -11.72 39.64 24.76
CA LYS E 477 -10.30 39.66 25.12
C LYS E 477 -9.43 40.20 23.98
N LEU F 13 -24.57 16.85 9.15
CA LEU F 13 -23.32 17.23 8.49
C LEU F 13 -23.07 18.77 8.47
N GLY F 14 -24.16 19.56 8.34
CA GLY F 14 -24.10 21.04 8.31
C GLY F 14 -25.19 21.64 7.45
N ALA F 15 -25.08 22.94 7.23
CA ALA F 15 -26.03 23.72 6.44
C ALA F 15 -25.24 24.63 5.52
N ALA F 16 -24.63 25.65 6.10
CA ALA F 16 -23.79 26.63 5.40
C ALA F 16 -24.50 27.55 4.43
N GLY F 17 -25.82 27.52 4.39
CA GLY F 17 -26.54 28.50 3.58
C GLY F 17 -26.96 29.62 4.51
N SER F 18 -26.67 29.39 5.78
CA SER F 18 -27.01 30.29 6.84
C SER F 18 -25.92 31.29 7.08
N THR F 19 -26.25 32.34 7.80
CA THR F 19 -25.26 33.36 8.06
C THR F 19 -24.30 32.89 9.10
N MET F 20 -23.18 33.58 9.22
CA MET F 20 -22.18 33.17 10.20
C MET F 20 -22.75 33.12 11.60
N GLY F 21 -23.51 34.12 11.96
CA GLY F 21 -24.10 34.19 13.28
C GLY F 21 -24.99 33.01 13.53
N ALA F 22 -25.93 32.76 12.63
CA ALA F 22 -26.84 31.66 12.87
C ALA F 22 -26.12 30.31 12.86
N ALA F 23 -25.22 30.12 11.92
CA ALA F 23 -24.55 28.84 11.79
C ALA F 23 -23.75 28.49 13.00
N SER F 24 -23.10 29.49 13.56
CA SER F 24 -22.23 29.29 14.68
C SER F 24 -22.95 29.12 15.99
N MET F 25 -24.27 29.32 16.06
CA MET F 25 -24.89 29.18 17.37
C MET F 25 -24.81 27.77 17.86
N THR F 26 -24.65 26.81 16.95
CA THR F 26 -24.60 25.43 17.31
C THR F 26 -23.21 24.89 17.15
N LEU F 27 -22.20 25.73 16.96
CA LEU F 27 -20.86 25.22 16.70
C LEU F 27 -20.42 24.29 17.80
N THR F 28 -20.81 24.57 19.03
CA THR F 28 -20.46 23.72 20.16
C THR F 28 -20.83 22.27 19.90
N VAL F 29 -21.96 22.01 19.23
CA VAL F 29 -22.37 20.64 19.00
C VAL F 29 -22.27 20.18 17.54
N GLN F 30 -22.12 21.10 16.57
CA GLN F 30 -21.88 20.71 15.17
C GLN F 30 -20.43 20.25 15.08
N ALA F 31 -19.60 20.94 15.83
CA ALA F 31 -18.23 20.61 15.94
C ALA F 31 -18.34 19.39 16.80
N ARG F 32 -17.35 18.56 16.82
CA ARG F 32 -17.45 17.32 17.55
C ARG F 32 -18.41 16.33 16.82
N GLN F 33 -18.90 16.69 15.63
CA GLN F 33 -19.55 15.73 14.75
C GLN F 33 -18.63 15.67 13.56
N LEU F 34 -18.17 16.86 13.12
CA LEU F 34 -17.24 16.93 12.00
C LEU F 34 -15.92 16.30 12.43
N LEU F 35 -15.55 16.56 13.68
CA LEU F 35 -14.30 16.06 14.23
C LEU F 35 -14.35 14.57 14.33
N SER F 36 -15.48 14.07 14.80
CA SER F 36 -15.68 12.67 15.00
C SER F 36 -15.60 11.95 13.68
N GLY F 37 -16.22 12.53 12.66
CA GLY F 37 -16.24 11.94 11.33
C GLY F 37 -14.85 11.72 10.75
N ILE F 38 -13.90 12.57 11.11
CA ILE F 38 -12.54 12.44 10.59
C ILE F 38 -11.89 11.10 10.99
N VAL F 39 -12.09 10.66 12.23
CA VAL F 39 -11.42 9.46 12.72
C VAL F 39 -12.34 8.24 12.96
N GLN F 40 -13.54 8.45 13.49
CA GLN F 40 -14.42 7.38 13.88
C GLN F 40 -15.38 6.91 12.77
N GLN F 41 -15.91 5.69 12.94
CA GLN F 41 -16.93 5.07 12.08
C GLN F 41 -16.43 4.59 10.71
N GLN F 42 -15.84 5.48 9.92
CA GLN F 42 -15.36 5.06 8.61
C GLN F 42 -14.31 3.99 8.75
N ASN F 43 -13.53 4.06 9.80
CA ASN F 43 -12.47 3.10 9.99
C ASN F 43 -12.97 1.74 10.44
N ASN F 44 -14.26 1.62 10.78
CA ASN F 44 -14.80 0.32 11.13
C ASN F 44 -15.34 -0.27 9.83
N LEU F 45 -15.90 0.61 9.00
CA LEU F 45 -16.47 0.25 7.69
C LEU F 45 -15.40 -0.33 6.78
N LEU F 46 -14.19 0.19 6.90
CA LEU F 46 -13.06 -0.20 6.06
C LEU F 46 -12.37 -1.49 6.50
N ARG F 47 -12.87 -2.19 7.54
CA ARG F 47 -12.21 -3.42 7.98
C ARG F 47 -12.49 -4.63 7.05
N ALA F 48 -11.87 -4.60 5.84
CA ALA F 48 -12.02 -5.59 4.77
C ALA F 48 -10.70 -5.70 4.00
N THR F 59 -2.10 -3.27 -6.52
CA THR F 59 -1.97 -1.82 -6.36
C THR F 59 -3.14 -1.05 -7.06
N VAL F 60 -4.37 -1.63 -7.05
CA VAL F 60 -5.58 -1.02 -7.62
C VAL F 60 -6.38 -0.36 -6.51
N TRP F 61 -6.76 -1.17 -5.53
CA TRP F 61 -7.50 -0.71 -4.37
C TRP F 61 -6.73 -1.08 -3.12
N GLY F 62 -5.43 -1.25 -3.30
CA GLY F 62 -4.50 -1.61 -2.24
C GLY F 62 -3.78 -0.38 -1.74
N ILE F 63 -2.73 -0.01 -2.46
CA ILE F 63 -1.90 1.11 -2.09
C ILE F 63 -2.71 2.39 -2.00
N LYS F 64 -3.75 2.52 -2.81
CA LYS F 64 -4.55 3.71 -2.72
C LYS F 64 -5.27 3.87 -1.40
N GLN F 65 -5.69 2.78 -0.77
CA GLN F 65 -6.42 2.95 0.46
C GLN F 65 -5.43 3.30 1.54
N LEU F 66 -4.23 2.75 1.43
CA LEU F 66 -3.23 3.03 2.45
C LEU F 66 -2.86 4.50 2.36
N GLN F 67 -2.73 5.01 1.13
CA GLN F 67 -2.39 6.40 0.96
C GLN F 67 -3.50 7.30 1.48
N ALA F 68 -4.76 6.91 1.25
CA ALA F 68 -5.88 7.71 1.74
C ALA F 68 -5.87 7.79 3.26
N ARG F 69 -5.53 6.69 3.94
CA ARG F 69 -5.48 6.70 5.39
C ARG F 69 -4.40 7.63 5.87
N VAL F 70 -3.27 7.61 5.19
CA VAL F 70 -2.18 8.48 5.59
C VAL F 70 -2.56 9.92 5.40
N LEU F 71 -3.20 10.27 4.29
CA LEU F 71 -3.58 11.66 4.10
C LEU F 71 -4.53 12.12 5.17
N ALA F 72 -5.51 11.30 5.53
CA ALA F 72 -6.46 11.73 6.54
C ALA F 72 -5.75 12.03 7.85
N VAL F 73 -4.76 11.21 8.20
CA VAL F 73 -4.02 11.45 9.42
C VAL F 73 -3.24 12.74 9.34
N GLU F 74 -2.58 12.97 8.23
CA GLU F 74 -1.79 14.18 8.09
C GLU F 74 -2.67 15.42 8.20
N ARG F 75 -3.85 15.39 7.59
CA ARG F 75 -4.71 16.56 7.65
C ARG F 75 -5.21 16.78 9.06
N TYR F 76 -5.55 15.70 9.73
CA TYR F 76 -6.03 15.82 11.08
C TYR F 76 -5.01 16.47 11.98
N LEU F 77 -3.78 15.99 11.90
CA LEU F 77 -2.77 16.52 12.77
C LEU F 77 -2.48 17.96 12.44
N ARG F 78 -2.50 18.37 11.18
CA ARG F 78 -2.28 19.77 10.90
C ARG F 78 -3.26 20.66 11.63
N ASP F 79 -4.54 20.31 11.61
CA ASP F 79 -5.49 21.18 12.27
C ASP F 79 -5.30 21.16 13.77
N GLN F 80 -4.99 20.01 14.33
CA GLN F 80 -4.81 20.00 15.76
C GLN F 80 -3.57 20.77 16.17
N GLN F 81 -2.52 20.70 15.36
CA GLN F 81 -1.31 21.40 15.68
C GLN F 81 -1.53 22.88 15.67
N LEU F 82 -2.30 23.39 14.72
CA LEU F 82 -2.54 24.81 14.71
C LEU F 82 -3.40 25.25 15.88
N LEU F 83 -4.39 24.47 16.27
CA LEU F 83 -5.14 24.90 17.42
C LEU F 83 -4.23 24.92 18.62
N GLY F 84 -3.33 23.95 18.70
CA GLY F 84 -2.40 23.90 19.79
C GLY F 84 -1.43 25.09 19.79
N ILE F 85 -0.88 25.45 18.63
CA ILE F 85 0.11 26.51 18.57
C ILE F 85 -0.54 27.82 18.95
N TRP F 86 -1.82 27.96 18.66
CA TRP F 86 -2.57 29.16 18.97
C TRP F 86 -3.23 29.11 20.34
N GLY F 87 -2.98 28.07 21.11
CA GLY F 87 -3.51 27.97 22.49
C GLY F 87 -4.95 27.48 22.67
N CYS F 88 -5.60 27.06 21.60
CA CYS F 88 -6.99 26.65 21.53
C CYS F 88 -7.05 25.13 21.72
N SER F 89 -6.41 24.70 22.78
CA SER F 89 -6.28 23.28 23.01
C SER F 89 -7.54 22.75 23.61
N GLY F 90 -8.24 21.96 22.81
CA GLY F 90 -9.51 21.41 23.22
C GLY F 90 -10.63 22.44 23.10
N LYS F 91 -10.40 23.52 22.36
CA LYS F 91 -11.42 24.53 22.27
C LYS F 91 -12.07 24.53 20.93
N LEU F 92 -13.34 24.85 20.89
CA LEU F 92 -14.04 24.95 19.62
C LEU F 92 -14.13 26.42 19.24
N ILE F 93 -14.25 27.25 20.25
CA ILE F 93 -14.31 28.68 20.08
C ILE F 93 -13.27 29.22 21.05
N CYS F 94 -12.33 30.07 20.60
CA CYS F 94 -11.29 30.66 21.44
C CYS F 94 -10.99 32.10 21.03
N CYS F 95 -10.81 32.94 22.04
CA CYS F 95 -10.54 34.34 21.83
C CYS F 95 -9.13 34.64 22.26
N THR F 96 -8.41 35.39 21.45
CA THR F 96 -7.04 35.73 21.80
C THR F 96 -6.76 37.24 21.79
N ALA F 97 -5.51 37.58 22.01
CA ALA F 97 -5.02 38.94 22.15
C ALA F 97 -4.69 39.68 20.86
N VAL F 98 -4.87 39.06 19.73
CA VAL F 98 -4.57 39.75 18.49
C VAL F 98 -5.79 40.57 18.08
N PRO F 99 -5.67 41.88 17.86
CA PRO F 99 -6.74 42.80 17.48
C PRO F 99 -7.08 42.55 16.02
N TRP F 100 -8.28 42.88 15.61
CA TRP F 100 -8.59 42.79 14.20
C TRP F 100 -8.07 44.02 13.49
N ASN F 101 -7.43 43.81 12.35
CA ASN F 101 -6.95 44.91 11.52
C ASN F 101 -8.10 45.32 10.61
N ASN F 102 -8.58 46.54 10.77
CA ASN F 102 -9.77 46.98 10.05
C ASN F 102 -9.60 47.11 8.54
N SER F 103 -8.38 46.97 8.04
CA SER F 103 -8.18 47.04 6.60
C SER F 103 -8.71 45.77 5.93
N TRP F 104 -8.93 44.72 6.74
CA TRP F 104 -9.39 43.45 6.27
C TRP F 104 -10.91 43.44 6.40
N SER F 105 -11.63 43.22 5.30
CA SER F 105 -13.08 43.22 5.41
C SER F 105 -13.58 44.43 6.13
N ASN F 106 -13.27 45.62 5.63
CA ASN F 106 -13.63 46.83 6.34
C ASN F 106 -15.12 47.09 6.18
N ARG F 107 -15.87 46.34 6.97
CA ARG F 107 -17.30 46.25 7.04
C ARG F 107 -17.75 46.37 8.48
N SER F 108 -19.03 46.62 8.68
CA SER F 108 -19.53 46.65 10.03
C SER F 108 -19.57 45.24 10.57
N LEU F 109 -19.63 45.12 11.90
CA LEU F 109 -19.67 43.81 12.50
C LEU F 109 -20.91 43.08 12.05
N ASP F 110 -22.02 43.80 11.89
CA ASP F 110 -23.24 43.13 11.48
C ASP F 110 -23.19 42.63 10.06
N MET F 111 -22.56 43.34 9.14
CA MET F 111 -22.56 42.77 7.82
C MET F 111 -21.82 41.44 7.83
N ILE F 112 -20.72 41.41 8.58
CA ILE F 112 -19.94 40.20 8.62
C ILE F 112 -20.67 39.06 9.26
N TRP F 113 -21.30 39.28 10.39
CA TRP F 113 -21.98 38.20 11.05
C TRP F 113 -23.42 37.87 10.62
N ASN F 114 -24.16 38.84 10.15
CA ASN F 114 -25.55 38.58 9.84
C ASN F 114 -25.96 38.65 8.38
N ASN F 115 -25.10 39.15 7.50
CA ASN F 115 -25.52 39.21 6.11
C ASN F 115 -24.72 38.16 5.33
N MET F 116 -23.45 38.01 5.68
CA MET F 116 -22.55 37.05 5.04
C MET F 116 -22.60 35.65 5.65
N THR F 117 -22.36 34.64 4.83
CA THR F 117 -22.27 33.26 5.29
C THR F 117 -20.82 32.91 5.53
N TRP F 118 -20.56 31.77 6.18
CA TRP F 118 -19.17 31.42 6.42
C TRP F 118 -18.37 31.22 5.17
N ILE F 119 -18.98 30.70 4.12
CA ILE F 119 -18.22 30.48 2.91
C ILE F 119 -17.81 31.80 2.30
N GLU F 120 -18.76 32.72 2.22
CA GLU F 120 -18.48 34.00 1.61
C GLU F 120 -17.41 34.75 2.38
N TRP F 121 -17.47 34.63 3.68
CA TRP F 121 -16.53 35.26 4.57
C TRP F 121 -15.13 34.75 4.37
N GLU F 122 -14.98 33.43 4.32
CA GLU F 122 -13.66 32.88 4.15
C GLU F 122 -13.09 33.29 2.82
N ARG F 123 -13.93 33.41 1.80
CA ARG F 123 -13.38 33.84 0.53
C ARG F 123 -12.90 35.29 0.60
N GLU F 124 -13.67 36.18 1.25
CA GLU F 124 -13.28 37.59 1.30
C GLU F 124 -11.95 37.83 1.98
N ILE F 125 -11.67 37.09 3.03
CA ILE F 125 -10.42 37.29 3.75
C ILE F 125 -9.41 36.21 3.46
N ASP F 126 -9.57 35.49 2.36
CA ASP F 126 -8.65 34.41 2.08
C ASP F 126 -7.25 34.97 1.91
N ASN F 127 -7.16 36.20 1.38
CA ASN F 127 -5.89 36.85 1.12
C ASN F 127 -5.16 37.31 2.36
N TYR F 128 -5.80 37.27 3.51
CA TYR F 128 -5.15 37.74 4.72
C TYR F 128 -4.88 36.57 5.64
N THR F 129 -5.12 35.35 5.18
CA THR F 129 -4.97 34.22 6.09
C THR F 129 -3.58 34.13 6.64
N GLY F 130 -2.57 34.32 5.79
CA GLY F 130 -1.21 34.22 6.27
C GLY F 130 -0.90 35.28 7.33
N LEU F 131 -1.45 36.47 7.17
CA LEU F 131 -1.15 37.52 8.12
C LEU F 131 -1.78 37.21 9.45
N ILE F 132 -3.00 36.71 9.42
CA ILE F 132 -3.70 36.44 10.64
C ILE F 132 -3.02 35.32 11.37
N TYR F 133 -2.65 34.28 10.67
CA TYR F 133 -2.02 33.18 11.34
C TYR F 133 -0.67 33.56 11.91
N ASN F 134 0.09 34.39 11.21
CA ASN F 134 1.37 34.75 11.75
C ASN F 134 1.22 35.59 13.01
N LEU F 135 0.22 36.48 13.04
CA LEU F 135 0.03 37.27 14.24
C LEU F 135 -0.42 36.40 15.39
N LEU F 136 -1.26 35.42 15.12
CA LEU F 136 -1.71 34.58 16.19
C LEU F 136 -0.56 33.83 16.78
N GLU F 137 0.35 33.32 15.94
CA GLU F 137 1.49 32.59 16.50
C GLU F 137 2.42 33.49 17.29
N GLU F 138 2.68 34.71 16.81
CA GLU F 138 3.60 35.58 17.52
C GLU F 138 3.12 35.94 18.91
N SER F 139 1.81 36.15 19.04
CA SER F 139 1.28 36.51 20.33
C SER F 139 0.88 35.36 21.21
N GLN F 140 -0.06 34.57 20.76
CA GLN F 140 -0.59 33.57 21.64
C GLN F 140 0.36 32.44 21.72
N ASN F 141 0.71 32.13 22.93
CA ASN F 141 1.64 31.10 23.32
C ASN F 141 3.07 31.38 22.95
N GLN F 142 3.36 32.58 22.49
CA GLN F 142 4.73 32.92 22.21
C GLN F 142 5.09 34.11 23.04
N GLN F 143 4.61 35.30 22.72
CA GLN F 143 4.91 36.39 23.64
C GLN F 143 4.30 36.05 24.98
N GLU F 144 3.13 35.43 24.95
CA GLU F 144 2.46 35.04 26.17
C GLU F 144 3.24 34.04 27.00
N LYS F 145 4.03 33.16 26.39
CA LYS F 145 4.71 32.18 27.22
C LYS F 145 6.02 32.69 27.72
N ASN F 146 6.59 33.68 27.02
CA ASN F 146 7.78 34.26 27.59
C ASN F 146 7.34 35.06 28.82
N GLU F 147 6.11 35.61 28.78
CA GLU F 147 5.63 36.34 29.93
C GLU F 147 5.41 35.36 31.07
N GLN F 148 4.91 34.16 30.77
CA GLN F 148 4.72 33.20 31.84
C GLN F 148 6.02 32.69 32.42
N GLU F 149 7.06 32.49 31.60
CA GLU F 149 8.32 32.05 32.19
C GLU F 149 8.78 33.12 33.17
N LEU F 150 8.61 34.39 32.83
CA LEU F 150 9.04 35.45 33.74
C LEU F 150 8.21 35.42 35.04
N LEU F 151 6.91 35.18 34.93
CA LEU F 151 6.06 35.15 36.13
C LEU F 151 6.38 34.00 37.05
N GLU F 152 6.83 32.88 36.49
CA GLU F 152 7.15 31.70 37.28
C GLU F 152 8.58 31.70 37.83
N LEU F 153 9.34 32.78 37.60
CA LEU F 153 10.71 32.81 38.10
C LEU F 153 10.79 32.79 39.66
N ASP F 154 9.83 33.47 40.34
CA ASP F 154 9.73 33.62 41.80
C ASP F 154 9.55 32.25 42.46
N GLN G 1 -40.10 -21.11 -37.26
CA GLN G 1 -40.86 -22.26 -36.79
C GLN G 1 -39.99 -23.08 -35.81
N VAL G 2 -40.46 -23.20 -34.55
CA VAL G 2 -39.78 -23.91 -33.46
C VAL G 2 -39.81 -25.42 -33.60
N GLN G 3 -38.66 -26.02 -33.47
CA GLN G 3 -38.53 -27.45 -33.53
C GLN G 3 -38.11 -27.94 -32.17
N LEU G 4 -38.69 -29.07 -31.77
CA LEU G 4 -38.34 -29.67 -30.50
C LEU G 4 -37.83 -31.08 -30.65
N GLN G 5 -36.96 -31.44 -29.73
CA GLN G 5 -36.54 -32.82 -29.57
C GLN G 5 -36.74 -33.13 -28.12
N GLN G 6 -37.03 -34.37 -27.81
CA GLN G 6 -37.31 -34.71 -26.43
C GLN G 6 -36.96 -36.15 -26.17
N TRP G 7 -36.29 -36.37 -25.04
CA TRP G 7 -35.85 -37.68 -24.60
C TRP G 7 -35.77 -37.72 -23.10
N GLY G 8 -35.57 -38.91 -22.55
CA GLY G 8 -35.42 -39.02 -21.10
C GLY G 8 -35.78 -40.39 -20.60
N GLY G 9 -35.89 -40.52 -19.27
CA GLY G 9 -36.18 -41.82 -18.67
C GLY G 9 -37.60 -42.27 -18.89
N GLY G 10 -37.78 -43.24 -19.80
CA GLY G 10 -39.10 -43.77 -20.15
C GLY G 10 -39.51 -44.98 -19.31
N LEU G 11 -38.65 -45.39 -18.39
CA LEU G 11 -38.96 -46.54 -17.54
C LEU G 11 -38.30 -46.44 -16.19
N LEU G 12 -39.14 -46.37 -15.17
CA LEU G 12 -38.70 -46.25 -13.80
C LEU G 12 -39.34 -47.24 -12.86
N LYS G 13 -38.66 -47.51 -11.78
CA LYS G 13 -39.24 -48.32 -10.75
C LYS G 13 -39.89 -47.35 -9.76
N PRO G 14 -40.90 -47.75 -9.01
CA PRO G 14 -41.51 -46.93 -8.02
C PRO G 14 -40.46 -46.41 -7.05
N SER G 15 -40.67 -45.18 -6.62
CA SER G 15 -39.87 -44.37 -5.70
C SER G 15 -38.59 -43.80 -6.30
N GLN G 16 -38.36 -44.00 -7.59
CA GLN G 16 -37.20 -43.43 -8.26
C GLN G 16 -37.47 -42.00 -8.75
N THR G 17 -36.46 -41.38 -9.35
CA THR G 17 -36.67 -40.03 -9.85
C THR G 17 -36.63 -39.99 -11.37
N LEU G 18 -37.64 -39.34 -11.93
CA LEU G 18 -37.83 -39.16 -13.35
C LEU G 18 -37.16 -37.90 -13.84
N SER G 19 -36.42 -38.03 -14.92
CA SER G 19 -35.79 -36.86 -15.49
C SER G 19 -35.94 -36.85 -17.00
N LEU G 20 -36.61 -35.79 -17.47
CA LEU G 20 -36.85 -35.60 -18.90
C LEU G 20 -36.21 -34.32 -19.42
N THR G 21 -35.68 -34.39 -20.65
CA THR G 21 -35.06 -33.22 -21.27
C THR G 21 -35.71 -32.81 -22.61
N CYS G 22 -36.06 -31.51 -22.72
CA CYS G 22 -36.61 -30.89 -23.92
C CYS G 22 -35.60 -29.93 -24.53
N ALA G 23 -35.28 -30.17 -25.78
CA ALA G 23 -34.33 -29.32 -26.48
C ALA G 23 -35.05 -28.41 -27.45
N VAL G 24 -34.72 -27.13 -27.38
CA VAL G 24 -35.36 -26.14 -28.23
C VAL G 24 -34.36 -25.65 -29.26
N TYR G 25 -34.70 -25.74 -30.55
CA TYR G 25 -33.73 -25.41 -31.59
C TYR G 25 -33.83 -24.08 -32.33
N ARG G 26 -34.69 -23.16 -31.89
CA ARG G 26 -34.77 -21.86 -32.56
C ARG G 26 -34.63 -20.63 -31.69
N TRP G 27 -35.12 -20.71 -30.48
CA TRP G 27 -35.14 -19.58 -29.58
C TRP G 27 -34.59 -19.93 -28.25
N THR G 28 -34.03 -18.93 -27.58
CA THR G 28 -33.56 -19.05 -26.23
C THR G 28 -34.81 -18.84 -25.35
N PHE G 29 -34.69 -18.78 -24.03
CA PHE G 29 -35.91 -18.90 -23.22
C PHE G 29 -36.73 -17.73 -22.66
N ASN G 30 -36.55 -16.45 -23.06
CA ASN G 30 -37.46 -15.44 -22.46
C ASN G 30 -38.42 -14.80 -23.46
N ASP G 31 -38.65 -15.43 -24.61
CA ASP G 31 -39.59 -14.89 -25.60
C ASP G 31 -40.96 -15.48 -25.34
N HIS G 32 -40.92 -16.70 -24.85
CA HIS G 32 -42.04 -17.54 -24.51
C HIS G 32 -41.57 -18.50 -23.44
N TYR G 33 -42.50 -19.08 -22.69
CA TYR G 33 -42.11 -19.96 -21.60
C TYR G 33 -42.40 -21.39 -21.92
N TRP G 34 -41.73 -22.31 -21.22
CA TRP G 34 -41.97 -23.72 -21.53
C TRP G 34 -42.67 -24.42 -20.40
N SER G 35 -43.52 -25.38 -20.74
CA SER G 35 -44.22 -26.13 -19.72
C SER G 35 -44.35 -27.59 -20.03
N TRP G 36 -44.70 -28.33 -18.99
CA TRP G 36 -44.88 -29.74 -19.13
C TRP G 36 -46.31 -30.13 -18.84
N VAL G 37 -46.80 -31.04 -19.69
CA VAL G 37 -48.15 -31.60 -19.62
C VAL G 37 -48.14 -33.13 -19.65
N ARG G 38 -48.88 -33.75 -18.72
CA ARG G 38 -49.02 -35.20 -18.69
C ARG G 38 -50.31 -35.64 -19.38
N GLN G 39 -50.21 -36.60 -20.28
CA GLN G 39 -51.41 -37.13 -20.90
C GLN G 39 -51.68 -38.56 -20.54
N SER G 40 -52.91 -38.78 -20.10
CA SER G 40 -53.40 -40.09 -19.76
C SER G 40 -54.90 -39.93 -19.92
N PRO G 41 -55.61 -40.72 -20.72
CA PRO G 41 -57.02 -40.54 -21.02
C PRO G 41 -57.94 -40.30 -19.82
N GLY G 42 -57.70 -40.96 -18.68
CA GLY G 42 -58.59 -40.77 -17.54
C GLY G 42 -58.39 -39.46 -16.81
N LYS G 43 -57.34 -38.75 -17.18
CA LYS G 43 -56.97 -37.48 -16.57
C LYS G 43 -57.05 -36.35 -17.59
N GLY G 44 -57.41 -36.67 -18.84
CA GLY G 44 -57.36 -35.68 -19.90
C GLY G 44 -55.91 -35.21 -20.02
N LEU G 45 -55.72 -33.89 -20.05
CA LEU G 45 -54.38 -33.31 -20.13
C LEU G 45 -54.11 -32.57 -18.82
N GLU G 46 -53.13 -33.06 -18.07
CA GLU G 46 -52.81 -32.50 -16.76
C GLU G 46 -51.58 -31.60 -16.79
N TRP G 47 -51.74 -30.36 -16.37
CA TRP G 47 -50.59 -29.47 -16.35
C TRP G 47 -49.69 -29.82 -15.18
N ILE G 48 -48.39 -29.88 -15.41
CA ILE G 48 -47.44 -30.17 -14.35
C ILE G 48 -46.84 -28.91 -13.82
N GLY G 49 -46.42 -28.06 -14.74
CA GLY G 49 -45.79 -26.81 -14.37
C GLY G 49 -45.15 -26.09 -15.55
N GLU G 50 -44.74 -24.84 -15.33
CA GLU G 50 -44.06 -24.04 -16.35
C GLU G 50 -42.85 -23.32 -15.77
N ILE G 51 -41.85 -23.13 -16.60
CA ILE G 51 -40.65 -22.41 -16.22
C ILE G 51 -40.19 -21.37 -17.25
N SER G 52 -39.76 -20.23 -16.73
CA SER G 52 -39.24 -19.13 -17.52
C SER G 52 -37.72 -19.12 -17.60
N TRP G 53 -37.22 -18.20 -18.41
CA TRP G 53 -35.80 -17.97 -18.61
C TRP G 53 -35.03 -17.77 -17.33
N GLY G 54 -35.63 -17.02 -16.41
CA GLY G 54 -34.99 -16.64 -15.17
C GLY G 54 -35.14 -17.69 -14.08
N GLY G 55 -35.78 -18.81 -14.41
CA GLY G 55 -35.98 -19.87 -13.45
C GLY G 55 -37.25 -19.68 -12.63
N ALA G 56 -38.03 -18.67 -12.97
CA ALA G 56 -39.26 -18.48 -12.23
C ALA G 56 -40.18 -19.62 -12.59
N THR G 57 -40.91 -20.14 -11.62
CA THR G 57 -41.83 -21.22 -11.90
C THR G 57 -43.20 -21.09 -11.31
N ASN G 58 -44.11 -21.80 -11.93
CA ASN G 58 -45.46 -22.01 -11.46
C ASN G 58 -45.69 -23.50 -11.55
N TYR G 59 -45.96 -24.13 -10.42
CA TYR G 59 -46.13 -25.58 -10.41
C TYR G 59 -47.57 -25.91 -10.13
N ASN G 60 -48.02 -27.06 -10.59
CA ASN G 60 -49.33 -27.53 -10.21
C ASN G 60 -49.21 -27.82 -8.73
N PRO G 61 -49.97 -27.16 -7.85
CA PRO G 61 -49.87 -27.31 -6.42
C PRO G 61 -49.87 -28.76 -5.94
N SER G 62 -50.58 -29.66 -6.63
CA SER G 62 -50.66 -31.04 -6.18
C SER G 62 -49.34 -31.80 -6.30
N LEU G 63 -48.46 -31.28 -7.12
CA LEU G 63 -47.16 -31.88 -7.37
C LEU G 63 -46.05 -31.01 -6.82
N LYS G 64 -46.38 -29.95 -6.09
CA LYS G 64 -45.35 -29.01 -5.66
C LYS G 64 -44.21 -29.62 -4.88
N SER G 65 -44.51 -30.61 -4.04
CA SER G 65 -43.49 -31.26 -3.23
C SER G 65 -42.66 -32.28 -4.01
N ARG G 66 -43.11 -32.62 -5.22
CA ARG G 66 -42.48 -33.64 -6.05
C ARG G 66 -41.74 -33.12 -7.30
N VAL G 67 -42.17 -31.98 -7.85
CA VAL G 67 -41.56 -31.53 -9.11
C VAL G 67 -40.75 -30.24 -9.04
N THR G 68 -39.58 -30.32 -9.67
CA THR G 68 -38.64 -29.24 -9.85
C THR G 68 -38.35 -29.04 -11.34
N MET G 69 -38.28 -27.79 -11.77
CA MET G 69 -37.92 -27.50 -13.16
C MET G 69 -36.66 -26.67 -13.23
N SER G 70 -35.89 -26.85 -14.29
CA SER G 70 -34.65 -26.08 -14.48
C SER G 70 -34.33 -25.79 -15.93
N VAL G 71 -33.77 -24.60 -16.19
CA VAL G 71 -33.40 -24.24 -17.57
C VAL G 71 -31.92 -23.95 -17.77
N ASP G 72 -31.35 -24.66 -18.73
CA ASP G 72 -29.98 -24.51 -19.14
C ASP G 72 -29.95 -23.66 -20.38
N THR G 73 -29.64 -22.38 -20.22
CA THR G 73 -29.75 -21.50 -21.37
C THR G 73 -28.68 -21.80 -22.41
N SER G 74 -27.49 -22.20 -21.99
CA SER G 74 -26.40 -22.40 -22.94
C SER G 74 -26.65 -23.58 -23.85
N MET G 75 -27.39 -24.57 -23.37
CA MET G 75 -27.69 -25.74 -24.18
C MET G 75 -29.07 -25.73 -24.79
N SER G 76 -29.82 -24.65 -24.57
CA SER G 76 -31.20 -24.56 -24.99
C SER G 76 -32.02 -25.74 -24.46
N HIS G 77 -31.82 -26.09 -23.18
CA HIS G 77 -32.54 -27.22 -22.59
C HIS G 77 -33.44 -26.90 -21.42
N VAL G 78 -34.60 -27.52 -21.45
CA VAL G 78 -35.54 -27.42 -20.35
C VAL G 78 -35.66 -28.79 -19.69
N SER G 79 -35.37 -28.84 -18.41
CA SER G 79 -35.43 -30.09 -17.68
C SER G 79 -36.61 -30.18 -16.74
N LEU G 80 -37.15 -31.38 -16.64
CA LEU G 80 -38.21 -31.71 -15.68
C LEU G 80 -37.76 -32.81 -14.74
N LYS G 81 -37.78 -32.55 -13.44
CA LYS G 81 -37.39 -33.53 -12.44
C LYS G 81 -38.54 -33.89 -11.52
N MET G 82 -38.99 -35.13 -11.57
CA MET G 82 -40.12 -35.59 -10.76
C MET G 82 -39.70 -36.69 -9.79
N THR G 83 -39.77 -36.40 -8.50
CA THR G 83 -39.32 -37.37 -7.52
C THR G 83 -40.43 -38.31 -7.10
N SER G 84 -40.02 -39.39 -6.45
CA SER G 84 -40.91 -40.40 -5.89
C SER G 84 -41.93 -40.92 -6.91
N VAL G 85 -41.45 -41.37 -8.06
CA VAL G 85 -42.36 -41.80 -9.12
C VAL G 85 -43.22 -42.98 -8.70
N THR G 86 -44.44 -42.97 -9.15
CA THR G 86 -45.33 -44.07 -8.88
C THR G 86 -46.01 -44.57 -10.13
N ALA G 87 -46.74 -45.67 -10.01
CA ALA G 87 -47.44 -46.27 -11.14
C ALA G 87 -48.46 -45.32 -11.74
N ALA G 88 -49.04 -44.47 -10.90
CA ALA G 88 -50.06 -43.52 -11.28
C ALA G 88 -49.50 -42.37 -12.13
N ASP G 89 -48.17 -42.28 -12.26
CA ASP G 89 -47.53 -41.26 -13.04
C ASP G 89 -47.29 -41.72 -14.47
N THR G 90 -47.73 -42.94 -14.79
CA THR G 90 -47.53 -43.44 -16.15
C THR G 90 -48.33 -42.59 -17.13
N GLY G 91 -47.67 -42.19 -18.21
CA GLY G 91 -48.33 -41.37 -19.22
C GLY G 91 -47.35 -40.73 -20.19
N VAL G 92 -47.88 -39.87 -21.05
CA VAL G 92 -47.04 -39.18 -22.01
C VAL G 92 -46.70 -37.80 -21.51
N TYR G 93 -45.43 -37.49 -21.48
CA TYR G 93 -44.99 -36.20 -20.99
C TYR G 93 -44.59 -35.31 -22.13
N TYR G 94 -45.34 -34.25 -22.32
CA TYR G 94 -45.08 -33.37 -23.43
C TYR G 94 -44.38 -32.09 -23.01
N CYS G 95 -43.43 -31.62 -23.85
CA CYS G 95 -42.82 -30.30 -23.77
C CYS G 95 -43.69 -29.38 -24.65
N VAL G 96 -44.22 -28.34 -24.03
CA VAL G 96 -45.18 -27.45 -24.67
C VAL G 96 -44.79 -25.97 -24.60
N ARG G 97 -45.01 -25.24 -25.69
CA ARG G 97 -44.71 -23.81 -25.70
C ARG G 97 -45.86 -23.01 -25.12
N VAL G 98 -45.55 -22.08 -24.21
CA VAL G 98 -46.58 -21.27 -23.59
C VAL G 98 -46.53 -19.81 -24.01
N GLY G 99 -47.62 -19.35 -24.63
CA GLY G 99 -47.68 -17.96 -25.05
C GLY G 99 -48.15 -17.07 -23.89
N PRO G 100 -47.93 -15.75 -23.95
CA PRO G 100 -48.40 -14.76 -22.99
C PRO G 100 -49.90 -14.73 -22.93
N GLY G 101 -50.45 -14.46 -21.74
CA GLY G 101 -51.88 -14.36 -21.53
C GLY G 101 -52.56 -13.45 -22.55
N PRO G 102 -52.22 -12.16 -22.61
CA PRO G 102 -52.77 -11.14 -23.48
C PRO G 102 -52.59 -11.41 -24.97
N HIS G 103 -51.69 -12.31 -25.34
CA HIS G 103 -51.43 -12.60 -26.73
C HIS G 103 -52.33 -13.74 -27.17
N MET G 104 -52.22 -14.87 -26.48
CA MET G 104 -53.01 -16.06 -26.79
C MET G 104 -53.51 -16.83 -25.56
N ALA G 105 -52.78 -16.77 -24.43
CA ALA G 105 -53.09 -17.59 -23.25
C ALA G 105 -53.24 -19.02 -23.65
N ALA G 106 -52.32 -19.54 -24.43
CA ALA G 106 -52.51 -20.87 -24.94
C ALA G 106 -51.24 -21.67 -25.17
N LEU G 107 -51.45 -22.97 -25.25
CA LEU G 107 -50.44 -23.98 -25.45
C LEU G 107 -50.28 -24.46 -26.88
N ASP G 108 -49.10 -24.28 -27.48
CA ASP G 108 -48.86 -24.72 -28.86
C ASP G 108 -47.48 -25.35 -29.08
N TYR G 109 -47.14 -25.74 -30.32
CA TYR G 109 -45.85 -26.38 -30.56
C TYR G 109 -45.61 -27.52 -29.61
N TRP G 110 -46.57 -28.40 -29.49
CA TRP G 110 -46.40 -29.51 -28.60
C TRP G 110 -45.40 -30.43 -29.27
N GLY G 111 -44.48 -30.98 -28.50
CA GLY G 111 -43.54 -31.93 -29.07
C GLY G 111 -44.23 -33.26 -29.12
N HIS G 112 -43.54 -34.30 -29.56
CA HIS G 112 -44.16 -35.60 -29.64
C HIS G 112 -44.46 -36.24 -28.31
N GLY G 113 -43.69 -35.89 -27.28
CA GLY G 113 -43.88 -36.38 -25.92
C GLY G 113 -43.09 -37.65 -25.63
N SER G 114 -42.60 -37.78 -24.40
CA SER G 114 -41.89 -38.98 -24.04
C SER G 114 -42.87 -39.93 -23.40
N ARG G 115 -42.61 -41.22 -23.53
CA ARG G 115 -43.49 -42.19 -22.90
C ARG G 115 -42.84 -42.73 -21.65
N VAL G 116 -43.48 -42.48 -20.52
CA VAL G 116 -42.91 -42.89 -19.26
C VAL G 116 -43.76 -43.91 -18.53
N LEU G 117 -43.16 -45.05 -18.27
CA LEU G 117 -43.79 -46.13 -17.54
C LEU G 117 -43.18 -46.32 -16.19
N VAL G 118 -44.02 -46.43 -15.16
CA VAL G 118 -43.48 -46.72 -13.85
C VAL G 118 -44.09 -48.04 -13.37
N SER G 119 -43.24 -49.01 -13.09
CA SER G 119 -43.72 -50.32 -12.67
C SER G 119 -42.61 -51.12 -11.97
N SER G 120 -42.99 -52.17 -11.20
CA SER G 120 -42.08 -53.10 -10.53
C SER G 120 -41.46 -54.07 -11.55
N ASP H 1 -57.37 -26.04 -9.03
CA ASP H 1 -58.56 -26.14 -8.17
C ASP H 1 -59.90 -26.05 -8.94
N ILE H 2 -59.86 -25.50 -10.17
CA ILE H 2 -61.00 -25.28 -11.07
C ILE H 2 -61.17 -26.44 -12.02
N VAL H 3 -62.39 -26.93 -12.13
CA VAL H 3 -62.65 -28.08 -12.99
C VAL H 3 -63.50 -27.73 -14.19
N MET H 4 -63.05 -28.19 -15.35
CA MET H 4 -63.77 -27.98 -16.59
C MET H 4 -64.37 -29.28 -17.06
N THR H 5 -65.69 -29.33 -17.21
CA THR H 5 -66.29 -30.58 -17.65
C THR H 5 -66.86 -30.44 -19.05
N GLN H 6 -66.51 -31.37 -19.92
CA GLN H 6 -67.06 -31.39 -21.26
C GLN H 6 -68.34 -32.18 -21.20
N THR H 7 -69.37 -31.66 -21.84
CA THR H 7 -70.64 -32.34 -21.83
C THR H 7 -70.60 -33.71 -22.54
N PRO H 8 -70.24 -33.83 -23.83
CA PRO H 8 -70.10 -35.11 -24.48
C PRO H 8 -68.83 -35.83 -24.07
N LEU H 9 -68.88 -37.15 -24.08
CA LEU H 9 -67.68 -37.95 -23.93
C LEU H 9 -67.21 -38.31 -25.31
N SER H 10 -68.16 -38.37 -26.22
CA SER H 10 -67.95 -38.68 -27.60
C SER H 10 -69.08 -38.04 -28.37
N SER H 11 -68.88 -37.87 -29.66
CA SER H 11 -69.94 -37.31 -30.49
C SER H 11 -69.92 -37.82 -31.92
N PRO H 12 -70.57 -38.96 -32.21
CA PRO H 12 -70.73 -39.48 -33.54
C PRO H 12 -71.50 -38.45 -34.35
N VAL H 13 -70.97 -38.11 -35.51
CA VAL H 13 -71.55 -37.16 -36.44
C VAL H 13 -71.39 -37.74 -37.83
N THR H 14 -72.34 -37.59 -38.74
CA THR H 14 -72.08 -38.15 -40.05
C THR H 14 -71.18 -37.19 -40.77
N LEU H 15 -70.58 -37.59 -41.87
CA LEU H 15 -69.77 -36.61 -42.56
C LEU H 15 -70.68 -35.58 -43.18
N GLY H 16 -70.29 -34.32 -43.04
CA GLY H 16 -71.04 -33.21 -43.60
C GLY H 16 -72.06 -32.65 -42.61
N GLN H 17 -72.24 -33.34 -41.49
CA GLN H 17 -73.17 -32.91 -40.46
C GLN H 17 -72.39 -32.04 -39.48
N PRO H 18 -72.94 -30.93 -38.97
CA PRO H 18 -72.37 -30.05 -37.95
C PRO H 18 -72.22 -30.75 -36.60
N ALA H 19 -71.31 -30.27 -35.77
CA ALA H 19 -71.14 -30.80 -34.42
C ALA H 19 -70.61 -29.73 -33.48
N SER H 20 -70.84 -29.89 -32.18
CA SER H 20 -70.28 -28.95 -31.23
C SER H 20 -69.97 -29.60 -29.90
N ILE H 21 -69.06 -28.96 -29.16
CA ILE H 21 -68.67 -29.39 -27.83
C ILE H 21 -68.82 -28.27 -26.84
N SER H 22 -69.56 -28.52 -25.78
CA SER H 22 -69.71 -27.49 -24.78
C SER H 22 -68.97 -27.89 -23.49
N CYS H 23 -68.36 -26.89 -22.81
CA CYS H 23 -67.67 -27.01 -21.52
C CYS H 23 -68.37 -26.15 -20.47
N GLY H 24 -68.47 -26.71 -19.28
CA GLY H 24 -69.02 -26.02 -18.13
C GLY H 24 -68.01 -26.04 -17.00
N SER H 25 -67.50 -24.86 -16.68
CA SER H 25 -66.51 -24.69 -15.64
C SER H 25 -67.14 -24.48 -14.28
N SER H 26 -66.44 -24.95 -13.25
CA SER H 26 -66.83 -24.75 -11.87
C SER H 26 -66.57 -23.33 -11.39
N GLN H 27 -65.79 -22.58 -12.15
CA GLN H 27 -65.42 -21.20 -11.82
C GLN H 27 -65.29 -20.31 -13.05
N SER H 28 -65.55 -19.03 -12.86
CA SER H 28 -65.41 -18.10 -13.96
C SER H 28 -63.99 -17.96 -14.45
N LEU H 29 -63.87 -17.83 -15.76
CA LEU H 29 -62.59 -17.68 -16.42
C LEU H 29 -62.32 -16.25 -16.82
N VAL H 30 -63.00 -15.32 -16.17
CA VAL H 30 -62.68 -13.94 -16.47
C VAL H 30 -61.48 -13.61 -15.61
N HIS H 31 -60.45 -13.09 -16.24
CA HIS H 31 -59.18 -12.78 -15.62
C HIS H 31 -59.22 -11.45 -14.90
N SER H 32 -58.11 -11.09 -14.26
CA SER H 32 -58.05 -9.84 -13.52
C SER H 32 -57.93 -8.65 -14.46
N ASP H 33 -57.48 -8.90 -15.69
CA ASP H 33 -57.37 -7.82 -16.64
C ASP H 33 -58.69 -7.61 -17.41
N GLY H 34 -59.74 -8.36 -17.06
CA GLY H 34 -61.05 -8.24 -17.69
C GLY H 34 -61.25 -9.13 -18.92
N ASN H 35 -60.20 -9.80 -19.38
CA ASN H 35 -60.30 -10.66 -20.54
C ASN H 35 -60.71 -12.03 -20.10
N THR H 36 -61.32 -12.80 -20.99
CA THR H 36 -61.71 -14.13 -20.59
C THR H 36 -60.79 -15.08 -21.32
N TYR H 37 -60.19 -16.02 -20.60
CA TYR H 37 -59.28 -16.91 -21.31
C TYR H 37 -59.67 -18.35 -21.10
N LEU H 38 -59.59 -19.06 -22.19
CA LEU H 38 -59.85 -20.48 -22.38
C LEU H 38 -59.13 -20.75 -23.66
N SER H 39 -58.84 -21.99 -23.97
CA SER H 39 -58.37 -22.31 -25.32
C SER H 39 -58.80 -23.69 -25.75
N TRP H 40 -58.80 -23.96 -27.06
CA TRP H 40 -59.16 -25.29 -27.52
C TRP H 40 -58.06 -25.97 -28.30
N LEU H 41 -57.88 -27.24 -27.95
CA LEU H 41 -56.93 -28.16 -28.53
C LEU H 41 -57.61 -29.31 -29.23
N GLN H 42 -56.91 -29.89 -30.19
CA GLN H 42 -57.36 -31.12 -30.81
C GLN H 42 -56.24 -32.08 -31.01
N GLN H 43 -56.45 -33.32 -30.63
CA GLN H 43 -55.44 -34.31 -30.85
C GLN H 43 -55.86 -35.32 -31.89
N ARG H 44 -55.19 -35.24 -33.02
CA ARG H 44 -55.44 -36.15 -34.12
C ARG H 44 -54.74 -37.41 -33.58
N PRO H 45 -55.26 -38.65 -33.75
CA PRO H 45 -54.75 -39.86 -33.12
C PRO H 45 -53.26 -40.22 -33.12
N GLY H 46 -52.47 -39.85 -34.13
CA GLY H 46 -51.05 -40.21 -34.12
C GLY H 46 -50.17 -39.02 -33.78
N GLN H 47 -50.82 -37.96 -33.34
CA GLN H 47 -50.23 -36.67 -33.11
C GLN H 47 -50.39 -36.18 -31.66
N PRO H 48 -49.55 -35.23 -31.22
CA PRO H 48 -49.66 -34.52 -29.98
C PRO H 48 -50.86 -33.61 -30.18
N PRO H 49 -51.46 -33.05 -29.13
CA PRO H 49 -52.51 -32.06 -29.23
C PRO H 49 -52.00 -30.83 -29.97
N ARG H 50 -52.84 -30.20 -30.78
CA ARG H 50 -52.45 -28.97 -31.44
C ARG H 50 -53.46 -27.90 -31.06
N LEU H 51 -53.05 -26.66 -31.12
CA LEU H 51 -53.96 -25.58 -30.77
C LEU H 51 -54.78 -25.12 -31.96
N LEU H 52 -56.08 -24.96 -31.75
CA LEU H 52 -56.99 -24.49 -32.79
C LEU H 52 -57.49 -23.07 -32.54
N ILE H 53 -57.99 -22.87 -31.33
CA ILE H 53 -58.58 -21.60 -30.90
C ILE H 53 -57.92 -21.03 -29.67
N TYR H 54 -57.60 -19.75 -29.70
CA TYR H 54 -57.00 -19.09 -28.55
C TYR H 54 -57.97 -18.06 -28.00
N LYS H 55 -57.82 -17.82 -26.71
CA LYS H 55 -58.76 -17.00 -25.98
C LYS H 55 -60.12 -17.67 -26.23
N ILE H 56 -61.18 -16.94 -26.43
CA ILE H 56 -62.43 -17.68 -26.51
C ILE H 56 -62.78 -18.12 -27.91
N SER H 57 -62.57 -17.25 -28.88
CA SER H 57 -62.97 -17.54 -30.23
C SER H 57 -61.97 -17.16 -31.31
N ASN H 58 -60.71 -16.90 -30.95
CA ASN H 58 -59.81 -16.43 -31.97
C ASN H 58 -59.15 -17.55 -32.74
N ARG H 59 -59.30 -17.47 -34.05
CA ARG H 59 -58.76 -18.42 -34.98
C ARG H 59 -57.26 -18.31 -35.20
N ILE H 60 -56.58 -19.45 -35.26
CA ILE H 60 -55.18 -19.51 -35.65
C ILE H 60 -55.11 -19.55 -37.16
N SER H 61 -54.27 -18.73 -37.76
CA SER H 61 -54.21 -18.72 -39.20
C SER H 61 -53.94 -20.13 -39.73
N GLY H 62 -54.69 -20.50 -40.75
CA GLY H 62 -54.57 -21.81 -41.37
C GLY H 62 -55.66 -22.77 -40.88
N LEU H 63 -56.34 -22.41 -39.80
CA LEU H 63 -57.42 -23.23 -39.29
C LEU H 63 -58.53 -23.16 -40.34
N PRO H 64 -59.24 -24.25 -40.65
CA PRO H 64 -60.37 -24.25 -41.53
C PRO H 64 -61.45 -23.33 -40.99
N ASP H 65 -62.19 -22.73 -41.92
CA ASP H 65 -63.28 -21.79 -41.68
C ASP H 65 -64.46 -22.44 -40.99
N ARG H 66 -64.41 -23.75 -40.99
CA ARG H 66 -65.36 -24.63 -40.39
C ARG H 66 -65.38 -24.45 -38.88
N PHE H 67 -64.24 -24.06 -38.29
CA PHE H 67 -64.14 -23.94 -36.84
C PHE H 67 -64.40 -22.55 -36.30
N SER H 68 -65.22 -22.48 -35.28
CA SER H 68 -65.59 -21.22 -34.61
C SER H 68 -66.03 -21.51 -33.19
N GLY H 69 -66.27 -20.47 -32.41
CA GLY H 69 -66.76 -20.69 -31.05
C GLY H 69 -67.11 -19.40 -30.35
N SER H 70 -67.64 -19.54 -29.14
CA SER H 70 -68.08 -18.42 -28.31
C SER H 70 -68.27 -18.85 -26.86
N GLY H 71 -68.47 -17.88 -25.97
CA GLY H 71 -68.80 -18.22 -24.59
C GLY H 71 -68.47 -17.12 -23.62
N ALA H 72 -68.84 -17.34 -22.36
CA ALA H 72 -68.59 -16.36 -21.31
C ALA H 72 -68.58 -16.99 -19.93
N GLU H 73 -67.87 -16.35 -19.01
CA GLU H 73 -67.85 -16.78 -17.62
C GLU H 73 -67.44 -18.24 -17.48
N THR H 74 -68.43 -19.13 -17.39
CA THR H 74 -68.24 -20.56 -17.20
C THR H 74 -68.75 -21.44 -18.34
N ASN H 75 -69.49 -20.87 -19.29
CA ASN H 75 -70.15 -21.65 -20.35
C ASN H 75 -69.55 -21.37 -21.72
N PHE H 76 -68.79 -22.33 -22.25
CA PHE H 76 -68.09 -22.12 -23.52
C PHE H 76 -68.33 -23.23 -24.54
N THR H 77 -68.42 -22.86 -25.82
CA THR H 77 -68.63 -23.86 -26.88
C THR H 77 -67.72 -23.74 -28.11
N LEU H 78 -67.25 -24.89 -28.59
CA LEU H 78 -66.52 -25.03 -29.84
C LEU H 78 -67.44 -25.64 -30.86
N LYS H 79 -67.50 -25.08 -32.05
CA LYS H 79 -68.36 -25.65 -33.07
C LYS H 79 -67.65 -25.85 -34.41
N ILE H 80 -68.07 -26.92 -35.09
CA ILE H 80 -67.61 -27.22 -36.42
C ILE H 80 -68.84 -27.12 -37.33
N SER H 81 -68.80 -26.25 -38.34
CA SER H 81 -69.98 -26.07 -39.17
C SER H 81 -70.38 -27.31 -39.96
N ARG H 82 -69.41 -28.12 -40.33
CA ARG H 82 -69.59 -29.37 -41.04
C ARG H 82 -68.45 -30.25 -40.58
N VAL H 83 -68.69 -31.44 -40.07
CA VAL H 83 -67.53 -32.22 -39.70
C VAL H 83 -67.03 -33.06 -40.85
N GLU H 84 -65.76 -32.88 -41.16
CA GLU H 84 -65.08 -33.63 -42.20
C GLU H 84 -64.29 -34.74 -41.53
N ALA H 85 -63.90 -35.77 -42.27
CA ALA H 85 -63.14 -36.86 -41.66
C ALA H 85 -61.85 -36.36 -41.04
N GLU H 86 -61.25 -35.36 -41.66
CA GLU H 86 -60.00 -34.77 -41.22
C GLU H 86 -60.11 -34.00 -39.92
N ASP H 87 -61.34 -33.68 -39.50
CA ASP H 87 -61.60 -32.93 -38.29
C ASP H 87 -61.83 -33.87 -37.12
N VAL H 88 -61.80 -35.17 -37.37
CA VAL H 88 -62.09 -36.11 -36.31
C VAL H 88 -60.88 -36.34 -35.40
N GLY H 89 -61.10 -36.24 -34.09
CA GLY H 89 -60.05 -36.43 -33.09
C GLY H 89 -60.57 -36.13 -31.69
N LEU H 90 -59.64 -36.05 -30.73
CA LEU H 90 -60.04 -35.78 -29.35
C LEU H 90 -59.95 -34.30 -29.07
N TYR H 91 -61.06 -33.73 -28.67
CA TYR H 91 -61.07 -32.31 -28.41
C TYR H 91 -61.04 -32.00 -26.95
N TYR H 92 -60.28 -30.97 -26.61
CA TYR H 92 -60.15 -30.52 -25.24
C TYR H 92 -60.29 -29.01 -25.11
N CYS H 93 -60.93 -28.55 -24.02
CA CYS H 93 -60.95 -27.15 -23.60
C CYS H 93 -59.93 -27.06 -22.50
N VAL H 94 -59.21 -25.95 -22.50
CA VAL H 94 -58.16 -25.67 -21.55
C VAL H 94 -58.50 -24.41 -20.81
N GLN H 95 -58.28 -24.43 -19.52
CA GLN H 95 -58.66 -23.34 -18.64
C GLN H 95 -58.18 -21.96 -19.02
N GLY H 96 -56.95 -21.80 -19.47
CA GLY H 96 -56.49 -20.47 -19.92
C GLY H 96 -56.15 -19.42 -18.85
N THR H 97 -57.17 -19.02 -18.10
CA THR H 97 -57.12 -17.94 -17.11
C THR H 97 -56.32 -18.10 -15.81
N GLN H 98 -56.37 -19.24 -15.15
CA GLN H 98 -55.66 -19.31 -13.87
C GLN H 98 -54.52 -20.31 -13.94
N PHE H 99 -53.43 -19.97 -13.25
CA PHE H 99 -52.20 -20.75 -13.22
C PHE H 99 -52.28 -22.25 -12.92
N PRO H 100 -53.04 -22.76 -11.95
CA PRO H 100 -53.14 -24.18 -11.74
C PRO H 100 -54.09 -24.71 -12.80
N TRP H 101 -53.63 -24.66 -14.04
CA TRP H 101 -54.44 -24.92 -15.20
C TRP H 101 -54.86 -26.36 -15.34
N THR H 102 -56.10 -26.54 -15.74
CA THR H 102 -56.59 -27.86 -16.07
C THR H 102 -57.21 -27.83 -17.43
N SER H 103 -57.73 -28.97 -17.83
CA SER H 103 -58.40 -29.13 -19.10
C SER H 103 -59.51 -30.15 -18.94
N GLY H 104 -60.36 -30.26 -19.93
CA GLY H 104 -61.44 -31.23 -19.86
C GLY H 104 -60.92 -32.65 -20.08
N GLN H 105 -61.81 -33.63 -19.93
CA GLN H 105 -61.44 -35.04 -20.03
C GLN H 105 -61.12 -35.54 -21.44
N GLY H 106 -61.59 -34.81 -22.44
CA GLY H 106 -61.41 -35.15 -23.84
C GLY H 106 -62.69 -35.72 -24.44
N THR H 107 -63.14 -35.14 -25.54
CA THR H 107 -64.34 -35.60 -26.21
C THR H 107 -63.96 -36.26 -27.51
N LYS H 108 -64.39 -37.49 -27.71
CA LYS H 108 -64.01 -38.16 -28.95
C LYS H 108 -65.00 -37.97 -30.07
N VAL H 109 -64.55 -37.30 -31.10
CA VAL H 109 -65.39 -37.11 -32.26
C VAL H 109 -65.30 -38.38 -33.07
N GLU H 110 -66.43 -38.83 -33.56
CA GLU H 110 -66.50 -40.08 -34.31
C GLU H 110 -67.39 -39.92 -35.52
N ILE H 111 -67.22 -40.76 -36.53
CA ILE H 111 -68.13 -40.69 -37.66
C ILE H 111 -69.27 -41.72 -37.59
N LYS H 112 -70.51 -41.20 -37.69
CA LYS H 112 -71.78 -41.90 -37.63
C LYS H 112 -72.19 -42.36 -39.04
N GLN I 1 -34.67 45.58 5.68
CA GLN I 1 -34.43 44.43 4.82
C GLN I 1 -35.60 43.43 4.88
N VAL I 2 -36.08 43.07 6.09
CA VAL I 2 -37.09 42.04 6.31
C VAL I 2 -38.39 42.51 6.89
N GLN I 3 -39.45 42.27 6.15
CA GLN I 3 -40.79 42.57 6.62
C GLN I 3 -41.47 41.29 7.07
N LEU I 4 -41.93 41.28 8.30
CA LEU I 4 -42.63 40.12 8.81
C LEU I 4 -44.12 40.40 8.79
N GLN I 5 -44.91 39.35 8.52
CA GLN I 5 -46.37 39.50 8.53
C GLN I 5 -47.06 38.51 9.43
N GLU I 6 -47.73 39.03 10.44
CA GLU I 6 -48.46 38.26 11.44
C GLU I 6 -49.83 37.82 11.00
N SER I 7 -50.32 36.77 11.65
CA SER I 7 -51.67 36.28 11.47
C SER I 7 -52.06 35.59 12.75
N GLY I 8 -53.35 35.33 12.94
CA GLY I 8 -53.79 34.60 14.10
C GLY I 8 -55.30 34.62 14.18
N PRO I 9 -55.89 33.86 15.12
CA PRO I 9 -57.31 33.73 15.37
C PRO I 9 -57.98 34.91 16.07
N GLY I 10 -57.18 35.84 16.60
CA GLY I 10 -57.80 36.88 17.39
C GLY I 10 -58.30 36.27 18.69
N LEU I 11 -59.61 36.25 18.88
CA LEU I 11 -60.19 35.69 20.09
C LEU I 11 -60.22 34.16 20.11
N VAL I 12 -59.74 33.59 21.22
CA VAL I 12 -59.75 32.15 21.45
C VAL I 12 -60.36 31.88 22.82
N LYS I 13 -60.80 30.64 23.06
CA LYS I 13 -61.39 30.31 24.35
C LYS I 13 -60.26 29.96 25.34
N PRO I 14 -60.49 30.03 26.67
CA PRO I 14 -59.54 29.75 27.76
C PRO I 14 -58.95 28.33 27.82
N SER I 15 -59.54 27.38 27.12
CA SER I 15 -59.04 26.01 27.12
C SER I 15 -58.47 25.58 25.77
N GLU I 16 -58.50 26.48 24.79
CA GLU I 16 -58.06 26.16 23.44
C GLU I 16 -56.60 26.43 23.19
N ALA I 17 -56.04 25.76 22.19
CA ALA I 17 -54.68 26.08 21.80
C ALA I 17 -54.69 27.27 20.85
N LEU I 18 -53.67 28.09 20.97
CA LEU I 18 -53.44 29.23 20.14
C LEU I 18 -52.41 28.95 19.09
N SER I 19 -52.76 29.17 17.83
CA SER I 19 -51.81 28.92 16.76
C SER I 19 -51.61 30.14 15.87
N LEU I 20 -50.40 30.66 15.90
CA LEU I 20 -50.01 31.87 15.17
C LEU I 20 -48.96 31.59 14.11
N THR I 21 -49.12 32.18 12.93
CA THR I 21 -48.13 32.01 11.87
C THR I 21 -47.63 33.36 11.33
N CYS I 22 -46.30 33.53 11.18
CA CYS I 22 -45.66 34.71 10.60
C CYS I 22 -44.91 34.33 9.33
N SER I 23 -45.15 35.10 8.28
CA SER I 23 -44.44 34.85 7.04
C SER I 23 -43.28 35.81 6.94
N VAL I 24 -42.31 35.45 6.10
CA VAL I 24 -41.17 36.32 5.88
C VAL I 24 -41.07 36.71 4.41
N SER I 25 -41.11 38.01 4.10
CA SER I 25 -41.01 38.46 2.71
C SER I 25 -39.66 39.05 2.39
N GLY I 26 -38.75 38.92 3.34
CA GLY I 26 -37.39 39.46 3.27
C GLY I 26 -36.36 38.44 2.80
N VAL I 27 -35.97 37.59 3.73
CA VAL I 27 -34.92 36.62 3.55
C VAL I 27 -35.48 35.24 3.80
N ALA I 28 -34.73 34.24 3.39
CA ALA I 28 -35.09 32.86 3.60
C ALA I 28 -35.14 32.49 5.07
N ILE I 29 -36.06 31.60 5.41
CA ILE I 29 -36.15 31.10 6.77
C ILE I 29 -34.87 30.44 7.20
N SER I 30 -34.25 29.72 6.30
CA SER I 30 -33.04 28.99 6.61
C SER I 30 -31.80 29.85 6.92
N ARG I 31 -31.85 31.16 6.66
CA ARG I 31 -30.68 31.99 6.93
C ARG I 31 -30.50 32.47 8.37
N HIS I 32 -31.60 32.61 9.10
CA HIS I 32 -31.58 33.17 10.44
C HIS I 32 -32.48 32.44 11.41
N TYR I 33 -32.25 32.66 12.70
CA TYR I 33 -33.13 32.12 13.71
C TYR I 33 -34.38 32.98 13.82
N TRP I 34 -35.52 32.35 14.12
CA TRP I 34 -36.76 33.10 14.28
C TRP I 34 -37.25 33.01 15.70
N ASN I 35 -37.78 34.13 16.21
CA ASN I 35 -38.25 34.17 17.59
C ASN I 35 -39.61 34.76 17.81
N TRP I 36 -40.22 34.25 18.88
CA TRP I 36 -41.51 34.73 19.35
C TRP I 36 -41.35 35.42 20.71
N ILE I 37 -41.98 36.59 20.83
CA ILE I 37 -41.98 37.44 22.02
C ILE I 37 -43.41 37.86 22.43
N ARG I 38 -43.74 37.73 23.72
CA ARG I 38 -45.07 38.08 24.19
C ARG I 38 -45.12 39.42 24.95
N GLN I 39 -46.19 40.18 24.75
CA GLN I 39 -46.39 41.40 25.54
C GLN I 39 -47.83 41.62 26.01
N PRO I 40 -48.20 41.17 27.22
CA PRO I 40 -49.54 41.30 27.78
C PRO I 40 -49.82 42.80 27.85
N PRO I 41 -51.06 43.28 27.74
CA PRO I 41 -51.37 44.69 27.81
C PRO I 41 -50.88 45.24 29.14
N GLY I 42 -50.20 46.38 29.09
CA GLY I 42 -49.71 47.05 30.30
C GLY I 42 -48.40 46.48 30.85
N LYS I 43 -47.87 45.45 30.20
CA LYS I 43 -46.65 44.78 30.64
C LYS I 43 -45.48 44.97 29.70
N GLY I 44 -44.31 44.54 30.15
CA GLY I 44 -43.09 44.60 29.36
C GLY I 44 -43.00 43.36 28.49
N LEU I 45 -41.83 43.09 27.96
CA LEU I 45 -41.67 42.00 27.02
C LEU I 45 -41.24 40.70 27.71
N GLU I 46 -41.79 39.57 27.25
CA GLU I 46 -41.44 38.25 27.72
C GLU I 46 -41.03 37.37 26.55
N TRP I 47 -39.89 36.74 26.61
CA TRP I 47 -39.51 35.90 25.50
C TRP I 47 -40.24 34.57 25.53
N ILE I 48 -40.69 34.07 24.38
CA ILE I 48 -41.36 32.78 24.31
C ILE I 48 -40.43 31.65 23.91
N GLY I 49 -39.72 31.86 22.81
CA GLY I 49 -38.86 30.80 22.30
C GLY I 49 -38.23 31.11 20.95
N TYR I 50 -37.30 30.24 20.55
CA TYR I 50 -36.61 30.38 19.27
C TYR I 50 -36.64 29.10 18.51
N ILE I 51 -36.55 29.23 17.20
CA ILE I 51 -36.41 28.08 16.35
C ILE I 51 -35.56 28.33 15.12
N PHE I 52 -34.83 27.32 14.73
CA PHE I 52 -34.07 27.33 13.51
C PHE I 52 -34.46 26.08 12.77
N PHE I 53 -34.53 26.18 11.47
CA PHE I 53 -35.00 25.13 10.59
C PHE I 53 -34.32 23.79 10.74
N ASN I 54 -33.13 23.74 11.32
CA ASN I 54 -32.44 22.48 11.46
C ASN I 54 -32.84 21.73 12.72
N GLY I 55 -33.85 22.23 13.43
CA GLY I 55 -34.35 21.58 14.63
C GLY I 55 -33.82 22.15 15.93
N ASN I 56 -32.96 23.16 15.85
CA ASN I 56 -32.46 23.73 17.09
C ASN I 56 -33.54 24.66 17.64
N THR I 57 -34.17 24.25 18.72
CA THR I 57 -35.30 24.97 19.29
C THR I 57 -35.14 25.08 20.81
N ASN I 58 -35.63 26.16 21.41
CA ASN I 58 -35.66 26.24 22.87
C ASN I 58 -36.72 27.23 23.33
N TYR I 59 -37.09 27.12 24.60
CA TYR I 59 -38.16 27.92 25.17
C TYR I 59 -37.90 28.55 26.50
N SER I 60 -38.62 29.63 26.76
CA SER I 60 -38.62 30.25 28.05
C SER I 60 -39.29 29.28 29.03
N PRO I 61 -38.70 28.97 30.20
CA PRO I 61 -39.22 28.04 31.19
C PRO I 61 -40.67 28.24 31.57
N SER I 62 -41.14 29.49 31.57
CA SER I 62 -42.52 29.75 31.98
C SER I 62 -43.58 29.12 31.10
N LEU I 63 -43.25 28.83 29.84
CA LEU I 63 -44.23 28.23 28.95
C LEU I 63 -43.91 26.80 28.56
N LYS I 64 -42.84 26.19 29.07
CA LYS I 64 -42.40 24.89 28.54
C LYS I 64 -43.39 23.74 28.52
N SER I 65 -44.27 23.64 29.50
CA SER I 65 -45.20 22.53 29.50
C SER I 65 -46.30 22.63 28.43
N ARG I 66 -46.47 23.83 27.86
CA ARG I 66 -47.53 24.09 26.90
C ARG I 66 -47.09 24.57 25.52
N VAL I 67 -45.79 24.63 25.22
CA VAL I 67 -45.43 25.29 23.95
C VAL I 67 -44.59 24.51 22.96
N THR I 68 -44.90 24.72 21.70
CA THR I 68 -44.14 24.14 20.60
C THR I 68 -44.01 25.13 19.43
N ILE I 69 -42.89 25.08 18.73
CA ILE I 69 -42.58 25.93 17.58
C ILE I 69 -42.12 25.08 16.41
N SER I 70 -42.51 25.47 15.20
CA SER I 70 -42.09 24.77 13.99
C SER I 70 -41.89 25.74 12.84
N VAL I 71 -41.18 25.31 11.80
CA VAL I 71 -41.04 26.16 10.62
C VAL I 71 -41.42 25.37 9.39
N ASP I 72 -41.71 26.07 8.31
CA ASP I 72 -41.96 25.44 7.03
C ASP I 72 -41.25 26.26 5.98
N THR I 73 -40.12 25.73 5.56
CA THR I 73 -39.23 26.43 4.68
C THR I 73 -39.75 26.50 3.25
N SER I 74 -40.77 25.71 2.92
CA SER I 74 -41.28 25.73 1.55
C SER I 74 -42.20 26.91 1.29
N LYS I 75 -42.74 27.53 2.35
CA LYS I 75 -43.64 28.67 2.21
C LYS I 75 -42.97 29.90 2.78
N ASN I 76 -41.74 29.69 3.21
CA ASN I 76 -40.88 30.67 3.84
C ASN I 76 -41.59 31.30 5.05
N GLU I 77 -42.17 30.46 5.92
CA GLU I 77 -42.93 30.94 7.09
C GLU I 77 -42.67 30.09 8.32
N PHE I 78 -43.05 30.61 9.49
CA PHE I 78 -42.90 29.87 10.73
C PHE I 78 -44.07 30.07 11.68
N SER I 79 -44.25 29.15 12.63
CA SER I 79 -45.40 29.25 13.53
C SER I 79 -45.15 28.80 14.96
N LEU I 80 -46.03 29.29 15.83
CA LEU I 80 -46.08 29.05 17.26
C LEU I 80 -47.39 28.49 17.75
N THR I 81 -47.34 27.41 18.52
CA THR I 81 -48.54 26.91 19.14
C THR I 81 -48.39 26.85 20.66
N LEU I 82 -49.37 27.43 21.35
CA LEU I 82 -49.40 27.39 22.81
C LEU I 82 -50.69 26.68 23.20
N ARG I 83 -50.58 25.62 23.96
CA ARG I 83 -51.71 24.80 24.34
C ARG I 83 -52.39 25.35 25.57
N SER I 84 -53.67 25.03 25.76
CA SER I 84 -54.38 25.42 26.98
C SER I 84 -54.18 26.88 27.33
N VAL I 85 -54.47 27.76 26.38
CA VAL I 85 -54.29 29.18 26.53
C VAL I 85 -55.43 29.78 27.30
N THR I 86 -55.09 30.48 28.39
CA THR I 86 -56.08 31.06 29.32
C THR I 86 -56.14 32.57 29.30
N ALA I 87 -56.99 33.15 30.12
CA ALA I 87 -57.19 34.60 30.13
C ALA I 87 -55.89 35.36 30.41
N ALA I 88 -55.04 34.77 31.23
CA ALA I 88 -53.75 35.33 31.62
C ALA I 88 -52.76 35.40 30.47
N ASP I 89 -53.06 34.71 29.37
CA ASP I 89 -52.19 34.65 28.22
C ASP I 89 -52.62 35.68 27.16
N THR I 90 -53.56 36.57 27.50
CA THR I 90 -53.91 37.63 26.55
C THR I 90 -52.67 38.47 26.37
N ALA I 91 -52.27 38.67 25.12
CA ALA I 91 -51.06 39.41 24.85
C ALA I 91 -50.88 39.71 23.40
N VAL I 92 -49.99 40.63 23.11
CA VAL I 92 -49.60 40.80 21.74
C VAL I 92 -48.46 39.86 21.47
N TYR I 93 -48.59 39.08 20.43
CA TYR I 93 -47.56 38.14 20.08
C TYR I 93 -46.77 38.67 18.90
N TYR I 94 -45.49 38.87 19.13
CA TYR I 94 -44.57 39.43 18.16
C TYR I 94 -43.65 38.38 17.56
N CYS I 95 -43.26 38.60 16.29
CA CYS I 95 -42.26 37.85 15.56
C CYS I 95 -41.09 38.76 15.27
N ALA I 96 -39.89 38.21 15.37
CA ALA I 96 -38.70 38.98 15.05
C ALA I 96 -37.58 38.11 14.49
N ARG I 97 -36.73 38.72 13.67
CA ARG I 97 -35.57 38.04 13.09
C ARG I 97 -34.38 38.22 14.00
N GLU I 98 -33.77 37.11 14.39
CA GLU I 98 -32.64 37.12 15.29
C GLU I 98 -31.28 37.08 14.60
N LYS I 99 -30.45 38.02 15.02
CA LYS I 99 -29.08 38.23 14.57
C LYS I 99 -28.13 37.82 15.67
N SER I 100 -26.89 37.44 15.34
CA SER I 100 -25.94 37.12 16.40
C SER I 100 -24.47 37.21 16.06
N VAL I 101 -23.67 37.30 17.12
CA VAL I 101 -22.22 37.22 17.09
C VAL I 101 -21.82 36.18 18.12
N VAL I 102 -20.91 35.29 17.75
CA VAL I 102 -20.54 34.25 18.68
C VAL I 102 -19.18 34.43 19.34
N GLU I 103 -19.25 34.58 20.65
CA GLU I 103 -18.13 34.79 21.54
C GLU I 103 -17.98 33.47 22.31
N PRO I 104 -16.80 33.12 22.86
CA PRO I 104 -16.56 31.88 23.61
C PRO I 104 -17.55 31.51 24.72
N ASP I 105 -18.05 32.47 25.51
CA ASP I 105 -18.98 32.11 26.56
C ASP I 105 -20.12 33.10 26.83
N ASN I 106 -20.24 34.11 26.00
CA ASN I 106 -21.26 35.12 26.15
C ASN I 106 -21.84 35.45 24.81
N MET I 107 -22.68 34.56 24.31
CA MET I 107 -23.23 34.71 22.97
C MET I 107 -24.17 35.89 22.98
N VAL I 108 -24.11 36.70 21.93
CA VAL I 108 -25.00 37.84 21.90
C VAL I 108 -25.96 37.74 20.76
N ARG I 109 -27.21 37.99 21.07
CA ARG I 109 -28.23 37.89 20.07
C ARG I 109 -29.11 39.12 20.10
N TRP I 110 -29.68 39.49 18.95
CA TRP I 110 -30.56 40.64 18.90
C TRP I 110 -31.80 40.39 18.08
N PHE I 111 -32.88 41.04 18.43
CA PHE I 111 -34.08 40.98 17.63
C PHE I 111 -34.12 42.29 16.88
N ASP I 112 -33.78 42.27 15.59
CA ASP I 112 -33.66 43.55 14.88
C ASP I 112 -34.80 44.04 13.96
N PRO I 113 -35.44 43.24 13.10
CA PRO I 113 -36.59 43.71 12.39
C PRO I 113 -37.63 43.04 13.25
N TRP I 114 -38.74 43.70 13.45
CA TRP I 114 -39.88 43.17 14.18
C TRP I 114 -41.13 43.33 13.36
N GLY I 115 -42.05 42.41 13.54
CA GLY I 115 -43.36 42.58 12.93
C GLY I 115 -44.06 43.52 13.89
N GLN I 116 -45.31 43.83 13.69
CA GLN I 116 -45.93 44.77 14.63
C GLN I 116 -46.71 44.08 15.72
N GLY I 117 -46.86 42.78 15.59
CA GLY I 117 -47.53 41.96 16.58
C GLY I 117 -49.01 41.78 16.32
N THR I 118 -49.53 40.65 16.79
CA THR I 118 -50.95 40.37 16.66
C THR I 118 -51.55 40.17 18.05
N LEU I 119 -52.68 40.81 18.30
CA LEU I 119 -53.28 40.67 19.61
C LEU I 119 -54.19 39.49 19.72
N VAL I 120 -53.89 38.68 20.70
CA VAL I 120 -54.66 37.51 20.99
C VAL I 120 -55.43 37.76 22.26
N THR I 121 -56.74 37.62 22.15
CA THR I 121 -57.64 37.86 23.26
C THR I 121 -58.10 36.53 23.75
N VAL I 122 -58.03 36.29 25.06
CA VAL I 122 -58.49 35.01 25.49
C VAL I 122 -59.61 35.20 26.49
N SER I 123 -60.78 34.67 26.18
CA SER I 123 -61.95 34.83 27.05
C SER I 123 -63.05 33.85 26.68
N SER I 124 -64.04 33.66 27.58
CA SER I 124 -65.22 32.80 27.38
C SER I 124 -66.11 33.36 26.26
N TYR J 2 -32.29 33.75 35.12
CA TYR J 2 -31.59 35.02 35.21
C TYR J 2 -32.63 36.16 35.12
N GLU J 3 -32.43 37.25 35.92
CA GLU J 3 -33.29 38.46 35.94
C GLU J 3 -32.46 39.74 35.91
N LEU J 4 -33.04 40.79 35.31
CA LEU J 4 -32.45 42.12 35.28
C LEU J 4 -33.16 43.11 36.19
N THR J 5 -32.36 44.01 36.73
CA THR J 5 -32.84 45.10 37.58
C THR J 5 -32.92 46.38 36.76
N GLN J 6 -34.06 47.06 36.86
CA GLN J 6 -34.25 48.31 36.13
C GLN J 6 -35.26 49.23 36.84
N PRO J 7 -35.02 50.56 36.96
CA PRO J 7 -35.96 51.53 37.51
C PRO J 7 -37.23 51.63 36.64
N PRO J 8 -38.43 51.68 37.24
CA PRO J 8 -39.70 51.91 36.55
C PRO J 8 -39.79 53.16 35.69
N SER J 9 -39.12 54.26 36.07
CA SER J 9 -39.21 55.49 35.30
C SER J 9 -38.12 56.51 35.61
N VAL J 10 -37.96 57.45 34.68
CA VAL J 10 -37.12 58.63 34.86
C VAL J 10 -37.72 59.78 34.05
N SER J 11 -37.60 61.01 34.55
CA SER J 11 -38.06 62.14 33.77
C SER J 11 -36.91 63.11 33.60
N VAL J 12 -36.88 63.74 32.44
CA VAL J 12 -35.86 64.72 32.11
C VAL J 12 -36.42 65.98 31.46
N ALA J 13 -35.70 67.08 31.57
CA ALA J 13 -36.11 68.28 30.87
C ALA J 13 -35.69 68.17 29.40
N PRO J 14 -36.37 68.83 28.46
CA PRO J 14 -36.00 68.92 27.06
C PRO J 14 -34.60 69.48 26.96
N GLY J 15 -33.81 68.94 26.05
CA GLY J 15 -32.46 69.40 25.82
C GLY J 15 -31.42 68.80 26.78
N LYS J 16 -31.85 68.01 27.77
CA LYS J 16 -30.92 67.45 28.73
C LYS J 16 -30.52 66.04 28.39
N THR J 17 -29.48 65.54 29.02
CA THR J 17 -29.10 64.17 28.77
C THR J 17 -29.82 63.22 29.74
N ALA J 18 -30.44 62.19 29.18
CA ALA J 18 -31.12 61.20 29.99
C ALA J 18 -30.18 60.09 30.33
N ARG J 19 -30.29 59.58 31.55
CA ARG J 19 -29.52 58.43 31.98
C ARG J 19 -30.48 57.33 32.36
N ILE J 20 -30.59 56.36 31.49
CA ILE J 20 -31.51 55.27 31.63
C ILE J 20 -30.68 54.05 32.00
N THR J 21 -30.96 53.44 33.13
CA THR J 21 -30.05 52.40 33.58
C THR J 21 -30.71 51.04 33.87
N CYS J 22 -29.85 49.99 33.96
CA CYS J 22 -30.14 48.60 34.31
C CYS J 22 -28.96 48.02 35.08
N GLY J 23 -29.16 46.84 35.66
CA GLY J 23 -28.06 46.14 36.30
C GLY J 23 -28.39 44.69 36.67
N GLY J 24 -27.43 44.02 37.28
CA GLY J 24 -27.61 42.62 37.63
C GLY J 24 -26.27 41.92 37.81
N ASN J 25 -26.30 40.61 37.92
CA ASN J 25 -25.05 39.90 38.13
C ASN J 25 -24.22 39.79 36.87
N ASN J 26 -22.91 39.99 37.03
CA ASN J 26 -21.93 39.82 35.97
C ASN J 26 -22.22 40.59 34.68
N ILE J 27 -22.92 41.72 34.84
CA ILE J 27 -23.30 42.50 33.64
C ILE J 27 -22.04 42.79 32.84
N GLY J 28 -20.88 42.87 33.50
CA GLY J 28 -19.64 43.08 32.72
C GLY J 28 -19.36 41.91 31.79
N SER J 29 -19.55 40.68 32.27
CA SER J 29 -19.34 39.48 31.42
C SER J 29 -20.32 39.42 30.25
N LYS J 30 -21.59 39.75 30.46
CA LYS J 30 -22.59 39.52 29.39
C LYS J 30 -23.02 40.82 28.73
N SER J 31 -22.98 40.87 27.40
CA SER J 31 -23.30 42.12 26.67
C SER J 31 -24.76 42.51 26.90
N VAL J 32 -25.02 43.81 27.06
CA VAL J 32 -26.39 44.32 27.36
C VAL J 32 -26.80 45.24 26.23
N HIS J 33 -27.84 44.87 25.51
CA HIS J 33 -28.32 45.69 24.40
C HIS J 33 -29.66 46.37 24.74
N TRP J 34 -29.98 47.44 24.03
CA TRP J 34 -31.18 48.24 24.35
C TRP J 34 -32.22 48.40 23.26
N TYR J 35 -33.49 48.41 23.70
CA TYR J 35 -34.66 48.68 22.85
C TYR J 35 -35.55 49.83 23.28
N GLN J 36 -36.12 50.52 22.30
CA GLN J 36 -37.07 51.60 22.54
C GLN J 36 -38.46 51.27 22.07
N GLN J 37 -39.45 51.35 22.94
CA GLN J 37 -40.80 51.06 22.49
C GLN J 37 -41.77 52.22 22.57
N LYS J 38 -42.27 52.61 21.42
CA LYS J 38 -43.24 53.67 21.34
C LYS J 38 -44.58 52.99 21.57
N PRO J 39 -45.54 53.58 22.27
CA PRO J 39 -46.83 52.97 22.50
C PRO J 39 -47.47 52.58 21.18
N GLY J 40 -47.97 51.36 21.12
CA GLY J 40 -48.65 50.84 19.94
C GLY J 40 -47.72 50.27 18.87
N GLN J 41 -46.42 50.40 19.06
CA GLN J 41 -45.44 49.95 18.06
C GLN J 41 -44.60 48.79 18.55
N ALA J 42 -44.04 48.02 17.63
CA ALA J 42 -43.07 47.03 18.04
C ALA J 42 -41.83 47.77 18.51
N PRO J 43 -41.04 47.24 19.47
CA PRO J 43 -39.79 47.79 19.92
C PRO J 43 -38.76 47.90 18.80
N VAL J 44 -37.92 48.93 18.86
CA VAL J 44 -36.86 49.11 17.88
C VAL J 44 -35.51 49.06 18.58
N LEU J 45 -34.57 48.33 18.00
CA LEU J 45 -33.25 48.24 18.60
C LEU J 45 -32.55 49.58 18.51
N VAL J 46 -32.04 50.04 19.65
CA VAL J 46 -31.36 51.31 19.77
C VAL J 46 -29.86 51.11 19.84
N ILE J 47 -29.46 50.17 20.68
CA ILE J 47 -28.06 49.80 20.86
C ILE J 47 -27.88 48.33 20.69
N TYR J 48 -26.94 47.92 19.84
CA TYR J 48 -26.67 46.51 19.67
C TYR J 48 -25.31 46.24 20.28
N TYR J 49 -25.12 45.00 20.70
CA TYR J 49 -23.93 44.63 21.41
C TYR J 49 -24.02 45.59 22.61
N ASP J 50 -22.92 46.18 23.07
CA ASP J 50 -22.98 46.98 24.32
C ASP J 50 -23.14 48.46 24.05
N SER J 51 -22.69 48.93 22.89
CA SER J 51 -22.69 50.36 22.62
C SER J 51 -22.79 50.73 21.15
N ASP J 52 -23.10 49.79 20.28
CA ASP J 52 -23.12 50.11 18.86
C ASP J 52 -24.46 50.58 18.35
N ARG J 53 -24.45 51.77 17.78
CA ARG J 53 -25.67 52.37 17.27
C ARG J 53 -25.96 51.92 15.82
N PRO J 54 -27.08 51.25 15.52
CA PRO J 54 -27.46 50.78 14.19
C PRO J 54 -27.95 51.95 13.37
N SER J 55 -27.93 51.81 12.07
CA SER J 55 -28.45 52.86 11.22
C SER J 55 -29.91 53.10 11.52
N GLY J 56 -30.30 54.37 11.49
CA GLY J 56 -31.66 54.81 11.74
C GLY J 56 -31.84 55.37 13.14
N ILE J 57 -30.87 55.12 14.01
CA ILE J 57 -30.91 55.64 15.36
C ILE J 57 -30.07 56.91 15.40
N PRO J 58 -30.59 58.04 15.93
CA PRO J 58 -29.89 59.31 16.03
C PRO J 58 -28.61 59.21 16.84
N GLU J 59 -27.66 60.07 16.48
CA GLU J 59 -26.32 60.18 17.06
C GLU J 59 -26.31 60.56 18.53
N ARG J 60 -27.49 60.97 19.00
CA ARG J 60 -27.70 61.37 20.37
C ARG J 60 -27.73 60.15 21.29
N PHE J 61 -27.89 58.97 20.70
CA PHE J 61 -27.98 57.72 21.45
C PHE J 61 -26.64 56.99 21.50
N SER J 62 -26.23 56.67 22.73
CA SER J 62 -24.95 55.94 22.92
C SER J 62 -25.04 55.14 24.22
N GLY J 63 -24.19 54.13 24.38
CA GLY J 63 -24.29 53.27 25.58
C GLY J 63 -22.95 52.90 26.17
N SER J 64 -22.97 52.39 27.39
CA SER J 64 -21.71 51.97 28.05
C SER J 64 -22.00 50.88 29.08
N LYS J 65 -21.00 50.04 29.31
CA LYS J 65 -21.16 48.92 30.28
C LYS J 65 -20.06 49.02 31.33
N SER J 66 -20.40 48.86 32.60
CA SER J 66 -19.34 48.83 33.64
C SER J 66 -19.83 48.12 34.89
N GLY J 67 -18.99 47.26 35.47
CA GLY J 67 -19.36 46.62 36.74
C GLY J 67 -20.65 45.82 36.67
N ASN J 68 -21.55 46.06 37.62
CA ASN J 68 -22.83 45.31 37.67
C ASN J 68 -23.95 46.18 37.09
N THR J 69 -23.60 47.22 36.33
CA THR J 69 -24.64 48.15 35.83
C THR J 69 -24.43 48.46 34.35
N ALA J 70 -25.46 49.00 33.69
CA ALA J 70 -25.31 49.41 32.28
C ALA J 70 -26.16 50.64 32.02
N THR J 71 -25.70 51.51 31.13
CA THR J 71 -26.42 52.75 30.86
C THR J 71 -26.64 53.11 29.40
N LEU J 72 -27.86 53.57 29.15
CA LEU J 72 -28.29 54.17 27.91
C LEU J 72 -28.28 55.66 28.10
N THR J 73 -27.54 56.32 27.24
CA THR J 73 -27.41 57.75 27.30
C THR J 73 -28.08 58.41 26.12
N ILE J 74 -28.96 59.35 26.40
CA ILE J 74 -29.58 60.06 25.29
C ILE J 74 -29.32 61.54 25.47
N SER J 75 -28.50 62.13 24.61
CA SER J 75 -28.20 63.54 24.81
C SER J 75 -29.29 64.38 24.16
N ARG J 76 -29.40 65.64 24.58
CA ARG J 76 -30.31 66.58 23.95
C ARG J 76 -31.70 65.99 23.75
N VAL J 77 -32.31 65.45 24.80
CA VAL J 77 -33.60 64.78 24.61
C VAL J 77 -34.68 65.63 23.98
N GLU J 78 -35.41 64.97 23.10
CA GLU J 78 -36.51 65.56 22.37
C GLU J 78 -37.84 65.02 22.87
N ALA J 79 -38.93 65.73 22.64
CA ALA J 79 -40.23 65.23 23.07
C ALA J 79 -40.53 63.86 22.45
N GLY J 80 -40.04 63.64 21.23
CA GLY J 80 -40.28 62.42 20.50
C GLY J 80 -39.51 61.22 21.05
N ASP J 81 -38.67 61.45 22.05
CA ASP J 81 -37.91 60.36 22.65
C ASP J 81 -38.74 59.66 23.71
N GLU J 82 -39.92 60.20 24.07
CA GLU J 82 -40.70 59.51 25.09
C GLU J 82 -40.94 58.09 24.64
N ALA J 83 -40.56 57.15 25.51
CA ALA J 83 -40.70 55.73 25.20
C ALA J 83 -40.37 54.88 26.40
N ASP J 84 -40.71 53.59 26.33
CA ASP J 84 -40.26 52.67 27.35
C ASP J 84 -38.96 52.03 26.87
N TYR J 85 -37.90 52.21 27.65
CA TYR J 85 -36.59 51.70 27.24
C TYR J 85 -36.19 50.44 28.01
N TYR J 86 -35.92 49.38 27.27
CA TYR J 86 -35.62 48.07 27.83
C TYR J 86 -34.18 47.62 27.64
N CYS J 87 -33.66 46.84 28.61
CA CYS J 87 -32.38 46.14 28.52
C CYS J 87 -32.63 44.69 28.21
N GLN J 88 -31.72 44.10 27.45
CA GLN J 88 -31.80 42.68 27.22
C GLN J 88 -30.46 41.98 27.22
N VAL J 89 -30.45 40.79 27.85
CA VAL J 89 -29.27 39.94 27.87
C VAL J 89 -29.65 38.51 27.51
N TRP J 90 -28.66 37.72 27.09
CA TRP J 90 -28.92 36.32 26.83
C TRP J 90 -28.17 35.44 27.83
N ASP J 91 -28.89 34.63 28.60
CA ASP J 91 -28.22 33.76 29.55
C ASP J 91 -27.80 32.49 28.84
N SER J 92 -26.51 32.39 28.53
CA SER J 92 -25.96 31.31 27.73
C SER J 92 -26.01 29.98 28.45
N SER J 93 -26.20 30.00 29.77
CA SER J 93 -26.21 28.75 30.51
C SER J 93 -27.60 28.12 30.52
N ARG J 94 -28.60 28.88 30.06
CA ARG J 94 -29.98 28.42 30.07
C ARG J 94 -30.75 28.65 28.78
N ASP J 95 -30.23 29.50 27.89
CA ASP J 95 -30.99 30.05 26.75
C ASP J 95 -32.19 30.74 27.31
N HIS J 96 -31.94 31.48 28.37
CA HIS J 96 -32.98 32.22 29.01
C HIS J 96 -32.80 33.63 28.54
N CYS J 97 -33.76 34.08 27.78
CA CYS J 97 -33.71 35.39 27.21
C CYS J 97 -34.31 36.31 28.23
N VAL J 98 -33.56 37.31 28.67
CA VAL J 98 -34.05 38.14 29.73
C VAL J 98 -34.20 39.61 29.39
N PHE J 99 -35.40 40.11 29.63
CA PHE J 99 -35.70 41.51 29.41
C PHE J 99 -35.84 42.20 30.74
N GLY J 100 -35.50 43.47 30.77
CA GLY J 100 -35.76 44.27 31.94
C GLY J 100 -37.23 44.68 31.87
N ILE J 101 -37.69 45.46 32.82
CA ILE J 101 -39.09 45.84 32.85
C ILE J 101 -39.47 46.92 31.85
N GLY J 102 -38.52 47.79 31.54
CA GLY J 102 -38.72 48.91 30.67
C GLY J 102 -38.84 50.16 31.53
N THR J 103 -37.94 51.11 31.34
CA THR J 103 -37.99 52.34 32.12
C THR J 103 -38.84 53.30 31.35
N LYS J 104 -39.83 53.87 31.98
CA LYS J 104 -40.66 54.82 31.27
C LYS J 104 -39.95 56.15 31.29
N VAL J 105 -39.55 56.62 30.12
CA VAL J 105 -38.78 57.85 30.03
C VAL J 105 -39.61 58.97 29.47
N THR J 106 -39.77 60.01 30.27
CA THR J 106 -40.56 61.17 29.90
C THR J 106 -39.73 62.42 29.69
N VAL J 107 -39.93 63.07 28.55
CA VAL J 107 -39.25 64.32 28.30
C VAL J 107 -40.29 65.42 28.53
N LEU J 108 -40.02 66.28 29.53
CA LEU J 108 -40.91 67.31 30.07
C LEU J 108 -41.01 68.51 29.11
N GLN K 1 33.55 24.38 -48.82
CA GLN K 1 33.18 23.46 -49.90
C GLN K 1 31.70 22.97 -49.78
N VAL K 2 30.80 23.88 -49.34
CA VAL K 2 29.38 23.61 -49.09
C VAL K 2 28.60 23.45 -50.38
N GLN K 3 27.88 22.35 -50.47
CA GLN K 3 27.09 22.06 -51.64
C GLN K 3 25.63 22.19 -51.33
N LEU K 4 24.86 22.48 -52.36
CA LEU K 4 23.40 22.52 -52.28
C LEU K 4 22.72 21.84 -53.42
N GLN K 5 21.68 21.10 -53.08
CA GLN K 5 20.80 20.50 -54.07
C GLN K 5 19.41 21.01 -53.83
N GLN K 6 18.77 21.55 -54.83
CA GLN K 6 17.45 22.06 -54.58
C GLN K 6 16.46 21.57 -55.59
N TRP K 7 15.20 21.57 -55.17
CA TRP K 7 14.07 21.15 -55.94
C TRP K 7 12.80 21.74 -55.37
N GLY K 8 11.69 21.62 -56.08
CA GLY K 8 10.44 22.11 -55.53
C GLY K 8 9.40 22.41 -56.59
N GLY K 9 8.30 23.01 -56.17
CA GLY K 9 7.20 23.32 -57.08
C GLY K 9 7.52 24.52 -57.96
N GLY K 10 7.83 24.26 -59.23
CA GLY K 10 8.19 25.30 -60.19
C GLY K 10 6.99 25.87 -60.94
N LEU K 11 5.80 25.36 -60.63
CA LEU K 11 4.59 25.83 -61.29
C LEU K 11 3.38 25.73 -60.41
N LEU K 12 2.80 26.87 -60.15
CA LEU K 12 1.63 27.00 -59.31
C LEU K 12 0.53 27.80 -59.93
N LYS K 13 -0.67 27.52 -59.50
CA LYS K 13 -1.78 28.34 -59.92
C LYS K 13 -1.88 29.45 -58.89
N PRO K 14 -2.44 30.61 -59.22
CA PRO K 14 -2.64 31.67 -58.28
C PRO K 14 -3.43 31.15 -57.09
N SER K 15 -3.07 31.68 -55.93
CA SER K 15 -3.62 31.40 -54.61
C SER K 15 -3.17 30.08 -53.99
N GLN K 16 -2.30 29.33 -54.66
CA GLN K 16 -1.78 28.09 -54.12
C GLN K 16 -0.58 28.30 -53.18
N THR K 17 -0.06 27.21 -52.62
CA THR K 17 1.09 27.34 -51.72
C THR K 17 2.35 26.77 -52.35
N LEU K 18 3.41 27.58 -52.33
CA LEU K 18 4.71 27.25 -52.86
C LEU K 18 5.54 26.51 -51.86
N SER K 19 6.15 25.43 -52.29
CA SER K 19 7.02 24.67 -51.40
C SER K 19 8.32 24.33 -52.09
N LEU K 20 9.40 24.91 -51.55
CA LEU K 20 10.75 24.73 -52.07
C LEU K 20 11.68 24.16 -51.00
N THR K 21 12.51 23.19 -51.38
CA THR K 21 13.46 22.58 -50.43
C THR K 21 14.90 22.56 -50.96
N CYS K 22 15.89 22.84 -50.07
CA CYS K 22 17.33 22.75 -50.35
C CYS K 22 18.01 21.79 -49.37
N ALA K 23 18.85 20.93 -49.90
CA ALA K 23 19.61 20.02 -49.07
C ALA K 23 21.02 20.50 -48.91
N VAL K 24 21.45 20.51 -47.67
CA VAL K 24 22.78 20.94 -47.28
C VAL K 24 23.66 19.74 -47.09
N TYR K 25 24.79 19.70 -47.76
CA TYR K 25 25.63 18.51 -47.66
C TYR K 25 26.90 18.55 -46.82
N ARG K 26 27.11 19.58 -46.00
CA ARG K 26 28.36 19.61 -45.21
C ARG K 26 28.32 20.01 -43.72
N TRP K 27 27.24 20.61 -43.22
CA TRP K 27 27.26 21.24 -41.90
C TRP K 27 25.91 21.25 -41.18
N THR K 28 25.88 21.83 -39.96
CA THR K 28 24.61 21.97 -39.22
C THR K 28 24.05 23.34 -39.53
N PHE K 29 22.95 23.67 -38.92
CA PHE K 29 22.24 24.87 -39.27
C PHE K 29 22.49 26.08 -38.39
N ASN K 30 23.48 25.98 -37.52
CA ASN K 30 23.86 27.11 -36.70
C ASN K 30 25.31 27.47 -37.00
N ASP K 31 25.87 26.95 -38.11
CA ASP K 31 27.24 27.29 -38.51
C ASP K 31 27.19 28.54 -39.35
N HIS K 32 26.09 28.65 -40.03
CA HIS K 32 25.70 29.72 -40.90
C HIS K 32 24.20 29.67 -41.01
N TYR K 33 23.58 30.76 -41.38
CA TYR K 33 22.13 30.71 -41.48
C TYR K 33 21.74 30.57 -42.92
N TRP K 34 20.62 29.93 -43.18
CA TRP K 34 20.22 29.84 -44.57
C TRP K 34 19.16 30.84 -44.90
N SER K 35 19.25 31.42 -46.08
CA SER K 35 18.21 32.36 -46.45
C SER K 35 17.73 32.18 -47.85
N TRP K 36 16.52 32.66 -48.04
CA TRP K 36 15.88 32.63 -49.32
C TRP K 36 15.88 34.00 -49.93
N VAL K 37 16.35 34.03 -51.17
CA VAL K 37 16.45 35.21 -52.01
C VAL K 37 15.73 34.99 -53.32
N ARG K 38 14.89 35.94 -53.71
CA ARG K 38 14.15 35.83 -54.94
C ARG K 38 14.50 36.85 -56.00
N GLN K 39 14.92 36.35 -57.14
CA GLN K 39 15.27 37.24 -58.21
C GLN K 39 14.08 37.54 -59.08
N SER K 40 13.88 38.83 -59.27
CA SER K 40 12.79 39.35 -60.07
C SER K 40 13.28 40.71 -60.56
N PRO K 41 14.03 40.76 -61.68
CA PRO K 41 14.95 41.83 -62.09
C PRO K 41 14.48 43.27 -61.87
N GLY K 42 13.20 43.58 -62.00
CA GLY K 42 12.81 44.98 -61.77
C GLY K 42 13.20 45.44 -60.35
N LYS K 43 13.19 44.49 -59.41
CA LYS K 43 13.52 44.69 -58.01
C LYS K 43 14.89 44.10 -57.64
N GLY K 44 15.65 43.66 -58.63
CA GLY K 44 16.90 42.98 -58.36
C GLY K 44 16.68 41.71 -57.57
N LEU K 45 17.38 41.60 -56.44
CA LEU K 45 17.30 40.43 -55.57
C LEU K 45 16.55 40.80 -54.28
N GLU K 46 15.38 40.20 -54.08
CA GLU K 46 14.54 40.48 -52.92
C GLU K 46 14.72 39.45 -51.79
N TRP K 47 14.96 39.90 -50.57
CA TRP K 47 15.09 38.93 -49.48
C TRP K 47 13.72 38.47 -48.99
N ILE K 48 13.57 37.17 -48.80
CA ILE K 48 12.33 36.61 -48.28
C ILE K 48 12.44 36.38 -46.80
N GLY K 49 13.54 35.77 -46.41
CA GLY K 49 13.72 35.44 -45.00
C GLY K 49 14.91 34.54 -44.75
N GLU K 50 15.27 34.37 -43.48
CA GLU K 50 16.36 33.47 -43.09
C GLU K 50 15.95 32.63 -41.91
N ILE K 51 16.51 31.42 -41.85
CA ILE K 51 16.27 30.53 -40.74
C ILE K 51 17.52 29.81 -40.23
N SER K 52 17.60 29.69 -38.91
CA SER K 52 18.69 28.98 -38.25
C SER K 52 18.25 27.65 -37.68
N TRP K 53 19.23 26.87 -37.22
CA TRP K 53 19.04 25.58 -36.56
C TRP K 53 17.96 25.55 -35.52
N GLY K 54 17.88 26.58 -34.72
CA GLY K 54 16.95 26.59 -33.59
C GLY K 54 15.54 26.93 -33.99
N GLY K 55 15.33 27.20 -35.27
CA GLY K 55 14.02 27.57 -35.77
C GLY K 55 13.85 29.06 -35.66
N ALA K 56 14.91 29.75 -35.28
CA ALA K 56 14.81 31.18 -35.18
C ALA K 56 14.71 31.72 -36.58
N THR K 57 13.81 32.65 -36.77
CA THR K 57 13.63 33.24 -38.08
C THR K 57 13.53 34.72 -38.10
N ASN K 58 13.85 35.25 -39.26
CA ASN K 58 13.66 36.64 -39.59
C ASN K 58 13.03 36.68 -40.95
N TYR K 59 11.84 37.27 -41.04
CA TYR K 59 11.10 37.31 -42.30
C TYR K 59 11.05 38.72 -42.82
N ASN K 60 10.93 38.86 -44.13
CA ASN K 60 10.66 40.16 -44.70
C ASN K 60 9.28 40.52 -44.19
N PRO K 61 9.08 41.61 -43.46
CA PRO K 61 7.80 41.97 -42.88
C PRO K 61 6.66 41.94 -43.89
N SER K 62 6.90 42.23 -45.17
CA SER K 62 5.81 42.25 -46.15
C SER K 62 5.24 40.87 -46.43
N LEU K 63 6.01 39.85 -46.09
CA LEU K 63 5.66 38.47 -46.28
C LEU K 63 5.38 37.79 -44.95
N LYS K 64 5.34 38.54 -43.86
CA LYS K 64 5.20 37.92 -42.55
C LYS K 64 3.96 37.02 -42.42
N SER K 65 2.86 37.45 -43.01
CA SER K 65 1.61 36.71 -42.93
C SER K 65 1.48 35.58 -43.95
N ARG K 66 2.42 35.51 -44.90
CA ARG K 66 2.38 34.54 -45.98
C ARG K 66 3.45 33.47 -45.91
N VAL K 67 4.57 33.76 -45.25
CA VAL K 67 5.70 32.86 -45.31
C VAL K 67 6.05 32.16 -44.01
N THR K 68 6.33 30.87 -44.15
CA THR K 68 6.79 29.99 -43.08
C THR K 68 8.10 29.31 -43.48
N MET K 69 9.05 29.28 -42.55
CA MET K 69 10.30 28.57 -42.78
C MET K 69 10.55 27.53 -41.70
N SER K 70 11.16 26.42 -42.08
CA SER K 70 11.53 25.38 -41.12
C SER K 70 12.82 24.67 -41.51
N VAL K 71 13.43 24.01 -40.52
CA VAL K 71 14.62 23.19 -40.76
C VAL K 71 14.49 21.78 -40.23
N ASP K 72 14.74 20.81 -41.09
CA ASP K 72 14.77 19.42 -40.71
C ASP K 72 16.23 19.05 -40.59
N THR K 73 16.75 19.00 -39.38
CA THR K 73 18.17 18.82 -39.24
C THR K 73 18.62 17.42 -39.63
N SER K 74 17.76 16.41 -39.41
CA SER K 74 18.13 15.02 -39.69
C SER K 74 18.21 14.75 -41.18
N MET K 75 17.50 15.54 -41.96
CA MET K 75 17.56 15.37 -43.41
C MET K 75 18.40 16.46 -44.05
N SER K 76 19.01 17.31 -43.23
CA SER K 76 19.75 18.48 -43.69
C SER K 76 18.94 19.31 -44.67
N HIS K 77 17.67 19.56 -44.35
CA HIS K 77 16.81 20.31 -45.26
C HIS K 77 16.33 21.67 -44.78
N VAL K 78 16.44 22.61 -45.68
CA VAL K 78 15.96 23.96 -45.50
C VAL K 78 14.68 24.07 -46.30
N SER K 79 13.58 24.44 -45.65
CA SER K 79 12.31 24.46 -46.36
C SER K 79 11.50 25.74 -46.25
N LEU K 80 11.12 26.25 -47.42
CA LEU K 80 10.32 27.47 -47.57
C LEU K 80 8.91 27.20 -48.04
N LYS K 81 7.94 27.72 -47.29
CA LYS K 81 6.54 27.61 -47.62
C LYS K 81 5.89 28.99 -47.80
N MET K 82 5.37 29.29 -48.99
CA MET K 82 4.77 30.61 -49.21
C MET K 82 3.32 30.47 -49.65
N THR K 83 2.39 30.97 -48.87
CA THR K 83 0.98 30.82 -49.20
C THR K 83 0.50 31.92 -50.12
N SER K 84 -0.68 31.68 -50.71
CA SER K 84 -1.36 32.63 -51.57
C SER K 84 -0.49 33.18 -52.70
N VAL K 85 0.16 32.30 -53.47
CA VAL K 85 1.05 32.77 -54.53
C VAL K 85 0.36 33.58 -55.60
N THR K 86 1.06 34.60 -56.04
CA THR K 86 0.54 35.46 -57.09
C THR K 86 1.52 35.64 -58.22
N ALA K 87 1.13 36.39 -59.24
CA ALA K 87 1.99 36.63 -60.39
C ALA K 87 3.31 37.28 -60.01
N ALA K 88 3.27 38.13 -58.99
CA ALA K 88 4.43 38.87 -58.49
C ALA K 88 5.47 37.94 -57.87
N ASP K 89 5.10 36.70 -57.57
CA ASP K 89 6.00 35.76 -56.94
C ASP K 89 6.76 34.95 -57.99
N THR K 90 6.52 35.21 -59.27
CA THR K 90 7.26 34.49 -60.30
C THR K 90 8.70 34.96 -60.27
N GLY K 91 9.62 34.01 -60.27
CA GLY K 91 11.03 34.39 -60.22
C GLY K 91 11.94 33.22 -59.86
N VAL K 92 13.18 33.54 -59.53
CA VAL K 92 14.15 32.50 -59.20
C VAL K 92 14.47 32.51 -57.72
N TYR K 93 14.24 31.37 -57.10
CA TYR K 93 14.41 31.22 -55.67
C TYR K 93 15.69 30.51 -55.29
N TYR K 94 16.58 31.24 -54.66
CA TYR K 94 17.87 30.71 -54.29
C TYR K 94 17.96 30.46 -52.79
N CYS K 95 18.70 29.39 -52.39
CA CYS K 95 19.11 29.14 -51.01
C CYS K 95 20.52 29.68 -50.93
N VAL K 96 20.75 30.50 -49.93
CA VAL K 96 22.01 31.18 -49.79
C VAL K 96 22.61 31.02 -48.40
N ARG K 97 23.92 30.85 -48.33
CA ARG K 97 24.60 30.76 -47.05
C ARG K 97 24.85 32.16 -46.54
N VAL K 98 24.40 32.43 -45.32
CA VAL K 98 24.56 33.74 -44.75
C VAL K 98 25.63 33.73 -43.68
N GLY K 99 26.71 34.46 -43.94
CA GLY K 99 27.77 34.50 -42.96
C GLY K 99 27.39 35.52 -41.88
N PRO K 100 28.02 35.50 -40.71
CA PRO K 100 27.79 36.44 -39.64
C PRO K 100 28.09 37.85 -40.07
N GLY K 101 27.30 38.79 -39.55
CA GLY K 101 27.48 40.21 -39.80
C GLY K 101 28.93 40.64 -39.59
N PRO K 102 29.49 40.46 -38.38
CA PRO K 102 30.84 40.83 -37.98
C PRO K 102 31.95 40.13 -38.78
N HIS K 103 31.63 39.03 -39.44
CA HIS K 103 32.59 38.27 -40.20
C HIS K 103 32.69 38.83 -41.60
N MET K 104 31.57 38.80 -42.30
CA MET K 104 31.49 39.28 -43.66
C MET K 104 30.20 40.01 -44.00
N ALA K 105 29.10 39.69 -43.29
CA ALA K 105 27.79 40.19 -43.67
C ALA K 105 27.55 39.91 -45.14
N ALA K 106 27.82 38.69 -45.57
CA ALA K 106 27.73 38.42 -46.97
C ALA K 106 27.11 37.09 -47.34
N LEU K 107 26.59 37.08 -48.56
CA LEU K 107 25.90 35.97 -49.19
C LEU K 107 26.73 35.14 -50.17
N ASP K 108 26.92 33.85 -49.86
CA ASP K 108 27.74 33.00 -50.73
C ASP K 108 27.09 31.61 -50.89
N TYR K 109 27.72 30.74 -51.66
CA TYR K 109 27.22 29.37 -51.87
C TYR K 109 25.77 29.38 -52.28
N TRP K 110 25.47 30.17 -53.27
CA TRP K 110 24.12 30.27 -53.74
C TRP K 110 23.83 28.99 -54.50
N GLY K 111 22.61 28.46 -54.35
CA GLY K 111 22.26 27.28 -55.13
C GLY K 111 21.95 27.77 -56.53
N HIS K 112 21.64 26.89 -57.47
CA HIS K 112 21.43 27.41 -58.81
C HIS K 112 20.16 28.20 -58.98
N GLY K 113 19.18 27.98 -58.09
CA GLY K 113 17.92 28.68 -58.10
C GLY K 113 16.75 27.87 -58.66
N SER K 114 15.65 27.82 -57.94
CA SER K 114 14.48 27.10 -58.40
C SER K 114 13.70 28.07 -59.26
N ARG K 115 13.21 27.62 -60.40
CA ARG K 115 12.44 28.50 -61.26
C ARG K 115 10.98 28.30 -61.00
N VAL K 116 10.32 29.33 -60.47
CA VAL K 116 8.93 29.22 -60.08
C VAL K 116 8.03 30.16 -60.84
N LEU K 117 7.05 29.56 -61.50
CA LEU K 117 6.05 30.30 -62.26
C LEU K 117 4.68 30.23 -61.65
N VAL K 118 3.99 31.36 -61.57
CA VAL K 118 2.61 31.34 -61.14
C VAL K 118 1.75 31.74 -62.33
N SER K 119 0.83 30.87 -62.74
CA SER K 119 0.01 31.17 -63.92
C SER K 119 -1.32 30.38 -63.90
N SER K 120 -2.31 30.83 -64.71
CA SER K 120 -3.61 30.17 -64.87
C SER K 120 -3.50 29.01 -65.87
N ASP L 1 12.41 49.04 -44.06
CA ASP L 1 11.90 49.42 -45.38
C ASP L 1 12.85 50.45 -46.07
N ILE L 2 14.15 50.09 -46.11
CA ILE L 2 15.25 50.85 -46.72
C ILE L 2 15.36 50.54 -48.19
N VAL L 3 15.42 51.58 -49.00
CA VAL L 3 15.52 51.40 -50.43
C VAL L 3 16.93 51.59 -50.94
N MET L 4 17.38 50.62 -51.71
CA MET L 4 18.69 50.64 -52.34
C MET L 4 18.51 50.80 -53.83
N THR L 5 19.18 51.79 -54.40
CA THR L 5 19.10 52.05 -55.84
C THR L 5 20.47 52.17 -56.47
N GLN L 6 20.67 51.55 -57.64
CA GLN L 6 21.93 51.72 -58.36
C GLN L 6 21.79 52.85 -59.35
N THR L 7 22.83 53.65 -59.46
CA THR L 7 22.82 54.79 -60.35
C THR L 7 22.69 54.43 -61.85
N PRO L 8 23.59 53.63 -62.48
CA PRO L 8 23.50 53.22 -63.85
C PRO L 8 22.49 52.10 -64.01
N LEU L 9 21.98 51.91 -65.22
CA LEU L 9 21.23 50.70 -65.49
C LEU L 9 22.17 49.71 -66.14
N SER L 10 23.13 50.26 -66.86
CA SER L 10 24.14 49.55 -67.61
C SER L 10 25.34 50.46 -67.78
N SER L 11 26.46 49.87 -68.15
CA SER L 11 27.66 50.65 -68.42
C SER L 11 28.57 49.98 -69.46
N PRO L 12 28.35 50.22 -70.76
CA PRO L 12 29.23 49.77 -71.81
C PRO L 12 30.59 50.43 -71.61
N VAL L 13 31.62 49.61 -71.61
CA VAL L 13 33.01 50.02 -71.44
C VAL L 13 33.85 49.26 -72.45
N THR L 14 34.85 49.86 -73.06
CA THR L 14 35.63 49.07 -74.02
C THR L 14 36.58 48.20 -73.24
N LEU L 15 37.17 47.21 -73.89
CA LEU L 15 38.10 46.40 -73.12
C LEU L 15 39.31 47.20 -72.75
N GLY L 16 39.70 47.07 -71.49
CA GLY L 16 40.87 47.74 -70.96
C GLY L 16 40.52 49.11 -70.39
N GLN L 17 39.28 49.54 -70.59
CA GLN L 17 38.83 50.82 -70.10
C GLN L 17 38.26 50.58 -68.71
N PRO L 18 38.52 51.45 -67.71
CA PRO L 18 37.97 51.41 -66.35
C PRO L 18 36.47 51.64 -66.33
N ALA L 19 35.81 51.18 -65.28
CA ALA L 19 34.37 51.41 -65.09
C ALA L 19 34.01 51.46 -63.62
N SER L 20 32.90 52.10 -63.30
CA SER L 20 32.46 52.10 -61.92
C SER L 20 30.94 52.13 -61.83
N ILE L 21 30.44 51.60 -60.72
CA ILE L 21 29.02 51.57 -60.44
C ILE L 21 28.70 52.24 -59.12
N SER L 22 28.06 53.40 -59.16
CA SER L 22 27.72 54.00 -57.88
C SER L 22 26.31 53.51 -57.54
N CYS L 23 25.96 53.56 -56.24
CA CYS L 23 24.67 53.19 -55.67
C CYS L 23 24.45 53.90 -54.34
N GLY L 24 23.24 53.83 -53.84
CA GLY L 24 23.03 54.37 -52.53
C GLY L 24 21.72 54.00 -51.89
N SER L 25 21.64 54.36 -50.63
CA SER L 25 20.52 54.04 -49.75
C SER L 25 19.74 55.20 -49.22
N SER L 26 18.45 54.98 -48.99
CA SER L 26 17.56 55.95 -48.36
C SER L 26 17.90 56.17 -46.88
N GLN L 27 18.63 55.23 -46.27
CA GLN L 27 19.06 55.34 -44.87
C GLN L 27 20.51 54.94 -44.72
N SER L 28 21.24 55.55 -43.79
CA SER L 28 22.62 55.14 -43.64
C SER L 28 22.67 53.69 -43.22
N LEU L 29 23.58 52.95 -43.82
CA LEU L 29 23.71 51.54 -43.54
C LEU L 29 24.69 51.27 -42.44
N VAL L 30 24.38 51.82 -41.29
CA VAL L 30 25.25 51.69 -40.15
C VAL L 30 24.57 50.84 -39.10
N HIS L 31 25.27 49.80 -38.70
CA HIS L 31 24.78 48.80 -37.78
C HIS L 31 24.90 49.26 -36.34
N SER L 32 24.44 48.42 -35.41
CA SER L 32 24.48 48.77 -34.00
C SER L 32 25.91 48.70 -33.47
N ASP L 33 26.78 47.97 -34.16
CA ASP L 33 28.16 47.91 -33.73
C ASP L 33 29.00 49.07 -34.29
N GLY L 34 28.36 49.99 -35.02
CA GLY L 34 29.01 51.15 -35.59
C GLY L 34 29.65 50.94 -36.96
N ASN L 35 29.60 49.71 -37.47
CA ASN L 35 30.20 49.41 -38.75
C ASN L 35 29.21 49.64 -39.87
N THR L 36 29.73 49.88 -41.06
CA THR L 36 28.86 50.10 -42.19
C THR L 36 28.84 48.81 -43.01
N TYR L 37 27.65 48.30 -43.31
CA TYR L 37 27.61 47.06 -44.08
C TYR L 37 26.78 47.21 -45.32
N LEU L 38 27.33 46.66 -46.37
CA LEU L 38 26.83 46.61 -47.73
C LEU L 38 27.59 45.46 -48.30
N SER L 39 27.15 44.91 -49.40
CA SER L 39 28.00 43.95 -50.11
C SER L 39 27.77 44.02 -51.61
N TRP L 40 28.75 43.54 -52.38
CA TRP L 40 28.60 43.50 -53.81
C TRP L 40 28.64 42.11 -54.38
N LEU L 41 27.61 41.83 -55.17
CA LEU L 41 27.43 40.57 -55.87
C LEU L 41 27.53 40.72 -57.36
N GLN L 42 27.87 39.66 -58.06
CA GLN L 42 27.78 39.67 -59.51
C GLN L 42 27.18 38.40 -60.06
N GLN L 43 26.25 38.55 -60.98
CA GLN L 43 25.58 37.43 -61.62
C GLN L 43 25.85 37.30 -63.10
N ARG L 44 26.20 36.09 -63.52
CA ARG L 44 26.42 35.84 -64.93
C ARG L 44 25.11 35.22 -65.47
N PRO L 45 24.82 35.25 -66.78
CA PRO L 45 23.58 34.76 -67.37
C PRO L 45 23.07 33.34 -67.02
N GLY L 46 23.95 32.38 -66.76
CA GLY L 46 23.48 31.03 -66.43
C GLY L 46 23.82 30.66 -64.99
N GLN L 47 24.20 31.66 -64.22
CA GLN L 47 24.71 31.49 -62.89
C GLN L 47 23.93 32.26 -61.82
N PRO L 48 23.99 31.83 -60.56
CA PRO L 48 23.43 32.53 -59.44
C PRO L 48 24.35 33.72 -59.21
N PRO L 49 23.92 34.72 -58.46
CA PRO L 49 24.76 35.80 -58.00
C PRO L 49 25.85 35.22 -57.13
N ARG L 50 27.02 35.82 -57.15
CA ARG L 50 28.11 35.40 -56.28
C ARG L 50 28.73 36.60 -55.64
N LEU L 51 29.41 36.41 -54.52
CA LEU L 51 30.07 37.51 -53.85
C LEU L 51 31.39 37.90 -54.49
N LEU L 52 31.62 39.22 -54.55
CA LEU L 52 32.90 39.78 -54.94
C LEU L 52 33.54 40.55 -53.77
N ILE L 53 32.79 41.51 -53.24
CA ILE L 53 33.25 42.41 -52.17
C ILE L 53 32.34 42.38 -50.94
N TYR L 54 32.91 42.22 -49.76
CA TYR L 54 32.11 42.18 -48.54
C TYR L 54 32.36 43.38 -47.65
N LYS L 55 31.36 43.68 -46.86
CA LYS L 55 31.35 44.88 -46.07
C LYS L 55 31.53 45.96 -47.12
N ILE L 56 32.31 46.99 -46.91
CA ILE L 56 32.30 48.00 -47.94
C ILE L 56 33.36 47.79 -49.01
N SER L 57 34.56 47.42 -48.59
CA SER L 57 35.66 47.29 -49.52
C SER L 57 36.50 46.02 -49.37
N ASN L 58 36.04 45.02 -48.63
CA ASN L 58 36.92 43.89 -48.41
C ASN L 58 36.88 42.86 -49.52
N ARG L 59 38.05 42.55 -50.01
CA ARG L 59 38.22 41.58 -51.07
C ARG L 59 38.10 40.14 -50.61
N ILE L 60 37.38 39.32 -51.37
CA ILE L 60 37.35 37.88 -51.12
C ILE L 60 38.63 37.31 -51.69
N SER L 61 39.20 36.32 -51.04
CA SER L 61 40.38 35.74 -51.64
C SER L 61 39.95 35.19 -52.98
N GLY L 62 40.79 35.34 -53.99
CA GLY L 62 40.47 34.83 -55.32
C GLY L 62 39.86 35.88 -56.24
N LEU L 63 39.49 37.04 -55.68
CA LEU L 63 38.93 38.10 -56.51
C LEU L 63 40.04 38.64 -57.38
N PRO L 64 39.81 38.98 -58.65
CA PRO L 64 40.77 39.64 -59.48
C PRO L 64 41.13 40.98 -58.86
N ASP L 65 42.38 41.39 -59.04
CA ASP L 65 42.96 42.63 -58.53
C ASP L 65 42.32 43.86 -59.14
N ARG L 66 41.58 43.60 -60.19
CA ARG L 66 40.85 44.57 -60.95
C ARG L 66 39.74 45.18 -60.09
N PHE L 67 39.21 44.43 -59.13
CA PHE L 67 38.09 44.92 -58.33
C PHE L 67 38.47 45.55 -57.00
N SER L 68 37.80 46.66 -56.70
CA SER L 68 37.96 47.42 -55.47
C SER L 68 36.71 48.24 -55.23
N GLY L 69 36.64 48.95 -54.10
CA GLY L 69 35.47 49.80 -53.85
C GLY L 69 35.61 50.60 -52.56
N SER L 70 34.65 51.48 -52.34
CA SER L 70 34.60 52.35 -51.16
C SER L 70 33.23 52.99 -50.98
N GLY L 71 33.11 53.80 -49.93
CA GLY L 71 31.89 54.53 -49.65
C GLY L 71 31.57 54.58 -48.17
N ALA L 72 30.50 55.29 -47.85
CA ALA L 72 30.07 55.45 -46.46
C ALA L 72 28.60 55.82 -46.34
N GLU L 73 28.01 55.49 -45.20
CA GLU L 73 26.66 55.91 -44.89
C GLU L 73 25.66 55.47 -45.97
N THR L 74 25.36 56.39 -46.90
CA THR L 74 24.39 56.15 -47.95
C THR L 74 24.95 56.13 -49.38
N ASN L 75 26.21 56.50 -49.58
CA ASN L 75 26.79 56.64 -50.93
C ASN L 75 27.98 55.72 -51.15
N PHE L 76 27.80 54.72 -52.00
CA PHE L 76 28.82 53.71 -52.24
C PHE L 76 29.14 53.45 -53.69
N THR L 77 30.39 53.05 -53.98
CA THR L 77 30.79 52.69 -55.34
C THR L 77 31.67 51.43 -55.47
N LEU L 78 31.38 50.63 -56.52
CA LEU L 78 32.22 49.51 -56.92
C LEU L 78 33.05 49.97 -58.09
N LYS L 79 34.33 49.63 -58.09
CA LYS L 79 35.18 50.04 -59.18
C LYS L 79 35.91 48.88 -59.82
N ILE L 80 36.12 48.97 -61.13
CA ILE L 80 36.91 48.01 -61.85
C ILE L 80 38.04 48.82 -62.49
N SER L 81 39.29 48.48 -62.20
CA SER L 81 40.39 49.28 -62.73
C SER L 81 40.52 49.21 -64.24
N ARG L 82 40.19 48.06 -64.80
CA ARG L 82 40.20 47.80 -66.23
C ARG L 82 39.09 46.81 -66.45
N VAL L 83 38.16 47.04 -67.34
CA VAL L 83 37.14 46.03 -67.51
C VAL L 83 37.47 45.03 -68.60
N GLU L 84 37.41 43.77 -68.22
CA GLU L 84 37.66 42.65 -69.10
C GLU L 84 36.33 42.02 -69.52
N ALA L 85 36.34 41.21 -70.59
CA ALA L 85 35.11 40.53 -71.02
C ALA L 85 34.56 39.63 -69.91
N GLU L 86 35.46 39.09 -69.12
CA GLU L 86 35.12 38.20 -68.02
C GLU L 86 34.39 38.90 -66.87
N ASP L 87 34.38 40.24 -66.86
CA ASP L 87 33.75 41.03 -65.82
C ASP L 87 32.33 41.43 -66.20
N VAL L 88 31.87 40.96 -67.35
CA VAL L 88 30.54 41.23 -67.89
C VAL L 88 29.45 40.48 -67.13
N GLY L 89 28.37 41.20 -66.80
CA GLY L 89 27.27 40.62 -66.03
C GLY L 89 26.56 41.67 -65.19
N LEU L 90 25.65 41.21 -64.31
CA LEU L 90 24.89 42.13 -63.47
C LEU L 90 25.48 42.31 -62.09
N TYR L 91 25.79 43.53 -61.77
CA TYR L 91 26.34 43.81 -60.46
C TYR L 91 25.24 44.29 -59.56
N TYR L 92 25.21 43.79 -58.35
CA TYR L 92 24.18 44.20 -57.42
C TYR L 92 24.80 44.84 -56.18
N CYS L 93 24.19 45.95 -55.76
CA CYS L 93 24.54 46.69 -54.56
C CYS L 93 23.54 46.19 -53.52
N VAL L 94 24.04 45.48 -52.52
CA VAL L 94 23.20 44.84 -51.53
C VAL L 94 23.26 45.57 -50.20
N GLN L 95 22.10 45.81 -49.62
CA GLN L 95 21.98 46.58 -48.39
C GLN L 95 22.88 46.15 -47.22
N GLY L 96 23.01 44.87 -46.95
CA GLY L 96 23.94 44.43 -45.90
C GLY L 96 23.54 44.59 -44.42
N THR L 97 23.33 45.82 -44.00
CA THR L 97 23.08 46.15 -42.58
C THR L 97 21.77 45.76 -41.87
N GLN L 98 20.58 45.90 -42.46
CA GLN L 98 19.36 45.62 -41.70
C GLN L 98 18.58 44.44 -42.23
N PHE L 99 17.83 43.78 -41.34
CA PHE L 99 17.09 42.57 -41.71
C PHE L 99 16.22 42.54 -42.94
N PRO L 100 15.32 43.49 -43.22
CA PRO L 100 14.49 43.44 -44.39
C PRO L 100 15.35 43.87 -45.56
N TRP L 101 16.31 43.03 -45.90
CA TRP L 101 17.33 43.37 -46.85
C TRP L 101 16.84 43.50 -48.24
N THR L 102 17.33 44.51 -48.90
CA THR L 102 17.04 44.68 -50.29
C THR L 102 18.33 44.87 -51.04
N SER L 103 18.21 45.01 -52.34
CA SER L 103 19.34 45.23 -53.21
C SER L 103 18.89 46.06 -54.39
N GLY L 104 19.85 46.58 -55.12
CA GLY L 104 19.51 47.35 -56.28
C GLY L 104 19.07 46.44 -57.41
N GLN L 105 18.66 47.04 -58.50
CA GLN L 105 18.11 46.36 -59.66
C GLN L 105 19.05 45.48 -60.48
N GLY L 106 20.36 45.70 -60.38
CA GLY L 106 21.33 44.97 -61.17
C GLY L 106 21.85 45.88 -62.29
N THR L 107 23.14 46.12 -62.31
CA THR L 107 23.74 46.99 -63.33
C THR L 107 24.44 46.17 -64.35
N LYS L 108 24.07 46.34 -65.61
CA LYS L 108 24.71 45.49 -66.60
C LYS L 108 25.95 46.09 -67.20
N VAL L 109 27.06 45.47 -66.91
CA VAL L 109 28.32 45.90 -67.47
C VAL L 109 28.41 45.18 -68.79
N GLU L 110 28.70 45.95 -69.84
CA GLU L 110 28.76 45.48 -71.22
C GLU L 110 30.07 45.87 -71.84
N ILE L 111 30.49 45.17 -72.89
CA ILE L 111 31.69 45.61 -73.59
C ILE L 111 31.29 46.45 -74.80
N LYS L 112 31.87 47.65 -74.90
CA LYS L 112 31.66 48.68 -75.92
C LYS L 112 32.67 48.52 -77.05
N GLN M 1 34.51 -52.71 8.30
CA GLN M 1 35.78 -52.33 8.89
C GLN M 1 36.27 -51.03 8.23
N VAL M 2 36.67 -50.05 9.06
CA VAL M 2 37.19 -48.75 8.64
C VAL M 2 38.53 -48.88 7.96
N GLN M 3 38.66 -48.24 6.81
CA GLN M 3 39.91 -48.26 6.08
C GLN M 3 40.46 -46.86 6.15
N LEU M 4 41.78 -46.73 6.09
CA LEU M 4 42.39 -45.42 6.09
C LEU M 4 43.48 -45.25 5.08
N GLN M 5 43.52 -44.06 4.50
CA GLN M 5 44.61 -43.66 3.63
C GLN M 5 45.30 -42.52 4.31
N GLN M 6 46.61 -42.50 4.25
CA GLN M 6 47.29 -41.41 4.90
C GLN M 6 48.45 -40.94 4.04
N TRP M 7 48.55 -39.62 3.90
CA TRP M 7 49.60 -39.03 3.08
C TRP M 7 49.92 -37.64 3.56
N GLY M 8 51.00 -37.06 3.06
CA GLY M 8 51.31 -35.69 3.44
C GLY M 8 52.78 -35.36 3.24
N GLY M 9 53.19 -34.21 3.75
CA GLY M 9 54.57 -33.77 3.57
C GLY M 9 55.54 -34.56 4.43
N GLY M 10 56.31 -35.44 3.78
CA GLY M 10 57.27 -36.31 4.47
C GLY M 10 58.67 -35.69 4.57
N LEU M 11 58.84 -34.48 4.05
CA LEU M 11 60.12 -33.81 4.10
C LEU M 11 59.98 -32.32 4.12
N LEU M 12 60.45 -31.73 5.19
CA LEU M 12 60.39 -30.31 5.40
C LEU M 12 61.71 -29.71 5.80
N LYS M 13 61.86 -28.45 5.49
CA LYS M 13 63.02 -27.74 5.96
C LYS M 13 62.64 -27.16 7.33
N PRO M 14 63.58 -26.92 8.22
CA PRO M 14 63.33 -26.31 9.49
C PRO M 14 62.59 -25.00 9.30
N SER M 15 61.69 -24.76 10.24
CA SER M 15 60.80 -23.62 10.37
C SER M 15 59.60 -23.62 9.42
N GLN M 16 59.44 -24.67 8.63
CA GLN M 16 58.29 -24.77 7.75
C GLN M 16 57.06 -25.35 8.45
N THR M 17 55.94 -25.46 7.74
CA THR M 17 54.75 -26.02 8.38
C THR M 17 54.43 -27.38 7.80
N LEU M 18 54.22 -28.34 8.69
CA LEU M 18 53.87 -29.71 8.38
C LEU M 18 52.40 -29.86 8.17
N SER M 19 52.03 -30.52 7.10
CA SER M 19 50.63 -30.77 6.83
C SER M 19 50.41 -32.20 6.39
N LEU M 20 49.66 -32.92 7.24
CA LEU M 20 49.33 -34.33 6.98
C LEU M 20 47.83 -34.49 6.89
N THR M 21 47.37 -35.37 6.01
CA THR M 21 45.95 -35.64 5.85
C THR M 21 45.64 -37.15 5.92
N CYS M 22 44.55 -37.51 6.63
CA CYS M 22 44.03 -38.85 6.81
C CYS M 22 42.61 -38.96 6.26
N ALA M 23 42.40 -39.90 5.36
CA ALA M 23 41.07 -40.08 4.78
C ALA M 23 40.39 -41.29 5.38
N VAL M 24 39.13 -41.09 5.73
CA VAL M 24 38.32 -42.15 6.32
C VAL M 24 37.31 -42.65 5.32
N TYR M 25 37.32 -43.95 5.03
CA TYR M 25 36.44 -44.46 3.96
C TYR M 25 35.17 -45.23 4.32
N ARG M 26 34.77 -45.26 5.57
CA ARG M 26 33.53 -45.96 5.91
C ARG M 26 32.54 -45.13 6.71
N TRP M 27 33.05 -44.31 7.58
CA TRP M 27 32.23 -43.53 8.46
C TRP M 27 32.55 -42.08 8.41
N THR M 28 31.54 -41.28 8.68
CA THR M 28 31.64 -39.86 8.84
C THR M 28 32.16 -39.62 10.27
N PHE M 29 32.31 -38.38 10.71
CA PHE M 29 33.08 -38.17 11.96
C PHE M 29 32.54 -38.06 13.41
N ASN M 30 31.27 -38.39 13.76
CA ASN M 30 30.96 -38.25 15.20
C ASN M 30 30.67 -39.57 15.89
N ASP M 31 31.04 -40.68 15.27
CA ASP M 31 30.81 -42.00 15.88
C ASP M 31 32.00 -42.38 16.72
N HIS M 32 33.13 -41.89 16.29
CA HIS M 32 34.42 -42.07 16.88
C HIS M 32 35.27 -40.88 16.55
N TYR M 33 36.29 -40.63 17.35
CA TYR M 33 37.11 -39.46 17.15
C TYR M 33 38.45 -39.83 16.59
N TRP M 34 39.10 -38.87 15.96
CA TRP M 34 40.39 -39.18 15.37
C TRP M 34 41.49 -38.48 16.09
N SER M 35 42.64 -39.13 16.19
CA SER M 35 43.76 -38.49 16.84
C SER M 35 45.08 -38.75 16.17
N TRP M 36 46.03 -37.90 16.53
CA TRP M 36 47.35 -38.02 16.00
C TRP M 36 48.33 -38.41 17.07
N VAL M 37 49.20 -39.35 16.70
CA VAL M 37 50.25 -39.88 17.55
C VAL M 37 51.63 -39.84 16.91
N ARG M 38 52.60 -39.36 17.68
CA ARG M 38 53.99 -39.29 17.26
C ARG M 38 54.82 -40.47 17.76
N GLN M 39 55.46 -41.17 16.83
CA GLN M 39 56.31 -42.29 17.21
C GLN M 39 57.77 -42.06 16.89
N SER M 40 58.59 -42.26 17.91
CA SER M 40 60.04 -42.17 17.77
C SER M 40 60.53 -43.00 18.94
N PRO M 41 61.40 -44.01 18.75
CA PRO M 41 61.84 -44.93 19.79
C PRO M 41 62.26 -44.32 21.13
N GLY M 42 62.93 -43.18 21.11
CA GLY M 42 63.40 -42.62 22.38
C GLY M 42 62.30 -41.90 23.16
N LYS M 43 61.14 -41.77 22.54
CA LYS M 43 60.02 -41.08 23.11
C LYS M 43 58.82 -42.02 23.29
N GLY M 44 58.96 -43.30 22.91
CA GLY M 44 57.81 -44.20 22.95
C GLY M 44 56.73 -43.62 22.00
N LEU M 45 55.50 -43.55 22.49
CA LEU M 45 54.39 -42.99 21.70
C LEU M 45 53.81 -41.77 22.40
N GLU M 46 53.86 -40.63 21.72
CA GLU M 46 53.37 -39.35 22.24
C GLU M 46 52.05 -38.89 21.62
N TRP M 47 51.07 -38.59 22.44
CA TRP M 47 49.82 -38.09 21.89
C TRP M 47 50.00 -36.64 21.47
N ILE M 48 49.53 -36.29 20.28
CA ILE M 48 49.60 -34.91 19.82
C ILE M 48 48.31 -34.20 20.13
N GLY M 49 47.23 -34.87 19.79
CA GLY M 49 45.92 -34.29 19.99
C GLY M 49 44.81 -35.10 19.33
N GLU M 50 43.56 -34.75 19.64
CA GLU M 50 42.41 -35.41 19.03
C GLU M 50 41.37 -34.41 18.60
N ILE M 51 40.62 -34.77 17.56
CA ILE M 51 39.56 -33.94 17.07
C ILE M 51 38.27 -34.69 16.72
N SER M 52 37.15 -34.05 17.03
CA SER M 52 35.81 -34.55 16.74
C SER M 52 35.16 -33.94 15.50
N TRP M 53 33.97 -34.45 15.21
CA TRP M 53 33.13 -34.03 14.10
C TRP M 53 32.90 -32.55 14.07
N GLY M 54 32.66 -31.99 15.25
CA GLY M 54 32.30 -30.60 15.40
C GLY M 54 33.50 -29.68 15.49
N GLY M 55 34.70 -30.24 15.37
CA GLY M 55 35.90 -29.44 15.48
C GLY M 55 36.35 -29.28 16.91
N ALA M 56 35.70 -29.96 17.84
CA ALA M 56 36.14 -29.83 19.21
C ALA M 56 37.48 -30.52 19.30
N THR M 57 38.40 -29.92 20.03
CA THR M 57 39.71 -30.50 20.19
C THR M 57 40.25 -30.55 21.57
N ASN M 58 41.15 -31.49 21.75
CA ASN M 58 41.96 -31.63 22.94
C ASN M 58 43.38 -31.77 22.47
N TYR M 59 44.26 -30.90 22.92
CA TYR M 59 45.65 -30.91 22.47
C TYR M 59 46.60 -31.23 23.61
N ASN M 60 47.74 -31.80 23.26
CA ASN M 60 48.82 -32.03 24.20
C ASN M 60 49.43 -30.68 24.47
N PRO M 61 49.47 -30.18 25.71
CA PRO M 61 49.99 -28.87 26.07
C PRO M 61 51.35 -28.56 25.46
N SER M 62 52.20 -29.56 25.27
CA SER M 62 53.53 -29.28 24.73
C SER M 62 53.50 -28.73 23.31
N LEU M 63 52.43 -28.97 22.59
CA LEU M 63 52.28 -28.52 21.22
C LEU M 63 51.15 -27.51 21.03
N LYS M 64 50.57 -26.96 22.08
CA LYS M 64 49.44 -26.05 21.83
C LYS M 64 49.75 -24.83 21.01
N SER M 65 50.96 -24.31 21.12
CA SER M 65 51.33 -23.13 20.38
C SER M 65 51.70 -23.44 18.93
N ARG M 66 51.85 -24.72 18.59
CA ARG M 66 52.30 -25.14 17.28
C ARG M 66 51.28 -25.94 16.47
N VAL M 67 50.34 -26.63 17.14
CA VAL M 67 49.45 -27.55 16.45
C VAL M 67 47.97 -27.19 16.42
N THR M 68 47.44 -27.29 15.21
CA THR M 68 46.04 -27.10 14.87
C THR M 68 45.48 -28.35 14.18
N MET M 69 44.27 -28.75 14.55
CA MET M 69 43.63 -29.88 13.88
C MET M 69 42.34 -29.41 13.24
N SER M 70 41.95 -30.06 12.14
CA SER M 70 40.71 -29.71 11.48
C SER M 70 40.01 -30.88 10.78
N VAL M 71 38.68 -30.89 10.81
CA VAL M 71 37.94 -31.95 10.13
C VAL M 71 37.03 -31.46 9.03
N ASP M 72 37.25 -31.99 7.85
CA ASP M 72 36.49 -31.72 6.66
C ASP M 72 35.46 -32.81 6.51
N THR M 73 34.24 -32.56 6.95
CA THR M 73 33.30 -33.66 6.94
C THR M 73 32.92 -34.06 5.53
N SER M 74 32.88 -33.09 4.63
CA SER M 74 32.43 -33.34 3.26
C SER M 74 33.37 -34.26 2.52
N MET M 75 34.66 -34.13 2.76
CA MET M 75 35.61 -34.98 2.07
C MET M 75 36.10 -36.15 2.91
N SER M 76 35.50 -36.37 4.07
CA SER M 76 35.92 -37.39 5.01
C SER M 76 37.41 -37.27 5.37
N HIS M 77 37.89 -36.04 5.58
CA HIS M 77 39.31 -35.85 5.89
C HIS M 77 39.64 -35.20 7.22
N VAL M 78 40.64 -35.78 7.86
CA VAL M 78 41.15 -35.23 9.10
C VAL M 78 42.54 -34.72 8.85
N SER M 79 42.79 -33.45 9.12
CA SER M 79 44.11 -32.92 8.87
C SER M 79 44.80 -32.47 10.14
N LEU M 80 46.13 -32.51 10.07
CA LEU M 80 47.04 -32.05 11.11
C LEU M 80 47.98 -30.98 10.59
N LYS M 81 47.99 -29.83 11.25
CA LYS M 81 48.86 -28.72 10.89
C LYS M 81 49.83 -28.39 12.02
N MET M 82 51.12 -28.54 11.77
CA MET M 82 52.12 -28.27 12.80
C MET M 82 53.15 -27.24 12.32
N THR M 83 53.17 -26.10 12.97
CA THR M 83 54.06 -25.02 12.54
C THR M 83 55.45 -25.15 13.14
N SER M 84 56.38 -24.38 12.55
CA SER M 84 57.76 -24.27 12.99
C SER M 84 58.45 -25.62 13.16
N VAL M 85 58.41 -26.47 12.14
CA VAL M 85 58.98 -27.81 12.27
C VAL M 85 60.47 -27.78 12.51
N THR M 86 60.92 -28.68 13.35
CA THR M 86 62.34 -28.78 13.61
C THR M 86 62.83 -30.20 13.49
N ALA M 87 64.13 -30.38 13.62
CA ALA M 87 64.75 -31.71 13.51
C ALA M 87 64.19 -32.66 14.56
N ALA M 88 63.85 -32.12 15.73
CA ALA M 88 63.34 -32.87 16.86
C ALA M 88 61.94 -33.45 16.62
N ASP M 89 61.27 -33.00 15.56
CA ASP M 89 59.93 -33.46 15.23
C ASP M 89 59.98 -34.62 14.24
N THR M 90 61.18 -35.06 13.87
CA THR M 90 61.30 -36.18 12.95
C THR M 90 60.72 -37.43 13.58
N GLY M 91 59.89 -38.13 12.82
CA GLY M 91 59.28 -39.35 13.32
C GLY M 91 58.10 -39.80 12.47
N VAL M 92 57.37 -40.77 12.99
CA VAL M 92 56.22 -41.28 12.26
C VAL M 92 54.94 -40.73 12.85
N TYR M 93 54.12 -40.17 12.01
CA TYR M 93 52.87 -39.58 12.45
C TYR M 93 51.71 -40.44 12.07
N TYR M 94 51.01 -40.95 13.06
CA TYR M 94 49.91 -41.85 12.78
C TYR M 94 48.53 -41.23 12.95
N CYS M 95 47.59 -41.63 12.07
CA CYS M 95 46.16 -41.34 12.16
C CYS M 95 45.54 -42.54 12.91
N VAL M 96 44.91 -42.26 14.03
CA VAL M 96 44.41 -43.32 14.89
C VAL M 96 42.93 -43.17 15.26
N ARG M 97 42.19 -44.27 15.27
CA ARG M 97 40.78 -44.22 15.67
C ARG M 97 40.66 -44.26 17.18
N VAL M 98 39.89 -43.35 17.73
CA VAL M 98 39.74 -43.29 19.17
C VAL M 98 38.35 -43.71 19.63
N GLY M 99 38.30 -44.79 20.41
CA GLY M 99 37.01 -45.26 20.87
C GLY M 99 36.59 -44.41 22.06
N PRO M 100 35.30 -44.41 22.45
CA PRO M 100 34.78 -43.68 23.59
C PRO M 100 35.42 -44.16 24.87
N GLY M 101 35.66 -43.23 25.78
CA GLY M 101 36.23 -43.53 27.10
C GLY M 101 35.50 -44.68 27.79
N PRO M 102 34.19 -44.54 28.08
CA PRO M 102 33.36 -45.49 28.78
C PRO M 102 33.26 -46.86 28.11
N HIS M 103 33.61 -46.95 26.83
CA HIS M 103 33.50 -48.21 26.14
C HIS M 103 34.83 -48.94 26.19
N MET M 104 35.88 -48.28 25.72
CA MET M 104 37.21 -48.86 25.68
C MET M 104 38.34 -47.94 26.09
N ALA M 105 38.21 -46.62 25.88
CA ALA M 105 39.30 -45.67 26.11
C ALA M 105 40.56 -46.15 25.45
N ALA M 106 40.48 -46.52 24.19
CA ALA M 106 41.65 -47.08 23.56
C ALA M 106 41.83 -46.67 22.11
N LEU M 107 43.10 -46.73 21.70
CA LEU M 107 43.56 -46.41 20.38
C LEU M 107 43.66 -47.62 19.48
N ASP M 108 42.93 -47.61 18.36
CA ASP M 108 42.95 -48.76 17.47
C ASP M 108 42.93 -48.37 15.99
N TYR M 109 42.96 -49.39 15.14
CA TYR M 109 42.97 -49.30 13.69
C TYR M 109 43.86 -48.14 13.28
N TRP M 110 45.12 -48.32 13.54
CA TRP M 110 46.11 -47.31 13.26
C TRP M 110 46.36 -47.32 11.76
N GLY M 111 46.60 -46.15 11.20
CA GLY M 111 46.94 -46.06 9.79
C GLY M 111 48.39 -46.45 9.65
N HIS M 112 48.94 -46.35 8.45
CA HIS M 112 50.30 -46.81 8.26
C HIS M 112 51.34 -45.91 8.88
N GLY M 113 51.07 -44.61 8.89
CA GLY M 113 51.95 -43.62 9.45
C GLY M 113 52.74 -42.84 8.40
N SER M 114 52.73 -41.53 8.50
CA SER M 114 53.47 -40.72 7.56
C SER M 114 54.87 -40.62 8.07
N ARG M 115 55.85 -40.74 7.21
CA ARG M 115 57.23 -40.62 7.64
C ARG M 115 57.69 -39.22 7.37
N VAL M 116 57.94 -38.47 8.44
CA VAL M 116 58.28 -37.08 8.30
C VAL M 116 59.67 -36.77 8.78
N LEU M 117 60.47 -36.25 7.87
CA LEU M 117 61.83 -35.84 8.15
C LEU M 117 61.99 -34.36 8.08
N VAL M 118 62.67 -33.77 9.05
CA VAL M 118 62.95 -32.36 8.95
C VAL M 118 64.46 -32.20 8.88
N SER M 119 64.95 -31.55 7.84
CA SER M 119 66.39 -31.40 7.65
C SER M 119 66.74 -30.22 6.73
N SER M 120 68.01 -29.76 6.77
CA SER M 120 68.54 -28.68 5.92
C SER M 120 68.91 -29.25 4.54
N ASP N 1 50.44 -34.00 32.88
CA ASP N 1 51.84 -34.38 32.71
C ASP N 1 52.21 -35.63 33.57
N ILE N 2 51.33 -36.64 33.51
CA ILE N 2 51.41 -37.94 34.17
C ILE N 2 52.23 -38.88 33.31
N VAL N 3 53.20 -39.55 33.91
CA VAL N 3 54.07 -40.39 33.13
C VAL N 3 54.00 -41.87 33.42
N MET N 4 53.86 -42.61 32.34
CA MET N 4 53.84 -44.05 32.37
C MET N 4 55.25 -44.56 32.19
N THR N 5 55.63 -45.56 32.98
CA THR N 5 56.95 -46.17 32.87
C THR N 5 56.86 -47.69 32.81
N GLN N 6 57.58 -48.32 31.88
CA GLN N 6 57.60 -49.77 31.84
C GLN N 6 58.81 -50.26 32.61
N THR N 7 58.66 -51.34 33.34
CA THR N 7 59.73 -51.90 34.13
C THR N 7 60.94 -52.46 33.32
N PRO N 8 60.79 -53.47 32.44
CA PRO N 8 61.85 -53.99 31.60
C PRO N 8 62.09 -53.09 30.43
N LEU N 9 63.27 -53.16 29.84
CA LEU N 9 63.45 -52.50 28.55
C LEU N 9 63.23 -53.52 27.45
N SER N 10 63.54 -54.77 27.79
CA SER N 10 63.42 -55.90 26.91
C SER N 10 63.23 -57.13 27.75
N SER N 11 62.75 -58.19 27.12
CA SER N 11 62.59 -59.46 27.83
C SER N 11 62.74 -60.68 26.92
N PRO N 12 63.96 -61.21 26.73
CA PRO N 12 64.21 -62.45 26.02
C PRO N 12 63.48 -63.58 26.72
N VAL N 13 62.73 -64.35 25.97
CA VAL N 13 61.96 -65.50 26.45
C VAL N 13 62.15 -66.62 25.44
N THR N 14 62.25 -67.87 25.84
CA THR N 14 62.38 -68.88 24.81
C THR N 14 61.00 -69.13 24.26
N LEU N 15 60.89 -69.77 23.11
CA LEU N 15 59.54 -70.05 22.66
C LEU N 15 58.89 -71.06 23.56
N GLY N 16 57.64 -70.80 23.90
CA GLY N 16 56.86 -71.70 24.74
C GLY N 16 56.99 -71.34 26.23
N GLN N 17 57.87 -70.39 26.53
CA GLN N 17 58.08 -69.95 27.89
C GLN N 17 57.21 -68.71 28.08
N PRO N 18 56.57 -68.50 29.24
CA PRO N 18 55.78 -67.34 29.59
C PRO N 18 56.64 -66.11 29.79
N ALA N 19 56.02 -64.95 29.65
CA ALA N 19 56.70 -63.69 29.92
C ALA N 19 55.68 -62.63 30.32
N SER N 20 56.12 -61.62 31.03
CA SER N 20 55.22 -60.53 31.38
C SER N 20 55.96 -59.21 31.43
N ILE N 21 55.19 -58.16 31.27
CA ILE N 21 55.71 -56.81 31.34
C ILE N 21 54.97 -56.02 32.37
N SER N 22 55.66 -55.54 33.38
CA SER N 22 54.96 -54.72 34.36
C SER N 22 55.25 -53.27 33.99
N CYS N 23 54.38 -52.35 34.44
CA CYS N 23 54.48 -50.91 34.24
C CYS N 23 53.76 -50.19 35.37
N GLY N 24 53.94 -48.91 35.43
CA GLY N 24 53.22 -48.15 36.42
C GLY N 24 53.13 -46.69 36.07
N SER N 25 52.60 -45.94 37.02
CA SER N 25 52.34 -44.52 36.80
C SER N 25 52.66 -43.61 37.95
N SER N 26 53.03 -42.38 37.61
CA SER N 26 53.27 -41.32 38.57
C SER N 26 51.97 -40.85 39.25
N GLN N 27 50.84 -41.21 38.66
CA GLN N 27 49.52 -40.86 39.17
C GLN N 27 48.50 -41.97 38.95
N SER N 28 47.51 -42.04 39.82
CA SER N 28 46.45 -43.03 39.72
C SER N 28 45.70 -42.93 38.41
N LEU N 29 45.36 -44.10 37.86
CA LEU N 29 44.62 -44.15 36.63
C LEU N 29 43.14 -44.42 36.87
N VAL N 30 42.68 -44.19 38.09
CA VAL N 30 41.26 -44.34 38.36
C VAL N 30 40.61 -43.00 38.01
N HIS N 31 39.64 -43.06 37.13
CA HIS N 31 38.94 -41.90 36.60
C HIS N 31 37.87 -41.38 37.54
N SER N 32 37.22 -40.30 37.15
CA SER N 32 36.19 -39.69 37.99
C SER N 32 34.92 -40.51 37.99
N ASP N 33 34.75 -41.36 36.99
CA ASP N 33 33.57 -42.20 36.96
C ASP N 33 33.78 -43.51 37.73
N GLY N 34 34.96 -43.67 38.36
CA GLY N 34 35.28 -44.85 39.12
C GLY N 34 35.95 -45.97 38.33
N ASN N 35 36.03 -45.83 37.02
CA ASN N 35 36.63 -46.85 36.18
C ASN N 35 38.11 -46.61 36.05
N THR N 36 38.86 -47.65 35.77
CA THR N 36 40.28 -47.46 35.57
C THR N 36 40.55 -47.55 34.10
N TYR N 37 41.24 -46.55 33.56
CA TYR N 37 41.51 -46.60 32.14
C TYR N 37 42.98 -46.54 31.88
N LEU N 38 43.40 -47.49 31.09
CA LEU N 38 44.75 -47.67 30.61
C LEU N 38 44.56 -48.64 29.49
N SER N 39 45.58 -48.90 28.73
CA SER N 39 45.48 -49.90 27.70
C SER N 39 46.83 -50.46 27.29
N TRP N 40 46.81 -51.59 26.61
CA TRP N 40 48.06 -52.12 26.09
C TRP N 40 48.03 -52.26 24.60
N LEU N 41 49.13 -51.85 24.01
CA LEU N 41 49.37 -51.90 22.58
C LEU N 41 50.52 -52.81 22.24
N GLN N 42 50.48 -53.34 21.02
CA GLN N 42 51.59 -54.09 20.48
C GLN N 42 51.91 -53.70 19.07
N GLN N 43 53.19 -53.59 18.76
CA GLN N 43 53.59 -53.31 17.42
C GLN N 43 54.50 -54.37 16.87
N ARG N 44 54.00 -55.08 15.87
CA ARG N 44 54.77 -56.11 15.21
C ARG N 44 55.72 -55.24 14.37
N PRO N 45 57.03 -55.51 14.28
CA PRO N 45 58.01 -54.62 13.66
C PRO N 45 57.70 -54.00 12.28
N GLY N 46 57.01 -54.69 11.39
CA GLY N 46 56.72 -54.09 10.08
C GLY N 46 55.33 -53.48 9.98
N GLN N 47 54.64 -53.43 11.10
CA GLN N 47 53.26 -52.99 11.20
C GLN N 47 53.08 -51.68 11.97
N PRO N 48 51.95 -50.98 11.78
CA PRO N 48 51.53 -49.90 12.62
C PRO N 48 51.13 -50.62 13.90
N PRO N 49 50.99 -49.98 15.04
CA PRO N 49 50.52 -50.57 16.28
C PRO N 49 49.10 -51.12 16.19
N ARG N 50 48.81 -52.11 17.01
CA ARG N 50 47.48 -52.68 17.14
C ARG N 50 47.11 -52.72 18.62
N LEU N 51 45.83 -52.74 18.93
CA LEU N 51 45.39 -52.83 20.31
C LEU N 51 45.37 -54.27 20.82
N LEU N 52 45.69 -54.45 22.11
CA LEU N 52 45.60 -55.75 22.74
C LEU N 52 44.52 -55.79 23.83
N ILE N 53 44.72 -54.92 24.82
CA ILE N 53 43.91 -54.88 26.04
C ILE N 53 43.33 -53.52 26.29
N TYR N 54 42.06 -53.47 26.68
CA TYR N 54 41.48 -52.19 27.03
C TYR N 54 41.12 -52.19 28.52
N LYS N 55 41.12 -51.00 29.09
CA LYS N 55 40.95 -50.83 30.53
C LYS N 55 42.06 -51.67 31.19
N ILE N 56 41.75 -52.46 32.21
CA ILE N 56 42.85 -53.17 32.84
C ILE N 56 43.14 -54.52 32.21
N SER N 57 42.11 -55.29 31.98
CA SER N 57 42.31 -56.64 31.49
C SER N 57 41.30 -57.10 30.47
N ASN N 58 40.64 -56.19 29.77
CA ASN N 58 39.65 -56.67 28.84
C ASN N 58 40.26 -56.96 27.50
N ARG N 59 40.17 -58.21 27.11
CA ARG N 59 40.77 -58.63 25.88
C ARG N 59 39.92 -58.16 24.72
N ILE N 60 40.55 -57.61 23.68
CA ILE N 60 39.77 -57.25 22.52
C ILE N 60 39.38 -58.53 21.84
N SER N 61 38.16 -58.61 21.33
CA SER N 61 37.77 -59.82 20.67
C SER N 61 38.74 -60.06 19.52
N GLY N 62 39.11 -61.31 19.33
CA GLY N 62 40.01 -61.70 18.27
C GLY N 62 41.46 -61.87 18.72
N LEU N 63 41.82 -61.35 19.90
CA LEU N 63 43.18 -61.53 20.37
C LEU N 63 43.23 -62.94 20.96
N PRO N 64 44.33 -63.70 20.84
CA PRO N 64 44.53 -64.99 21.46
C PRO N 64 44.42 -64.94 22.97
N ASP N 65 43.97 -66.05 23.53
CA ASP N 65 43.74 -66.28 24.96
C ASP N 65 45.02 -66.37 25.74
N ARG N 66 46.11 -66.38 25.00
CA ARG N 66 47.45 -66.38 25.53
C ARG N 66 47.68 -65.08 26.28
N PHE N 67 47.00 -64.00 25.83
CA PHE N 67 47.14 -62.67 26.40
C PHE N 67 46.13 -62.42 27.52
N SER N 68 46.63 -61.93 28.65
CA SER N 68 45.83 -61.62 29.82
C SER N 68 46.56 -60.57 30.66
N GLY N 69 45.93 -60.08 31.71
CA GLY N 69 46.62 -59.12 32.56
C GLY N 69 45.78 -58.73 33.76
N SER N 70 46.36 -57.90 34.62
CA SER N 70 45.72 -57.43 35.83
C SER N 70 46.42 -56.19 36.37
N GLY N 71 45.82 -55.52 37.35
CA GLY N 71 46.48 -54.39 37.98
C GLY N 71 45.52 -53.44 38.65
N ALA N 72 46.08 -52.40 39.27
CA ALA N 72 45.27 -51.40 39.93
C ALA N 72 46.05 -50.11 40.13
N GLU N 73 45.32 -49.01 40.27
CA GLU N 73 45.93 -47.73 40.64
C GLU N 73 47.08 -47.30 39.74
N THR N 74 48.31 -47.51 40.23
CA THR N 74 49.55 -47.12 39.57
C THR N 74 50.50 -48.27 39.25
N ASN N 75 50.04 -49.52 39.37
CA ASN N 75 50.89 -50.70 39.13
C ASN N 75 50.13 -51.80 38.35
N PHE N 76 50.51 -51.99 37.08
CA PHE N 76 49.81 -52.91 36.18
C PHE N 76 50.74 -53.89 35.45
N THR N 77 50.22 -55.08 35.12
CA THR N 77 50.99 -56.07 34.35
C THR N 77 50.26 -56.73 33.18
N LEU N 78 50.97 -56.85 32.06
CA LEU N 78 50.51 -57.59 30.89
C LEU N 78 51.22 -58.92 30.88
N LYS N 79 50.51 -60.01 30.68
CA LYS N 79 51.15 -61.31 30.65
C LYS N 79 50.77 -62.16 29.45
N ILE N 80 51.73 -62.93 28.97
CA ILE N 80 51.49 -63.91 27.94
C ILE N 80 51.81 -65.27 28.55
N SER N 81 50.85 -66.19 28.53
CA SER N 81 51.04 -67.50 29.17
C SER N 81 52.13 -68.36 28.54
N ARG N 82 52.33 -68.20 27.24
CA ARG N 82 53.34 -68.89 26.47
C ARG N 82 53.70 -67.93 25.37
N VAL N 83 54.95 -67.53 25.23
CA VAL N 83 55.22 -66.62 24.13
C VAL N 83 55.51 -67.37 22.85
N GLU N 84 54.74 -67.03 21.81
CA GLU N 84 54.90 -67.62 20.49
C GLU N 84 55.70 -66.64 19.64
N ALA N 85 56.28 -67.10 18.55
CA ALA N 85 57.06 -66.19 17.71
C ALA N 85 56.21 -65.03 17.22
N GLU N 86 54.94 -65.30 16.97
CA GLU N 86 53.98 -64.32 16.48
C GLU N 86 53.66 -63.23 17.49
N ASP N 87 53.98 -63.46 18.75
CA ASP N 87 53.69 -62.52 19.83
C ASP N 87 54.88 -61.60 20.05
N VAL N 88 55.96 -61.80 19.31
CA VAL N 88 57.14 -60.99 19.54
C VAL N 88 57.05 -59.64 18.84
N GLY N 89 57.31 -58.59 19.60
CA GLY N 89 57.24 -57.22 19.09
C GLY N 89 57.40 -56.22 20.23
N LEU N 90 57.10 -54.95 19.95
CA LEU N 90 57.23 -53.95 21.00
C LEU N 90 55.92 -53.81 21.71
N TYR N 91 55.98 -53.67 23.01
CA TYR N 91 54.77 -53.47 23.78
C TYR N 91 54.76 -52.13 24.44
N TYR N 92 53.57 -51.55 24.54
CA TYR N 92 53.45 -50.27 25.20
C TYR N 92 52.34 -50.28 26.24
N CYS N 93 52.61 -49.62 27.39
CA CYS N 93 51.69 -49.39 28.49
C CYS N 93 51.18 -47.97 28.26
N VAL N 94 49.88 -47.84 28.05
CA VAL N 94 49.27 -46.57 27.71
C VAL N 94 48.37 -46.06 28.82
N GLN N 95 48.53 -44.78 29.15
CA GLN N 95 47.84 -44.11 30.25
C GLN N 95 46.32 -44.20 30.32
N GLY N 96 45.60 -44.01 29.22
CA GLY N 96 44.13 -44.15 29.23
C GLY N 96 43.26 -43.07 29.90
N THR N 97 43.45 -42.86 31.19
CA THR N 97 42.63 -41.96 32.01
C THR N 97 42.71 -40.45 31.82
N GLN N 98 43.87 -39.86 31.59
CA GLN N 98 43.88 -38.40 31.53
C GLN N 98 44.27 -37.92 30.14
N PHE N 99 43.80 -36.72 29.78
CA PHE N 99 43.99 -36.15 28.45
C PHE N 99 45.35 -36.02 27.82
N PRO N 100 46.41 -35.57 28.47
CA PRO N 100 47.70 -35.48 27.84
C PRO N 100 48.27 -36.88 27.85
N TRP N 101 47.65 -37.76 27.07
CA TRP N 101 47.92 -39.15 27.11
C TRP N 101 49.33 -39.48 26.72
N THR N 102 49.95 -40.30 27.52
CA THR N 102 51.27 -40.74 27.19
C THR N 102 51.36 -42.22 27.34
N SER N 103 52.54 -42.71 27.04
CA SER N 103 52.81 -44.13 27.11
C SER N 103 54.24 -44.34 27.56
N GLY N 104 54.55 -45.59 27.84
CA GLY N 104 55.90 -45.90 28.26
C GLY N 104 56.85 -45.92 27.07
N GLN N 105 58.11 -46.19 27.35
CA GLN N 105 59.18 -46.14 26.36
C GLN N 105 59.12 -47.23 25.28
N GLY N 106 58.46 -48.36 25.55
CA GLY N 106 58.38 -49.44 24.60
C GLY N 106 59.28 -50.56 25.08
N THR N 107 58.71 -51.74 25.25
CA THR N 107 59.44 -52.90 25.73
C THR N 107 59.63 -53.88 24.63
N LYS N 108 60.87 -54.31 24.42
CA LYS N 108 61.10 -55.26 23.34
C LYS N 108 61.11 -56.71 23.76
N VAL N 109 60.19 -57.46 23.19
CA VAL N 109 60.13 -58.88 23.44
C VAL N 109 61.09 -59.52 22.46
N GLU N 110 61.86 -60.47 22.95
CA GLU N 110 62.87 -61.13 22.13
C GLU N 110 62.87 -62.62 22.38
N ILE N 111 63.36 -63.41 21.42
CA ILE N 111 63.45 -64.84 21.66
C ILE N 111 64.87 -65.28 22.10
N LYS N 112 64.90 -65.98 23.25
CA LYS N 112 66.07 -66.50 23.94
C LYS N 112 66.39 -67.91 23.44
N GLN O 1 -17.67 -13.85 52.54
CA GLN O 1 -16.91 -14.75 51.67
C GLN O 1 -15.54 -15.13 52.26
N VAL O 2 -14.77 -14.13 52.72
CA VAL O 2 -13.39 -14.29 53.18
C VAL O 2 -13.23 -14.36 54.67
N GLN O 3 -12.56 -15.41 55.10
CA GLN O 3 -12.29 -15.59 56.51
C GLN O 3 -10.81 -15.43 56.73
N LEU O 4 -10.44 -14.38 57.42
CA LEU O 4 -9.03 -14.13 57.67
C LEU O 4 -8.61 -14.77 58.97
N GLN O 5 -7.34 -15.18 59.06
CA GLN O 5 -6.87 -15.74 60.31
C GLN O 5 -5.48 -15.30 60.73
N GLU O 6 -5.42 -14.66 61.88
CA GLU O 6 -4.22 -14.14 62.52
C GLU O 6 -3.33 -15.15 63.22
N SER O 7 -2.07 -14.75 63.37
CA SER O 7 -1.07 -15.49 64.13
C SER O 7 -0.03 -14.49 64.59
N GLY O 8 0.83 -14.89 65.53
CA GLY O 8 1.92 -14.03 65.97
C GLY O 8 2.55 -14.62 67.22
N PRO O 9 3.67 -14.04 67.71
CA PRO O 9 4.44 -14.45 68.87
C PRO O 9 3.89 -13.93 70.20
N GLY O 10 2.81 -13.15 70.16
CA GLY O 10 2.34 -12.50 71.36
C GLY O 10 3.33 -11.44 71.85
N LEU O 11 3.77 -11.56 73.09
CA LEU O 11 4.71 -10.63 73.69
C LEU O 11 6.12 -10.82 73.17
N VAL O 12 6.79 -9.72 72.82
CA VAL O 12 8.17 -9.78 72.39
C VAL O 12 8.98 -8.89 73.29
N LYS O 13 10.31 -9.06 73.29
CA LYS O 13 11.15 -8.24 74.13
C LYS O 13 11.13 -6.81 73.55
N PRO O 14 11.45 -5.76 74.34
CA PRO O 14 11.41 -4.35 73.96
C PRO O 14 12.24 -3.90 72.76
N SER O 15 13.22 -4.70 72.33
CA SER O 15 14.05 -4.35 71.20
C SER O 15 13.85 -5.28 70.00
N GLU O 16 12.96 -6.27 70.13
CA GLU O 16 12.75 -7.28 69.09
C GLU O 16 11.76 -6.85 68.03
N ALA O 17 11.86 -7.43 66.85
CA ALA O 17 10.87 -7.16 65.84
C ALA O 17 9.66 -8.06 66.05
N LEU O 18 8.48 -7.54 65.79
CA LEU O 18 7.25 -8.27 65.88
C LEU O 18 6.82 -8.71 64.50
N SER O 19 6.72 -10.02 64.28
CA SER O 19 6.35 -10.51 62.95
C SER O 19 5.04 -11.27 62.99
N LEU O 20 4.04 -10.70 62.33
CA LEU O 20 2.68 -11.23 62.30
C LEU O 20 2.26 -11.67 60.91
N THR O 21 1.60 -12.80 60.83
CA THR O 21 1.11 -13.29 59.54
C THR O 21 -0.37 -13.66 59.60
N CYS O 22 -1.17 -13.21 58.60
CA CYS O 22 -2.59 -13.56 58.46
C CYS O 22 -2.82 -14.28 57.15
N SER O 23 -3.54 -15.40 57.23
CA SER O 23 -3.87 -16.14 56.03
C SER O 23 -5.14 -15.59 55.44
N VAL O 24 -5.33 -15.88 54.16
CA VAL O 24 -6.52 -15.50 53.44
C VAL O 24 -7.19 -16.73 52.88
N SER O 25 -8.51 -16.80 53.03
CA SER O 25 -9.27 -17.93 52.53
C SER O 25 -10.63 -17.53 51.97
N GLY O 26 -10.89 -17.93 50.73
CA GLY O 26 -12.12 -17.63 49.98
C GLY O 26 -11.80 -16.84 48.71
N VAL O 27 -10.68 -16.11 48.76
CA VAL O 27 -10.16 -15.36 47.63
C VAL O 27 -8.67 -15.58 47.54
N ALA O 28 -8.13 -15.34 46.37
CA ALA O 28 -6.68 -15.29 46.21
C ALA O 28 -6.20 -13.97 46.75
N ILE O 29 -5.01 -13.94 47.29
CA ILE O 29 -4.56 -12.66 47.81
C ILE O 29 -4.36 -11.60 46.75
N SER O 30 -4.07 -12.01 45.53
CA SER O 30 -3.82 -11.13 44.42
C SER O 30 -5.03 -10.33 43.95
N ARG O 31 -6.22 -10.68 44.42
CA ARG O 31 -7.41 -9.97 43.99
C ARG O 31 -7.67 -8.61 44.64
N HIS O 32 -7.11 -8.32 45.81
CA HIS O 32 -7.42 -7.05 46.48
C HIS O 32 -6.20 -6.52 47.19
N TYR O 33 -6.34 -5.32 47.75
CA TYR O 33 -5.25 -4.74 48.52
C TYR O 33 -5.41 -5.16 49.97
N TRP O 34 -4.30 -5.40 50.62
CA TRP O 34 -4.28 -5.80 52.00
C TRP O 34 -3.91 -4.70 52.95
N ASN O 35 -4.56 -4.67 54.12
CA ASN O 35 -4.21 -3.68 55.13
C ASN O 35 -4.02 -4.21 56.54
N TRP O 36 -3.11 -3.55 57.24
CA TRP O 36 -2.88 -3.79 58.65
C TRP O 36 -3.31 -2.55 59.46
N ILE O 37 -3.98 -2.80 60.59
CA ILE O 37 -4.45 -1.78 61.56
C ILE O 37 -4.08 -2.10 63.02
N ARG O 38 -3.56 -1.13 63.76
CA ARG O 38 -3.19 -1.36 65.14
C ARG O 38 -4.18 -0.76 66.14
N GLN O 39 -4.45 -1.43 67.25
CA GLN O 39 -5.27 -0.83 68.30
C GLN O 39 -4.78 -1.14 69.72
N PRO O 40 -3.96 -0.27 70.31
CA PRO O 40 -3.45 -0.44 71.65
C PRO O 40 -4.67 -0.43 72.55
N PRO O 41 -4.70 -1.14 73.67
CA PRO O 41 -5.81 -1.10 74.59
C PRO O 41 -6.05 0.33 75.03
N GLY O 42 -7.31 0.74 75.07
CA GLY O 42 -7.67 2.08 75.50
C GLY O 42 -7.60 3.13 74.39
N LYS O 43 -7.16 2.73 73.20
CA LYS O 43 -7.00 3.63 72.07
C LYS O 43 -7.93 3.31 70.92
N GLY O 44 -8.05 4.26 70.00
CA GLY O 44 -8.83 4.06 68.80
C GLY O 44 -7.96 3.34 67.79
N LEU O 45 -8.38 3.27 66.55
CA LEU O 45 -7.62 2.54 65.57
C LEU O 45 -6.50 3.39 64.99
N GLU O 46 -5.37 2.77 64.69
CA GLU O 46 -4.25 3.39 64.01
C GLU O 46 -3.90 2.65 62.73
N TRP O 47 -3.87 3.32 61.60
CA TRP O 47 -3.54 2.59 60.38
C TRP O 47 -2.07 2.24 60.36
N ILE O 48 -1.70 1.02 59.94
CA ILE O 48 -0.30 0.65 59.83
C ILE O 48 0.24 0.81 58.42
N GLY O 49 -0.48 0.26 57.45
CA GLY O 49 0.00 0.31 56.07
C GLY O 49 -0.77 -0.64 55.15
N TYR O 50 -0.46 -0.56 53.84
CA TYR O 50 -1.18 -1.38 52.82
C TYR O 50 -0.26 -2.00 51.76
N ILE O 51 -0.51 -3.26 51.35
CA ILE O 51 0.25 -3.89 50.30
C ILE O 51 -0.60 -4.61 49.26
N PHE O 52 -0.19 -4.51 48.02
CA PHE O 52 -0.79 -5.25 46.94
C PHE O 52 0.30 -6.18 46.43
N PHE O 53 -0.10 -7.37 46.01
CA PHE O 53 0.83 -8.42 45.62
C PHE O 53 1.82 -8.03 44.54
N ASN O 54 1.52 -7.02 43.75
CA ASN O 54 2.41 -6.65 42.67
C ASN O 54 3.51 -5.67 43.11
N GLY O 55 3.62 -5.41 44.40
CA GLY O 55 4.65 -4.53 44.93
C GLY O 55 4.18 -3.11 45.22
N ASN O 56 2.92 -2.82 44.97
CA ASN O 56 2.41 -1.49 45.27
C ASN O 56 2.17 -1.46 46.77
N THR O 57 3.04 -0.76 47.49
CA THR O 57 3.02 -0.76 48.94
C THR O 57 3.22 0.64 49.50
N ASN O 58 2.64 0.92 50.67
CA ASN O 58 2.98 2.13 51.38
C ASN O 58 2.75 1.93 52.87
N TYR O 59 3.08 2.93 53.66
CA TYR O 59 2.95 2.81 55.09
C TYR O 59 2.43 4.05 55.77
N SER O 60 1.84 3.86 56.94
CA SER O 60 1.38 4.93 57.79
C SER O 60 2.61 5.67 58.33
N PRO O 61 2.69 7.02 58.25
CA PRO O 61 3.82 7.83 58.69
C PRO O 61 4.32 7.55 60.10
N SER O 62 3.43 7.22 61.02
CA SER O 62 3.87 6.98 62.39
C SER O 62 4.82 5.81 62.55
N LEU O 63 4.76 4.82 61.66
CA LEU O 63 5.62 3.68 61.78
C LEU O 63 6.66 3.55 60.68
N LYS O 64 6.78 4.55 59.78
CA LYS O 64 7.62 4.35 58.58
C LYS O 64 9.07 3.96 58.77
N SER O 65 9.73 4.44 59.80
CA SER O 65 11.13 4.10 59.99
C SER O 65 11.35 2.66 60.45
N ARG O 66 10.29 2.01 60.94
CA ARG O 66 10.37 0.67 61.50
C ARG O 66 9.49 -0.39 60.83
N VAL O 67 8.80 -0.08 59.74
CA VAL O 67 7.86 -1.09 59.24
C VAL O 67 8.06 -1.57 57.82
N THR O 68 7.88 -2.87 57.65
CA THR O 68 7.90 -3.50 56.35
C THR O 68 6.76 -4.51 56.20
N ILE O 69 6.18 -4.56 55.01
CA ILE O 69 5.10 -5.49 54.69
C ILE O 69 5.45 -6.27 53.43
N SER O 70 5.15 -7.57 53.41
CA SER O 70 5.41 -8.42 52.26
C SER O 70 4.26 -9.41 52.04
N VAL O 71 4.29 -10.11 50.90
CA VAL O 71 3.24 -11.08 50.61
C VAL O 71 3.83 -12.41 50.22
N ASP O 72 3.02 -13.46 50.33
CA ASP O 72 3.41 -14.75 49.78
C ASP O 72 2.24 -15.37 49.03
N THR O 73 2.36 -15.36 47.70
CA THR O 73 1.30 -15.78 46.79
C THR O 73 1.19 -17.29 46.65
N SER O 74 2.19 -18.03 47.14
CA SER O 74 2.09 -19.48 47.04
C SER O 74 1.35 -19.98 48.27
N LYS O 75 1.47 -19.20 49.34
CA LYS O 75 0.83 -19.50 50.61
C LYS O 75 -0.53 -18.82 50.77
N ASN O 76 -0.76 -17.77 49.99
CA ASN O 76 -1.99 -16.99 50.02
C ASN O 76 -2.11 -16.35 51.41
N GLU O 77 -1.01 -15.74 51.86
CA GLU O 77 -0.95 -15.07 53.16
C GLU O 77 -0.14 -13.77 53.12
N PHE O 78 -0.39 -12.90 54.10
CA PHE O 78 0.32 -11.63 54.25
C PHE O 78 1.13 -11.49 55.51
N SER O 79 2.25 -10.76 55.41
CA SER O 79 3.14 -10.61 56.57
C SER O 79 3.66 -9.22 56.90
N LEU O 80 3.48 -8.86 58.16
CA LEU O 80 3.89 -7.57 58.71
C LEU O 80 5.00 -7.67 59.71
N THR O 81 6.05 -6.88 59.52
CA THR O 81 7.09 -6.84 60.52
C THR O 81 7.35 -5.42 61.00
N LEU O 82 7.28 -5.25 62.31
CA LEU O 82 7.58 -3.97 62.92
C LEU O 82 8.87 -4.17 63.71
N ARG O 83 9.87 -3.40 63.40
CA ARG O 83 11.17 -3.51 64.02
C ARG O 83 11.22 -2.79 65.34
N SER O 84 12.12 -3.19 66.24
CA SER O 84 12.31 -2.47 67.49
C SER O 84 11.01 -2.17 68.22
N VAL O 85 10.23 -3.21 68.45
CA VAL O 85 8.94 -3.11 69.09
C VAL O 85 9.09 -3.04 70.59
N THR O 86 8.50 -2.00 71.17
CA THR O 86 8.59 -1.77 72.61
C THR O 86 7.28 -2.04 73.32
N ALA O 87 7.23 -1.79 74.62
CA ALA O 87 6.03 -2.07 75.40
C ALA O 87 4.83 -1.28 74.89
N ALA O 88 5.09 -0.07 74.42
CA ALA O 88 4.08 0.85 73.91
C ALA O 88 3.49 0.39 72.58
N ASP O 89 4.13 -0.58 71.95
CA ASP O 89 3.69 -1.10 70.68
C ASP O 89 2.89 -2.39 70.88
N THR O 90 2.63 -2.77 72.13
CA THR O 90 1.82 -3.97 72.29
C THR O 90 0.42 -3.48 72.06
N ALA O 91 -0.23 -4.08 71.09
CA ALA O 91 -1.51 -3.64 70.61
C ALA O 91 -2.15 -4.75 69.85
N VAL O 92 -3.43 -4.63 69.57
CA VAL O 92 -4.01 -5.63 68.69
C VAL O 92 -3.72 -5.28 67.26
N TYR O 93 -3.19 -6.23 66.53
CA TYR O 93 -2.90 -6.01 65.13
C TYR O 93 -3.93 -6.76 64.31
N TYR O 94 -4.74 -5.99 63.61
CA TYR O 94 -5.87 -6.45 62.81
C TYR O 94 -5.50 -6.57 61.34
N CYS O 95 -6.13 -7.53 60.65
CA CYS O 95 -5.98 -7.78 59.21
C CYS O 95 -7.29 -7.55 58.44
N ALA O 96 -7.19 -6.91 57.27
CA ALA O 96 -8.39 -6.73 56.47
C ALA O 96 -8.12 -6.66 54.98
N ARG O 97 -9.21 -6.90 54.23
CA ARG O 97 -9.18 -6.79 52.76
C ARG O 97 -9.79 -5.44 52.34
N GLU O 98 -8.96 -4.47 51.93
CA GLU O 98 -9.43 -3.15 51.42
C GLU O 98 -10.29 -3.37 50.18
N LYS O 99 -11.45 -2.71 50.14
CA LYS O 99 -12.26 -2.79 48.93
C LYS O 99 -12.28 -1.37 48.45
N SER O 100 -12.03 -1.12 47.17
CA SER O 100 -11.88 0.30 46.76
C SER O 100 -12.76 0.67 45.59
N VAL O 101 -13.20 1.92 45.49
CA VAL O 101 -13.86 2.37 44.23
C VAL O 101 -13.02 3.57 43.79
N VAL O 102 -12.60 3.67 42.54
CA VAL O 102 -11.69 4.70 42.13
C VAL O 102 -12.35 5.84 41.38
N GLU O 103 -12.23 7.02 41.96
CA GLU O 103 -12.80 8.26 41.45
C GLU O 103 -11.62 9.13 41.06
N PRO O 104 -11.77 10.12 40.15
CA PRO O 104 -10.70 10.98 39.69
C PRO O 104 -9.79 11.62 40.74
N ASP O 105 -10.32 12.05 41.89
CA ASP O 105 -9.45 12.67 42.86
C ASP O 105 -9.71 12.37 44.34
N ASN O 106 -10.65 11.50 44.64
CA ASN O 106 -11.01 11.16 46.00
C ASN O 106 -11.25 9.67 46.14
N MET O 107 -10.11 8.97 46.14
CA MET O 107 -10.10 7.49 46.20
C MET O 107 -10.81 7.06 47.48
N VAL O 108 -11.88 6.29 47.28
CA VAL O 108 -12.71 5.77 48.41
C VAL O 108 -12.19 4.38 48.74
N ARG O 109 -11.62 4.22 49.93
CA ARG O 109 -11.19 2.88 50.37
C ARG O 109 -11.91 2.49 51.65
N TRP O 110 -12.59 1.35 51.67
CA TRP O 110 -13.20 0.91 52.94
C TRP O 110 -12.66 -0.46 53.38
N PHE O 111 -12.19 -0.62 54.62
CA PHE O 111 -11.73 -1.92 55.18
C PHE O 111 -12.68 -2.98 55.75
N ASP O 112 -13.09 -4.02 55.00
CA ASP O 112 -14.11 -4.96 55.58
C ASP O 112 -14.22 -6.31 56.33
N PRO O 113 -13.48 -7.41 56.07
CA PRO O 113 -13.75 -8.73 56.61
C PRO O 113 -13.29 -8.56 58.06
N TRP O 114 -12.21 -7.83 58.31
CA TRP O 114 -11.75 -7.62 59.68
C TRP O 114 -11.40 -8.79 60.58
N GLY O 115 -10.38 -9.53 60.20
CA GLY O 115 -9.93 -10.61 61.03
C GLY O 115 -9.75 -10.07 62.43
N GLN O 116 -9.88 -10.90 63.45
CA GLN O 116 -9.78 -10.39 64.80
C GLN O 116 -8.43 -9.85 65.18
N GLY O 117 -7.39 -10.43 64.65
CA GLY O 117 -6.08 -9.90 64.98
C GLY O 117 -5.56 -10.46 66.28
N THR O 118 -4.34 -10.07 66.61
CA THR O 118 -3.70 -10.58 67.83
C THR O 118 -2.94 -9.51 68.62
N LEU O 119 -2.87 -9.69 69.96
CA LEU O 119 -2.20 -8.80 70.93
C LEU O 119 -0.80 -9.33 71.24
N TYR P 2 -3.43 14.85 57.43
CA TYR P 2 -4.85 15.05 57.55
C TYR P 2 -5.32 14.32 58.83
N GLU P 3 -6.23 14.96 59.61
CA GLU P 3 -6.81 14.44 60.86
C GLU P 3 -8.32 14.69 60.90
N LEU P 4 -9.06 13.83 61.60
CA LEU P 4 -10.49 13.99 61.81
C LEU P 4 -10.87 14.45 63.20
N THR P 5 -11.93 15.25 63.23
CA THR P 5 -12.53 15.74 64.45
C THR P 5 -13.73 14.89 64.78
N GLN P 6 -13.83 14.45 66.02
CA GLN P 6 -14.95 13.63 66.44
C GLN P 6 -15.21 13.79 67.94
N PRO P 7 -16.47 13.97 68.41
CA PRO P 7 -16.84 14.01 69.82
C PRO P 7 -16.52 12.69 70.51
N PRO P 8 -15.99 12.71 71.75
CA PRO P 8 -15.76 11.54 72.58
C PRO P 8 -16.99 10.67 72.85
N SER P 9 -18.19 11.26 72.93
CA SER P 9 -19.39 10.48 73.20
C SER P 9 -20.69 11.19 72.86
N VAL P 10 -21.74 10.37 72.72
CA VAL P 10 -23.13 10.82 72.59
C VAL P 10 -24.03 9.97 73.50
N SER P 11 -24.96 10.62 74.18
CA SER P 11 -25.91 9.91 75.02
C SER P 11 -27.27 10.00 74.37
N VAL P 12 -27.83 8.85 74.04
CA VAL P 12 -29.11 8.77 73.35
C VAL P 12 -30.11 7.91 74.12
N ALA P 13 -31.32 8.39 74.28
CA ALA P 13 -32.32 7.61 74.99
C ALA P 13 -32.78 6.43 74.11
N PRO P 14 -33.21 5.29 74.68
CA PRO P 14 -33.73 4.17 73.94
C PRO P 14 -34.90 4.63 73.08
N GLY P 15 -34.92 4.18 71.85
CA GLY P 15 -35.99 4.54 70.92
C GLY P 15 -35.77 5.86 70.18
N LYS P 16 -34.72 6.59 70.53
CA LYS P 16 -34.44 7.87 69.91
C LYS P 16 -33.37 7.74 68.86
N THR P 17 -33.20 8.77 68.05
CA THR P 17 -32.18 8.70 67.03
C THR P 17 -30.83 9.22 67.50
N ALA P 18 -29.79 8.39 67.36
CA ALA P 18 -28.45 8.81 67.71
C ALA P 18 -27.92 9.69 66.62
N ARG P 19 -27.20 10.73 67.00
CA ARG P 19 -26.54 11.57 66.01
C ARG P 19 -25.07 11.51 66.30
N ILE P 20 -24.38 10.71 65.53
CA ILE P 20 -22.98 10.45 65.75
C ILE P 20 -22.26 11.24 64.70
N THR P 21 -21.39 12.15 65.11
CA THR P 21 -20.83 13.02 64.11
C THR P 21 -19.30 13.03 64.08
N CYS P 22 -18.77 13.57 62.96
CA CYS P 22 -17.37 13.80 62.65
C CYS P 22 -17.24 15.06 61.79
N GLY P 23 -16.02 15.54 61.63
CA GLY P 23 -15.78 16.65 60.72
C GLY P 23 -14.31 16.92 60.46
N GLY P 24 -14.06 17.95 59.66
CA GLY P 24 -12.69 18.29 59.28
C GLY P 24 -12.70 19.11 58.00
N ASN P 25 -11.55 19.33 57.42
CA ASN P 25 -11.51 20.14 56.22
C ASN P 25 -12.02 19.40 54.99
N ASN P 26 -12.79 20.10 54.17
CA ASN P 26 -13.26 19.59 52.89
C ASN P 26 -13.95 18.23 52.94
N ILE P 27 -14.49 17.93 54.11
CA ILE P 27 -15.10 16.59 54.29
C ILE P 27 -16.13 16.38 53.18
N GLY P 28 -16.72 17.46 52.67
CA GLY P 28 -17.66 17.33 51.55
C GLY P 28 -17.03 16.61 50.37
N SER P 29 -15.87 17.08 49.92
CA SER P 29 -15.18 16.42 48.80
C SER P 29 -14.71 15.00 49.10
N LYS P 30 -13.99 14.82 50.22
CA LYS P 30 -13.37 13.50 50.51
C LYS P 30 -14.41 12.49 50.97
N SER P 31 -14.20 11.21 50.67
CA SER P 31 -15.13 10.16 51.12
C SER P 31 -15.07 10.03 52.63
N VAL P 32 -16.20 9.75 53.29
CA VAL P 32 -16.21 9.51 54.76
C VAL P 32 -17.12 8.33 55.04
N HIS P 33 -16.57 7.23 55.56
CA HIS P 33 -17.38 6.00 55.82
C HIS P 33 -17.39 5.67 57.32
N TRP P 34 -18.24 4.72 57.76
CA TRP P 34 -18.39 4.40 59.19
C TRP P 34 -18.27 2.95 59.63
N TYR P 35 -17.80 2.77 60.86
CA TYR P 35 -17.59 1.41 61.41
C TYR P 35 -17.99 1.33 62.88
N GLN P 36 -18.63 0.23 63.29
CA GLN P 36 -19.13 -0.04 64.63
C GLN P 36 -18.28 -1.02 65.39
N GLN P 37 -17.69 -0.60 66.52
CA GLN P 37 -16.87 -1.51 67.27
C GLN P 37 -17.45 -1.94 68.61
N LYS P 38 -17.77 -3.21 68.72
CA LYS P 38 -18.30 -3.72 69.97
C LYS P 38 -17.06 -3.94 70.83
N PRO P 39 -17.07 -3.68 72.12
CA PRO P 39 -15.93 -3.91 72.96
C PRO P 39 -15.49 -5.35 72.84
N GLY P 40 -14.19 -5.56 72.70
CA GLY P 40 -13.62 -6.90 72.60
C GLY P 40 -13.64 -7.49 71.18
N GLN P 41 -14.23 -6.77 70.23
CA GLN P 41 -14.33 -7.28 68.87
C GLN P 41 -13.71 -6.35 67.82
N ALA P 42 -13.26 -6.94 66.71
CA ALA P 42 -12.84 -6.14 65.58
C ALA P 42 -14.09 -5.40 65.08
N PRO P 43 -13.99 -4.18 64.54
CA PRO P 43 -15.08 -3.38 64.04
C PRO P 43 -15.71 -3.93 62.77
N VAL P 44 -16.98 -3.61 62.57
CA VAL P 44 -17.70 -3.99 61.37
C VAL P 44 -18.15 -2.76 60.58
N LEU P 45 -17.99 -2.85 59.25
CA LEU P 45 -18.42 -1.76 58.35
C LEU P 45 -19.92 -1.54 58.48
N VAL P 46 -20.32 -0.30 58.74
CA VAL P 46 -21.73 0.04 58.89
C VAL P 46 -22.22 0.77 57.66
N ILE P 47 -21.45 1.76 57.25
CA ILE P 47 -21.74 2.57 56.08
C ILE P 47 -20.55 2.61 55.15
N TYR P 48 -20.75 2.24 53.88
CA TYR P 48 -19.68 2.36 52.85
C TYR P 48 -19.94 3.62 52.04
N TYR P 49 -18.91 4.29 51.51
CA TYR P 49 -19.11 5.60 50.93
C TYR P 49 -19.70 6.45 52.03
N ASP P 50 -20.64 7.32 51.67
CA ASP P 50 -21.13 8.28 52.69
C ASP P 50 -22.48 7.87 53.23
N SER P 51 -23.20 7.02 52.51
CA SER P 51 -24.53 6.63 52.95
C SER P 51 -24.98 5.20 52.61
N ASP P 52 -24.12 4.35 52.07
CA ASP P 52 -24.58 3.03 51.66
C ASP P 52 -24.49 1.94 52.71
N ARG P 53 -25.62 1.34 52.99
CA ARG P 53 -25.73 0.29 54.00
C ARG P 53 -25.47 -1.11 53.41
N PRO P 54 -24.44 -1.85 53.86
CA PRO P 54 -24.09 -3.18 53.41
C PRO P 54 -25.01 -4.19 54.03
N SER P 55 -25.07 -5.37 53.46
CA SER P 55 -25.87 -6.42 54.05
C SER P 55 -25.33 -6.73 55.45
N GLY P 56 -26.25 -6.99 56.37
CA GLY P 56 -25.91 -7.32 57.75
C GLY P 56 -26.14 -6.12 58.68
N ILE P 57 -26.30 -4.95 58.10
CA ILE P 57 -26.54 -3.75 58.86
C ILE P 57 -28.02 -3.37 58.74
N PRO P 58 -28.75 -3.14 59.86
CA PRO P 58 -30.15 -2.76 59.94
C PRO P 58 -30.45 -1.44 59.26
N GLU P 59 -31.69 -1.31 58.82
CA GLU P 59 -32.26 -0.16 58.11
C GLU P 59 -32.23 1.13 58.92
N ARG P 60 -32.05 0.97 60.22
CA ARG P 60 -32.01 2.05 61.16
C ARG P 60 -30.74 2.88 61.00
N PHE P 61 -29.71 2.30 60.36
CA PHE P 61 -28.42 2.93 60.17
C PHE P 61 -28.30 3.55 58.79
N SER P 62 -28.26 4.87 58.73
CA SER P 62 -28.05 5.52 57.41
C SER P 62 -27.07 6.67 57.58
N GLY P 63 -26.60 7.22 56.48
CA GLY P 63 -25.57 8.27 56.62
C GLY P 63 -25.85 9.48 55.78
N SER P 64 -25.30 10.63 56.18
CA SER P 64 -25.47 11.85 55.37
C SER P 64 -24.33 12.80 55.69
N LYS P 65 -23.91 13.55 54.69
CA LYS P 65 -22.73 14.43 54.90
C LYS P 65 -23.12 15.88 54.62
N SER P 66 -22.76 16.81 55.52
CA SER P 66 -22.99 18.25 55.22
C SER P 66 -21.68 19.05 55.35
N GLY P 67 -21.35 19.86 54.34
CA GLY P 67 -20.17 20.74 54.41
C GLY P 67 -18.96 20.12 55.08
N ASN P 68 -18.49 20.70 56.18
CA ASN P 68 -17.24 20.19 56.80
C ASN P 68 -17.57 19.16 57.87
N THR P 69 -18.76 18.58 57.82
CA THR P 69 -19.16 17.62 58.86
C THR P 69 -19.82 16.40 58.25
N ALA P 70 -20.02 15.39 59.07
CA ALA P 70 -20.69 14.16 58.59
C ALA P 70 -21.50 13.58 59.74
N THR P 71 -22.55 12.85 59.40
CA THR P 71 -23.34 12.21 60.44
C THR P 71 -23.82 10.79 60.13
N LEU P 72 -23.67 9.93 61.15
CA LEU P 72 -24.23 8.60 61.16
C LEU P 72 -25.46 8.67 62.02
N THR P 73 -26.56 8.33 61.42
CA THR P 73 -27.84 8.42 62.06
C THR P 73 -28.32 7.03 62.44
N ILE P 74 -28.65 6.83 63.72
CA ILE P 74 -29.19 5.52 64.07
C ILE P 74 -30.56 5.71 64.65
N SER P 75 -31.61 5.41 63.90
CA SER P 75 -32.93 5.66 64.43
C SER P 75 -33.30 4.58 65.41
N ARG P 76 -34.26 4.85 66.29
CA ARG P 76 -34.78 3.83 67.19
C ARG P 76 -33.67 3.04 67.87
N VAL P 77 -32.74 3.72 68.52
CA VAL P 77 -31.62 2.99 69.09
C VAL P 77 -32.03 1.95 70.09
N GLU P 78 -31.36 0.82 69.99
CA GLU P 78 -31.56 -0.33 70.83
C GLU P 78 -30.40 -0.46 71.80
N ALA P 79 -30.59 -1.15 72.91
CA ALA P 79 -29.47 -1.29 73.84
C ALA P 79 -28.26 -1.95 73.18
N GLY P 80 -28.51 -2.84 72.22
CA GLY P 80 -27.47 -3.59 71.54
C GLY P 80 -26.65 -2.72 70.56
N ASP P 81 -27.05 -1.46 70.39
CA ASP P 81 -26.33 -0.58 69.50
C ASP P 81 -25.14 0.04 70.22
N GLU P 82 -25.02 -0.16 71.55
CA GLU P 82 -23.88 0.44 72.21
C GLU P 82 -22.61 -0.02 71.55
N ALA P 83 -21.78 0.95 71.16
CA ALA P 83 -20.51 0.68 70.49
C ALA P 83 -19.72 1.95 70.34
N ASP P 84 -18.44 1.81 69.99
CA ASP P 84 -17.67 2.98 69.62
C ASP P 84 -17.78 3.14 68.10
N TYR P 85 -18.30 4.26 67.65
CA TYR P 85 -18.50 4.46 66.23
C TYR P 85 -17.43 5.36 65.62
N TYR P 86 -16.75 4.83 64.62
CA TYR P 86 -15.61 5.49 64.01
C TYR P 86 -15.86 5.99 62.59
N CYS P 87 -15.19 7.11 62.24
CA CYS P 87 -15.12 7.67 60.90
C CYS P 87 -13.77 7.33 60.29
N GLN P 88 -13.81 7.01 59.00
CA GLN P 88 -12.57 6.74 58.30
C GLN P 88 -12.55 7.47 56.94
N VAL P 89 -11.47 8.20 56.73
CA VAL P 89 -11.27 9.05 55.55
C VAL P 89 -9.90 8.91 54.90
N TRP P 90 -9.83 8.98 53.56
CA TRP P 90 -8.52 8.77 52.88
C TRP P 90 -7.99 10.04 52.19
N ASP P 91 -6.81 10.53 52.60
CA ASP P 91 -6.20 11.70 52.05
C ASP P 91 -5.53 11.33 50.75
N SER P 92 -6.18 11.67 49.65
CA SER P 92 -5.73 11.30 48.32
C SER P 92 -4.46 12.04 47.93
N SER P 93 -4.11 13.11 48.64
CA SER P 93 -2.91 13.87 48.29
C SER P 93 -1.68 13.27 48.96
N ARG P 94 -1.90 12.39 49.95
CA ARG P 94 -0.81 11.79 50.70
C ARG P 94 -0.79 10.28 50.70
N ASP P 95 -1.85 9.62 50.22
CA ASP P 95 -1.95 8.13 50.33
C ASP P 95 -1.96 7.85 51.82
N HIS P 96 -2.66 8.69 52.57
CA HIS P 96 -2.70 8.60 54.02
C HIS P 96 -4.08 8.27 54.57
N CYS P 97 -4.11 7.27 55.43
CA CYS P 97 -5.34 6.79 56.02
C CYS P 97 -5.60 7.46 57.34
N VAL P 98 -6.75 8.08 57.47
CA VAL P 98 -7.07 8.80 58.67
C VAL P 98 -8.26 8.23 59.43
N PHE P 99 -8.02 7.90 60.68
CA PHE P 99 -9.07 7.36 61.53
C PHE P 99 -9.41 8.37 62.61
N GLY P 100 -10.68 8.41 62.99
CA GLY P 100 -11.11 9.28 64.08
C GLY P 100 -10.88 8.59 65.42
N ILE P 101 -11.34 9.21 66.49
CA ILE P 101 -11.13 8.64 67.83
C ILE P 101 -12.12 7.54 68.18
N GLY P 102 -13.33 7.67 67.67
CA GLY P 102 -14.44 6.78 67.96
C GLY P 102 -15.34 7.46 68.98
N THR P 103 -16.61 7.64 68.64
CA THR P 103 -17.55 8.26 69.53
C THR P 103 -18.19 7.17 70.35
N LYS P 104 -18.18 7.31 71.66
CA LYS P 104 -18.84 6.30 72.45
C LYS P 104 -20.32 6.55 72.38
N VAL P 105 -21.07 5.60 71.88
CA VAL P 105 -22.49 5.79 71.77
C VAL P 105 -23.17 4.94 72.80
N THR P 106 -23.83 5.59 73.73
CA THR P 106 -24.49 4.90 74.82
C THR P 106 -25.98 5.03 74.71
N VAL P 107 -26.66 3.89 74.74
CA VAL P 107 -28.10 3.89 74.72
C VAL P 107 -28.53 3.75 76.17
N LEU P 108 -29.23 4.78 76.68
CA LEU P 108 -29.61 4.97 78.08
C LEU P 108 -30.73 4.01 78.48
#